data_3MYR
#
_entry.id   3MYR
#
_cell.length_a   205.750
_cell.length_b   216.960
_cell.length_c   119.800
_cell.angle_alpha   90.00
_cell.angle_beta   90.00
_cell.angle_gamma   90.00
#
_symmetry.space_group_name_H-M   'P 21 21 2'
#
loop_
_entity.id
_entity.type
_entity.pdbx_description
1 polymer 'Hydrogenase (NiFe) small subunit HydA'
2 polymer 'Nickel-dependent hydrogenase large subunit'
3 non-polymer 'IRON/SULFUR CLUSTER'
4 non-polymer 'FE3-S4 CLUSTER'
5 non-polymer IMIDAZOLE
6 non-polymer 'CHLORIDE ION'
7 non-polymer 'NI-FE OXIDIZED ACTIVE CENTER'
8 non-polymer 'MAGNESIUM ION'
9 water water
#
loop_
_entity_poly.entity_id
_entity_poly.type
_entity_poly.pdbx_seq_one_letter_code
_entity_poly.pdbx_strand_id
1 'polypeptide(L)'
;ARRPSVIWLSFQECTGCTESLTRAHAPTLEDLILDFISLDYHHTLQAASGEAAEAARLQAMDENRGQYLVIVDGSIPGPD
ANPGFSTVAGHSNYSILMETVEHAAAVIAVGTCAAFGGLPQARPNPTGAMSVMDLVRDKPVINVPGCPPIPMVITGVIAH
YLVFGRLPELDGYGRPLAFYGQSIHDRCYRRPFYDKGLFAESFDDEGAKQGWCLYRLGCKGPTTYNACATMKWNDGTSWP
VEAGHPCLGCSEPQFWDAGGFYEPVSVPL
;
A,C,E,G
2 'polypeptide(L)'
;MSERIVVDPITRIEGHLRIEAQMDGATIAQAYSSGTMVRGIETILKGRDPRDAWAFVQRICGVCTLVHGIASVRAVEDAL
RIELPLNAQLIRNLMIGAQYIHDHVMHFYHLHALDWVDVVSALSADPRATSELAQSISAWPKSSPGYFADTQKRIKTFVE
SGQLGIFANGYWGHPAYRLPPEANLMAVAHYLEALAWQRDTAKFHAIFGGKNPHPNFVVGGVPSPIDLDSDSALNAKRLA
EVRNLIQSMRTFVDQVYVPDTLAIAGFYKDWGERGEGLGNFLCYGDLPTGASLDPATFLFPRGAILDRDLSTIHEVDLEA
TGEIQEFVNHSWYEYSVGNDRGLHPYEGQTNLEYDRRGGVAPPYKQLDVSDGYSWLKAPRWKGRSVEVGPLARVLMLYAT
GHDQARELVDSTLSRLDLPVDALYSTLGRTAARALESKILVDAMQGWYDGLIANVKSGDTKTFNETLWEPSSWPSRAQGV
GIMEAPRGALGHWIVIEDGRIANYQAVVPSTWNAGPRDGRGQAGAYEAALQDNHQLVDVKQPIEILRTIHSFDPCIACAV
H
;
B,D,F,H
#
# COMPACT_ATOMS: atom_id res chain seq x y z
N ALA A 1 -22.95 28.09 -9.89
CA ALA A 1 -21.59 28.36 -9.29
C ALA A 1 -21.39 29.77 -8.60
N ARG A 2 -20.67 29.76 -7.48
CA ARG A 2 -20.33 30.90 -6.59
C ARG A 2 -19.91 30.40 -5.19
N ARG A 3 -20.59 29.41 -4.58
CA ARG A 3 -19.91 28.56 -3.54
C ARG A 3 -19.27 27.33 -4.23
N PRO A 4 -18.02 27.01 -3.89
CA PRO A 4 -17.32 25.98 -4.64
C PRO A 4 -18.00 24.62 -4.46
N SER A 5 -18.09 23.87 -5.54
CA SER A 5 -18.80 22.60 -5.56
C SER A 5 -18.03 21.43 -4.92
N VAL A 6 -18.77 20.63 -4.13
CA VAL A 6 -18.21 19.46 -3.44
C VAL A 6 -19.05 18.22 -3.71
N ILE A 7 -18.43 17.16 -4.22
CA ILE A 7 -19.11 15.92 -4.46
C ILE A 7 -18.53 14.87 -3.50
N TRP A 8 -19.42 14.26 -2.71
CA TRP A 8 -19.04 13.30 -1.69
C TRP A 8 -19.37 11.90 -2.22
N LEU A 9 -18.35 11.07 -2.48
CA LEU A 9 -18.60 9.69 -2.96
C LEU A 9 -18.45 8.75 -1.81
N SER A 10 -19.43 7.87 -1.62
CA SER A 10 -19.38 6.89 -0.51
C SER A 10 -19.26 5.50 -1.09
N PHE A 11 -18.17 4.78 -0.83
CA PHE A 11 -17.99 3.49 -1.54
C PHE A 11 -18.03 2.31 -0.53
N GLN A 12 -16.90 1.68 -0.21
CA GLN A 12 -16.97 0.61 0.82
C GLN A 12 -16.70 1.23 2.18
N GLU A 13 -17.64 2.02 2.66
CA GLU A 13 -17.43 2.74 3.90
C GLU A 13 -18.40 2.20 4.98
N CYS A 14 -18.18 2.65 6.22
CA CYS A 14 -19.11 2.24 7.27
C CYS A 14 -19.96 3.47 7.68
N THR A 15 -19.64 4.63 7.08
CA THR A 15 -20.34 5.93 7.26
C THR A 15 -19.82 6.65 8.54
N GLY A 16 -18.90 6.03 9.26
CA GLY A 16 -18.15 6.73 10.32
C GLY A 16 -17.53 8.05 9.91
N CYS A 17 -17.04 8.15 8.68
CA CYS A 17 -16.38 9.38 8.30
C CYS A 17 -17.37 10.50 8.11
N THR A 18 -18.55 10.20 7.53
CA THR A 18 -19.58 11.22 7.45
C THR A 18 -20.10 11.62 8.84
N GLU A 19 -20.27 10.63 9.74
CA GLU A 19 -20.76 10.96 11.08
C GLU A 19 -19.74 11.88 11.69
N SER A 20 -18.45 11.56 11.52
CA SER A 20 -17.41 12.36 12.14
C SER A 20 -17.54 13.82 11.66
N LEU A 21 -17.65 14.01 10.35
CA LEU A 21 -17.86 15.34 9.76
C LEU A 21 -19.02 16.09 10.45
N THR A 22 -20.14 15.41 10.70
CA THR A 22 -21.28 16.08 11.41
C THR A 22 -20.96 16.42 12.86
N ARG A 23 -19.92 15.79 13.43
CA ARG A 23 -19.55 16.17 14.81
C ARG A 23 -18.82 17.50 14.96
N ALA A 24 -18.20 17.97 13.87
CA ALA A 24 -17.25 19.06 13.96
C ALA A 24 -17.95 20.33 14.46
N HIS A 25 -17.31 21.01 15.42
CA HIS A 25 -17.93 22.18 16.05
C HIS A 25 -17.57 23.46 15.30
N ALA A 26 -16.48 23.48 14.51
CA ALA A 26 -16.12 24.73 13.75
C ALA A 26 -15.20 24.39 12.62
N PRO A 27 -15.58 24.76 11.41
CA PRO A 27 -16.89 25.27 11.03
C PRO A 27 -17.88 24.08 11.06
N THR A 28 -19.15 24.31 11.40
CA THR A 28 -20.06 23.16 11.43
C THR A 28 -20.44 22.76 9.99
N LEU A 29 -20.92 21.53 9.79
CA LEU A 29 -21.40 21.08 8.48
C LEU A 29 -22.53 22.00 7.93
N GLU A 30 -23.47 22.37 8.78
CA GLU A 30 -24.49 23.30 8.32
C GLU A 30 -23.97 24.70 7.91
N ASP A 31 -23.04 25.30 8.66
CA ASP A 31 -22.42 26.50 8.17
C ASP A 31 -21.64 26.32 6.87
N LEU A 32 -21.02 25.16 6.70
CA LEU A 32 -20.27 24.91 5.47
C LEU A 32 -21.22 24.85 4.29
N ILE A 33 -22.27 24.09 4.46
CA ILE A 33 -23.23 23.78 3.43
C ILE A 33 -24.02 25.02 3.03
N LEU A 34 -24.32 25.89 3.99
CA LEU A 34 -25.07 27.10 3.67
C LEU A 34 -24.18 28.23 3.15
N ASP A 35 -22.97 28.34 3.72
CA ASP A 35 -22.15 29.54 3.55
C ASP A 35 -20.85 29.39 2.78
N PHE A 36 -20.27 28.19 2.77
CA PHE A 36 -18.91 28.05 2.32
C PHE A 36 -18.77 27.13 1.10
N ILE A 37 -19.57 26.07 1.02
CA ILE A 37 -19.47 25.16 -0.11
C ILE A 37 -20.83 24.93 -0.65
N SER A 38 -20.84 24.24 -1.78
CA SER A 38 -22.08 23.75 -2.30
C SER A 38 -21.94 22.25 -2.32
N LEU A 39 -22.49 21.60 -1.30
CA LEU A 39 -22.35 20.14 -1.19
C LEU A 39 -23.43 19.57 -2.12
N ASP A 40 -23.02 19.10 -3.31
CA ASP A 40 -23.99 18.84 -4.37
C ASP A 40 -24.45 17.40 -4.47
N TYR A 41 -23.77 16.52 -3.76
CA TYR A 41 -24.14 15.12 -3.75
C TYR A 41 -23.57 14.45 -2.50
N HIS A 42 -24.43 13.77 -1.77
CA HIS A 42 -24.03 13.11 -0.53
C HIS A 42 -25.18 12.21 -0.14
N HIS A 43 -24.99 10.92 -0.30
CA HIS A 43 -26.03 9.86 -0.10
C HIS A 43 -26.72 9.94 1.21
N THR A 44 -25.99 10.29 2.25
CA THR A 44 -26.56 10.25 3.59
C THR A 44 -27.65 11.31 3.77
N LEU A 45 -27.50 12.42 3.04
CA LEU A 45 -28.31 13.63 3.28
C LEU A 45 -29.26 14.07 2.16
N GLN A 46 -29.01 13.59 0.96
CA GLN A 46 -29.70 14.00 -0.30
C GLN A 46 -31.22 13.90 -0.18
N ALA A 47 -31.96 14.98 -0.48
CA ALA A 47 -33.45 14.87 -0.50
C ALA A 47 -33.91 13.80 -1.49
N ALA A 48 -33.38 13.90 -2.71
CA ALA A 48 -33.81 13.08 -3.84
C ALA A 48 -33.08 11.73 -3.78
N SER A 49 -33.72 10.69 -4.30
CA SER A 49 -33.15 9.35 -4.45
C SER A 49 -32.99 9.00 -5.94
N GLY A 50 -32.40 7.84 -6.24
CA GLY A 50 -32.46 7.30 -7.60
C GLY A 50 -31.86 8.23 -8.66
N GLU A 51 -32.50 8.29 -9.82
CA GLU A 51 -31.99 9.13 -10.92
C GLU A 51 -31.97 10.63 -10.57
N ALA A 52 -32.88 11.16 -9.77
CA ALA A 52 -32.80 12.58 -9.44
C ALA A 52 -31.48 12.86 -8.66
N ALA A 53 -31.08 11.93 -7.81
CA ALA A 53 -29.83 12.08 -7.07
C ALA A 53 -28.62 11.96 -8.01
N GLU A 54 -28.60 10.93 -8.84
CA GLU A 54 -27.52 10.80 -9.85
C GLU A 54 -27.41 12.03 -10.78
N ALA A 55 -28.57 12.56 -11.22
CA ALA A 55 -28.56 13.73 -12.10
C ALA A 55 -27.89 14.92 -11.35
N ALA A 56 -28.01 15.00 -10.03
CA ALA A 56 -27.40 16.13 -9.35
C ALA A 56 -25.89 15.99 -9.36
N ARG A 57 -25.37 14.76 -9.19
CA ARG A 57 -23.92 14.61 -9.25
C ARG A 57 -23.42 14.97 -10.67
N LEU A 58 -24.10 14.47 -11.70
CA LEU A 58 -23.64 14.72 -13.09
C LEU A 58 -23.74 16.20 -13.46
N GLN A 59 -24.77 16.89 -12.99
CA GLN A 59 -24.89 18.31 -13.28
C GLN A 59 -23.80 19.13 -12.54
N ALA A 60 -23.52 18.75 -11.30
CA ALA A 60 -22.35 19.32 -10.63
C ALA A 60 -21.07 19.12 -11.42
N MET A 61 -20.82 17.92 -11.92
CA MET A 61 -19.59 17.68 -12.65
C MET A 61 -19.57 18.54 -13.96
N ASP A 62 -20.73 18.67 -14.62
CA ASP A 62 -20.86 19.44 -15.87
C ASP A 62 -20.60 20.95 -15.64
N GLU A 63 -21.20 21.54 -14.62
CA GLU A 63 -21.18 22.97 -14.43
C GLU A 63 -19.94 23.50 -13.75
N ASN A 64 -19.15 22.62 -13.11
CA ASN A 64 -18.02 23.08 -12.33
C ASN A 64 -16.75 22.42 -12.78
N ARG A 65 -16.73 22.03 -14.05
CA ARG A 65 -15.64 21.24 -14.61
C ARG A 65 -14.32 21.90 -14.30
N GLY A 66 -13.34 21.12 -13.80
CA GLY A 66 -12.03 21.64 -13.44
C GLY A 66 -12.02 22.22 -12.04
N GLN A 67 -13.16 22.42 -11.39
CA GLN A 67 -13.18 23.30 -10.21
C GLN A 67 -13.73 22.55 -9.02
N TYR A 68 -14.45 21.47 -9.19
CA TYR A 68 -15.10 20.88 -8.00
C TYR A 68 -14.13 20.03 -7.15
N LEU A 69 -14.43 19.90 -5.87
CA LEU A 69 -13.69 19.03 -5.00
C LEU A 69 -14.44 17.68 -4.86
N VAL A 70 -13.71 16.56 -4.90
CA VAL A 70 -14.35 15.28 -4.66
C VAL A 70 -13.83 14.83 -3.26
N ILE A 71 -14.73 14.45 -2.37
CA ILE A 71 -14.31 13.75 -1.14
C ILE A 71 -14.75 12.29 -1.27
N VAL A 72 -13.84 11.35 -0.98
CA VAL A 72 -14.21 9.92 -1.12
C VAL A 72 -14.07 9.30 0.28
N ASP A 73 -15.09 8.55 0.64
CA ASP A 73 -15.20 7.82 1.89
C ASP A 73 -15.21 6.32 1.46
N GLY A 74 -14.39 5.45 2.09
CA GLY A 74 -14.43 3.98 1.78
C GLY A 74 -13.42 3.58 0.72
N SER A 75 -13.03 2.31 0.73
CA SER A 75 -12.18 1.72 -0.29
C SER A 75 -13.02 1.40 -1.52
N ILE A 76 -12.34 1.12 -2.61
CA ILE A 76 -12.99 0.81 -3.88
C ILE A 76 -12.48 -0.56 -4.37
N PRO A 77 -13.39 -1.47 -4.76
CA PRO A 77 -12.87 -2.70 -5.36
C PRO A 77 -12.24 -2.33 -6.67
N GLY A 78 -11.00 -2.75 -6.84
CA GLY A 78 -10.21 -2.34 -7.99
C GLY A 78 -10.71 -2.90 -9.32
N PRO A 79 -10.14 -2.41 -10.42
CA PRO A 79 -10.72 -2.79 -11.74
C PRO A 79 -10.47 -4.29 -12.05
N ASP A 80 -9.54 -4.96 -11.36
CA ASP A 80 -9.45 -6.46 -11.48
C ASP A 80 -10.45 -7.28 -10.60
N ALA A 81 -11.12 -6.61 -9.66
CA ALA A 81 -12.09 -7.30 -8.78
C ALA A 81 -13.51 -7.29 -9.44
N ASN A 82 -14.38 -8.19 -9.01
CA ASN A 82 -15.71 -8.25 -9.59
C ASN A 82 -16.40 -6.86 -9.44
N PRO A 83 -16.81 -6.26 -10.57
CA PRO A 83 -17.50 -4.95 -10.60
C PRO A 83 -18.78 -5.01 -9.74
N GLY A 84 -19.33 -6.22 -9.53
CA GLY A 84 -20.51 -6.42 -8.67
C GLY A 84 -20.35 -6.38 -7.14
N PHE A 85 -19.10 -6.42 -6.65
CA PHE A 85 -18.89 -6.24 -5.19
C PHE A 85 -19.47 -4.90 -4.63
N SER A 86 -19.42 -3.80 -5.38
CA SER A 86 -19.96 -2.55 -4.81
C SER A 86 -20.38 -1.70 -6.00
N THR A 87 -21.68 -1.41 -6.10
CA THR A 87 -22.17 -0.63 -7.27
C THR A 87 -23.16 0.40 -6.71
N VAL A 88 -23.41 1.43 -7.51
CA VAL A 88 -24.46 2.41 -7.22
C VAL A 88 -25.19 2.64 -8.53
N ALA A 89 -26.53 2.64 -8.53
CA ALA A 89 -27.31 2.82 -9.77
C ALA A 89 -26.83 1.84 -10.94
N GLY A 90 -26.41 0.62 -10.60
CA GLY A 90 -25.95 -0.32 -11.63
C GLY A 90 -24.55 -0.11 -12.19
N HIS A 91 -23.76 0.84 -11.63
CA HIS A 91 -22.36 1.02 -12.02
C HIS A 91 -21.42 0.66 -10.86
N SER A 92 -20.21 0.19 -11.19
CA SER A 92 -19.25 -0.17 -10.17
C SER A 92 -18.68 1.06 -9.55
N ASN A 93 -18.25 0.93 -8.29
CA ASN A 93 -17.61 2.06 -7.62
C ASN A 93 -16.42 2.52 -8.45
N TYR A 94 -15.67 1.56 -9.02
CA TYR A 94 -14.45 1.94 -9.73
C TYR A 94 -14.76 2.85 -10.91
N SER A 95 -15.80 2.46 -11.64
CA SER A 95 -16.27 3.29 -12.78
C SER A 95 -16.69 4.74 -12.34
N ILE A 96 -17.38 4.83 -11.21
CA ILE A 96 -17.88 6.11 -10.71
C ILE A 96 -16.71 6.97 -10.21
N LEU A 97 -15.77 6.35 -9.49
CA LEU A 97 -14.57 7.03 -9.05
C LEU A 97 -13.84 7.67 -10.23
N MET A 98 -13.54 6.87 -11.26
CA MET A 98 -12.68 7.35 -12.32
C MET A 98 -13.42 8.43 -13.08
N GLU A 99 -14.72 8.25 -13.30
CA GLU A 99 -15.46 9.25 -14.08
C GLU A 99 -15.65 10.58 -13.25
N THR A 100 -15.83 10.51 -11.92
CA THR A 100 -16.07 11.70 -11.16
C THR A 100 -14.77 12.48 -10.87
N VAL A 101 -13.66 11.79 -10.68
CA VAL A 101 -12.41 12.51 -10.39
C VAL A 101 -11.81 13.10 -11.69
N GLU A 102 -12.21 12.63 -12.85
CA GLU A 102 -11.52 13.05 -14.09
C GLU A 102 -11.38 14.58 -14.22
N HIS A 103 -12.41 15.33 -13.89
CA HIS A 103 -12.33 16.79 -13.98
C HIS A 103 -12.40 17.51 -12.65
N ALA A 104 -12.10 16.83 -11.54
CA ALA A 104 -12.02 17.51 -10.22
C ALA A 104 -10.82 18.46 -10.16
N ALA A 105 -10.90 19.55 -9.38
CA ALA A 105 -9.73 20.28 -8.99
C ALA A 105 -8.80 19.40 -8.09
N ALA A 106 -9.41 18.68 -7.13
CA ALA A 106 -8.61 17.91 -6.16
C ALA A 106 -9.53 16.86 -5.57
N VAL A 107 -8.93 15.87 -4.91
CA VAL A 107 -9.65 14.77 -4.27
C VAL A 107 -9.13 14.63 -2.83
N ILE A 108 -10.04 14.53 -1.87
CA ILE A 108 -9.65 14.22 -0.51
C ILE A 108 -10.15 12.85 -0.23
N ALA A 109 -9.22 11.97 0.15
CA ALA A 109 -9.57 10.67 0.64
C ALA A 109 -9.70 10.77 2.17
N VAL A 110 -10.92 10.73 2.66
CA VAL A 110 -11.18 10.84 4.10
C VAL A 110 -11.31 9.45 4.69
N GLY A 111 -10.59 9.20 5.78
CA GLY A 111 -10.68 7.88 6.45
C GLY A 111 -9.56 6.97 5.93
N THR A 112 -9.10 6.09 6.80
CA THR A 112 -8.08 5.13 6.45
C THR A 112 -8.49 4.16 5.29
N CYS A 113 -9.77 3.84 5.15
CA CYS A 113 -10.14 2.95 4.03
C CYS A 113 -9.87 3.61 2.67
N ALA A 114 -10.36 4.82 2.49
CA ALA A 114 -10.12 5.53 1.22
C ALA A 114 -8.63 5.85 1.06
N ALA A 115 -7.99 6.33 2.11
CA ALA A 115 -6.61 6.75 2.02
C ALA A 115 -5.66 5.59 1.74
N PHE A 116 -5.86 4.46 2.41
CA PHE A 116 -4.86 3.39 2.42
C PHE A 116 -5.45 1.98 2.19
N GLY A 117 -6.77 1.82 2.07
CA GLY A 117 -7.30 0.46 1.90
C GLY A 117 -8.13 0.09 3.14
N GLY A 118 -7.62 0.41 4.33
CA GLY A 118 -8.47 0.25 5.52
C GLY A 118 -9.04 -1.20 5.71
N LEU A 119 -10.24 -1.27 6.27
CA LEU A 119 -10.76 -2.51 6.74
C LEU A 119 -11.08 -3.48 5.60
N PRO A 120 -11.80 -3.03 4.56
CA PRO A 120 -12.09 -3.97 3.45
C PRO A 120 -10.80 -4.58 2.83
N GLN A 121 -9.70 -3.88 2.99
CA GLN A 121 -8.43 -4.34 2.45
C GLN A 121 -7.61 -5.21 3.43
N ALA A 122 -8.04 -5.30 4.69
CA ALA A 122 -7.31 -6.12 5.64
C ALA A 122 -7.38 -7.60 5.17
N ARG A 123 -6.35 -8.40 5.51
CA ARG A 123 -6.34 -9.82 5.11
C ARG A 123 -7.62 -10.53 5.39
N PRO A 124 -8.14 -11.31 4.40
CA PRO A 124 -7.49 -11.62 3.12
C PRO A 124 -8.06 -10.77 1.98
N ASN A 125 -8.63 -9.63 2.29
CA ASN A 125 -9.17 -8.74 1.26
C ASN A 125 -10.15 -9.43 0.26
N PRO A 126 -11.29 -9.89 0.73
CA PRO A 126 -12.16 -10.69 -0.15
C PRO A 126 -12.74 -9.98 -1.41
N THR A 127 -12.70 -8.65 -1.42
CA THR A 127 -13.32 -7.84 -2.48
C THR A 127 -12.28 -7.10 -3.34
N GLY A 128 -10.99 -7.44 -3.16
CA GLY A 128 -9.94 -6.73 -3.92
C GLY A 128 -10.02 -5.20 -3.77
N ALA A 129 -10.28 -4.75 -2.52
CA ALA A 129 -10.36 -3.31 -2.19
C ALA A 129 -9.07 -2.57 -2.43
N MET A 130 -9.13 -1.33 -2.94
CA MET A 130 -7.90 -0.53 -3.11
C MET A 130 -8.18 0.89 -2.61
N SER A 131 -7.13 1.70 -2.47
CA SER A 131 -7.20 3.07 -1.94
C SER A 131 -7.32 4.02 -3.13
N VAL A 132 -7.69 5.25 -2.85
CA VAL A 132 -7.77 6.30 -3.87
C VAL A 132 -6.45 6.59 -4.57
N MET A 133 -5.36 6.80 -3.80
CA MET A 133 -4.05 7.16 -4.38
C MET A 133 -3.49 6.05 -5.29
N ASP A 134 -3.80 4.80 -4.99
CA ASP A 134 -3.42 3.71 -5.89
C ASP A 134 -4.18 3.72 -7.21
N LEU A 135 -5.41 4.17 -7.17
CA LEU A 135 -6.24 4.18 -8.38
C LEU A 135 -6.26 5.49 -9.16
N VAL A 136 -5.97 6.58 -8.46
CA VAL A 136 -6.13 7.88 -9.03
C VAL A 136 -4.78 8.55 -8.95
N ARG A 137 -4.13 8.66 -10.11
CA ARG A 137 -2.76 9.17 -10.15
C ARG A 137 -2.64 10.52 -10.84
N ASP A 138 -3.64 10.96 -11.57
CA ASP A 138 -3.21 12.15 -12.26
C ASP A 138 -3.83 13.44 -11.70
N LYS A 139 -4.09 13.41 -10.39
CA LYS A 139 -4.89 14.36 -9.66
C LYS A 139 -4.25 14.64 -8.31
N PRO A 140 -4.38 15.86 -7.79
CA PRO A 140 -3.91 16.05 -6.44
C PRO A 140 -4.84 15.27 -5.48
N VAL A 141 -4.25 14.46 -4.59
CA VAL A 141 -5.03 13.67 -3.63
C VAL A 141 -4.53 14.04 -2.23
N ILE A 142 -5.43 14.34 -1.33
CA ILE A 142 -4.99 14.63 0.04
C ILE A 142 -5.53 13.50 0.89
N ASN A 143 -4.70 12.80 1.66
CA ASN A 143 -5.18 11.72 2.54
C ASN A 143 -5.44 12.24 3.92
N VAL A 144 -6.63 11.98 4.44
CA VAL A 144 -7.00 12.45 5.75
C VAL A 144 -7.46 11.19 6.53
N PRO A 145 -6.51 10.39 7.03
CA PRO A 145 -6.83 9.04 7.54
C PRO A 145 -7.22 9.07 9.02
N GLY A 146 -7.42 7.90 9.63
CA GLY A 146 -8.12 7.81 10.93
C GLY A 146 -9.40 7.01 10.72
N CYS A 147 -9.92 6.38 11.76
CA CYS A 147 -11.04 5.45 11.59
C CYS A 147 -12.06 5.76 12.70
N PRO A 148 -12.78 6.90 12.57
CA PRO A 148 -12.65 7.88 11.47
C PRO A 148 -11.63 8.95 11.92
N PRO A 149 -11.24 9.85 11.03
CA PRO A 149 -10.41 11.00 11.39
C PRO A 149 -11.20 11.83 12.42
N ILE A 150 -10.47 12.63 13.16
CA ILE A 150 -11.05 13.63 14.07
C ILE A 150 -11.97 14.62 13.36
N PRO A 151 -13.11 14.95 13.99
CA PRO A 151 -14.09 15.77 13.21
C PRO A 151 -13.46 17.07 12.78
N MET A 152 -12.76 17.76 13.72
CA MET A 152 -12.21 19.07 13.36
C MET A 152 -10.93 18.99 12.56
N VAL A 153 -10.39 17.77 12.35
CA VAL A 153 -9.37 17.59 11.30
C VAL A 153 -10.01 17.59 9.94
N ILE A 154 -11.12 16.87 9.78
CA ILE A 154 -11.84 16.92 8.48
C ILE A 154 -12.22 18.35 8.10
N THR A 155 -12.90 19.08 8.98
CA THR A 155 -13.32 20.41 8.58
C THR A 155 -12.09 21.37 8.56
N GLY A 156 -11.10 21.13 9.41
CA GLY A 156 -9.82 21.86 9.38
C GLY A 156 -9.12 21.85 8.01
N VAL A 157 -9.07 20.68 7.38
CA VAL A 157 -8.50 20.53 6.07
C VAL A 157 -9.36 21.27 5.07
N ILE A 158 -10.67 21.09 5.17
CA ILE A 158 -11.53 21.79 4.26
C ILE A 158 -11.42 23.29 4.42
N ALA A 159 -11.38 23.78 5.66
CA ALA A 159 -11.31 25.24 5.89
C ALA A 159 -9.95 25.77 5.37
N HIS A 160 -8.87 25.00 5.56
CA HIS A 160 -7.58 25.41 5.04
C HIS A 160 -7.67 25.70 3.52
N TYR A 161 -8.18 24.70 2.80
CA TYR A 161 -8.30 24.74 1.36
C TYR A 161 -9.17 25.90 0.91
N LEU A 162 -10.31 26.10 1.51
CA LEU A 162 -11.22 27.20 1.16
C LEU A 162 -10.72 28.59 1.57
N VAL A 163 -10.24 28.73 2.80
CA VAL A 163 -9.82 30.07 3.28
C VAL A 163 -8.47 30.53 2.70
N PHE A 164 -7.51 29.62 2.56
CA PHE A 164 -6.17 29.97 2.17
C PHE A 164 -5.89 29.65 0.73
N GLY A 165 -6.84 29.02 0.05
CA GLY A 165 -6.82 28.91 -1.41
C GLY A 165 -5.71 27.97 -1.85
N ARG A 166 -5.37 26.97 -1.02
CA ARG A 166 -4.32 26.01 -1.42
C ARG A 166 -4.41 24.68 -0.67
N LEU A 167 -3.69 23.69 -1.16
CA LEU A 167 -3.60 22.43 -0.43
C LEU A 167 -2.69 22.56 0.80
N PRO A 168 -3.03 21.94 1.91
CA PRO A 168 -2.04 21.92 2.98
C PRO A 168 -0.71 21.28 2.57
N GLU A 169 0.35 21.63 3.27
CA GLU A 169 1.59 20.87 3.14
C GLU A 169 1.38 19.43 3.64
N LEU A 170 1.91 18.44 2.89
CA LEU A 170 1.66 17.05 3.13
C LEU A 170 2.94 16.33 3.54
N ASP A 171 2.82 15.27 4.32
CA ASP A 171 3.94 14.36 4.55
C ASP A 171 4.11 13.34 3.38
N GLY A 172 4.99 12.39 3.55
CA GLY A 172 5.29 11.48 2.41
C GLY A 172 4.15 10.59 2.04
N TYR A 173 3.22 10.41 2.98
CA TYR A 173 2.01 9.64 2.62
C TYR A 173 0.77 10.48 2.22
N GLY A 174 0.96 11.78 1.95
CA GLY A 174 -0.13 12.64 1.46
C GLY A 174 -1.02 13.20 2.58
N ARG A 175 -0.52 13.11 3.82
CA ARG A 175 -1.28 13.56 5.02
C ARG A 175 -0.88 14.98 5.44
N PRO A 176 -1.87 15.84 5.65
CA PRO A 176 -1.59 17.21 6.12
C PRO A 176 -0.73 17.27 7.38
N LEU A 177 0.38 18.00 7.29
CA LEU A 177 1.31 18.11 8.44
C LEU A 177 0.68 18.69 9.66
N ALA A 178 -0.33 19.54 9.49
CA ALA A 178 -0.87 20.22 10.70
C ALA A 178 -1.51 19.20 11.62
N PHE A 179 -1.97 18.08 11.03
CA PHE A 179 -2.74 17.14 11.81
C PHE A 179 -2.01 15.83 11.99
N TYR A 180 -1.13 15.52 11.04
CA TYR A 180 -0.50 14.21 11.02
C TYR A 180 1.04 14.34 11.10
N GLY A 181 1.55 15.51 11.45
CA GLY A 181 2.97 15.73 11.35
C GLY A 181 3.71 15.11 12.56
N GLN A 182 3.03 14.82 13.64
CA GLN A 182 3.73 14.29 14.88
C GLN A 182 3.06 13.03 15.33
N SER A 183 3.82 12.14 15.94
CA SER A 183 3.27 10.87 16.36
C SER A 183 2.48 11.12 17.62
N ILE A 184 1.53 10.25 17.87
CA ILE A 184 0.81 10.21 19.15
C ILE A 184 1.81 10.14 20.34
N HIS A 185 2.75 9.19 20.24
CA HIS A 185 3.66 8.93 21.32
C HIS A 185 4.59 10.15 21.57
N ASP A 186 4.85 11.03 20.58
CA ASP A 186 5.69 12.19 20.86
C ASP A 186 4.89 13.35 21.46
N ARG A 187 3.57 13.18 21.67
CA ARG A 187 2.77 14.23 22.28
C ARG A 187 1.98 13.74 23.50
N CYS A 188 1.92 12.44 23.69
CA CYS A 188 1.05 11.77 24.65
C CYS A 188 1.35 12.16 26.10
N TYR A 189 0.30 12.48 26.86
CA TYR A 189 0.50 12.88 28.26
C TYR A 189 1.02 11.73 29.15
N ARG A 190 1.04 10.48 28.67
CA ARG A 190 1.57 9.34 29.45
C ARG A 190 3.03 9.09 29.08
N ARG A 191 3.52 9.86 28.12
CA ARG A 191 4.88 9.61 27.62
C ARG A 191 5.95 9.77 28.69
N PRO A 192 5.84 10.81 29.58
CA PRO A 192 6.93 10.81 30.57
C PRO A 192 6.87 9.62 31.52
N PHE A 193 5.69 9.03 31.67
CA PHE A 193 5.54 7.78 32.43
C PHE A 193 6.16 6.55 31.76
N TYR A 194 5.94 6.46 30.44
CA TYR A 194 6.63 5.52 29.56
C TYR A 194 8.16 5.60 29.78
N ASP A 195 8.73 6.83 29.82
CA ASP A 195 10.14 7.00 29.89
C ASP A 195 10.67 6.67 31.30
N LYS A 196 9.82 6.74 32.32
CA LYS A 196 10.20 6.38 33.68
C LYS A 196 9.99 4.89 33.94
N GLY A 197 9.41 4.17 32.98
CA GLY A 197 9.16 2.72 33.20
C GLY A 197 7.89 2.47 34.04
N LEU A 198 6.92 3.39 34.00
CA LEU A 198 5.64 3.21 34.68
C LEU A 198 4.54 2.79 33.71
N PHE A 199 4.03 1.58 33.91
CA PHE A 199 3.11 0.99 32.91
C PHE A 199 1.84 0.42 33.58
N ALA A 200 0.68 0.59 32.99
CA ALA A 200 -0.51 -0.15 33.39
C ALA A 200 -0.35 -1.65 33.00
N GLU A 201 -0.81 -2.58 33.82
CA GLU A 201 -0.77 -3.99 33.46
C GLU A 201 -2.14 -4.55 33.26
N SER A 202 -3.18 -3.76 33.50
CA SER A 202 -4.54 -4.12 33.09
C SER A 202 -5.25 -2.80 32.95
N PHE A 203 -6.53 -2.82 32.58
CA PHE A 203 -7.33 -1.63 32.38
C PHE A 203 -7.79 -0.91 33.63
N ASP A 204 -7.66 -1.56 34.79
CA ASP A 204 -7.99 -0.80 36.00
C ASP A 204 -7.07 -1.08 37.19
N ASP A 205 -5.82 -1.53 36.98
CA ASP A 205 -4.90 -1.57 38.10
C ASP A 205 -4.43 -0.17 38.50
N GLU A 206 -3.53 -0.09 39.47
CA GLU A 206 -3.04 1.22 39.95
C GLU A 206 -2.49 2.07 38.78
N GLY A 207 -1.69 1.50 37.88
CA GLY A 207 -1.09 2.24 36.79
C GLY A 207 -2.20 2.77 35.86
N ALA A 208 -3.21 1.95 35.57
CA ALA A 208 -4.30 2.43 34.70
C ALA A 208 -4.97 3.63 35.35
N LYS A 209 -5.27 3.53 36.65
CA LYS A 209 -6.03 4.60 37.33
C LYS A 209 -5.23 5.85 37.40
N GLN A 210 -3.91 5.70 37.46
CA GLN A 210 -3.02 6.85 37.58
C GLN A 210 -2.57 7.40 36.21
N GLY A 211 -3.00 6.85 35.11
CA GLY A 211 -2.45 7.37 33.87
C GLY A 211 -1.00 7.00 33.58
N TRP A 212 -0.57 5.81 34.02
CA TRP A 212 0.72 5.28 33.55
C TRP A 212 0.56 4.80 32.11
N CYS A 213 1.66 4.54 31.46
CA CYS A 213 1.69 4.23 30.05
C CYS A 213 0.98 2.93 29.74
N LEU A 214 0.27 2.92 28.60
CA LEU A 214 -0.43 1.72 28.02
C LEU A 214 0.33 0.80 27.04
N TYR A 215 1.64 1.04 26.95
CA TYR A 215 2.50 0.34 26.00
C TYR A 215 2.39 -1.21 26.15
N ARG A 216 2.37 -1.68 27.41
CA ARG A 216 2.28 -3.10 27.67
C ARG A 216 0.96 -3.74 27.31
N LEU A 217 -0.09 -2.93 27.21
CA LEU A 217 -1.36 -3.39 26.71
C LEU A 217 -1.50 -3.21 25.19
N GLY A 218 -0.44 -2.93 24.44
CA GLY A 218 -0.57 -3.04 23.01
C GLY A 218 -0.57 -1.67 22.31
N CYS A 219 -0.40 -0.57 23.06
CA CYS A 219 -0.57 0.78 22.45
C CYS A 219 0.37 0.93 21.24
N LYS A 220 -0.14 1.42 20.12
CA LYS A 220 0.65 1.61 18.91
C LYS A 220 0.93 3.09 18.71
N GLY A 221 0.69 3.90 19.74
CA GLY A 221 1.10 5.29 19.64
C GLY A 221 2.48 5.58 19.08
N PRO A 222 3.52 4.75 19.45
CA PRO A 222 4.86 5.07 18.92
C PRO A 222 5.03 5.15 17.41
N THR A 223 4.17 4.50 16.61
CA THR A 223 4.30 4.46 15.14
C THR A 223 3.03 5.04 14.50
N THR A 224 2.22 5.77 15.28
CA THR A 224 0.98 6.33 14.76
C THR A 224 1.00 7.84 14.70
N TYR A 225 0.60 8.38 13.54
CA TYR A 225 0.63 9.83 13.31
C TYR A 225 -0.80 10.39 13.24
N ASN A 226 -1.18 11.27 14.19
CA ASN A 226 -2.59 11.77 14.26
C ASN A 226 -2.55 12.86 15.29
N ALA A 227 -3.64 13.64 15.44
CA ALA A 227 -3.67 14.82 16.31
C ALA A 227 -4.40 14.53 17.63
N CYS A 228 -4.70 13.26 17.90
CA CYS A 228 -5.58 12.91 19.04
C CYS A 228 -4.96 13.40 20.36
N ALA A 229 -3.63 13.30 20.49
CA ALA A 229 -3.00 13.59 21.76
C ALA A 229 -2.95 15.11 22.05
N THR A 230 -3.05 15.95 21.01
CA THR A 230 -3.04 17.41 21.15
C THR A 230 -4.39 18.07 20.94
N MET A 231 -5.06 17.80 19.81
CA MET A 231 -6.37 18.39 19.54
C MET A 231 -7.42 17.65 20.36
N LYS A 232 -7.26 16.32 20.52
CA LYS A 232 -8.29 15.46 21.17
C LYS A 232 -9.58 15.41 20.36
N TRP A 233 -10.58 14.65 20.84
CA TRP A 233 -11.77 14.35 20.09
C TRP A 233 -13.00 15.06 20.59
N ASN A 234 -13.91 15.40 19.69
CA ASN A 234 -15.26 15.89 20.09
C ASN A 234 -15.21 17.18 20.85
N ASP A 235 -14.63 18.16 20.19
CA ASP A 235 -14.42 19.47 20.76
C ASP A 235 -13.54 19.43 22.02
N GLY A 236 -12.43 18.66 21.97
CA GLY A 236 -11.45 18.70 23.05
C GLY A 236 -11.91 17.92 24.31
N THR A 237 -12.83 16.97 24.18
CA THR A 237 -13.43 16.26 25.33
C THR A 237 -12.44 15.20 25.89
N SER A 238 -11.95 14.33 25.01
CA SER A 238 -11.12 13.24 25.42
C SER A 238 -10.43 12.66 24.20
N TRP A 239 -9.70 11.60 24.39
CA TRP A 239 -9.15 10.83 23.29
C TRP A 239 -8.86 9.40 23.78
N PRO A 240 -8.56 8.47 22.85
CA PRO A 240 -8.58 7.05 23.26
C PRO A 240 -7.68 6.72 24.45
N VAL A 241 -6.45 7.22 24.45
CA VAL A 241 -5.55 6.90 25.54
C VAL A 241 -5.96 7.62 26.83
N GLU A 242 -6.51 8.83 26.70
CA GLU A 242 -6.98 9.49 27.92
C GLU A 242 -8.14 8.73 28.57
N ALA A 243 -9.02 8.17 27.77
CA ALA A 243 -10.10 7.32 28.30
C ALA A 243 -9.71 5.88 28.67
N GLY A 244 -8.44 5.51 28.53
CA GLY A 244 -7.91 4.29 29.13
C GLY A 244 -7.68 3.14 28.14
N HIS A 245 -7.77 3.38 26.82
CA HIS A 245 -7.52 2.29 25.89
C HIS A 245 -6.26 2.58 25.08
N PRO A 246 -5.45 1.55 24.82
CA PRO A 246 -4.30 1.76 23.86
C PRO A 246 -4.74 2.28 22.50
N CYS A 247 -3.92 3.15 21.90
CA CYS A 247 -4.12 3.55 20.51
C CYS A 247 -4.04 2.24 19.65
N LEU A 248 -4.96 2.06 18.73
CA LEU A 248 -4.97 0.94 17.79
C LEU A 248 -4.10 1.19 16.57
N GLY A 249 -3.59 2.43 16.41
CA GLY A 249 -2.89 2.77 15.14
C GLY A 249 -3.82 3.16 14.00
N CYS A 250 -5.00 3.75 14.29
CA CYS A 250 -6.07 3.65 13.27
C CYS A 250 -5.90 4.61 12.07
N SER A 251 -4.90 5.50 12.10
CA SER A 251 -4.61 6.37 10.94
C SER A 251 -3.44 5.88 10.10
N GLU A 252 -2.89 4.68 10.40
CA GLU A 252 -1.72 4.17 9.66
C GLU A 252 -2.14 3.16 8.63
N PRO A 253 -1.42 3.12 7.47
CA PRO A 253 -1.73 2.07 6.48
C PRO A 253 -1.68 0.65 7.08
N GLN A 254 -2.58 -0.25 6.66
CA GLN A 254 -2.56 -1.62 7.19
C GLN A 254 -2.54 -1.77 8.70
N PHE A 255 -3.17 -0.88 9.46
CA PHE A 255 -3.06 -1.00 10.90
C PHE A 255 -3.81 -2.22 11.40
N TRP A 256 -4.81 -2.69 10.64
CA TRP A 256 -5.55 -3.89 11.04
C TRP A 256 -4.68 -5.12 11.05
N ASP A 257 -3.61 -5.11 10.27
CA ASP A 257 -2.78 -6.29 10.14
C ASP A 257 -1.46 -6.11 10.85
N ALA A 258 -1.40 -5.29 11.90
CA ALA A 258 -0.12 -5.10 12.58
C ALA A 258 0.10 -6.09 13.75
N GLY A 259 -0.41 -7.30 13.75
CA GLY A 259 -0.23 -8.18 14.92
C GLY A 259 -1.40 -7.92 15.87
N GLY A 260 -1.52 -8.48 17.04
CA GLY A 260 -2.77 -8.07 17.80
C GLY A 260 -2.76 -6.65 18.38
N PHE A 261 -3.94 -6.07 18.54
CA PHE A 261 -4.03 -4.80 19.17
C PHE A 261 -3.48 -4.83 20.57
N TYR A 262 -3.57 -5.98 21.28
CA TYR A 262 -3.15 -5.95 22.66
C TYR A 262 -1.73 -6.48 22.88
N GLU A 263 -0.97 -6.64 21.80
CA GLU A 263 0.42 -7.11 21.90
C GLU A 263 1.35 -5.95 21.62
N PRO A 264 2.37 -5.76 22.46
CA PRO A 264 3.42 -4.77 22.18
C PRO A 264 4.14 -5.16 20.91
N VAL A 265 4.78 -4.22 20.22
CA VAL A 265 5.60 -4.70 19.08
C VAL A 265 6.94 -5.39 19.59
N SER A 266 7.81 -5.92 18.71
CA SER A 266 9.17 -6.42 19.15
C SER A 266 10.36 -5.44 19.65
N VAL A 267 10.17 -4.09 19.69
CA VAL A 267 11.19 -3.01 20.11
C VAL A 267 10.52 -1.56 19.99
N PRO A 268 11.29 -0.41 20.22
CA PRO A 268 10.84 0.99 20.54
C PRO A 268 9.37 1.38 20.84
N GLU B 3 -39.92 -3.04 -17.49
CA GLU B 3 -40.31 -3.85 -16.37
C GLU B 3 -40.31 -3.18 -15.01
N ARG B 4 -39.47 -3.57 -14.09
CA ARG B 4 -39.59 -3.00 -12.77
C ARG B 4 -39.20 -1.54 -12.68
N ILE B 5 -39.88 -0.82 -11.83
CA ILE B 5 -39.44 0.52 -11.41
C ILE B 5 -38.20 0.37 -10.49
N VAL B 6 -37.21 1.24 -10.64
CA VAL B 6 -35.96 1.10 -9.92
C VAL B 6 -35.70 2.36 -9.11
N VAL B 7 -35.43 2.21 -7.81
CA VAL B 7 -34.82 3.29 -7.06
C VAL B 7 -33.46 2.95 -6.45
N ASP B 8 -32.44 3.52 -7.10
CA ASP B 8 -31.05 3.21 -6.78
C ASP B 8 -30.25 4.46 -7.16
N PRO B 9 -29.64 5.16 -6.19
CA PRO B 9 -29.54 4.80 -4.76
C PRO B 9 -30.79 5.23 -3.99
N ILE B 10 -31.16 4.47 -2.99
CA ILE B 10 -31.95 5.01 -1.91
C ILE B 10 -30.98 5.93 -1.15
N THR B 11 -31.36 7.17 -0.98
CA THR B 11 -30.55 8.07 -0.15
C THR B 11 -31.20 8.28 1.23
N ARG B 12 -30.54 9.03 2.10
CA ARG B 12 -31.01 9.21 3.45
C ARG B 12 -31.21 7.90 4.15
N ILE B 13 -30.32 6.96 3.86
CA ILE B 13 -30.09 5.81 4.73
C ILE B 13 -28.58 5.74 4.95
N GLU B 14 -28.16 4.72 5.69
CA GLU B 14 -26.74 4.35 5.67
C GLU B 14 -26.53 3.26 4.62
N GLY B 15 -25.56 3.44 3.76
CA GLY B 15 -25.15 2.39 2.86
C GLY B 15 -25.91 2.29 1.58
N HIS B 16 -25.84 1.12 0.94
CA HIS B 16 -26.11 1.03 -0.49
C HIS B 16 -27.29 0.12 -0.78
N LEU B 17 -28.45 0.72 -1.03
CA LEU B 17 -29.68 -0.02 -1.15
C LEU B 17 -30.35 0.34 -2.47
N ARG B 18 -30.83 -0.69 -3.14
CA ARG B 18 -31.59 -0.56 -4.39
C ARG B 18 -32.98 -1.23 -4.12
N ILE B 19 -34.06 -0.54 -4.48
CA ILE B 19 -35.40 -1.12 -4.48
C ILE B 19 -35.88 -1.27 -5.92
N GLU B 20 -36.41 -2.47 -6.27
CA GLU B 20 -37.13 -2.63 -7.54
C GLU B 20 -38.57 -2.98 -7.19
N ALA B 21 -39.52 -2.44 -7.96
CA ALA B 21 -40.93 -2.68 -7.68
C ALA B 21 -41.65 -3.04 -9.00
N GLN B 22 -42.36 -4.18 -8.97
CA GLN B 22 -43.23 -4.54 -10.07
C GLN B 22 -44.57 -3.85 -9.81
N MET B 23 -44.93 -2.94 -10.70
CA MET B 23 -46.12 -2.14 -10.55
C MET B 23 -47.29 -2.84 -11.21
N ASP B 24 -48.47 -2.77 -10.57
CA ASP B 24 -49.77 -3.08 -11.24
C ASP B 24 -50.65 -1.81 -11.24
N GLY B 25 -50.65 -1.08 -12.36
CA GLY B 25 -51.14 0.32 -12.33
C GLY B 25 -50.27 1.14 -11.37
N ALA B 26 -50.90 1.96 -10.51
CA ALA B 26 -50.22 2.78 -9.49
C ALA B 26 -49.81 1.97 -8.23
N THR B 27 -50.20 0.70 -8.18
CA THR B 27 -50.03 -0.18 -7.04
C THR B 27 -48.74 -0.98 -7.07
N ILE B 28 -48.03 -1.01 -5.94
CA ILE B 28 -46.90 -1.89 -5.86
C ILE B 28 -47.36 -3.34 -5.77
N ALA B 29 -47.07 -4.16 -6.78
CA ALA B 29 -47.51 -5.57 -6.74
C ALA B 29 -46.46 -6.49 -6.09
N GLN B 30 -45.19 -6.34 -6.47
CA GLN B 30 -44.08 -7.04 -5.80
C GLN B 30 -42.94 -6.06 -5.61
N ALA B 31 -42.27 -6.14 -4.46
CA ALA B 31 -41.08 -5.33 -4.23
C ALA B 31 -39.86 -6.24 -3.96
N TYR B 32 -38.68 -5.73 -4.34
CA TYR B 32 -37.41 -6.46 -4.15
C TYR B 32 -36.41 -5.49 -3.51
N SER B 33 -35.77 -5.97 -2.43
CA SER B 33 -34.79 -5.21 -1.63
C SER B 33 -33.39 -5.79 -1.92
N SER B 34 -32.47 -4.95 -2.39
CA SER B 34 -31.16 -5.39 -2.78
C SER B 34 -30.05 -4.52 -2.19
N GLY B 35 -29.15 -5.13 -1.40
CA GLY B 35 -27.93 -4.47 -0.86
C GLY B 35 -26.79 -4.59 -1.87
N THR B 36 -26.17 -3.47 -2.26
CA THR B 36 -25.32 -3.48 -3.44
C THR B 36 -23.88 -3.14 -3.05
N MET B 37 -23.48 -3.45 -1.79
CA MET B 37 -22.05 -3.33 -1.41
C MET B 37 -21.74 -4.41 -0.37
N VAL B 38 -20.57 -5.06 -0.52
CA VAL B 38 -20.15 -6.03 0.49
C VAL B 38 -18.67 -5.76 0.82
N ARG B 39 -18.27 -6.09 2.05
CA ARG B 39 -16.86 -6.04 2.50
C ARG B 39 -16.29 -7.41 2.96
N GLY B 40 -17.15 -8.23 3.58
CA GLY B 40 -16.80 -9.61 3.98
C GLY B 40 -15.95 -9.54 5.27
N ILE B 41 -16.40 -8.72 6.19
CA ILE B 41 -15.74 -8.60 7.48
C ILE B 41 -15.69 -9.94 8.26
N GLU B 42 -16.70 -10.77 8.09
CA GLU B 42 -16.67 -12.07 8.78
C GLU B 42 -15.44 -12.89 8.39
N THR B 43 -15.11 -12.82 7.11
CA THR B 43 -13.99 -13.54 6.54
C THR B 43 -12.69 -12.91 7.01
N ILE B 44 -12.68 -11.58 7.09
CA ILE B 44 -11.49 -10.86 7.61
C ILE B 44 -11.09 -11.29 9.02
N LEU B 45 -12.10 -11.57 9.86
CA LEU B 45 -11.81 -11.98 11.25
C LEU B 45 -11.17 -13.32 11.45
N LYS B 46 -11.40 -14.29 10.54
CA LYS B 46 -10.94 -15.65 10.80
C LYS B 46 -9.46 -15.63 11.17
N GLY B 47 -9.07 -16.39 12.20
CA GLY B 47 -7.66 -16.55 12.55
C GLY B 47 -7.19 -15.48 13.52
N ARG B 48 -7.99 -14.45 13.79
CA ARG B 48 -7.50 -13.33 14.61
C ARG B 48 -7.77 -13.56 16.08
N ASP B 49 -7.27 -12.66 16.94
CA ASP B 49 -7.49 -12.73 18.37
C ASP B 49 -8.91 -12.27 18.73
N PRO B 50 -9.70 -13.13 19.42
CA PRO B 50 -11.09 -12.75 19.87
C PRO B 50 -11.10 -11.47 20.69
N ARG B 51 -10.03 -11.14 21.39
CA ARG B 51 -10.06 -9.87 22.17
C ARG B 51 -10.06 -8.68 21.19
N ASP B 52 -9.51 -8.86 19.98
CA ASP B 52 -9.46 -7.74 18.98
C ASP B 52 -10.77 -7.62 18.17
N ALA B 53 -11.60 -8.68 18.14
CA ALA B 53 -12.76 -8.68 17.23
C ALA B 53 -13.59 -7.37 17.32
N TRP B 54 -13.83 -6.87 18.53
CA TRP B 54 -14.74 -5.76 18.71
C TRP B 54 -14.31 -4.59 17.85
N ALA B 55 -13.01 -4.35 17.74
CA ALA B 55 -12.49 -3.19 17.00
C ALA B 55 -12.71 -3.33 15.50
N PHE B 56 -12.57 -4.56 14.96
CA PHE B 56 -12.98 -4.85 13.56
C PHE B 56 -14.47 -4.71 13.34
N VAL B 57 -15.31 -5.39 14.15
CA VAL B 57 -16.72 -5.38 13.81
C VAL B 57 -17.44 -4.07 14.20
N GLN B 58 -16.86 -3.30 15.09
CA GLN B 58 -17.41 -1.98 15.25
C GLN B 58 -17.46 -1.22 13.93
N ARG B 59 -16.43 -1.41 13.10
CA ARG B 59 -16.32 -0.77 11.78
C ARG B 59 -17.23 -1.42 10.73
N ILE B 60 -18.04 -2.38 11.13
CA ILE B 60 -19.21 -2.69 10.30
C ILE B 60 -20.00 -1.42 10.01
N CYS B 61 -20.11 -0.54 11.01
CA CYS B 61 -20.99 0.61 10.78
C CYS B 61 -20.74 1.72 11.76
N GLY B 62 -20.59 2.93 11.24
CA GLY B 62 -20.35 4.07 12.09
C GLY B 62 -21.58 4.91 12.39
N VAL B 63 -22.75 4.51 11.89
CA VAL B 63 -24.00 5.22 12.27
C VAL B 63 -24.49 4.56 13.56
N CYS B 64 -24.71 3.23 13.56
CA CYS B 64 -24.88 2.58 14.84
C CYS B 64 -23.44 2.25 15.34
N THR B 65 -22.64 3.28 15.57
CA THR B 65 -21.33 3.03 16.16
C THR B 65 -21.65 2.46 17.60
N LEU B 66 -20.65 1.87 18.25
CA LEU B 66 -20.81 1.22 19.56
C LEU B 66 -21.47 -0.17 19.50
N VAL B 67 -22.54 -0.35 18.72
CA VAL B 67 -23.38 -1.55 18.98
C VAL B 67 -22.68 -2.87 18.60
N HIS B 68 -21.85 -2.87 17.54
CA HIS B 68 -21.11 -4.08 17.26
C HIS B 68 -19.94 -4.28 18.23
N GLY B 69 -19.33 -3.20 18.75
CA GLY B 69 -18.35 -3.34 19.79
C GLY B 69 -18.99 -4.05 20.97
N ILE B 70 -20.15 -3.59 21.42
CA ILE B 70 -20.83 -4.22 22.52
C ILE B 70 -21.20 -5.70 22.25
N ALA B 71 -21.79 -5.99 21.10
CA ALA B 71 -22.18 -7.36 20.78
C ALA B 71 -20.93 -8.27 20.73
N SER B 72 -19.83 -7.73 20.20
CA SER B 72 -18.59 -8.47 20.10
C SER B 72 -17.99 -8.83 21.44
N VAL B 73 -17.87 -7.88 22.36
CA VAL B 73 -17.19 -8.20 23.66
C VAL B 73 -18.16 -9.10 24.43
N ARG B 74 -19.46 -8.89 24.27
CA ARG B 74 -20.46 -9.79 24.93
C ARG B 74 -20.35 -11.25 24.37
N ALA B 75 -20.02 -11.38 23.07
CA ALA B 75 -19.91 -12.72 22.47
C ALA B 75 -18.74 -13.42 23.09
N VAL B 76 -17.61 -12.71 23.18
CA VAL B 76 -16.42 -13.25 23.85
C VAL B 76 -16.64 -13.57 25.36
N GLU B 77 -17.27 -12.64 26.07
CA GLU B 77 -17.64 -12.86 27.46
C GLU B 77 -18.58 -14.08 27.58
N ASP B 78 -19.50 -14.24 26.63
CA ASP B 78 -20.40 -15.41 26.66
C ASP B 78 -19.59 -16.70 26.45
N ALA B 79 -18.69 -16.71 25.46
CA ALA B 79 -17.93 -17.92 25.13
C ALA B 79 -17.07 -18.40 26.30
N LEU B 80 -16.58 -17.42 27.05
CA LEU B 80 -15.51 -17.60 28.03
C LEU B 80 -16.07 -17.56 29.45
N ARG B 81 -17.35 -17.18 29.55
CA ARG B 81 -18.09 -16.96 30.85
C ARG B 81 -17.41 -15.95 31.70
N ILE B 82 -17.14 -14.78 31.15
CA ILE B 82 -16.59 -13.75 31.99
C ILE B 82 -17.79 -12.97 32.51
N GLU B 83 -17.89 -12.74 33.81
CA GLU B 83 -18.89 -11.78 34.38
C GLU B 83 -18.29 -10.38 34.47
N LEU B 84 -19.06 -9.36 34.13
CA LEU B 84 -18.57 -7.99 34.25
C LEU B 84 -18.69 -7.50 35.68
N PRO B 85 -17.82 -6.57 36.08
CA PRO B 85 -18.11 -5.79 37.30
C PRO B 85 -19.30 -4.85 37.09
N LEU B 86 -19.99 -4.52 38.17
CA LEU B 86 -21.23 -3.72 38.06
C LEU B 86 -20.93 -2.39 37.32
N ASN B 87 -19.84 -1.71 37.65
CA ASN B 87 -19.63 -0.36 37.10
C ASN B 87 -19.48 -0.50 35.59
N ALA B 88 -18.86 -1.60 35.12
CA ALA B 88 -18.72 -1.75 33.68
C ALA B 88 -20.10 -1.90 33.03
N GLN B 89 -20.97 -2.66 33.68
CA GLN B 89 -22.26 -2.93 33.12
C GLN B 89 -23.11 -1.65 33.06
N LEU B 90 -23.04 -0.82 34.10
CA LEU B 90 -23.73 0.48 34.13
C LEU B 90 -23.20 1.41 33.08
N ILE B 91 -21.88 1.46 32.97
CA ILE B 91 -21.29 2.29 31.93
C ILE B 91 -21.73 1.82 30.51
N ARG B 92 -21.77 0.50 30.28
CA ARG B 92 -22.21 0.04 29.00
C ARG B 92 -23.68 0.43 28.75
N ASN B 93 -24.56 0.28 29.74
CA ASN B 93 -25.93 0.68 29.58
C ASN B 93 -26.04 2.16 29.22
N LEU B 94 -25.33 3.01 29.98
CA LEU B 94 -25.33 4.44 29.71
C LEU B 94 -24.89 4.77 28.27
N MET B 95 -23.83 4.12 27.80
CA MET B 95 -23.32 4.36 26.44
C MET B 95 -24.34 3.85 25.44
N ILE B 96 -24.98 2.71 25.72
CA ILE B 96 -26.01 2.20 24.80
C ILE B 96 -27.18 3.18 24.74
N GLY B 97 -27.67 3.62 25.88
CA GLY B 97 -28.79 4.61 25.90
C GLY B 97 -28.37 5.88 25.13
N ALA B 98 -27.16 6.38 25.36
CA ALA B 98 -26.69 7.60 24.65
C ALA B 98 -26.70 7.34 23.15
N GLN B 99 -26.34 6.11 22.75
CA GLN B 99 -26.29 5.83 21.30
C GLN B 99 -27.72 5.81 20.67
N TYR B 100 -28.67 5.14 21.34
CA TYR B 100 -30.04 5.16 20.89
C TYR B 100 -30.54 6.58 20.68
N ILE B 101 -30.35 7.42 21.69
CA ILE B 101 -30.95 8.77 21.66
C ILE B 101 -30.33 9.58 20.52
N HIS B 102 -29.00 9.56 20.41
CA HIS B 102 -28.31 10.26 19.36
C HIS B 102 -28.83 9.76 18.02
N ASP B 103 -28.87 8.44 17.86
CA ASP B 103 -29.12 7.81 16.57
C ASP B 103 -30.63 8.02 16.14
N HIS B 104 -31.59 7.84 17.04
CA HIS B 104 -33.00 8.05 16.71
C HIS B 104 -33.32 9.48 16.34
N VAL B 105 -32.77 10.44 17.10
CA VAL B 105 -33.05 11.86 16.87
C VAL B 105 -32.51 12.22 15.47
N MET B 106 -31.30 11.77 15.16
CA MET B 106 -30.76 12.15 13.82
C MET B 106 -31.49 11.35 12.76
N HIS B 107 -31.87 10.09 13.03
CA HIS B 107 -32.65 9.43 11.98
C HIS B 107 -33.91 10.24 11.66
N PHE B 108 -34.62 10.61 12.70
CA PHE B 108 -35.88 11.31 12.47
C PHE B 108 -35.68 12.64 11.70
N TYR B 109 -34.79 13.53 12.15
CA TYR B 109 -34.62 14.80 11.48
C TYR B 109 -33.86 14.68 10.19
N HIS B 110 -32.71 14.03 10.20
CA HIS B 110 -31.77 14.21 9.11
C HIS B 110 -31.95 13.18 8.02
N LEU B 111 -32.55 12.05 8.36
CA LEU B 111 -32.82 10.98 7.36
C LEU B 111 -34.30 10.85 6.97
N HIS B 112 -35.22 10.97 7.91
CA HIS B 112 -36.60 10.62 7.65
C HIS B 112 -37.41 11.88 7.29
N ALA B 113 -37.14 12.99 7.97
CA ALA B 113 -38.12 14.09 8.01
C ALA B 113 -38.39 14.71 6.61
N LEU B 114 -37.39 14.69 5.70
CA LEU B 114 -37.59 15.25 4.36
C LEU B 114 -38.58 14.47 3.48
N ASP B 115 -38.99 13.29 3.96
CA ASP B 115 -40.13 12.57 3.36
C ASP B 115 -41.49 13.21 3.69
N TRP B 116 -41.55 13.99 4.76
CA TRP B 116 -42.83 14.40 5.32
C TRP B 116 -42.90 15.91 5.30
N VAL B 117 -41.72 16.55 5.27
CA VAL B 117 -41.56 18.00 5.40
C VAL B 117 -41.12 18.58 4.07
N ASP B 118 -41.86 19.56 3.57
CA ASP B 118 -41.55 20.22 2.31
C ASP B 118 -40.74 21.52 2.58
N VAL B 119 -39.47 21.51 2.25
CA VAL B 119 -38.64 22.64 2.56
C VAL B 119 -38.98 23.90 1.76
N VAL B 120 -39.47 23.73 0.53
CA VAL B 120 -39.89 24.90 -0.26
C VAL B 120 -41.12 25.58 0.30
N SER B 121 -42.07 24.74 0.72
CA SER B 121 -43.25 25.26 1.42
C SER B 121 -42.89 26.07 2.71
N ALA B 122 -41.85 25.67 3.48
CA ALA B 122 -41.37 26.46 4.65
C ALA B 122 -41.07 27.93 4.28
N LEU B 123 -40.64 28.19 3.05
CA LEU B 123 -40.35 29.58 2.64
C LEU B 123 -41.56 30.47 2.59
N SER B 124 -42.76 29.89 2.59
CA SER B 124 -44.02 30.66 2.55
C SER B 124 -44.59 30.94 3.94
N ALA B 125 -44.04 30.31 4.97
CA ALA B 125 -44.65 30.40 6.31
C ALA B 125 -44.61 31.80 6.84
N ASP B 126 -45.60 32.12 7.63
CA ASP B 126 -45.54 33.33 8.40
C ASP B 126 -44.72 33.00 9.67
N PRO B 127 -43.68 33.82 9.98
CA PRO B 127 -42.80 33.52 11.10
C PRO B 127 -43.56 33.56 12.43
N ARG B 128 -44.48 34.48 12.54
CA ARG B 128 -45.29 34.57 13.75
C ARG B 128 -46.21 33.38 13.99
N ALA B 129 -46.92 32.92 12.94
CA ALA B 129 -47.75 31.74 13.04
C ALA B 129 -46.88 30.51 13.35
N THR B 130 -45.65 30.49 12.84
CA THR B 130 -44.78 29.33 13.08
C THR B 130 -44.42 29.28 14.58
N SER B 131 -44.19 30.46 15.15
CA SER B 131 -43.94 30.59 16.57
C SER B 131 -45.15 30.16 17.40
N GLU B 132 -46.37 30.61 17.05
CA GLU B 132 -47.58 30.16 17.76
C GLU B 132 -47.74 28.64 17.74
N LEU B 133 -47.49 28.01 16.57
CA LEU B 133 -47.64 26.60 16.48
C LEU B 133 -46.58 25.93 17.34
N ALA B 134 -45.32 26.33 17.19
CA ALA B 134 -44.26 25.69 18.00
C ALA B 134 -44.59 25.79 19.46
N GLN B 135 -45.13 26.93 19.86
CA GLN B 135 -45.38 27.17 21.27
C GLN B 135 -46.65 26.43 21.74
N SER B 136 -47.56 26.08 20.81
CA SER B 136 -48.80 25.40 21.22
C SER B 136 -48.45 23.94 21.48
N ILE B 137 -47.30 23.49 20.98
CA ILE B 137 -46.94 22.10 21.24
C ILE B 137 -45.83 21.83 22.25
N SER B 138 -45.04 22.82 22.65
CA SER B 138 -43.85 22.50 23.40
C SER B 138 -43.38 23.71 24.17
N ALA B 139 -42.62 23.41 25.20
CA ALA B 139 -42.01 24.40 26.06
C ALA B 139 -40.60 24.73 25.58
N TRP B 140 -40.13 24.05 24.55
CA TRP B 140 -38.79 24.31 24.02
C TRP B 140 -38.56 25.79 23.86
N PRO B 141 -37.38 26.32 24.33
CA PRO B 141 -37.26 27.80 24.37
C PRO B 141 -37.21 28.49 23.02
N LYS B 142 -36.62 27.84 22.02
CA LYS B 142 -36.18 28.56 20.81
C LYS B 142 -37.35 28.62 19.81
N SER B 143 -38.19 29.65 19.94
CA SER B 143 -39.48 29.65 19.23
C SER B 143 -39.87 31.06 18.84
N SER B 144 -38.97 32.03 18.98
CA SER B 144 -39.41 33.41 18.77
C SER B 144 -39.68 33.58 17.27
N PRO B 145 -40.57 34.53 16.90
CA PRO B 145 -40.86 34.83 15.50
C PRO B 145 -39.62 35.30 14.79
N GLY B 146 -38.81 36.16 15.42
CA GLY B 146 -37.56 36.61 14.77
C GLY B 146 -36.61 35.43 14.48
N TYR B 147 -36.56 34.42 15.35
CA TYR B 147 -35.75 33.26 15.09
C TYR B 147 -36.22 32.43 13.85
N PHE B 148 -37.53 32.18 13.79
CA PHE B 148 -38.14 31.59 12.61
C PHE B 148 -37.96 32.42 11.33
N ALA B 149 -38.06 33.73 11.43
CA ALA B 149 -37.89 34.62 10.28
C ALA B 149 -36.41 34.55 9.86
N ASP B 150 -35.48 34.54 10.82
CA ASP B 150 -34.02 34.44 10.50
C ASP B 150 -33.67 33.08 9.92
N THR B 151 -34.27 32.01 10.43
CA THR B 151 -34.05 30.70 9.83
C THR B 151 -34.61 30.64 8.41
N GLN B 152 -35.85 31.08 8.25
CA GLN B 152 -36.46 31.09 6.93
C GLN B 152 -35.60 31.89 5.91
N LYS B 153 -35.11 33.05 6.33
CA LYS B 153 -34.30 33.87 5.44
C LYS B 153 -33.00 33.19 4.98
N ARG B 154 -32.35 32.44 5.87
CA ARG B 154 -31.15 31.73 5.47
C ARG B 154 -31.52 30.67 4.42
N ILE B 155 -32.62 29.99 4.60
CA ILE B 155 -32.97 28.94 3.64
C ILE B 155 -33.42 29.59 2.34
N LYS B 156 -34.13 30.69 2.46
CA LYS B 156 -34.52 31.43 1.27
C LYS B 156 -33.28 31.94 0.46
N THR B 157 -32.27 32.53 1.09
CA THR B 157 -31.06 32.93 0.37
C THR B 157 -30.38 31.68 -0.33
N PHE B 158 -30.35 30.56 0.38
CA PHE B 158 -29.79 29.37 -0.18
C PHE B 158 -30.53 28.93 -1.44
N VAL B 159 -31.84 28.84 -1.34
CA VAL B 159 -32.63 28.27 -2.43
C VAL B 159 -32.58 29.24 -3.60
N GLU B 160 -32.54 30.53 -3.30
CA GLU B 160 -32.52 31.50 -4.39
C GLU B 160 -31.15 31.63 -5.06
N SER B 161 -30.07 31.14 -4.42
CA SER B 161 -28.72 31.25 -4.99
C SER B 161 -28.67 30.38 -6.28
N GLY B 162 -29.66 29.51 -6.51
CA GLY B 162 -29.58 28.50 -7.55
C GLY B 162 -28.59 27.34 -7.29
N GLN B 163 -27.90 27.28 -6.16
CA GLN B 163 -27.13 26.05 -5.86
C GLN B 163 -27.85 25.34 -4.72
N LEU B 164 -28.73 24.41 -5.09
CA LEU B 164 -29.62 23.82 -4.12
C LEU B 164 -28.99 22.68 -3.33
N GLY B 165 -27.79 22.24 -3.73
CA GLY B 165 -27.02 21.28 -2.91
C GLY B 165 -27.87 20.02 -2.72
N ILE B 166 -28.04 19.59 -1.49
CA ILE B 166 -28.72 18.33 -1.19
C ILE B 166 -30.23 18.43 -1.37
N PHE B 167 -30.72 19.64 -1.62
CA PHE B 167 -32.14 19.85 -1.94
C PHE B 167 -32.44 19.82 -3.43
N ALA B 168 -31.41 19.79 -4.28
CA ALA B 168 -31.62 19.83 -5.75
C ALA B 168 -32.41 18.62 -6.28
N ASN B 169 -33.31 18.86 -7.27
CA ASN B 169 -34.19 17.83 -7.84
C ASN B 169 -35.09 17.13 -6.81
N GLY B 170 -35.36 17.79 -5.67
CA GLY B 170 -36.14 17.18 -4.60
C GLY B 170 -37.60 17.16 -5.02
N TYR B 171 -38.44 16.55 -4.21
CA TYR B 171 -39.78 16.22 -4.61
C TYR B 171 -40.73 17.31 -4.13
N TRP B 172 -40.20 18.48 -3.81
CA TRP B 172 -40.98 19.57 -3.23
C TRP B 172 -42.30 19.79 -4.02
N GLY B 173 -43.40 20.00 -3.33
CA GLY B 173 -44.70 20.30 -4.03
C GLY B 173 -45.42 19.01 -4.44
N HIS B 174 -44.82 17.85 -4.17
CA HIS B 174 -45.52 16.57 -4.43
C HIS B 174 -46.80 16.54 -3.53
N PRO B 175 -47.92 15.97 -4.06
CA PRO B 175 -49.21 16.00 -3.33
C PRO B 175 -49.14 15.16 -2.05
N ALA B 176 -48.15 14.27 -1.91
CA ALA B 176 -47.98 13.51 -0.66
C ALA B 176 -47.58 14.43 0.51
N TYR B 177 -47.06 15.61 0.19
CA TYR B 177 -46.70 16.57 1.29
C TYR B 177 -47.93 17.31 1.78
N ARG B 178 -48.23 17.24 3.07
CA ARG B 178 -49.51 17.75 3.54
C ARG B 178 -49.41 18.84 4.62
N LEU B 179 -48.24 18.98 5.26
CA LEU B 179 -48.07 20.01 6.33
C LEU B 179 -48.29 21.44 5.84
N PRO B 180 -48.88 22.28 6.68
CA PRO B 180 -48.92 23.72 6.38
C PRO B 180 -47.48 24.34 6.40
N PRO B 181 -47.27 25.44 5.66
CA PRO B 181 -45.95 26.15 5.65
C PRO B 181 -45.33 26.30 7.05
N GLU B 182 -46.13 26.71 8.05
CA GLU B 182 -45.69 26.85 9.45
C GLU B 182 -45.08 25.58 10.04
N ALA B 183 -45.72 24.42 9.82
CA ALA B 183 -45.18 23.20 10.37
C ALA B 183 -43.87 22.86 9.63
N ASN B 184 -43.82 23.13 8.32
CA ASN B 184 -42.57 22.83 7.59
C ASN B 184 -41.43 23.68 8.14
N LEU B 185 -41.69 24.98 8.38
CA LEU B 185 -40.61 25.88 8.85
C LEU B 185 -40.15 25.45 10.24
N MET B 186 -41.09 25.00 11.09
CA MET B 186 -40.77 24.57 12.41
C MET B 186 -39.82 23.35 12.35
N ALA B 187 -40.18 22.36 11.54
CA ALA B 187 -39.37 21.16 11.38
C ALA B 187 -37.99 21.45 10.81
N VAL B 188 -37.90 22.35 9.84
CA VAL B 188 -36.60 22.77 9.32
C VAL B 188 -35.74 23.41 10.44
N ALA B 189 -36.32 24.31 11.25
CA ALA B 189 -35.57 24.88 12.35
C ALA B 189 -35.10 23.75 13.29
N HIS B 190 -35.98 22.79 13.55
CA HIS B 190 -35.58 21.72 14.48
C HIS B 190 -34.52 20.80 13.91
N TYR B 191 -34.60 20.58 12.59
CA TYR B 191 -33.55 19.86 11.86
C TYR B 191 -32.17 20.50 12.17
N LEU B 192 -32.13 21.81 12.15
CA LEU B 192 -30.86 22.52 12.37
C LEU B 192 -30.46 22.46 13.86
N GLU B 193 -31.44 22.62 14.77
CA GLU B 193 -31.10 22.48 16.18
C GLU B 193 -30.61 21.05 16.47
N ALA B 194 -31.20 20.04 15.83
CA ALA B 194 -30.78 18.66 16.06
C ALA B 194 -29.33 18.44 15.64
N LEU B 195 -28.84 19.16 14.59
CA LEU B 195 -27.43 18.97 14.26
C LEU B 195 -26.54 19.54 15.38
N ALA B 196 -26.87 20.71 15.94
CA ALA B 196 -26.05 21.27 17.04
C ALA B 196 -26.16 20.36 18.30
N TRP B 197 -27.37 19.91 18.58
CA TRP B 197 -27.57 19.08 19.76
C TRP B 197 -26.81 17.74 19.64
N GLN B 198 -26.81 17.15 18.44
CA GLN B 198 -26.21 15.80 18.30
C GLN B 198 -24.71 15.81 18.55
N ARG B 199 -24.03 16.88 18.14
CA ARG B 199 -22.57 16.90 18.21
C ARG B 199 -22.16 17.22 19.65
N ASP B 200 -23.03 17.89 20.36
CA ASP B 200 -22.82 17.95 21.79
C ASP B 200 -23.04 16.64 22.55
N THR B 201 -24.14 15.99 22.27
CA THR B 201 -24.43 14.66 22.83
C THR B 201 -23.31 13.59 22.62
N ALA B 202 -22.63 13.65 21.46
CA ALA B 202 -21.56 12.72 21.15
C ALA B 202 -20.40 12.80 22.14
N LYS B 203 -20.28 13.90 22.88
CA LYS B 203 -19.21 14.02 23.93
C LYS B 203 -19.37 12.96 25.01
N PHE B 204 -20.60 12.43 25.16
CA PHE B 204 -20.83 11.40 26.17
C PHE B 204 -20.00 10.13 25.86
N HIS B 205 -20.09 9.60 24.65
CA HIS B 205 -19.21 8.49 24.28
C HIS B 205 -17.69 8.85 24.36
N ALA B 206 -17.34 10.10 24.18
CA ALA B 206 -15.89 10.43 24.19
C ALA B 206 -15.37 10.35 25.63
N ILE B 207 -16.21 10.73 26.59
CA ILE B 207 -15.77 10.65 27.97
C ILE B 207 -15.45 9.20 28.43
N PHE B 208 -16.31 8.27 28.11
CA PHE B 208 -16.15 6.90 28.55
C PHE B 208 -15.36 6.11 27.51
N GLY B 209 -15.47 6.49 26.22
CA GLY B 209 -14.97 5.62 25.19
C GLY B 209 -13.85 6.25 24.42
N GLY B 210 -13.49 7.52 24.74
CA GLY B 210 -12.33 8.15 24.10
C GLY B 210 -12.68 8.94 22.83
N LYS B 211 -13.76 8.55 22.12
CA LYS B 211 -14.04 9.20 20.85
C LYS B 211 -15.39 8.81 20.36
N ASN B 212 -15.95 9.63 19.48
CA ASN B 212 -17.17 9.24 18.77
C ASN B 212 -17.11 9.95 17.44
N PRO B 213 -17.29 9.23 16.31
CA PRO B 213 -17.65 7.79 16.28
C PRO B 213 -16.55 6.79 16.74
N HIS B 214 -16.99 5.55 16.93
CA HIS B 214 -16.16 4.43 17.22
C HIS B 214 -15.44 4.45 18.57
N PRO B 215 -16.20 4.55 19.67
CA PRO B 215 -15.50 4.48 20.96
C PRO B 215 -14.82 3.11 21.21
N ASN B 216 -13.97 3.06 22.23
CA ASN B 216 -13.26 1.80 22.59
C ASN B 216 -14.00 0.92 23.60
N PHE B 217 -13.75 -0.39 23.51
CA PHE B 217 -14.37 -1.36 24.40
C PHE B 217 -13.31 -2.33 24.83
N VAL B 218 -13.52 -3.07 25.91
CA VAL B 218 -12.65 -4.21 26.15
C VAL B 218 -13.45 -5.42 26.58
N VAL B 219 -12.91 -6.60 26.26
CA VAL B 219 -13.54 -7.81 26.72
C VAL B 219 -13.32 -7.92 28.24
N GLY B 220 -14.40 -8.09 29.00
CA GLY B 220 -14.22 -8.20 30.43
C GLY B 220 -14.55 -6.93 31.21
N GLY B 221 -14.86 -5.82 30.55
CA GLY B 221 -15.26 -4.60 31.30
C GLY B 221 -15.30 -3.37 30.43
N VAL B 222 -14.89 -2.21 30.95
CA VAL B 222 -14.71 -1.00 30.14
C VAL B 222 -13.29 -0.53 30.33
N PRO B 223 -12.71 0.13 29.29
CA PRO B 223 -11.29 0.50 29.44
C PRO B 223 -11.13 1.72 30.37
N SER B 224 -12.18 2.50 30.59
CA SER B 224 -12.03 3.74 31.38
C SER B 224 -12.06 3.48 32.89
N PRO B 225 -10.94 3.68 33.60
CA PRO B 225 -11.00 3.36 35.02
C PRO B 225 -11.60 4.51 35.82
N ILE B 226 -11.95 4.24 37.08
CA ILE B 226 -12.56 5.23 37.97
C ILE B 226 -11.57 5.43 39.10
N ASP B 227 -11.16 6.67 39.31
CA ASP B 227 -10.33 6.98 40.50
C ASP B 227 -10.58 8.44 40.80
N LEU B 228 -11.27 8.68 41.88
CA LEU B 228 -11.68 10.03 42.22
C LEU B 228 -10.49 10.95 42.48
N ASP B 229 -9.33 10.34 42.79
CA ASP B 229 -8.17 11.14 43.18
C ASP B 229 -7.13 11.21 42.10
N SER B 230 -7.56 11.00 40.85
CA SER B 230 -6.60 10.94 39.79
C SER B 230 -6.87 11.99 38.72
N ASP B 231 -5.78 12.44 38.10
CA ASP B 231 -5.83 13.30 36.94
C ASP B 231 -6.07 12.57 35.65
N SER B 232 -6.17 11.24 35.66
CA SER B 232 -6.24 10.47 34.39
C SER B 232 -7.28 9.35 34.43
N ALA B 233 -8.33 9.56 35.22
CA ALA B 233 -9.40 8.57 35.40
C ALA B 233 -10.73 9.32 35.55
N LEU B 234 -11.82 8.58 35.52
CA LEU B 234 -13.13 9.19 35.78
C LEU B 234 -13.16 9.61 37.23
N ASN B 235 -13.47 10.88 37.48
CA ASN B 235 -13.43 11.48 38.81
C ASN B 235 -14.66 12.42 38.91
N ALA B 236 -14.78 13.21 39.98
CA ALA B 236 -16.01 14.02 40.18
C ALA B 236 -16.23 15.03 39.04
N LYS B 237 -15.15 15.64 38.57
CA LYS B 237 -15.18 16.54 37.44
C LYS B 237 -15.71 15.87 36.19
N ARG B 238 -15.14 14.72 35.82
CA ARG B 238 -15.69 14.04 34.60
C ARG B 238 -17.16 13.59 34.81
N LEU B 239 -17.47 13.15 36.01
CA LEU B 239 -18.82 12.69 36.26
C LEU B 239 -19.85 13.84 36.21
N ALA B 240 -19.42 15.06 36.57
CA ALA B 240 -20.30 16.24 36.50
C ALA B 240 -20.63 16.54 35.06
N GLU B 241 -19.63 16.44 34.17
CA GLU B 241 -19.92 16.65 32.72
C GLU B 241 -20.91 15.59 32.19
N VAL B 242 -20.77 14.35 32.63
CA VAL B 242 -21.66 13.31 32.16
C VAL B 242 -23.09 13.65 32.61
N ARG B 243 -23.22 14.13 33.85
CA ARG B 243 -24.55 14.46 34.33
C ARG B 243 -25.23 15.53 33.47
N ASN B 244 -24.50 16.57 33.11
CA ASN B 244 -25.10 17.63 32.28
C ASN B 244 -25.52 17.10 30.90
N LEU B 245 -24.71 16.21 30.33
CA LEU B 245 -25.07 15.66 28.99
C LEU B 245 -26.40 14.86 29.05
N ILE B 246 -26.65 14.13 30.13
CA ILE B 246 -27.90 13.32 30.22
C ILE B 246 -29.13 14.23 30.25
N GLN B 247 -29.02 15.33 30.99
CA GLN B 247 -30.03 16.35 31.04
C GLN B 247 -30.32 17.02 29.69
N SER B 248 -29.29 17.42 28.92
CA SER B 248 -29.63 17.87 27.57
C SER B 248 -30.21 16.84 26.64
N MET B 249 -29.87 15.58 26.82
CA MET B 249 -30.56 14.51 26.08
C MET B 249 -32.03 14.45 26.43
N ARG B 250 -32.35 14.46 27.73
CA ARG B 250 -33.72 14.41 28.19
C ARG B 250 -34.53 15.58 27.61
N THR B 251 -33.98 16.78 27.72
CA THR B 251 -34.72 17.95 27.31
C THR B 251 -35.01 17.89 25.81
N PHE B 252 -34.04 17.48 25.01
CA PHE B 252 -34.24 17.53 23.52
C PHE B 252 -35.29 16.50 23.11
N VAL B 253 -35.25 15.33 23.75
CA VAL B 253 -36.26 14.29 23.45
C VAL B 253 -37.65 14.74 23.87
N ASP B 254 -37.79 15.21 25.12
CA ASP B 254 -39.11 15.58 25.63
C ASP B 254 -39.71 16.76 24.85
N GLN B 255 -38.89 17.75 24.52
CA GLN B 255 -39.41 19.02 24.10
C GLN B 255 -39.30 19.20 22.59
N VAL B 256 -38.40 18.49 21.91
CA VAL B 256 -38.31 18.73 20.47
C VAL B 256 -38.76 17.47 19.67
N TYR B 257 -38.05 16.36 19.83
CA TYR B 257 -38.27 15.17 19.01
C TYR B 257 -39.71 14.58 19.22
N VAL B 258 -40.09 14.23 20.45
CA VAL B 258 -41.35 13.56 20.62
C VAL B 258 -42.54 14.47 20.20
N PRO B 259 -42.60 15.76 20.66
CA PRO B 259 -43.78 16.54 20.25
C PRO B 259 -43.85 16.77 18.70
N ASP B 260 -42.70 16.89 18.04
CA ASP B 260 -42.68 17.06 16.56
C ASP B 260 -43.18 15.81 15.90
N THR B 261 -42.77 14.65 16.40
CA THR B 261 -43.26 13.37 15.80
C THR B 261 -44.80 13.30 15.90
N LEU B 262 -45.33 13.64 17.07
CA LEU B 262 -46.77 13.58 17.27
C LEU B 262 -47.54 14.60 16.44
N ALA B 263 -47.09 15.87 16.41
CA ALA B 263 -47.75 16.92 15.62
C ALA B 263 -47.74 16.52 14.12
N ILE B 264 -46.59 16.04 13.62
CA ILE B 264 -46.49 15.64 12.18
C ILE B 264 -47.37 14.41 11.85
N ALA B 265 -47.40 13.43 12.76
CA ALA B 265 -48.24 12.25 12.58
C ALA B 265 -49.72 12.57 12.32
N GLY B 266 -50.25 13.62 12.98
CA GLY B 266 -51.65 13.98 12.88
C GLY B 266 -52.07 14.24 11.43
N PHE B 267 -51.11 14.62 10.55
CA PHE B 267 -51.43 14.90 9.13
C PHE B 267 -51.24 13.67 8.23
N TYR B 268 -50.79 12.56 8.80
CA TYR B 268 -50.42 11.38 8.00
C TYR B 268 -50.99 10.05 8.57
N LYS B 269 -52.20 10.11 9.09
CA LYS B 269 -52.79 9.06 9.90
C LYS B 269 -53.06 7.90 8.98
N ASP B 270 -53.32 8.14 7.70
CA ASP B 270 -53.50 7.04 6.73
C ASP B 270 -52.18 6.21 6.55
N TRP B 271 -51.03 6.75 6.97
CA TRP B 271 -49.76 5.98 6.93
C TRP B 271 -49.74 5.02 8.09
N GLY B 272 -50.80 5.08 8.90
CA GLY B 272 -51.01 4.06 9.93
C GLY B 272 -51.74 2.87 9.34
N GLU B 273 -51.92 2.83 8.02
CA GLU B 273 -52.68 1.73 7.41
C GLU B 273 -51.89 1.03 6.35
N ARG B 274 -50.60 1.35 6.24
CA ARG B 274 -49.79 0.66 5.26
C ARG B 274 -48.42 0.38 5.84
N GLY B 275 -47.66 -0.49 5.19
CA GLY B 275 -46.20 -0.58 5.41
C GLY B 275 -45.82 -1.56 6.53
N GLU B 276 -46.66 -2.57 6.76
CA GLU B 276 -46.27 -3.65 7.68
C GLU B 276 -46.89 -4.98 7.22
N GLY B 277 -46.11 -5.79 6.50
CA GLY B 277 -46.75 -6.94 5.84
C GLY B 277 -46.39 -8.31 6.39
N LEU B 278 -45.82 -8.35 7.59
CA LEU B 278 -45.34 -9.64 8.18
C LEU B 278 -46.16 -10.05 9.39
N GLY B 279 -46.36 -9.11 10.32
CA GLY B 279 -47.06 -9.44 11.55
C GLY B 279 -46.23 -10.20 12.61
N ASN B 280 -44.94 -10.46 12.36
CA ASN B 280 -44.07 -11.21 13.31
C ASN B 280 -42.92 -10.30 13.72
N PHE B 281 -42.55 -10.31 15.01
CA PHE B 281 -41.55 -9.37 15.55
C PHE B 281 -40.60 -10.13 16.46
N LEU B 282 -39.32 -9.77 16.43
CA LEU B 282 -38.36 -10.50 17.22
C LEU B 282 -37.49 -9.52 18.03
N CYS B 283 -37.30 -9.86 19.32
CA CYS B 283 -36.37 -9.17 20.21
C CYS B 283 -35.47 -10.16 20.92
N TYR B 284 -34.18 -9.83 21.03
CA TYR B 284 -33.32 -10.55 21.94
C TYR B 284 -33.34 -9.93 23.33
N GLY B 285 -33.79 -8.67 23.43
CA GLY B 285 -33.80 -7.98 24.73
C GLY B 285 -32.42 -7.40 25.09
N ASP B 286 -32.39 -6.48 26.07
CA ASP B 286 -31.14 -5.82 26.44
C ASP B 286 -31.33 -4.97 27.70
N LEU B 287 -30.22 -4.44 28.22
CA LEU B 287 -30.21 -3.41 29.24
C LEU B 287 -30.57 -3.96 30.63
N PRO B 288 -29.65 -4.77 31.19
CA PRO B 288 -29.90 -5.37 32.52
C PRO B 288 -29.76 -4.34 33.66
N THR B 289 -30.52 -4.48 34.75
CA THR B 289 -30.46 -3.61 35.92
C THR B 289 -29.15 -3.81 36.73
N GLY B 290 -28.56 -4.98 36.60
CA GLY B 290 -27.41 -5.35 37.42
C GLY B 290 -26.23 -5.84 36.60
N ALA B 291 -25.24 -6.41 37.28
CA ALA B 291 -23.94 -6.74 36.68
C ALA B 291 -24.13 -7.87 35.69
N SER B 292 -24.95 -8.85 36.06
CA SER B 292 -25.10 -10.01 35.18
C SER B 292 -26.08 -9.77 33.99
N LEU B 293 -25.76 -10.35 32.82
CA LEU B 293 -26.54 -10.11 31.60
C LEU B 293 -27.75 -11.07 31.61
N ASP B 294 -28.63 -10.88 32.58
CA ASP B 294 -29.67 -11.83 32.88
C ASP B 294 -30.96 -11.32 32.23
N PRO B 295 -31.51 -12.07 31.26
CA PRO B 295 -32.71 -11.60 30.54
C PRO B 295 -33.86 -11.29 31.45
N ALA B 296 -33.95 -11.92 32.64
CA ALA B 296 -35.06 -11.58 33.57
C ALA B 296 -34.99 -10.12 34.07
N THR B 297 -33.84 -9.48 33.98
CA THR B 297 -33.68 -8.11 34.52
C THR B 297 -33.67 -7.05 33.40
N PHE B 298 -33.90 -7.48 32.15
CA PHE B 298 -33.74 -6.59 30.99
C PHE B 298 -34.78 -5.46 31.03
N LEU B 299 -34.39 -4.26 30.64
CA LEU B 299 -35.39 -3.25 30.30
C LEU B 299 -36.20 -3.65 29.01
N PHE B 300 -35.53 -4.09 27.97
CA PHE B 300 -36.23 -4.59 26.79
C PHE B 300 -36.28 -6.11 26.89
N PRO B 301 -37.48 -6.71 26.89
CA PRO B 301 -37.55 -8.14 27.11
C PRO B 301 -37.21 -8.93 25.85
N ARG B 302 -36.75 -10.17 26.06
CA ARG B 302 -36.53 -11.13 24.99
C ARG B 302 -37.85 -11.80 24.63
N GLY B 303 -38.09 -12.00 23.34
CA GLY B 303 -39.24 -12.79 22.91
C GLY B 303 -39.62 -12.51 21.46
N ALA B 304 -40.65 -13.20 21.01
CA ALA B 304 -41.11 -13.11 19.65
C ALA B 304 -42.64 -13.04 19.68
N ILE B 305 -43.19 -12.26 18.76
CA ILE B 305 -44.63 -12.15 18.57
C ILE B 305 -44.89 -12.67 17.19
N LEU B 306 -45.94 -13.49 17.07
CA LEU B 306 -46.30 -14.02 15.77
C LEU B 306 -47.70 -13.58 15.45
N ASP B 307 -47.92 -13.22 14.18
CA ASP B 307 -49.29 -13.04 13.68
C ASP B 307 -50.03 -11.93 14.48
N ARG B 308 -49.30 -10.90 14.92
CA ARG B 308 -49.87 -9.70 15.61
C ARG B 308 -50.62 -10.07 16.89
N ASP B 309 -50.25 -11.19 17.49
CA ASP B 309 -50.97 -11.66 18.66
C ASP B 309 -50.19 -11.23 19.91
N LEU B 310 -50.67 -10.22 20.60
CA LEU B 310 -49.91 -9.71 21.74
C LEU B 310 -50.19 -10.55 23.00
N SER B 311 -51.00 -11.60 22.91
CA SER B 311 -51.31 -12.33 24.15
C SER B 311 -50.30 -13.45 24.44
N THR B 312 -49.41 -13.78 23.48
CA THR B 312 -48.42 -14.87 23.65
C THR B 312 -47.02 -14.42 23.23
N ILE B 313 -46.06 -14.45 24.14
CA ILE B 313 -44.71 -14.07 23.79
C ILE B 313 -44.03 -15.40 23.63
N HIS B 314 -43.54 -15.71 22.45
CA HIS B 314 -42.79 -16.97 22.26
C HIS B 314 -41.35 -16.81 22.70
N GLU B 315 -40.77 -17.84 23.29
CA GLU B 315 -39.39 -17.80 23.77
C GLU B 315 -38.42 -17.89 22.62
N VAL B 316 -37.25 -17.28 22.81
CA VAL B 316 -36.22 -17.20 21.82
C VAL B 316 -35.01 -17.90 22.41
N ASP B 317 -34.43 -18.79 21.60
CA ASP B 317 -33.21 -19.51 21.93
C ASP B 317 -32.17 -19.22 20.81
N LEU B 318 -31.13 -18.48 21.21
CA LEU B 318 -30.04 -18.08 20.34
C LEU B 318 -29.13 -19.20 19.87
N GLU B 319 -29.27 -20.36 20.50
CA GLU B 319 -28.36 -21.44 20.19
C GLU B 319 -28.96 -22.68 19.52
N ALA B 320 -30.28 -22.77 19.47
CA ALA B 320 -30.99 -23.87 18.82
C ALA B 320 -30.75 -23.75 17.31
N THR B 321 -30.17 -24.79 16.68
CA THR B 321 -29.66 -24.70 15.32
C THR B 321 -30.80 -24.74 14.32
N GLY B 322 -31.98 -25.12 14.76
CA GLY B 322 -33.18 -25.04 13.91
C GLY B 322 -33.98 -23.77 14.11
N GLU B 323 -33.47 -22.84 14.90
CA GLU B 323 -34.32 -21.71 15.17
C GLU B 323 -33.95 -20.44 14.33
N ILE B 324 -32.84 -19.82 14.65
CA ILE B 324 -32.31 -18.71 13.81
C ILE B 324 -31.42 -19.31 12.73
N GLN B 325 -31.78 -19.07 11.47
CA GLN B 325 -30.95 -19.54 10.37
C GLN B 325 -30.88 -18.50 9.31
N GLU B 326 -29.80 -18.50 8.54
CA GLU B 326 -29.74 -17.58 7.41
C GLU B 326 -29.74 -18.36 6.13
N PHE B 327 -30.55 -17.87 5.19
CA PHE B 327 -30.74 -18.52 3.89
C PHE B 327 -30.12 -17.65 2.82
N VAL B 328 -29.78 -18.30 1.70
CA VAL B 328 -29.13 -17.63 0.59
C VAL B 328 -29.79 -18.00 -0.75
N ASN B 329 -31.03 -18.48 -0.72
CA ASN B 329 -31.72 -18.87 -1.97
C ASN B 329 -31.77 -17.68 -2.93
N HIS B 330 -31.77 -16.43 -2.42
CA HIS B 330 -31.78 -15.23 -3.29
C HIS B 330 -30.69 -14.21 -2.92
N SER B 331 -29.52 -14.73 -2.50
CA SER B 331 -28.38 -13.91 -2.04
C SER B 331 -27.15 -14.38 -2.80
N TRP B 332 -26.17 -13.48 -2.93
CA TRP B 332 -24.97 -13.73 -3.71
C TRP B 332 -23.88 -14.48 -2.95
N TYR B 333 -24.21 -15.68 -2.46
CA TYR B 333 -23.35 -16.46 -1.60
C TYR B 333 -23.44 -17.93 -2.05
N GLU B 334 -22.41 -18.66 -1.68
CA GLU B 334 -22.37 -20.11 -1.90
C GLU B 334 -22.26 -20.82 -0.53
N TYR B 335 -23.13 -21.81 -0.30
CA TYR B 335 -23.05 -22.66 0.88
C TYR B 335 -22.57 -24.04 0.43
N SER B 336 -21.56 -24.57 1.10
CA SER B 336 -21.07 -25.91 0.82
C SER B 336 -22.11 -26.96 1.14
N VAL B 337 -23.10 -26.66 1.99
CA VAL B 337 -24.14 -27.67 2.25
C VAL B 337 -25.25 -27.61 1.19
N GLY B 338 -25.17 -26.67 0.25
CA GLY B 338 -26.26 -26.51 -0.73
C GLY B 338 -26.97 -25.19 -0.50
N ASN B 339 -27.22 -24.46 -1.60
CA ASN B 339 -27.73 -23.08 -1.55
C ASN B 339 -29.18 -22.93 -1.20
N ASP B 340 -29.81 -24.06 -0.95
CA ASP B 340 -31.20 -24.08 -0.48
C ASP B 340 -31.30 -24.33 1.05
N ARG B 341 -30.20 -24.59 1.74
CA ARG B 341 -30.23 -24.86 3.16
C ARG B 341 -30.08 -23.59 3.98
N GLY B 342 -30.62 -23.59 5.20
CA GLY B 342 -30.48 -22.45 6.10
C GLY B 342 -29.33 -22.81 7.03
N LEU B 343 -28.44 -21.86 7.37
CA LEU B 343 -27.38 -22.15 8.37
C LEU B 343 -27.61 -21.37 9.64
N HIS B 344 -27.59 -22.06 10.80
CA HIS B 344 -27.49 -21.38 12.10
C HIS B 344 -26.12 -20.68 12.16
N PRO B 345 -26.01 -19.50 12.81
CA PRO B 345 -24.76 -18.71 12.73
C PRO B 345 -23.52 -19.37 13.34
N TYR B 346 -23.65 -20.33 14.26
CA TYR B 346 -22.44 -21.04 14.66
C TYR B 346 -21.83 -21.81 13.52
N GLU B 347 -22.65 -22.10 12.50
CA GLU B 347 -22.19 -22.86 11.33
C GLU B 347 -22.29 -22.00 10.04
N GLY B 348 -22.33 -20.69 10.23
CA GLY B 348 -22.56 -19.75 9.10
C GLY B 348 -21.42 -19.84 8.14
N GLN B 349 -21.65 -19.43 6.91
CA GLN B 349 -20.57 -19.42 5.90
C GLN B 349 -20.74 -18.16 5.10
N THR B 350 -19.61 -17.54 4.71
CA THR B 350 -19.65 -16.26 4.00
C THR B 350 -18.67 -16.40 2.81
N ASN B 351 -19.16 -17.10 1.78
CA ASN B 351 -18.37 -17.31 0.56
C ASN B 351 -19.04 -16.48 -0.55
N LEU B 352 -18.40 -15.40 -0.96
CA LEU B 352 -19.04 -14.41 -1.87
C LEU B 352 -19.16 -14.99 -3.27
N GLU B 353 -20.34 -14.94 -3.87
CA GLU B 353 -20.50 -15.49 -5.22
C GLU B 353 -21.52 -14.69 -6.04
N TYR B 354 -21.03 -13.66 -6.70
CA TYR B 354 -21.88 -12.80 -7.49
C TYR B 354 -22.29 -13.48 -8.81
N ASP B 355 -21.30 -13.92 -9.59
CA ASP B 355 -21.54 -14.39 -10.96
C ASP B 355 -22.42 -15.63 -10.96
N ARG B 356 -22.03 -16.63 -10.19
CA ARG B 356 -22.71 -17.92 -10.26
C ARG B 356 -24.07 -17.89 -9.61
N ARG B 357 -24.36 -16.83 -8.87
CA ARG B 357 -25.68 -16.71 -8.26
C ARG B 357 -26.53 -15.71 -9.02
N GLY B 358 -26.12 -15.35 -10.23
CA GLY B 358 -26.98 -14.53 -11.10
C GLY B 358 -26.78 -13.04 -10.95
N GLY B 359 -25.75 -12.61 -10.21
CA GLY B 359 -25.45 -11.17 -10.11
C GLY B 359 -25.25 -10.60 -11.54
N VAL B 360 -25.87 -9.46 -11.86
CA VAL B 360 -25.81 -8.89 -13.24
C VAL B 360 -24.59 -7.99 -13.43
N ALA B 361 -23.88 -8.16 -14.56
CA ALA B 361 -22.61 -7.41 -14.77
C ALA B 361 -22.95 -5.93 -14.99
N PRO B 362 -22.33 -4.99 -14.24
CA PRO B 362 -22.47 -3.56 -14.50
C PRO B 362 -21.96 -3.23 -15.88
N PRO B 363 -22.53 -2.22 -16.56
CA PRO B 363 -23.64 -1.36 -16.17
C PRO B 363 -24.97 -2.14 -16.38
N TYR B 364 -25.88 -2.17 -15.41
CA TYR B 364 -27.14 -2.84 -15.66
C TYR B 364 -28.29 -1.94 -15.26
N LYS B 365 -29.48 -2.23 -15.79
CA LYS B 365 -30.69 -1.46 -15.50
C LYS B 365 -31.67 -2.25 -14.62
N GLN B 366 -31.53 -3.57 -14.58
CA GLN B 366 -32.46 -4.43 -13.80
C GLN B 366 -31.67 -5.53 -13.11
N LEU B 367 -32.00 -5.83 -11.86
CA LEU B 367 -31.55 -7.09 -11.28
C LEU B 367 -32.16 -8.31 -11.97
N ASP B 368 -31.57 -9.47 -11.76
CA ASP B 368 -32.27 -10.68 -12.09
C ASP B 368 -32.65 -11.30 -10.73
N VAL B 369 -33.94 -11.41 -10.51
CA VAL B 369 -34.48 -11.70 -9.24
C VAL B 369 -34.86 -13.20 -9.17
N SER B 370 -34.55 -13.96 -10.22
CA SER B 370 -34.90 -15.38 -10.22
C SER B 370 -33.94 -16.13 -9.32
N ASP B 371 -32.72 -15.62 -9.10
CA ASP B 371 -31.79 -16.29 -8.14
C ASP B 371 -31.24 -15.23 -7.13
N GLY B 372 -29.93 -15.13 -6.94
CA GLY B 372 -29.40 -14.10 -6.02
C GLY B 372 -29.70 -12.70 -6.54
N TYR B 373 -30.17 -11.82 -5.66
CA TYR B 373 -30.38 -10.43 -6.06
C TYR B 373 -29.95 -9.42 -4.99
N SER B 374 -29.13 -9.89 -4.02
CA SER B 374 -28.72 -9.07 -2.93
C SER B 374 -27.46 -9.59 -2.24
N TRP B 375 -26.69 -8.68 -1.63
CA TRP B 375 -25.58 -9.04 -0.79
C TRP B 375 -26.05 -9.33 0.61
N LEU B 376 -27.34 -9.14 0.90
CA LEU B 376 -27.87 -9.55 2.23
C LEU B 376 -28.24 -11.02 2.24
N LYS B 377 -27.78 -11.75 3.26
CA LYS B 377 -28.39 -13.05 3.60
C LYS B 377 -29.86 -12.85 4.04
N ALA B 378 -30.66 -13.94 4.03
CA ALA B 378 -32.05 -13.91 4.47
C ALA B 378 -32.29 -14.63 5.81
N PRO B 379 -32.28 -13.88 6.93
CA PRO B 379 -32.41 -14.52 8.23
C PRO B 379 -33.89 -14.86 8.42
N ARG B 380 -34.15 -15.99 9.04
CA ARG B 380 -35.53 -16.42 9.33
C ARG B 380 -35.55 -16.95 10.77
N TRP B 381 -36.69 -16.83 11.45
CA TRP B 381 -36.81 -17.32 12.81
C TRP B 381 -37.79 -18.47 12.75
N LYS B 382 -37.30 -19.70 12.96
CA LYS B 382 -38.15 -20.91 12.78
C LYS B 382 -38.89 -20.89 11.42
N GLY B 383 -38.19 -20.52 10.35
CA GLY B 383 -38.83 -20.40 9.04
C GLY B 383 -39.64 -19.12 8.75
N ARG B 384 -39.88 -18.24 9.71
CA ARG B 384 -40.66 -17.03 9.49
C ARG B 384 -39.78 -15.84 9.23
N SER B 385 -40.24 -15.00 8.32
CA SER B 385 -39.82 -13.62 8.18
C SER B 385 -40.32 -12.85 9.35
N VAL B 386 -39.44 -12.03 9.97
CA VAL B 386 -39.83 -11.25 11.09
C VAL B 386 -39.33 -9.80 10.91
N GLU B 387 -39.89 -8.89 11.71
CA GLU B 387 -39.42 -7.51 11.74
C GLU B 387 -38.70 -7.29 13.09
N VAL B 388 -37.57 -6.57 13.08
CA VAL B 388 -36.94 -6.23 14.34
C VAL B 388 -36.87 -4.70 14.44
N GLY B 389 -36.56 -4.19 15.62
CA GLY B 389 -36.29 -2.75 15.70
C GLY B 389 -37.30 -2.13 16.67
N PRO B 390 -37.44 -0.79 16.61
CA PRO B 390 -38.28 -0.12 17.60
C PRO B 390 -39.70 -0.64 17.68
N LEU B 391 -40.34 -0.95 16.55
CA LEU B 391 -41.73 -1.43 16.59
C LEU B 391 -41.81 -2.79 17.35
N ALA B 392 -40.85 -3.67 17.08
CA ALA B 392 -40.80 -4.99 17.77
C ALA B 392 -40.64 -4.78 19.25
N ARG B 393 -39.82 -3.79 19.65
CA ARG B 393 -39.54 -3.58 21.07
C ARG B 393 -40.75 -3.00 21.75
N VAL B 394 -41.36 -2.03 21.09
CA VAL B 394 -42.50 -1.35 21.73
C VAL B 394 -43.66 -2.33 21.82
N LEU B 395 -43.86 -3.14 20.81
CA LEU B 395 -44.86 -4.22 20.94
C LEU B 395 -44.55 -5.18 22.10
N MET B 396 -43.28 -5.57 22.25
CA MET B 396 -42.88 -6.48 23.32
C MET B 396 -43.09 -5.85 24.70
N LEU B 397 -42.78 -4.56 24.84
CA LEU B 397 -42.99 -3.86 26.07
C LEU B 397 -44.46 -3.78 26.37
N TYR B 398 -45.25 -3.46 25.34
CA TYR B 398 -46.68 -3.35 25.54
C TYR B 398 -47.25 -4.69 25.98
N ALA B 399 -46.89 -5.73 25.24
CA ALA B 399 -47.43 -7.05 25.49
C ALA B 399 -47.09 -7.53 26.90
N THR B 400 -45.93 -7.14 27.43
CA THR B 400 -45.47 -7.68 28.73
C THR B 400 -45.84 -6.74 29.88
N GLY B 401 -46.70 -5.75 29.63
CA GLY B 401 -47.17 -4.95 30.75
C GLY B 401 -46.20 -3.88 31.28
N HIS B 402 -45.25 -3.41 30.46
CA HIS B 402 -44.39 -2.28 30.88
C HIS B 402 -45.25 -1.03 31.03
N ASP B 403 -45.28 -0.44 32.24
CA ASP B 403 -46.31 0.57 32.52
C ASP B 403 -46.11 1.83 31.70
N GLN B 404 -44.89 2.33 31.66
CA GLN B 404 -44.66 3.55 30.94
C GLN B 404 -44.93 3.36 29.42
N ALA B 405 -44.47 2.22 28.86
CA ALA B 405 -44.72 1.95 27.43
C ALA B 405 -46.20 1.89 27.14
N ARG B 406 -46.97 1.29 28.04
CA ARG B 406 -48.38 1.16 27.84
C ARG B 406 -49.00 2.58 27.84
N GLU B 407 -48.60 3.42 28.78
CA GLU B 407 -49.11 4.78 28.90
C GLU B 407 -48.78 5.58 27.64
N LEU B 408 -47.55 5.47 27.17
CA LEU B 408 -47.15 6.25 26.01
C LEU B 408 -47.87 5.76 24.77
N VAL B 409 -47.96 4.44 24.57
CA VAL B 409 -48.64 3.90 23.41
C VAL B 409 -50.15 4.31 23.44
N ASP B 410 -50.80 4.06 24.58
CA ASP B 410 -52.21 4.49 24.75
C ASP B 410 -52.44 5.98 24.58
N SER B 411 -51.62 6.83 25.18
CA SER B 411 -51.84 8.26 25.00
C SER B 411 -51.50 8.72 23.55
N THR B 412 -50.52 8.07 22.90
CA THR B 412 -50.28 8.39 21.51
C THR B 412 -51.46 8.02 20.62
N LEU B 413 -51.96 6.79 20.76
CA LEU B 413 -53.05 6.33 19.87
C LEU B 413 -54.30 7.16 20.14
N SER B 414 -54.49 7.46 21.42
CA SER B 414 -55.62 8.26 21.75
C SER B 414 -55.55 9.73 21.16
N ARG B 415 -54.39 10.37 21.23
CA ARG B 415 -54.23 11.69 20.64
C ARG B 415 -54.53 11.66 19.15
N LEU B 416 -54.09 10.61 18.45
CA LEU B 416 -54.23 10.50 17.00
C LEU B 416 -55.58 9.99 16.63
N ASP B 417 -56.33 9.53 17.63
CA ASP B 417 -57.58 8.81 17.47
C ASP B 417 -57.39 7.57 16.59
N LEU B 418 -56.43 6.70 16.91
CA LEU B 418 -56.19 5.54 16.07
C LEU B 418 -56.36 4.27 16.92
N PRO B 419 -56.67 3.16 16.28
CA PRO B 419 -56.81 1.91 17.02
C PRO B 419 -55.41 1.21 17.14
N VAL B 420 -55.33 0.21 17.99
CA VAL B 420 -54.08 -0.50 18.25
C VAL B 420 -53.51 -1.06 16.95
N ASP B 421 -54.36 -1.43 16.03
CA ASP B 421 -53.77 -1.94 14.82
C ASP B 421 -53.06 -0.92 13.90
N ALA B 422 -53.21 0.38 14.12
CA ALA B 422 -52.36 1.37 13.45
C ALA B 422 -50.89 1.31 13.91
N LEU B 423 -50.57 0.60 14.98
CA LEU B 423 -49.15 0.38 15.31
C LEU B 423 -48.43 -0.39 14.21
N TYR B 424 -49.16 -1.30 13.56
CA TYR B 424 -48.57 -2.19 12.54
C TYR B 424 -48.49 -1.50 11.19
N SER B 425 -47.57 -0.54 11.08
CA SER B 425 -47.60 0.36 9.95
C SER B 425 -46.34 1.22 9.91
N THR B 426 -46.12 1.91 8.82
CA THR B 426 -45.05 2.85 8.67
C THR B 426 -45.17 3.96 9.74
N LEU B 427 -46.39 4.46 9.96
CA LEU B 427 -46.55 5.46 11.01
C LEU B 427 -46.20 4.87 12.38
N GLY B 428 -46.74 3.69 12.70
CA GLY B 428 -46.55 3.16 14.04
C GLY B 428 -45.05 2.90 14.32
N ARG B 429 -44.31 2.50 13.30
CA ARG B 429 -42.89 2.19 13.44
C ARG B 429 -42.16 3.50 13.78
N THR B 430 -42.52 4.57 13.07
CA THR B 430 -41.86 5.85 13.20
C THR B 430 -42.23 6.38 14.59
N ALA B 431 -43.49 6.25 14.97
CA ALA B 431 -43.90 6.63 16.33
C ALA B 431 -43.15 5.76 17.39
N ALA B 432 -43.03 4.44 17.19
CA ALA B 432 -42.37 3.59 18.18
C ALA B 432 -40.92 4.08 18.46
N ARG B 433 -40.21 4.42 17.39
CA ARG B 433 -38.85 4.95 17.53
C ARG B 433 -38.79 6.16 18.52
N ALA B 434 -39.72 7.09 18.39
CA ALA B 434 -39.74 8.26 19.27
C ALA B 434 -40.11 7.84 20.71
N LEU B 435 -41.13 7.01 20.89
CA LEU B 435 -41.58 6.57 22.23
C LEU B 435 -40.48 5.82 22.98
N GLU B 436 -39.75 4.93 22.30
CA GLU B 436 -38.74 4.17 23.02
C GLU B 436 -37.58 5.08 23.36
N SER B 437 -37.35 6.13 22.58
CA SER B 437 -36.38 7.21 23.00
C SER B 437 -36.73 7.87 24.32
N LYS B 438 -38.02 8.13 24.53
CA LYS B 438 -38.47 8.68 25.81
C LYS B 438 -38.25 7.66 26.94
N ILE B 439 -38.50 6.40 26.66
CA ILE B 439 -38.33 5.40 27.73
C ILE B 439 -36.83 5.34 28.09
N LEU B 440 -35.94 5.39 27.09
CA LEU B 440 -34.51 5.19 27.35
C LEU B 440 -33.94 6.42 28.04
N VAL B 441 -34.37 7.59 27.60
CA VAL B 441 -33.83 8.79 28.20
C VAL B 441 -34.20 8.92 29.69
N ASP B 442 -35.41 8.50 30.10
CA ASP B 442 -35.76 8.42 31.51
C ASP B 442 -34.93 7.38 32.24
N ALA B 443 -34.57 6.26 31.60
CA ALA B 443 -33.79 5.24 32.30
C ALA B 443 -32.32 5.66 32.63
N MET B 444 -31.78 6.59 31.82
CA MET B 444 -30.39 7.02 31.93
C MET B 444 -30.08 7.51 33.31
N GLN B 445 -30.99 8.28 33.94
CA GLN B 445 -30.77 8.84 35.26
C GLN B 445 -30.58 7.70 36.27
N GLY B 446 -31.32 6.61 36.11
CA GLY B 446 -31.26 5.52 37.10
C GLY B 446 -29.90 4.85 37.00
N TRP B 447 -29.36 4.70 35.79
CA TRP B 447 -28.08 3.98 35.69
C TRP B 447 -26.93 4.88 36.16
N TYR B 448 -27.03 6.16 35.84
CA TYR B 448 -26.04 7.14 36.32
C TYR B 448 -25.99 7.18 37.88
N ASP B 449 -27.16 7.32 38.49
CA ASP B 449 -27.23 7.36 39.94
C ASP B 449 -26.70 6.06 40.51
N GLY B 450 -26.97 4.95 39.84
CA GLY B 450 -26.52 3.66 40.38
C GLY B 450 -25.00 3.53 40.28
N LEU B 451 -24.42 4.13 39.23
CA LEU B 451 -22.93 4.21 39.08
C LEU B 451 -22.32 5.06 40.21
N ILE B 452 -22.85 6.25 40.43
CA ILE B 452 -22.35 7.13 41.49
C ILE B 452 -22.46 6.42 42.86
N ALA B 453 -23.60 5.74 43.10
CA ALA B 453 -23.79 5.11 44.42
C ALA B 453 -22.82 3.99 44.58
N ASN B 454 -22.56 3.25 43.49
CA ASN B 454 -21.68 2.12 43.59
C ASN B 454 -20.25 2.60 43.86
N VAL B 455 -19.84 3.66 43.16
CA VAL B 455 -18.52 4.23 43.37
C VAL B 455 -18.38 4.80 44.80
N LYS B 456 -19.37 5.59 45.23
CA LYS B 456 -19.45 6.12 46.58
C LYS B 456 -19.34 5.01 47.69
N SER B 457 -19.90 3.83 47.46
CA SER B 457 -19.83 2.79 48.48
C SER B 457 -18.46 2.04 48.48
N GLY B 458 -17.54 2.44 47.59
CA GLY B 458 -16.19 1.84 47.56
C GLY B 458 -15.86 0.85 46.43
N ASP B 459 -16.79 0.53 45.50
CA ASP B 459 -16.48 -0.36 44.38
C ASP B 459 -16.09 0.49 43.16
N THR B 460 -14.79 0.57 42.88
CA THR B 460 -14.36 1.35 41.72
C THR B 460 -13.81 0.41 40.64
N LYS B 461 -14.11 -0.88 40.75
CA LYS B 461 -13.65 -1.80 39.76
C LYS B 461 -14.37 -1.60 38.38
N THR B 462 -13.63 -1.72 37.26
CA THR B 462 -14.22 -1.55 35.93
C THR B 462 -13.80 -2.67 34.97
N PHE B 463 -12.97 -3.60 35.43
CA PHE B 463 -12.44 -4.62 34.50
C PHE B 463 -12.12 -5.91 35.21
N ASN B 464 -12.68 -7.01 34.69
CA ASN B 464 -12.45 -8.33 35.25
C ASN B 464 -11.25 -8.87 34.42
N GLU B 465 -10.05 -8.89 35.01
CA GLU B 465 -8.87 -9.36 34.30
C GLU B 465 -8.68 -10.87 34.25
N THR B 466 -9.53 -11.62 34.95
CA THR B 466 -9.13 -12.99 35.30
C THR B 466 -8.90 -13.90 34.02
N LEU B 467 -9.70 -13.68 32.97
CA LEU B 467 -9.55 -14.49 31.75
C LEU B 467 -9.00 -13.65 30.57
N TRP B 468 -8.26 -12.59 30.89
CA TRP B 468 -7.67 -11.74 29.85
C TRP B 468 -6.63 -12.45 28.97
N GLU B 469 -5.81 -13.34 29.56
CA GLU B 469 -4.77 -14.03 28.81
C GLU B 469 -5.32 -15.27 28.08
N PRO B 470 -5.05 -15.41 26.75
CA PRO B 470 -5.50 -16.56 25.99
C PRO B 470 -5.11 -17.94 26.60
N SER B 471 -4.00 -18.00 27.32
CA SER B 471 -3.57 -19.24 27.94
C SER B 471 -4.55 -19.63 29.07
N SER B 472 -5.49 -18.76 29.45
CA SER B 472 -6.43 -19.16 30.52
C SER B 472 -7.74 -19.70 29.91
N TRP B 473 -7.88 -19.64 28.59
CA TRP B 473 -9.15 -20.07 27.94
C TRP B 473 -9.16 -21.61 27.65
N PRO B 474 -10.33 -22.25 27.59
CA PRO B 474 -10.43 -23.64 27.07
C PRO B 474 -9.99 -23.62 25.59
N SER B 475 -9.51 -24.75 25.08
CA SER B 475 -8.96 -24.72 23.75
C SER B 475 -10.10 -24.73 22.73
N ARG B 476 -11.32 -25.00 23.20
CA ARG B 476 -12.53 -24.85 22.35
C ARG B 476 -13.58 -24.08 23.13
N ALA B 477 -14.12 -23.01 22.59
CA ALA B 477 -15.24 -22.32 23.24
C ALA B 477 -16.10 -21.68 22.15
N GLN B 478 -17.37 -21.46 22.45
CA GLN B 478 -18.24 -20.72 21.56
C GLN B 478 -19.29 -20.00 22.34
N GLY B 479 -19.72 -18.85 21.82
CA GLY B 479 -20.66 -17.99 22.55
C GLY B 479 -21.41 -17.04 21.63
N VAL B 480 -22.47 -16.43 22.14
CA VAL B 480 -23.20 -15.44 21.33
C VAL B 480 -23.34 -14.16 22.12
N GLY B 481 -23.06 -13.04 21.46
CA GLY B 481 -23.22 -11.71 22.06
C GLY B 481 -24.49 -11.11 21.48
N ILE B 482 -25.45 -10.82 22.34
CA ILE B 482 -26.71 -10.25 21.86
C ILE B 482 -26.83 -8.80 22.29
N MET B 483 -27.63 -8.06 21.56
CA MET B 483 -27.84 -6.66 21.90
C MET B 483 -29.12 -6.22 21.19
N GLU B 484 -29.81 -5.23 21.73
CA GLU B 484 -30.90 -4.57 20.98
C GLU B 484 -30.26 -3.30 20.48
N ALA B 485 -29.87 -3.28 19.21
CA ALA B 485 -29.25 -2.09 18.61
C ALA B 485 -30.41 -1.15 18.23
N PRO B 486 -30.15 0.16 18.04
CA PRO B 486 -31.29 1.03 17.60
C PRO B 486 -32.17 0.50 16.43
N ARG B 487 -31.60 -0.28 15.50
CA ARG B 487 -32.39 -0.86 14.43
C ARG B 487 -33.00 -2.22 14.74
N GLY B 488 -32.64 -2.83 15.87
CA GLY B 488 -33.30 -4.07 16.31
C GLY B 488 -32.26 -5.10 16.80
N ALA B 489 -32.66 -6.37 16.84
CA ALA B 489 -31.93 -7.43 17.49
C ALA B 489 -30.65 -7.74 16.74
N LEU B 490 -29.52 -7.81 17.44
CA LEU B 490 -28.21 -7.94 16.83
C LEU B 490 -27.58 -9.08 17.59
N GLY B 491 -26.94 -10.01 16.88
CA GLY B 491 -26.21 -11.09 17.54
C GLY B 491 -24.88 -11.32 16.79
N HIS B 492 -23.81 -11.66 17.55
CA HIS B 492 -22.56 -12.07 16.99
C HIS B 492 -22.34 -13.47 17.54
N TRP B 493 -22.19 -14.46 16.65
CA TRP B 493 -21.90 -15.82 17.15
C TRP B 493 -20.42 -16.09 16.88
N ILE B 494 -19.68 -16.46 17.93
CA ILE B 494 -18.21 -16.67 17.74
C ILE B 494 -17.86 -18.12 18.09
N VAL B 495 -16.92 -18.68 17.36
CA VAL B 495 -16.38 -19.97 17.71
C VAL B 495 -14.90 -19.79 17.83
N ILE B 496 -14.37 -20.23 18.97
CA ILE B 496 -12.95 -20.03 19.27
C ILE B 496 -12.20 -21.34 19.32
N GLU B 497 -11.08 -21.41 18.62
CA GLU B 497 -10.24 -22.60 18.72
C GLU B 497 -8.81 -22.20 18.97
N ASP B 498 -8.22 -22.77 20.00
CA ASP B 498 -6.79 -22.53 20.31
C ASP B 498 -6.40 -21.04 20.33
N GLY B 499 -7.21 -20.22 20.99
CA GLY B 499 -6.90 -18.80 21.11
C GLY B 499 -7.34 -17.96 19.87
N ARG B 500 -7.87 -18.58 18.81
CA ARG B 500 -8.08 -17.83 17.57
C ARG B 500 -9.57 -17.87 17.22
N ILE B 501 -10.02 -16.92 16.40
CA ILE B 501 -11.35 -16.99 15.85
C ILE B 501 -11.44 -18.11 14.75
N ALA B 502 -12.26 -19.12 15.00
CA ALA B 502 -12.46 -20.15 13.97
C ALA B 502 -13.68 -19.81 13.12
N ASN B 503 -14.70 -19.24 13.72
CA ASN B 503 -15.80 -18.69 12.94
C ASN B 503 -16.31 -17.47 13.69
N TYR B 504 -16.83 -16.52 12.93
CA TYR B 504 -17.47 -15.40 13.52
C TYR B 504 -18.62 -15.02 12.57
N GLN B 505 -19.84 -15.03 13.05
CA GLN B 505 -20.93 -14.68 12.14
C GLN B 505 -21.81 -13.61 12.80
N ALA B 506 -22.07 -12.54 12.08
CA ALA B 506 -22.98 -11.52 12.59
C ALA B 506 -24.29 -11.65 11.87
N VAL B 507 -25.39 -11.56 12.61
CA VAL B 507 -26.70 -11.37 12.01
C VAL B 507 -27.24 -10.10 12.64
N VAL B 508 -27.56 -9.15 11.78
CA VAL B 508 -27.66 -7.74 12.16
C VAL B 508 -29.12 -7.27 11.89
N PRO B 509 -29.64 -6.31 12.65
CA PRO B 509 -31.06 -5.95 12.46
C PRO B 509 -31.50 -5.65 11.01
N SER B 510 -30.70 -4.91 10.26
CA SER B 510 -31.11 -4.60 8.89
C SER B 510 -30.91 -5.83 8.01
N THR B 511 -30.09 -6.82 8.42
CA THR B 511 -30.11 -8.14 7.72
C THR B 511 -31.50 -8.74 7.76
N TRP B 512 -32.08 -8.86 8.95
CA TRP B 512 -33.47 -9.34 9.09
C TRP B 512 -34.41 -8.52 8.22
N ASN B 513 -34.45 -7.19 8.46
CA ASN B 513 -35.54 -6.41 7.83
C ASN B 513 -35.41 -6.25 6.32
N ALA B 514 -34.19 -6.01 5.85
CA ALA B 514 -33.95 -5.65 4.43
C ALA B 514 -33.61 -6.88 3.57
N GLY B 515 -33.43 -8.02 4.20
CA GLY B 515 -32.88 -9.20 3.51
C GLY B 515 -33.92 -9.70 2.50
N PRO B 516 -33.46 -10.49 1.52
CA PRO B 516 -34.39 -10.76 0.41
C PRO B 516 -35.24 -12.00 0.70
N ARG B 517 -35.84 -12.54 -0.36
CA ARG B 517 -36.69 -13.72 -0.27
C ARG B 517 -35.90 -14.97 0.06
N ASP B 518 -36.61 -15.99 0.57
CA ASP B 518 -36.03 -17.29 0.91
C ASP B 518 -36.55 -18.33 -0.09
N GLY B 519 -36.32 -19.61 0.19
CA GLY B 519 -36.68 -20.67 -0.80
C GLY B 519 -38.17 -20.89 -1.04
N ARG B 520 -39.01 -20.37 -0.13
CA ARG B 520 -40.47 -20.50 -0.24
C ARG B 520 -41.03 -19.25 -0.92
N GLY B 521 -40.17 -18.37 -1.44
CA GLY B 521 -40.62 -17.10 -2.00
C GLY B 521 -41.12 -16.14 -0.90
N GLN B 522 -40.82 -16.40 0.38
CA GLN B 522 -41.29 -15.55 1.46
C GLN B 522 -40.43 -14.27 1.54
N ALA B 523 -41.09 -13.12 1.42
CA ALA B 523 -40.45 -11.81 1.34
C ALA B 523 -39.93 -11.38 2.71
N GLY B 524 -38.90 -10.51 2.72
CA GLY B 524 -38.48 -9.87 3.94
C GLY B 524 -39.32 -8.64 4.33
N ALA B 525 -39.04 -8.06 5.52
CA ALA B 525 -39.86 -6.95 6.05
C ALA B 525 -40.03 -5.77 5.06
N TYR B 526 -38.94 -5.30 4.45
CA TYR B 526 -39.06 -4.11 3.57
C TYR B 526 -39.98 -4.49 2.42
N GLU B 527 -39.72 -5.65 1.85
CA GLU B 527 -40.44 -6.09 0.67
C GLU B 527 -41.94 -6.29 1.00
N ALA B 528 -42.23 -6.92 2.13
CA ALA B 528 -43.63 -7.18 2.47
C ALA B 528 -44.27 -5.84 2.84
N ALA B 529 -43.49 -4.90 3.38
CA ALA B 529 -44.04 -3.58 3.77
C ALA B 529 -44.51 -2.78 2.53
N LEU B 530 -43.67 -2.68 1.51
CA LEU B 530 -44.03 -2.06 0.26
C LEU B 530 -45.17 -2.77 -0.43
N GLN B 531 -45.25 -4.10 -0.28
CA GLN B 531 -46.34 -4.84 -0.87
C GLN B 531 -47.64 -4.59 -0.09
N ASP B 532 -47.57 -3.98 1.09
CA ASP B 532 -48.79 -3.75 1.92
C ASP B 532 -49.41 -2.34 1.67
N ASN B 533 -50.37 -2.28 0.76
CA ASN B 533 -51.20 -1.07 0.62
C ASN B 533 -50.45 0.18 0.12
N HIS B 534 -49.51 0.01 -0.81
CA HIS B 534 -48.83 1.19 -1.39
C HIS B 534 -49.24 1.51 -2.81
N GLN B 535 -49.43 2.80 -3.09
CA GLN B 535 -49.69 3.35 -4.45
C GLN B 535 -48.66 4.47 -4.67
N LEU B 536 -48.11 4.56 -5.88
CA LEU B 536 -47.20 5.67 -6.22
C LEU B 536 -47.93 6.69 -7.10
N VAL B 537 -48.00 7.96 -6.68
CA VAL B 537 -48.48 8.93 -7.64
C VAL B 537 -47.60 9.13 -8.88
N ASP B 538 -46.28 9.00 -8.69
CA ASP B 538 -45.33 9.30 -9.75
C ASP B 538 -44.03 8.50 -9.56
N VAL B 539 -43.75 7.58 -10.48
CA VAL B 539 -42.61 6.70 -10.36
C VAL B 539 -41.26 7.40 -10.41
N LYS B 540 -41.25 8.64 -10.87
CA LYS B 540 -40.01 9.42 -10.88
C LYS B 540 -39.73 10.20 -9.62
N GLN B 541 -40.72 10.25 -8.73
CA GLN B 541 -40.63 10.93 -7.43
C GLN B 541 -41.31 9.97 -6.44
N PRO B 542 -40.67 8.82 -6.19
CA PRO B 542 -41.29 7.74 -5.41
C PRO B 542 -41.24 8.03 -3.88
N ILE B 543 -41.74 9.18 -3.47
CA ILE B 543 -41.75 9.54 -2.08
C ILE B 543 -42.49 8.49 -1.21
N GLU B 544 -43.43 7.72 -1.78
CA GLU B 544 -44.15 6.79 -0.94
C GLU B 544 -43.28 5.60 -0.60
N ILE B 545 -42.40 5.21 -1.50
CA ILE B 545 -41.45 4.14 -1.21
C ILE B 545 -40.50 4.61 -0.09
N LEU B 546 -39.98 5.82 -0.22
CA LEU B 546 -39.00 6.35 0.70
C LEU B 546 -39.63 6.43 2.10
N ARG B 547 -40.85 6.93 2.20
CA ARG B 547 -41.43 7.08 3.55
C ARG B 547 -41.39 5.77 4.32
N THR B 548 -41.76 4.67 3.67
CA THR B 548 -41.85 3.37 4.31
C THR B 548 -40.47 2.74 4.49
N ILE B 549 -39.65 2.82 3.44
CA ILE B 549 -38.28 2.25 3.58
C ILE B 549 -37.54 3.01 4.73
N HIS B 550 -37.61 4.33 4.75
CA HIS B 550 -36.88 5.12 5.76
C HIS B 550 -37.44 4.82 7.16
N SER B 551 -38.72 4.45 7.25
CA SER B 551 -39.27 4.16 8.59
C SER B 551 -38.57 2.98 9.25
N PHE B 552 -37.98 2.07 8.48
CA PHE B 552 -37.17 0.97 9.06
C PHE B 552 -35.74 1.39 9.45
N ASP B 553 -35.36 2.63 9.11
CA ASP B 553 -34.02 3.15 9.41
C ASP B 553 -32.96 2.17 8.82
N PRO B 554 -32.97 1.93 7.51
CA PRO B 554 -32.05 0.92 6.94
C PRO B 554 -30.57 1.27 7.13
N CYS B 555 -29.74 0.24 7.32
CA CYS B 555 -28.31 0.41 7.34
C CYS B 555 -27.71 -0.80 6.64
N ILE B 556 -27.16 -0.59 5.43
CA ILE B 556 -26.78 -1.74 4.56
C ILE B 556 -25.34 -2.13 4.89
N ALA B 557 -24.58 -1.19 5.45
CA ALA B 557 -23.24 -1.62 5.90
C ALA B 557 -23.48 -2.59 7.07
N CYS B 558 -24.37 -2.27 8.00
CA CYS B 558 -24.72 -3.28 9.00
C CYS B 558 -25.27 -4.57 8.37
N ALA B 559 -26.22 -4.41 7.43
CA ALA B 559 -26.98 -5.58 6.96
C ALA B 559 -26.05 -6.63 6.28
N VAL B 560 -25.08 -6.12 5.53
CA VAL B 560 -24.20 -6.97 4.73
C VAL B 560 -22.85 -7.23 5.42
N HIS B 561 -22.23 -6.20 6.02
CA HIS B 561 -20.91 -6.39 6.66
C HIS B 561 -19.90 -7.09 5.72
N ALA C 1 -30.08 25.48 56.63
CA ALA C 1 -31.48 25.01 56.35
C ALA C 1 -31.82 23.78 55.38
N ARG C 2 -30.89 23.25 54.54
CA ARG C 2 -31.09 22.04 53.66
C ARG C 2 -30.13 21.85 52.41
N ARG C 3 -29.84 22.90 51.60
CA ARG C 3 -28.59 22.89 50.78
C ARG C 3 -27.41 23.36 51.65
N PRO C 4 -26.23 22.73 51.55
CA PRO C 4 -25.13 23.15 52.47
C PRO C 4 -24.74 24.63 52.32
N SER C 5 -24.54 25.31 53.44
CA SER C 5 -24.18 26.70 53.42
C SER C 5 -22.70 27.00 53.03
N VAL C 6 -22.50 28.02 52.21
CA VAL C 6 -21.18 28.42 51.72
C VAL C 6 -21.04 29.93 51.89
N ILE C 7 -19.94 30.36 52.53
CA ILE C 7 -19.65 31.78 52.74
C ILE C 7 -18.35 32.09 52.04
N TRP C 8 -18.39 33.01 51.10
CA TRP C 8 -17.19 33.29 50.33
C TRP C 8 -16.60 34.61 50.81
N LEU C 9 -15.38 34.55 51.32
CA LEU C 9 -14.70 35.74 51.86
C LEU C 9 -13.67 36.25 50.82
N SER C 10 -13.73 37.52 50.48
CA SER C 10 -12.85 38.09 49.47
C SER C 10 -11.96 39.06 50.19
N PHE C 11 -10.66 38.80 50.25
CA PHE C 11 -9.82 39.65 51.10
C PHE C 11 -8.87 40.43 50.17
N GLN C 12 -7.57 40.15 50.17
CA GLN C 12 -6.71 40.86 49.20
C GLN C 12 -6.65 40.12 47.87
N GLU C 13 -7.75 40.19 47.10
CA GLU C 13 -7.83 39.42 45.90
C GLU C 13 -7.95 40.33 44.69
N CYS C 14 -7.80 39.73 43.50
CA CYS C 14 -7.94 40.56 42.28
C CYS C 14 -9.34 40.25 41.65
N THR C 15 -10.06 39.30 42.27
CA THR C 15 -11.34 38.75 41.82
C THR C 15 -11.21 37.72 40.58
N GLY C 16 -9.97 37.43 40.18
CA GLY C 16 -9.62 36.35 39.19
C GLY C 16 -10.23 35.02 39.61
N CYS C 17 -10.22 34.76 40.92
CA CYS C 17 -10.69 33.43 41.38
C CYS C 17 -12.22 33.28 41.29
N THR C 18 -12.97 34.34 41.62
CA THR C 18 -14.43 34.35 41.34
C THR C 18 -14.78 34.31 39.87
N GLU C 19 -14.06 35.10 39.08
CA GLU C 19 -14.28 35.04 37.62
C GLU C 19 -14.07 33.63 37.16
N SER C 20 -13.01 32.98 37.63
CA SER C 20 -12.74 31.59 37.19
C SER C 20 -13.92 30.62 37.54
N LEU C 21 -14.40 30.68 38.78
CA LEU C 21 -15.56 29.92 39.21
C LEU C 21 -16.76 30.11 38.21
N THR C 22 -16.96 31.36 37.76
CA THR C 22 -18.07 31.63 36.79
C THR C 22 -17.80 30.96 35.43
N ARG C 23 -16.55 30.64 35.13
CA ARG C 23 -16.27 30.11 33.79
C ARG C 23 -16.63 28.62 33.70
N ALA C 24 -16.81 27.97 34.85
CA ALA C 24 -16.80 26.49 34.85
C ALA C 24 -18.07 25.97 34.16
N HIS C 25 -17.94 24.96 33.27
CA HIS C 25 -19.04 24.48 32.46
C HIS C 25 -19.83 23.37 33.18
N ALA C 26 -19.23 22.71 34.16
CA ALA C 26 -19.90 21.59 34.84
C ALA C 26 -19.24 21.25 36.14
N PRO C 27 -20.00 21.31 37.26
CA PRO C 27 -21.34 21.95 37.31
C PRO C 27 -21.15 23.46 37.14
N THR C 28 -22.14 24.17 36.59
CA THR C 28 -22.07 25.62 36.51
C THR C 28 -22.34 26.26 37.87
N LEU C 29 -21.90 27.48 38.02
CA LEU C 29 -22.12 28.24 39.23
C LEU C 29 -23.64 28.37 39.49
N GLU C 30 -24.42 28.76 38.46
CA GLU C 30 -25.89 28.87 38.65
C GLU C 30 -26.54 27.58 39.07
N ASP C 31 -26.14 26.45 38.49
CA ASP C 31 -26.66 25.17 38.97
C ASP C 31 -26.24 24.81 40.42
N LEU C 32 -25.00 25.13 40.82
CA LEU C 32 -24.56 24.92 42.18
C LEU C 32 -25.43 25.76 43.10
N ILE C 33 -25.56 27.06 42.79
CA ILE C 33 -26.26 28.02 43.61
C ILE C 33 -27.77 27.69 43.75
N LEU C 34 -28.40 27.13 42.72
CA LEU C 34 -29.85 26.91 42.78
C LEU C 34 -30.14 25.57 43.40
N ASP C 35 -29.30 24.59 43.10
CA ASP C 35 -29.65 23.21 43.35
C ASP C 35 -28.75 22.49 44.36
N PHE C 36 -27.52 22.98 44.59
CA PHE C 36 -26.58 22.18 45.36
C PHE C 36 -26.06 22.79 46.62
N ILE C 37 -25.82 24.08 46.62
CA ILE C 37 -25.28 24.74 47.78
C ILE C 37 -26.15 25.95 48.02
N SER C 38 -26.07 26.52 49.20
CA SER C 38 -26.64 27.83 49.48
C SER C 38 -25.51 28.83 49.61
N LEU C 39 -25.23 29.59 48.55
CA LEU C 39 -24.10 30.50 48.63
C LEU C 39 -24.61 31.69 49.39
N ASP C 40 -24.22 31.84 50.64
CA ASP C 40 -24.95 32.77 51.48
C ASP C 40 -24.33 34.15 51.52
N TYR C 41 -23.13 34.28 51.00
CA TYR C 41 -22.43 35.57 51.08
C TYR C 41 -21.34 35.56 50.00
N HIS C 42 -21.35 36.59 49.18
CA HIS C 42 -20.33 36.72 48.15
C HIS C 42 -20.45 38.13 47.64
N HIS C 43 -19.41 38.92 47.85
CA HIS C 43 -19.41 40.37 47.56
C HIS C 43 -19.74 40.74 46.16
N THR C 44 -19.26 39.94 45.20
CA THR C 44 -19.43 40.23 43.80
C THR C 44 -20.86 40.08 43.31
N LEU C 45 -21.64 39.21 43.94
CA LEU C 45 -22.98 38.86 43.45
C LEU C 45 -24.16 39.34 44.33
N GLN C 46 -23.89 39.52 45.62
CA GLN C 46 -24.88 39.81 46.65
C GLN C 46 -25.83 40.96 46.24
N ALA C 47 -27.13 40.75 46.39
CA ALA C 47 -28.07 41.82 46.07
C ALA C 47 -27.97 42.98 47.11
N ALA C 48 -28.03 42.64 48.40
CA ALA C 48 -27.91 43.66 49.48
C ALA C 48 -26.47 44.17 49.54
N SER C 49 -26.30 45.41 49.98
CA SER C 49 -24.98 46.01 50.36
C SER C 49 -24.96 46.27 51.87
N GLY C 50 -23.83 46.75 52.41
CA GLY C 50 -23.85 47.38 53.72
C GLY C 50 -24.23 46.39 54.79
N GLU C 51 -24.96 46.87 55.79
CA GLU C 51 -25.39 46.08 56.91
C GLU C 51 -26.30 44.93 56.51
N ALA C 52 -27.03 45.07 55.39
CA ALA C 52 -27.92 43.99 54.95
C ALA C 52 -27.10 42.78 54.45
N ALA C 53 -26.00 43.04 53.75
CA ALA C 53 -25.03 42.04 53.36
C ALA C 53 -24.34 41.38 54.54
N GLU C 54 -23.79 42.18 55.45
CA GLU C 54 -23.15 41.64 56.67
C GLU C 54 -24.08 40.76 57.51
N ALA C 55 -25.35 41.20 57.64
CA ALA C 55 -26.33 40.39 58.40
C ALA C 55 -26.54 39.02 57.77
N ALA C 56 -26.38 38.92 56.43
CA ALA C 56 -26.64 37.66 55.75
C ALA C 56 -25.54 36.69 56.13
N ARG C 57 -24.31 37.18 56.18
CA ARG C 57 -23.21 36.36 56.59
C ARG C 57 -23.37 35.82 58.03
N LEU C 58 -23.57 36.73 58.98
CA LEU C 58 -23.75 36.38 60.40
C LEU C 58 -24.89 35.40 60.63
N GLN C 59 -26.00 35.67 59.96
CA GLN C 59 -27.15 34.82 60.05
C GLN C 59 -26.85 33.40 59.51
N ALA C 60 -26.09 33.34 58.42
CA ALA C 60 -25.68 32.07 57.87
C ALA C 60 -24.77 31.31 58.82
N MET C 61 -23.85 32.01 59.48
CA MET C 61 -22.99 31.41 60.46
C MET C 61 -23.77 30.83 61.61
N ASP C 62 -24.87 31.49 61.96
CA ASP C 62 -25.52 31.18 63.20
C ASP C 62 -26.50 30.01 62.97
N GLU C 63 -27.14 30.00 61.82
CA GLU C 63 -28.07 28.94 61.50
C GLU C 63 -27.38 27.64 61.04
N ASN C 64 -26.10 27.69 60.66
CA ASN C 64 -25.45 26.51 60.14
C ASN C 64 -24.21 26.12 60.91
N ARG C 65 -24.18 26.47 62.19
CA ARG C 65 -22.96 26.41 62.99
C ARG C 65 -22.32 25.00 62.94
N GLY C 66 -21.02 24.94 62.65
CA GLY C 66 -20.36 23.62 62.54
C GLY C 66 -20.57 22.96 61.18
N GLN C 67 -21.36 23.57 60.30
CA GLN C 67 -21.69 22.87 59.07
C GLN C 67 -21.31 23.61 57.82
N TYR C 68 -21.16 24.91 57.87
CA TYR C 68 -20.97 25.69 56.65
C TYR C 68 -19.52 25.59 56.14
N LEU C 69 -19.31 25.85 54.86
CA LEU C 69 -18.01 25.79 54.24
C LEU C 69 -17.61 27.24 54.04
N VAL C 70 -16.38 27.61 54.41
CA VAL C 70 -15.85 28.91 54.05
C VAL C 70 -14.89 28.78 52.87
N ILE C 71 -15.07 29.60 51.85
CA ILE C 71 -14.10 29.72 50.75
C ILE C 71 -13.43 31.09 50.84
N VAL C 72 -12.11 31.09 50.86
CA VAL C 72 -11.33 32.35 51.00
C VAL C 72 -10.50 32.58 49.73
N ASP C 73 -10.67 33.77 49.19
CA ASP C 73 -10.00 34.26 48.03
C ASP C 73 -9.12 35.47 48.48
N GLY C 74 -7.83 35.49 48.13
CA GLY C 74 -6.97 36.63 48.53
C GLY C 74 -6.19 36.35 49.80
N SER C 75 -5.02 36.97 49.90
CA SER C 75 -4.23 36.98 51.14
C SER C 75 -4.86 37.87 52.22
N ILE C 76 -4.33 37.76 53.44
CA ILE C 76 -4.87 38.47 54.61
C ILE C 76 -3.74 39.21 55.36
N PRO C 77 -3.82 40.54 55.49
CA PRO C 77 -2.70 41.11 56.29
C PRO C 77 -2.73 40.49 57.70
N GLY C 78 -1.56 40.06 58.20
CA GLY C 78 -1.47 39.30 59.47
C GLY C 78 -1.76 40.14 60.71
N PRO C 79 -1.93 39.47 61.86
CA PRO C 79 -2.30 40.23 63.11
C PRO C 79 -1.31 41.34 63.51
N ASP C 80 -0.07 41.24 63.05
CA ASP C 80 0.95 42.28 63.37
C ASP C 80 1.08 43.39 62.30
N ALA C 81 0.34 43.25 61.21
CA ALA C 81 0.31 44.27 60.18
C ALA C 81 -0.78 45.28 60.53
N ASN C 82 -0.68 46.48 59.97
CA ASN C 82 -1.71 47.49 60.20
C ASN C 82 -3.11 46.92 59.82
N PRO C 83 -4.06 46.95 60.76
CA PRO C 83 -5.41 46.50 60.52
C PRO C 83 -6.11 47.34 59.45
N GLY C 84 -5.58 48.51 59.13
CA GLY C 84 -6.22 49.34 58.13
C GLY C 84 -5.88 49.01 56.69
N PHE C 85 -4.89 48.13 56.48
CA PHE C 85 -4.50 47.76 55.10
C PHE C 85 -5.66 47.16 54.31
N SER C 86 -6.54 46.44 55.02
CA SER C 86 -7.66 45.77 54.36
C SER C 86 -8.79 45.56 55.34
N THR C 87 -9.91 46.22 55.08
CA THR C 87 -11.03 46.22 55.99
C THR C 87 -12.31 46.02 55.20
N VAL C 88 -13.35 45.54 55.88
CA VAL C 88 -14.70 45.52 55.34
C VAL C 88 -15.63 45.93 56.47
N ALA C 89 -16.53 46.87 56.16
CA ALA C 89 -17.49 47.34 57.15
C ALA C 89 -16.76 47.77 58.44
N GLY C 90 -15.57 48.38 58.33
CA GLY C 90 -14.85 48.85 59.51
C GLY C 90 -14.07 47.81 60.32
N HIS C 91 -14.04 46.53 59.89
CA HIS C 91 -13.24 45.46 60.52
C HIS C 91 -12.10 44.95 59.61
N SER C 92 -11.00 44.51 60.22
CA SER C 92 -9.86 44.06 59.42
C SER C 92 -10.20 42.69 58.88
N ASN C 93 -9.58 42.33 57.76
CA ASN C 93 -9.77 41.01 57.23
C ASN C 93 -9.40 39.95 58.24
N TYR C 94 -8.30 40.16 58.97
CA TYR C 94 -7.85 39.18 59.95
C TYR C 94 -9.02 38.81 60.93
N SER C 95 -9.66 39.84 61.41
CA SER C 95 -10.80 39.65 62.35
C SER C 95 -11.92 38.79 61.77
N ILE C 96 -12.27 39.20 60.54
CA ILE C 96 -13.39 38.66 59.84
C ILE C 96 -13.04 37.19 59.50
N LEU C 97 -11.80 36.94 59.07
CA LEU C 97 -11.35 35.54 58.88
C LEU C 97 -11.52 34.70 60.16
N MET C 98 -10.89 35.13 61.26
CA MET C 98 -11.00 34.40 62.53
C MET C 98 -12.43 34.20 63.01
N GLU C 99 -13.26 35.25 62.94
CA GLU C 99 -14.65 35.09 63.40
C GLU C 99 -15.42 34.17 62.46
N THR C 100 -15.13 34.25 61.16
CA THR C 100 -15.96 33.43 60.31
C THR C 100 -15.59 31.95 60.24
N VAL C 101 -14.30 31.64 60.40
CA VAL C 101 -13.90 30.25 60.32
C VAL C 101 -14.13 29.49 61.64
N GLU C 102 -14.45 30.21 62.72
CA GLU C 102 -14.51 29.60 64.03
C GLU C 102 -15.45 28.41 64.05
N HIS C 103 -16.61 28.54 63.43
CA HIS C 103 -17.58 27.44 63.42
C HIS C 103 -17.80 26.76 62.08
N ALA C 104 -16.85 26.91 61.16
CA ALA C 104 -16.97 26.32 59.85
C ALA C 104 -16.70 24.80 59.94
N ALA C 105 -17.28 24.04 59.02
CA ALA C 105 -16.91 22.60 58.90
C ALA C 105 -15.49 22.49 58.28
N ALA C 106 -15.19 23.37 57.34
CA ALA C 106 -13.94 23.29 56.57
C ALA C 106 -13.73 24.63 55.88
N VAL C 107 -12.52 24.82 55.36
CA VAL C 107 -12.16 26.03 54.67
C VAL C 107 -11.50 25.60 53.35
N ILE C 108 -11.92 26.21 52.24
CA ILE C 108 -11.20 26.06 50.99
C ILE C 108 -10.49 27.38 50.70
N ALA C 109 -9.15 27.34 50.60
CA ALA C 109 -8.39 28.53 50.19
C ALA C 109 -8.27 28.43 48.67
N VAL C 110 -8.96 29.31 47.93
CA VAL C 110 -8.96 29.25 46.48
C VAL C 110 -8.00 30.31 45.95
N GLY C 111 -7.11 29.91 45.05
CA GLY C 111 -6.15 30.88 44.51
C GLY C 111 -4.82 30.80 45.29
N THR C 112 -3.72 31.05 44.60
CA THR C 112 -2.42 31.02 45.22
C THR C 112 -2.24 32.02 46.35
N CYS C 113 -2.93 33.17 46.29
CA CYS C 113 -2.79 34.21 47.34
C CYS C 113 -3.38 33.70 48.67
N ALA C 114 -4.62 33.22 48.65
CA ALA C 114 -5.17 32.62 49.92
C ALA C 114 -4.41 31.38 50.33
N ALA C 115 -4.02 30.53 49.36
CA ALA C 115 -3.38 29.28 49.75
C ALA C 115 -1.98 29.51 50.34
N PHE C 116 -1.17 30.34 49.69
CA PHE C 116 0.24 30.42 50.08
C PHE C 116 0.74 31.83 50.21
N GLY C 117 -0.11 32.85 50.00
CA GLY C 117 0.30 34.27 50.14
C GLY C 117 0.34 35.00 48.81
N GLY C 118 0.86 34.34 47.76
CA GLY C 118 0.71 34.86 46.38
C GLY C 118 1.18 36.27 46.23
N LEU C 119 0.45 37.06 45.47
CA LEU C 119 0.99 38.30 44.96
C LEU C 119 1.24 39.36 46.06
N PRO C 120 0.27 39.59 46.94
CA PRO C 120 0.53 40.59 47.96
C PRO C 120 1.74 40.26 48.81
N GLN C 121 2.06 38.98 48.92
CA GLN C 121 3.17 38.54 49.77
C GLN C 121 4.50 38.63 49.03
N ALA C 122 4.46 38.75 47.68
CA ALA C 122 5.72 38.84 46.91
C ALA C 122 6.61 39.98 47.45
N ARG C 123 7.93 39.82 47.34
CA ARG C 123 8.91 40.80 47.92
C ARG C 123 8.57 42.24 47.45
N PRO C 124 8.52 43.26 48.36
CA PRO C 124 8.97 43.22 49.75
C PRO C 124 7.74 43.09 50.72
N ASN C 125 6.59 42.60 50.19
CA ASN C 125 5.40 42.36 51.01
C ASN C 125 4.92 43.64 51.79
N PRO C 126 4.54 44.70 51.06
CA PRO C 126 4.26 45.95 51.75
C PRO C 126 3.18 45.84 52.85
N THR C 127 2.24 44.91 52.75
CA THR C 127 1.09 44.89 53.69
C THR C 127 1.17 43.77 54.73
N GLY C 128 2.26 42.99 54.76
CA GLY C 128 2.43 41.96 55.79
C GLY C 128 1.41 40.84 55.53
N ALA C 129 1.12 40.60 54.26
CA ALA C 129 0.13 39.61 53.84
C ALA C 129 0.47 38.20 54.28
N MET C 130 -0.55 37.40 54.65
CA MET C 130 -0.39 35.98 55.03
C MET C 130 -1.44 35.09 54.37
N SER C 131 -1.23 33.78 54.37
CA SER C 131 -2.13 32.86 53.75
C SER C 131 -3.12 32.34 54.78
N VAL C 132 -4.11 31.57 54.32
CA VAL C 132 -5.10 30.95 55.21
C VAL C 132 -4.49 29.98 56.21
N MET C 133 -3.60 29.12 55.73
CA MET C 133 -3.01 28.14 56.61
C MET C 133 -2.06 28.78 57.63
N ASP C 134 -1.43 29.91 57.24
CA ASP C 134 -0.58 30.68 58.19
C ASP C 134 -1.43 31.09 59.40
N LEU C 135 -2.72 31.35 59.19
CA LEU C 135 -3.54 32.02 60.18
C LEU C 135 -4.52 31.07 60.86
N VAL C 136 -4.96 30.00 60.17
CA VAL C 136 -6.07 29.20 60.63
C VAL C 136 -5.50 27.84 61.02
N ARG C 137 -5.62 27.50 62.31
CA ARG C 137 -4.89 26.40 62.88
C ARG C 137 -5.75 25.25 63.23
N ASP C 138 -7.03 25.39 63.54
CA ASP C 138 -7.66 24.10 63.81
C ASP C 138 -8.84 23.68 62.97
N LYS C 139 -8.82 23.92 61.62
CA LYS C 139 -9.89 23.61 60.76
C LYS C 139 -9.25 22.93 59.59
N PRO C 140 -9.93 21.95 59.01
CA PRO C 140 -9.49 21.38 57.75
C PRO C 140 -9.40 22.50 56.69
N VAL C 141 -8.22 22.68 56.10
CA VAL C 141 -8.06 23.68 55.03
C VAL C 141 -7.69 22.90 53.77
N ILE C 142 -8.44 23.06 52.69
CA ILE C 142 -8.01 22.51 51.42
C ILE C 142 -7.49 23.70 50.57
N ASN C 143 -6.30 23.55 50.00
CA ASN C 143 -5.69 24.60 49.17
C ASN C 143 -5.95 24.30 47.71
N VAL C 144 -6.55 25.26 46.99
CA VAL C 144 -6.86 25.02 45.57
C VAL C 144 -6.14 26.14 44.79
N PRO C 145 -4.83 26.02 44.61
CA PRO C 145 -4.09 27.19 44.14
C PRO C 145 -4.03 27.30 42.61
N GLY C 146 -3.27 28.29 42.12
CA GLY C 146 -3.33 28.68 40.72
C GLY C 146 -3.76 30.14 40.66
N CYS C 147 -3.46 30.84 39.57
CA CYS C 147 -3.70 32.29 39.57
C CYS C 147 -4.37 32.67 38.27
N PRO C 148 -5.67 32.36 38.13
CA PRO C 148 -6.45 31.65 39.11
C PRO C 148 -6.41 30.12 38.87
N PRO C 149 -6.95 29.30 39.81
CA PRO C 149 -7.14 27.91 39.51
C PRO C 149 -8.00 27.73 38.23
N ILE C 150 -7.85 26.58 37.56
CA ILE C 150 -8.68 26.26 36.43
C ILE C 150 -10.16 26.21 36.91
N PRO C 151 -11.07 26.80 36.16
CA PRO C 151 -12.49 26.85 36.57
C PRO C 151 -13.07 25.48 37.01
N MET C 152 -12.96 24.47 36.17
CA MET C 152 -13.46 23.13 36.55
C MET C 152 -12.67 22.37 37.62
N VAL C 153 -11.51 22.91 38.00
CA VAL C 153 -10.87 22.40 39.24
C VAL C 153 -11.58 22.94 40.43
N ILE C 154 -11.94 24.24 40.41
CA ILE C 154 -12.65 24.82 41.52
C ILE C 154 -14.00 24.12 41.69
N THR C 155 -14.78 23.94 40.61
CA THR C 155 -16.09 23.31 40.85
C THR C 155 -15.92 21.79 41.05
N GLY C 156 -14.86 21.22 40.48
CA GLY C 156 -14.53 19.80 40.68
C GLY C 156 -14.34 19.45 42.17
N VAL C 157 -13.64 20.33 42.88
CA VAL C 157 -13.38 20.13 44.30
C VAL C 157 -14.70 20.21 45.06
N ILE C 158 -15.50 21.21 44.71
CA ILE C 158 -16.78 21.39 45.37
C ILE C 158 -17.72 20.19 45.04
N ALA C 159 -17.74 19.75 43.78
CA ALA C 159 -18.55 18.55 43.44
C ALA C 159 -18.10 17.31 44.21
N HIS C 160 -16.80 17.11 44.33
CA HIS C 160 -16.32 15.95 44.97
C HIS C 160 -16.87 15.92 46.41
N TYR C 161 -16.72 17.05 47.10
CA TYR C 161 -17.14 17.18 48.48
C TYR C 161 -18.64 16.95 48.63
N LEU C 162 -19.44 17.59 47.76
CA LEU C 162 -20.89 17.47 47.83
C LEU C 162 -21.35 16.06 47.50
N VAL C 163 -20.87 15.47 46.42
CA VAL C 163 -21.38 14.18 45.97
C VAL C 163 -20.86 13.05 46.84
N PHE C 164 -19.56 13.06 47.16
CA PHE C 164 -19.00 11.89 47.82
C PHE C 164 -18.91 12.10 49.36
N GLY C 165 -19.25 13.29 49.85
CA GLY C 165 -19.37 13.44 51.28
C GLY C 165 -18.01 13.42 51.99
N ARG C 166 -16.92 13.60 51.24
CA ARG C 166 -15.59 13.65 51.90
C ARG C 166 -14.69 14.63 51.16
N LEU C 167 -13.63 15.04 51.83
CA LEU C 167 -12.55 15.81 51.23
C LEU C 167 -11.85 14.91 50.24
N PRO C 168 -11.46 15.47 49.08
CA PRO C 168 -10.54 14.79 48.20
C PRO C 168 -9.25 14.40 48.94
N GLU C 169 -8.55 13.40 48.44
CA GLU C 169 -7.23 13.10 48.94
C GLU C 169 -6.25 14.25 48.54
N LEU C 170 -5.34 14.64 49.45
CA LEU C 170 -4.59 15.91 49.31
C LEU C 170 -3.12 15.62 49.32
N ASP C 171 -2.31 16.40 48.60
CA ASP C 171 -0.85 16.22 48.71
C ASP C 171 -0.35 16.96 49.98
N GLY C 172 0.97 17.07 50.15
CA GLY C 172 1.50 17.58 51.41
C GLY C 172 1.29 19.11 51.49
N TYR C 173 0.92 19.77 50.39
CA TYR C 173 0.60 21.21 50.46
C TYR C 173 -0.90 21.43 50.59
N GLY C 174 -1.65 20.37 50.93
CA GLY C 174 -3.12 20.51 51.06
C GLY C 174 -3.90 20.55 49.73
N ARG C 175 -3.30 20.14 48.60
CA ARG C 175 -3.92 20.33 47.26
C ARG C 175 -4.49 19.00 46.79
N PRO C 176 -5.70 19.00 46.22
CA PRO C 176 -6.33 17.74 45.87
C PRO C 176 -5.52 17.04 44.78
N LEU C 177 -5.26 15.75 44.99
CA LEU C 177 -4.48 14.99 44.03
C LEU C 177 -5.12 14.85 42.65
N ALA C 178 -6.45 14.86 42.56
CA ALA C 178 -7.03 14.75 41.20
C ALA C 178 -6.53 15.83 40.25
N PHE C 179 -6.19 17.00 40.78
CA PHE C 179 -5.91 18.17 39.98
C PHE C 179 -4.45 18.68 40.11
N TYR C 180 -3.81 18.35 41.21
CA TYR C 180 -2.45 18.79 41.48
C TYR C 180 -1.51 17.65 41.75
N GLY C 181 -1.94 16.41 41.49
CA GLY C 181 -1.10 15.25 41.81
C GLY C 181 0.09 15.08 40.88
N GLN C 182 0.06 15.67 39.70
CA GLN C 182 1.17 15.42 38.71
C GLN C 182 1.71 16.78 38.23
N SER C 183 3.00 16.86 37.92
CA SER C 183 3.55 18.14 37.41
C SER C 183 3.12 18.36 35.98
N ILE C 184 3.12 19.61 35.62
CA ILE C 184 2.88 20.03 34.24
C ILE C 184 3.86 19.31 33.30
N HIS C 185 5.11 19.31 33.69
CA HIS C 185 6.21 18.80 32.83
C HIS C 185 6.13 17.26 32.67
N ASP C 186 5.49 16.56 33.62
CA ASP C 186 5.35 15.13 33.46
C ASP C 186 4.10 14.75 32.68
N ARG C 187 3.38 15.77 32.17
CA ARG C 187 2.21 15.49 31.36
C ARG C 187 2.25 16.28 30.08
N CYS C 188 3.27 17.11 29.89
CA CYS C 188 3.28 18.16 28.84
C CYS C 188 3.53 17.58 27.46
N TYR C 189 2.72 17.95 26.47
CA TYR C 189 2.88 17.51 25.12
C TYR C 189 4.21 17.90 24.48
N ARG C 190 4.98 18.81 25.11
CA ARG C 190 6.29 19.19 24.49
C ARG C 190 7.42 18.41 25.20
N ARG C 191 7.08 17.65 26.22
CA ARG C 191 8.15 16.98 27.02
C ARG C 191 9.08 16.07 26.15
N PRO C 192 8.54 15.33 25.16
CA PRO C 192 9.52 14.54 24.39
C PRO C 192 10.46 15.39 23.60
N PHE C 193 10.10 16.64 23.35
CA PHE C 193 11.07 17.56 22.67
C PHE C 193 12.10 18.08 23.68
N TYR C 194 11.67 18.38 24.89
CA TYR C 194 12.63 18.75 25.94
C TYR C 194 13.67 17.62 26.03
N ASP C 195 13.21 16.38 26.07
CA ASP C 195 14.13 15.28 26.40
C ASP C 195 15.10 15.14 25.23
N LYS C 196 14.74 15.56 24.00
CA LYS C 196 15.67 15.49 22.89
C LYS C 196 16.51 16.74 22.75
N GLY C 197 16.39 17.70 23.66
CA GLY C 197 17.12 18.97 23.45
C GLY C 197 16.57 19.85 22.32
N LEU C 198 15.27 19.77 22.02
CA LEU C 198 14.65 20.54 20.93
C LEU C 198 13.84 21.68 21.58
N PHE C 199 14.35 22.91 21.48
CA PHE C 199 13.78 24.05 22.22
C PHE C 199 13.40 25.17 21.29
N ALA C 200 12.35 25.90 21.64
CA ALA C 200 12.10 27.17 20.99
C ALA C 200 13.11 28.21 21.44
N GLU C 201 13.67 29.02 20.54
CA GLU C 201 14.61 30.06 21.02
C GLU C 201 13.98 31.46 21.03
N SER C 202 12.76 31.58 20.52
CA SER C 202 11.97 32.81 20.64
C SER C 202 10.52 32.37 20.51
N PHE C 203 9.56 33.30 20.58
CA PHE C 203 8.17 32.89 20.54
C PHE C 203 7.62 32.54 19.16
N ASP C 204 8.35 32.83 18.08
CA ASP C 204 7.86 32.41 16.77
C ASP C 204 8.96 31.92 15.79
N ASP C 205 10.07 31.37 16.33
CA ASP C 205 11.05 30.66 15.51
C ASP C 205 10.49 29.30 15.13
N GLU C 206 11.27 28.55 14.39
CA GLU C 206 10.86 27.23 13.93
C GLU C 206 10.41 26.32 15.10
N GLY C 207 11.19 26.26 16.20
CA GLY C 207 10.85 25.42 17.35
C GLY C 207 9.56 25.87 18.01
N ALA C 208 9.36 27.18 18.18
CA ALA C 208 8.07 27.63 18.67
C ALA C 208 6.87 27.16 17.78
N LYS C 209 7.02 27.32 16.49
CA LYS C 209 5.92 27.06 15.55
C LYS C 209 5.62 25.58 15.55
N GLN C 210 6.63 24.74 15.79
CA GLN C 210 6.42 23.29 15.79
C GLN C 210 6.17 22.70 17.17
N GLY C 211 6.04 23.53 18.22
CA GLY C 211 5.74 22.95 19.57
C GLY C 211 6.94 22.28 20.21
N TRP C 212 8.18 22.71 19.91
CA TRP C 212 9.32 22.39 20.74
C TRP C 212 9.24 23.04 22.12
N CYS C 213 10.09 22.54 23.01
CA CYS C 213 9.94 22.84 24.43
C CYS C 213 10.26 24.33 24.69
N LEU C 214 9.54 24.91 25.62
CA LEU C 214 9.74 26.31 26.05
C LEU C 214 10.72 26.48 27.23
N TYR C 215 11.42 25.45 27.63
CA TYR C 215 12.29 25.58 28.84
C TYR C 215 13.27 26.76 28.80
N ARG C 216 13.91 26.92 27.64
CA ARG C 216 14.97 27.94 27.42
C ARG C 216 14.36 29.35 27.47
N LEU C 217 13.05 29.45 27.27
CA LEU C 217 12.39 30.74 27.46
C LEU C 217 11.80 30.92 28.89
N GLY C 218 12.09 30.00 29.84
CA GLY C 218 11.77 30.20 31.24
C GLY C 218 10.70 29.29 31.83
N CYS C 219 10.28 28.26 31.10
CA CYS C 219 9.07 27.50 31.50
C CYS C 219 9.36 26.89 32.89
N LYS C 220 8.43 27.08 33.85
CA LYS C 220 8.54 26.49 35.19
C LYS C 220 7.74 25.22 35.32
N GLY C 221 7.29 24.64 34.17
CA GLY C 221 6.57 23.40 34.25
C GLY C 221 7.29 22.36 35.13
N PRO C 222 8.64 22.23 35.06
CA PRO C 222 9.29 21.15 35.82
C PRO C 222 9.02 21.14 37.32
N THR C 223 8.69 22.28 37.93
CA THR C 223 8.44 22.34 39.37
C THR C 223 6.98 22.69 39.68
N THR C 224 6.07 22.66 38.70
CA THR C 224 4.69 23.20 38.90
C THR C 224 3.64 22.06 38.81
N TYR C 225 2.81 21.94 39.83
CA TYR C 225 1.79 20.90 39.85
C TYR C 225 0.42 21.52 39.59
N ASN C 226 -0.25 21.10 38.53
CA ASN C 226 -1.56 21.67 38.21
C ASN C 226 -2.11 20.79 37.11
N ALA C 227 -3.36 20.99 36.72
CA ALA C 227 -3.96 20.11 35.71
C ALA C 227 -4.00 20.75 34.33
N CYS C 228 -3.17 21.78 34.09
CA CYS C 228 -3.29 22.54 32.82
C CYS C 228 -2.99 21.67 31.61
N ALA C 229 -1.98 20.82 31.73
CA ALA C 229 -1.51 19.98 30.62
C ALA C 229 -2.44 18.83 30.24
N THR C 230 -3.35 18.42 31.14
CA THR C 230 -4.21 17.31 30.91
C THR C 230 -5.69 17.75 30.80
N MET C 231 -6.23 18.45 31.80
CA MET C 231 -7.62 18.99 31.68
C MET C 231 -7.68 20.20 30.72
N LYS C 232 -6.65 21.06 30.78
CA LYS C 232 -6.60 22.34 30.01
C LYS C 232 -7.65 23.32 30.56
N TRP C 233 -7.75 24.46 29.92
CA TRP C 233 -8.51 25.60 30.40
C TRP C 233 -9.75 25.90 29.58
N ASN C 234 -10.81 26.39 30.26
CA ASN C 234 -12.01 26.88 29.59
C ASN C 234 -12.66 25.85 28.74
N ASP C 235 -13.07 24.81 29.43
CA ASP C 235 -13.72 23.65 28.83
C ASP C 235 -12.82 22.93 27.82
N GLY C 236 -11.53 22.78 28.16
CA GLY C 236 -10.65 21.99 27.32
C GLY C 236 -10.17 22.80 26.11
N THR C 237 -10.16 24.14 26.14
CA THR C 237 -9.88 24.87 24.86
C THR C 237 -8.37 24.97 24.58
N SER C 238 -7.59 25.30 25.59
CA SER C 238 -6.14 25.50 25.44
C SER C 238 -5.50 25.53 26.78
N TRP C 239 -4.21 25.83 26.82
CA TRP C 239 -3.54 26.12 28.12
C TRP C 239 -2.24 26.94 27.86
N PRO C 240 -1.62 27.50 28.91
CA PRO C 240 -0.58 28.45 28.60
C PRO C 240 0.52 27.91 27.67
N VAL C 241 1.01 26.68 27.90
CA VAL C 241 2.07 26.10 26.99
C VAL C 241 1.58 25.89 25.58
N GLU C 242 0.35 25.40 25.44
CA GLU C 242 -0.19 25.16 24.09
C GLU C 242 -0.32 26.45 23.33
N ALA C 243 -0.66 27.54 24.01
CA ALA C 243 -0.81 28.81 23.32
C ALA C 243 0.54 29.54 23.14
N GLY C 244 1.64 28.87 23.49
CA GLY C 244 3.01 29.32 23.16
C GLY C 244 3.74 30.10 24.27
N HIS C 245 3.23 30.08 25.51
CA HIS C 245 3.89 30.80 26.60
C HIS C 245 4.39 29.84 27.65
N PRO C 246 5.61 30.08 28.15
CA PRO C 246 6.12 29.21 29.24
C PRO C 246 5.20 29.24 30.46
N CYS C 247 5.13 28.13 31.19
CA CYS C 247 4.42 28.13 32.46
C CYS C 247 5.14 29.11 33.43
N LEU C 248 4.37 29.93 34.18
CA LEU C 248 4.92 30.93 35.13
C LEU C 248 5.05 30.24 36.46
N GLY C 249 4.48 29.04 36.62
CA GLY C 249 4.55 28.33 37.92
C GLY C 249 3.43 28.74 38.86
N CYS C 250 2.29 29.20 38.30
CA CYS C 250 1.36 30.05 39.10
C CYS C 250 0.57 29.30 40.16
N SER C 251 0.62 27.95 40.13
CA SER C 251 0.05 27.14 41.24
C SER C 251 1.00 26.82 42.43
N GLU C 252 2.22 27.38 42.43
CA GLU C 252 3.23 27.03 43.50
C GLU C 252 3.49 28.20 44.46
N PRO C 253 3.74 27.89 45.74
CA PRO C 253 4.10 28.80 46.84
C PRO C 253 5.24 29.71 46.33
N GLN C 254 5.05 31.03 46.45
CA GLN C 254 6.09 32.03 46.21
C GLN C 254 6.55 32.04 44.74
N PHE C 255 5.69 31.71 43.78
CA PHE C 255 6.18 31.56 42.41
C PHE C 255 6.62 32.90 41.87
N TRP C 256 6.03 33.96 42.39
CA TRP C 256 6.38 35.36 42.00
C TRP C 256 7.87 35.68 42.27
N ASP C 257 8.41 35.02 43.28
CA ASP C 257 9.76 35.31 43.70
C ASP C 257 10.70 34.18 43.36
N ALA C 258 10.36 33.35 42.38
CA ALA C 258 11.26 32.30 41.94
C ALA C 258 12.35 32.67 40.92
N GLY C 259 12.62 33.95 40.71
CA GLY C 259 13.65 34.35 39.73
C GLY C 259 12.81 34.70 38.50
N GLY C 260 13.44 35.25 37.49
CA GLY C 260 12.56 35.77 36.43
C GLY C 260 11.70 34.71 35.70
N PHE C 261 10.55 35.15 35.19
CA PHE C 261 9.74 34.30 34.34
C PHE C 261 10.45 33.79 33.10
N TYR C 262 11.38 34.56 32.55
CA TYR C 262 12.00 34.22 31.30
C TYR C 262 13.45 33.74 31.52
N GLU C 263 13.84 33.45 32.78
CA GLU C 263 15.13 32.80 33.09
C GLU C 263 14.93 31.28 33.17
N PRO C 264 15.77 30.53 32.48
CA PRO C 264 15.71 29.08 32.55
C PRO C 264 15.91 28.54 33.99
N VAL C 265 15.24 27.45 34.30
CA VAL C 265 15.39 26.72 35.55
C VAL C 265 16.86 26.31 35.83
N SER C 266 17.63 26.00 34.79
CA SER C 266 19.05 25.70 34.96
C SER C 266 19.83 26.05 33.69
N VAL C 267 21.14 26.00 33.81
CA VAL C 267 22.08 26.29 32.76
C VAL C 267 23.03 25.07 32.69
N PRO C 268 23.15 24.42 31.52
CA PRO C 268 23.95 23.19 31.45
C PRO C 268 25.44 23.49 31.52
N LEU C 269 26.22 22.50 31.96
CA LEU C 269 27.66 22.65 32.09
C LEU C 269 28.34 22.99 30.74
N MET D 1 -15.96 65.55 63.31
CA MET D 1 -16.24 64.24 62.66
C MET D 1 -17.67 63.63 62.94
N SER D 2 -18.36 63.18 61.88
CA SER D 2 -19.50 62.21 61.97
C SER D 2 -20.97 62.58 61.52
N GLU D 3 -21.87 61.62 61.79
CA GLU D 3 -23.27 61.66 61.37
C GLU D 3 -23.56 61.12 59.98
N ARG D 4 -22.59 60.49 59.31
CA ARG D 4 -22.85 60.09 57.91
C ARG D 4 -23.48 58.71 57.85
N ILE D 5 -24.38 58.54 56.87
CA ILE D 5 -24.84 57.25 56.35
C ILE D 5 -23.64 56.51 55.76
N VAL D 6 -23.53 55.22 56.04
CA VAL D 6 -22.40 54.41 55.62
C VAL D 6 -22.95 53.26 54.80
N VAL D 7 -22.41 53.07 53.60
CA VAL D 7 -22.66 51.84 52.83
C VAL D 7 -21.33 51.10 52.67
N ASP D 8 -21.15 50.01 53.39
CA ASP D 8 -19.86 49.31 53.43
C ASP D 8 -20.11 47.88 53.92
N PRO D 9 -19.94 46.88 53.02
CA PRO D 9 -19.44 46.97 51.65
C PRO D 9 -20.48 47.37 50.61
N ILE D 10 -19.99 48.09 49.59
CA ILE D 10 -20.70 48.15 48.34
C ILE D 10 -20.50 46.78 47.67
N THR D 11 -21.58 46.08 47.35
CA THR D 11 -21.43 44.75 46.76
C THR D 11 -21.76 44.89 45.27
N ARG D 12 -21.55 43.82 44.51
CA ARG D 12 -21.76 43.86 43.09
C ARG D 12 -20.90 44.90 42.42
N ILE D 13 -19.66 45.03 42.92
CA ILE D 13 -18.60 45.71 42.20
C ILE D 13 -17.41 44.76 42.31
N GLU D 14 -16.22 45.17 41.84
CA GLU D 14 -14.98 44.41 42.13
C GLU D 14 -14.32 45.17 43.27
N GLY D 15 -13.98 44.46 44.36
CA GLY D 15 -13.14 44.98 45.38
C GLY D 15 -13.88 45.66 46.51
N HIS D 16 -13.14 46.49 47.25
CA HIS D 16 -13.52 46.90 48.59
C HIS D 16 -13.88 48.39 48.66
N LEU D 17 -15.15 48.71 48.49
CA LEU D 17 -15.52 50.11 48.43
C LEU D 17 -16.48 50.49 49.56
N ARG D 18 -16.20 51.63 50.20
CA ARG D 18 -17.03 52.23 51.25
C ARG D 18 -17.53 53.58 50.77
N ILE D 19 -18.85 53.80 50.89
CA ILE D 19 -19.44 55.11 50.63
C ILE D 19 -20.02 55.70 51.96
N GLU D 20 -19.72 56.96 52.21
CA GLU D 20 -20.33 57.71 53.31
C GLU D 20 -20.99 58.95 52.75
N ALA D 21 -22.11 59.35 53.36
CA ALA D 21 -22.90 60.45 52.81
C ALA D 21 -23.43 61.25 53.97
N GLN D 22 -23.14 62.54 53.91
CA GLN D 22 -23.77 63.57 54.76
C GLN D 22 -25.16 63.90 54.19
N MET D 23 -26.19 63.54 54.95
CA MET D 23 -27.58 63.80 54.50
C MET D 23 -28.09 65.15 55.02
N ASP D 24 -28.80 65.86 54.13
CA ASP D 24 -29.65 66.98 54.45
C ASP D 24 -31.13 66.54 54.21
N GLY D 25 -31.80 66.10 55.26
CA GLY D 25 -33.04 65.32 55.11
C GLY D 25 -32.83 64.02 54.31
N ALA D 26 -33.57 63.88 53.21
CA ALA D 26 -33.46 62.73 52.29
C ALA D 26 -32.41 62.95 51.21
N THR D 27 -31.89 64.17 51.11
CA THR D 27 -30.96 64.51 50.04
C THR D 27 -29.51 64.22 50.42
N ILE D 28 -28.75 63.61 49.51
CA ILE D 28 -27.29 63.56 49.66
C ILE D 28 -26.67 64.96 49.45
N ALA D 29 -26.06 65.48 50.51
CA ALA D 29 -25.39 66.81 50.48
C ALA D 29 -23.88 66.69 50.20
N GLN D 30 -23.22 65.75 50.90
CA GLN D 30 -21.82 65.44 50.62
C GLN D 30 -21.61 63.92 50.59
N ALA D 31 -20.86 63.45 49.61
CA ALA D 31 -20.54 62.02 49.50
C ALA D 31 -19.01 61.80 49.56
N TYR D 32 -18.57 60.72 50.20
CA TYR D 32 -17.13 60.39 50.28
C TYR D 32 -16.94 58.96 49.80
N SER D 33 -15.98 58.81 48.89
CA SER D 33 -15.67 57.51 48.31
C SER D 33 -14.35 57.01 48.90
N SER D 34 -14.38 55.80 49.44
CA SER D 34 -13.23 55.22 50.13
C SER D 34 -12.91 53.78 49.67
N GLY D 35 -11.70 53.55 49.18
CA GLY D 35 -11.22 52.21 48.83
C GLY D 35 -10.55 51.64 50.06
N THR D 36 -10.99 50.49 50.54
CA THR D 36 -10.53 50.04 51.86
C THR D 36 -9.62 48.79 51.80
N MET D 37 -8.92 48.59 50.67
CA MET D 37 -7.92 47.53 50.58
C MET D 37 -6.79 48.04 49.71
N VAL D 38 -5.55 47.75 50.13
CA VAL D 38 -4.34 48.03 49.34
C VAL D 38 -3.46 46.74 49.27
N ARG D 39 -2.71 46.59 48.20
CA ARG D 39 -1.69 45.51 48.05
C ARG D 39 -0.24 46.05 47.80
N GLY D 40 -0.12 47.11 47.01
CA GLY D 40 1.17 47.80 46.91
C GLY D 40 1.97 47.12 45.80
N ILE D 41 1.25 46.75 44.75
CA ILE D 41 1.87 46.10 43.58
C ILE D 41 2.97 46.93 42.88
N GLU D 42 2.80 48.27 42.85
CA GLU D 42 3.84 49.11 42.26
C GLU D 42 5.14 48.88 43.06
N THR D 43 5.05 48.73 44.38
CA THR D 43 6.24 48.53 45.21
C THR D 43 6.89 47.20 44.93
N ILE D 44 6.05 46.16 44.79
CA ILE D 44 6.49 44.80 44.55
C ILE D 44 7.32 44.69 43.26
N LEU D 45 6.99 45.50 42.25
CA LEU D 45 7.68 45.54 40.94
C LEU D 45 9.12 46.08 40.95
N LYS D 46 9.46 46.98 41.87
CA LYS D 46 10.84 47.51 41.89
C LYS D 46 11.92 46.48 41.89
N GLY D 47 12.93 46.66 41.03
CA GLY D 47 14.09 45.77 40.97
C GLY D 47 13.88 44.56 40.06
N ARG D 48 12.67 44.35 39.52
CA ARG D 48 12.38 43.16 38.73
C ARG D 48 12.66 43.39 37.23
N ASP D 49 12.56 42.32 36.42
CA ASP D 49 12.77 42.45 34.97
C ASP D 49 11.53 43.09 34.30
N PRO D 50 11.70 44.14 33.45
CA PRO D 50 10.53 44.76 32.81
C PRO D 50 9.72 43.77 31.95
N ARG D 51 10.39 42.76 31.41
CA ARG D 51 9.67 41.76 30.60
C ARG D 51 8.65 40.98 31.41
N ASP D 52 8.95 40.79 32.71
CA ASP D 52 8.05 40.09 33.64
C ASP D 52 6.87 40.93 34.13
N ALA D 53 6.98 42.26 34.05
CA ALA D 53 6.01 43.14 34.72
C ALA D 53 4.55 42.82 34.32
N TRP D 54 4.28 42.52 33.05
CA TRP D 54 2.87 42.29 32.65
C TRP D 54 2.24 41.20 33.50
N ALA D 55 2.98 40.14 33.82
CA ALA D 55 2.40 39.03 34.57
C ALA D 55 2.02 39.41 36.01
N PHE D 56 2.78 40.33 36.62
CA PHE D 56 2.43 40.89 37.95
C PHE D 56 1.27 41.86 37.88
N VAL D 57 1.35 42.83 36.97
CA VAL D 57 0.33 43.86 37.01
C VAL D 57 -1.02 43.38 36.44
N GLN D 58 -0.96 42.35 35.63
CA GLN D 58 -2.24 41.76 35.19
C GLN D 58 -3.08 41.34 36.41
N ARG D 59 -2.42 40.89 37.48
CA ARG D 59 -3.09 40.44 38.69
C ARG D 59 -3.43 41.65 39.58
N ILE D 60 -3.28 42.87 39.05
CA ILE D 60 -3.96 43.97 39.68
C ILE D 60 -5.47 43.61 39.74
N CYS D 61 -5.96 42.96 38.69
CA CYS D 61 -7.41 42.71 38.58
C CYS D 61 -7.82 41.64 37.60
N GLY D 62 -8.74 40.78 38.04
CA GLY D 62 -9.15 39.61 37.24
C GLY D 62 -10.49 39.84 36.55
N VAL D 63 -11.17 40.95 36.86
CA VAL D 63 -12.40 41.31 36.15
C VAL D 63 -11.97 41.96 34.83
N CYS D 64 -11.25 43.07 34.91
CA CYS D 64 -10.62 43.57 33.65
C CYS D 64 -9.30 42.80 33.49
N THR D 65 -9.36 41.48 33.44
CA THR D 65 -8.17 40.73 33.11
C THR D 65 -7.72 41.26 31.71
N LEU D 66 -6.50 40.86 31.30
CA LEU D 66 -5.90 41.29 30.02
C LEU D 66 -5.48 42.79 30.02
N VAL D 67 -6.28 43.72 30.55
CA VAL D 67 -5.97 45.12 30.21
C VAL D 67 -4.63 45.57 30.81
N HIS D 68 -4.31 45.14 32.03
CA HIS D 68 -3.03 45.53 32.59
C HIS D 68 -1.87 44.82 31.94
N GLY D 69 -2.11 43.65 31.39
CA GLY D 69 -1.06 42.92 30.67
C GLY D 69 -0.73 43.73 29.43
N ILE D 70 -1.80 44.16 28.72
CA ILE D 70 -1.62 44.94 27.50
C ILE D 70 -0.89 46.28 27.84
N ALA D 71 -1.41 47.01 28.83
CA ALA D 71 -0.78 48.29 29.23
C ALA D 71 0.72 48.10 29.56
N SER D 72 1.03 47.00 30.26
CA SER D 72 2.39 46.75 30.64
C SER D 72 3.30 46.47 29.49
N VAL D 73 2.91 45.58 28.58
CA VAL D 73 3.80 45.29 27.45
C VAL D 73 3.95 46.54 26.57
N ARG D 74 2.86 47.29 26.45
CA ARG D 74 2.91 48.56 25.69
C ARG D 74 3.89 49.58 26.32
N ALA D 75 3.96 49.63 27.64
CA ALA D 75 4.85 50.57 28.32
C ALA D 75 6.29 50.18 28.06
N VAL D 76 6.57 48.88 28.14
CA VAL D 76 7.94 48.43 27.86
C VAL D 76 8.32 48.62 26.39
N GLU D 77 7.34 48.46 25.52
CA GLU D 77 7.58 48.58 24.08
C GLU D 77 7.80 50.05 23.72
N ASP D 78 7.07 50.92 24.41
CA ASP D 78 7.28 52.37 24.28
C ASP D 78 8.66 52.79 24.85
N ALA D 79 8.99 52.36 26.06
CA ALA D 79 10.32 52.63 26.68
C ALA D 79 11.44 52.24 25.78
N LEU D 80 11.30 51.08 25.15
CA LEU D 80 12.40 50.50 24.39
C LEU D 80 12.27 50.68 22.89
N ARG D 81 11.18 51.28 22.39
CA ARG D 81 11.04 51.46 20.94
C ARG D 81 10.94 50.14 20.13
N ILE D 82 10.16 49.19 20.64
CA ILE D 82 9.97 47.90 19.95
C ILE D 82 8.72 48.02 19.05
N GLU D 83 8.85 47.90 17.73
CA GLU D 83 7.60 47.88 16.92
C GLU D 83 7.01 46.48 16.92
N LEU D 84 5.68 46.43 17.06
CA LEU D 84 4.92 45.20 16.96
C LEU D 84 4.75 44.74 15.53
N PRO D 85 4.91 43.44 15.27
CA PRO D 85 4.45 42.82 14.03
C PRO D 85 2.94 43.09 13.86
N LEU D 86 2.45 43.41 12.67
CA LEU D 86 1.02 43.57 12.40
C LEU D 86 0.14 42.43 12.97
N ASN D 87 0.53 41.17 12.84
CA ASN D 87 -0.35 40.10 13.33
C ASN D 87 -0.54 40.22 14.85
N ALA D 88 0.50 40.68 15.54
CA ALA D 88 0.42 40.75 16.99
C ALA D 88 -0.50 41.87 17.35
N GLN D 89 -0.46 42.98 16.62
CA GLN D 89 -1.34 44.13 16.92
C GLN D 89 -2.85 43.77 16.68
N LEU D 90 -3.13 43.05 15.59
CA LEU D 90 -4.49 42.60 15.25
C LEU D 90 -5.01 41.60 16.34
N ILE D 91 -4.15 40.68 16.78
CA ILE D 91 -4.51 39.77 17.85
C ILE D 91 -4.77 40.50 19.17
N ARG D 92 -3.87 41.39 19.58
CA ARG D 92 -4.17 42.26 20.72
C ARG D 92 -5.51 42.99 20.58
N ASN D 93 -5.76 43.62 19.44
CA ASN D 93 -7.07 44.30 19.22
C ASN D 93 -8.22 43.32 19.41
N LEU D 94 -8.09 42.09 18.85
CA LEU D 94 -9.18 41.14 18.95
C LEU D 94 -9.44 40.76 20.41
N MET D 95 -8.34 40.55 21.16
CA MET D 95 -8.46 40.13 22.56
C MET D 95 -9.02 41.30 23.42
N ILE D 96 -8.57 42.52 23.11
CA ILE D 96 -9.15 43.72 23.76
C ILE D 96 -10.63 43.81 23.52
N GLY D 97 -11.04 43.67 22.27
CA GLY D 97 -12.48 43.75 21.99
C GLY D 97 -13.25 42.63 22.73
N ALA D 98 -12.72 41.41 22.72
CA ALA D 98 -13.40 40.29 23.40
C ALA D 98 -13.55 40.59 24.88
N GLN D 99 -12.53 41.24 25.44
CA GLN D 99 -12.57 41.60 26.86
C GLN D 99 -13.66 42.64 27.14
N TYR D 100 -13.75 43.67 26.32
CA TYR D 100 -14.79 44.69 26.55
C TYR D 100 -16.17 44.05 26.58
N ILE D 101 -16.42 43.16 25.62
CA ILE D 101 -17.78 42.59 25.39
C ILE D 101 -18.14 41.65 26.53
N HIS D 102 -17.18 40.80 26.90
CA HIS D 102 -17.33 39.94 28.05
C HIS D 102 -17.66 40.77 29.30
N ASP D 103 -16.84 41.77 29.54
CA ASP D 103 -16.83 42.57 30.76
C ASP D 103 -18.08 43.47 30.85
N HIS D 104 -18.46 44.11 29.74
CA HIS D 104 -19.69 44.95 29.77
C HIS D 104 -20.95 44.15 30.00
N VAL D 105 -21.05 43.01 29.30
CA VAL D 105 -22.24 42.21 29.43
C VAL D 105 -22.39 41.69 30.86
N MET D 106 -21.30 41.20 31.46
CA MET D 106 -21.42 40.69 32.80
C MET D 106 -21.67 41.86 33.78
N HIS D 107 -21.06 43.01 33.51
CA HIS D 107 -21.37 44.12 34.33
C HIS D 107 -22.87 44.41 34.38
N PHE D 108 -23.48 44.52 33.21
CA PHE D 108 -24.87 44.89 33.21
C PHE D 108 -25.73 43.83 33.88
N TYR D 109 -25.55 42.55 33.53
CA TYR D 109 -26.46 41.55 34.08
C TYR D 109 -26.11 41.18 35.51
N HIS D 110 -24.83 40.97 35.78
CA HIS D 110 -24.52 40.30 37.04
C HIS D 110 -24.21 41.27 38.17
N LEU D 111 -23.78 42.48 37.82
CA LEU D 111 -23.49 43.49 38.81
C LEU D 111 -24.53 44.61 38.87
N HIS D 112 -24.90 45.19 37.73
CA HIS D 112 -25.82 46.32 37.71
C HIS D 112 -27.33 45.89 37.88
N ALA D 113 -27.77 44.84 37.20
CA ALA D 113 -29.21 44.68 36.89
C ALA D 113 -30.03 44.60 38.17
N LEU D 114 -29.45 44.08 39.25
CA LEU D 114 -30.28 43.88 40.45
C LEU D 114 -30.66 45.18 41.15
N ASP D 115 -30.09 46.30 40.70
CA ASP D 115 -30.51 47.62 41.18
C ASP D 115 -31.82 48.03 40.47
N TRP D 116 -32.10 47.44 39.30
CA TRP D 116 -33.18 47.92 38.44
C TRP D 116 -34.26 46.85 38.31
N VAL D 117 -33.91 45.63 38.70
CA VAL D 117 -34.75 44.45 38.49
C VAL D 117 -35.11 43.84 39.84
N ASP D 118 -36.40 43.66 40.08
CA ASP D 118 -36.83 43.13 41.37
C ASP D 118 -37.16 41.65 41.19
N VAL D 119 -36.34 40.75 41.74
CA VAL D 119 -36.54 39.32 41.44
C VAL D 119 -37.82 38.76 42.05
N VAL D 120 -38.27 39.37 43.15
CA VAL D 120 -39.53 38.95 43.76
C VAL D 120 -40.73 39.33 42.88
N SER D 121 -40.70 40.53 42.31
CA SER D 121 -41.76 40.88 41.33
C SER D 121 -41.81 39.91 40.10
N ALA D 122 -40.66 39.31 39.71
CA ALA D 122 -40.66 38.36 38.59
C ALA D 122 -41.52 37.11 38.84
N LEU D 123 -41.71 36.75 40.10
CA LEU D 123 -42.60 35.62 40.44
C LEU D 123 -44.04 35.91 40.14
N SER D 124 -44.39 37.19 39.95
CA SER D 124 -45.79 37.58 39.59
C SER D 124 -46.05 37.54 38.11
N ALA D 125 -44.99 37.54 37.30
CA ALA D 125 -45.16 37.62 35.86
C ALA D 125 -46.04 36.51 35.28
N ASP D 126 -46.77 36.87 34.23
CA ASP D 126 -47.35 35.90 33.32
C ASP D 126 -46.31 35.44 32.28
N PRO D 127 -46.03 34.13 32.23
CA PRO D 127 -44.99 33.63 31.28
C PRO D 127 -45.26 33.98 29.83
N ARG D 128 -46.52 33.90 29.41
CA ARG D 128 -46.86 34.21 28.04
C ARG D 128 -46.67 35.70 27.73
N ALA D 129 -47.09 36.55 28.64
CA ALA D 129 -46.85 37.98 28.47
C ALA D 129 -45.37 38.37 28.54
N THR D 130 -44.61 37.65 29.36
CA THR D 130 -43.17 37.77 29.29
C THR D 130 -42.58 37.44 27.91
N SER D 131 -43.02 36.31 27.33
CA SER D 131 -42.60 35.90 26.02
C SER D 131 -42.93 37.00 25.02
N GLU D 132 -44.14 37.54 25.11
CA GLU D 132 -44.55 38.64 24.20
C GLU D 132 -43.71 39.92 24.34
N LEU D 133 -43.42 40.32 25.56
CA LEU D 133 -42.53 41.44 25.72
C LEU D 133 -41.16 41.13 25.10
N ALA D 134 -40.55 40.03 25.51
CA ALA D 134 -39.22 39.65 24.98
C ALA D 134 -39.20 39.63 23.45
N GLN D 135 -40.24 39.01 22.85
CA GLN D 135 -40.33 38.87 21.42
C GLN D 135 -40.48 40.21 20.75
N SER D 136 -41.09 41.19 21.43
CA SER D 136 -41.36 42.47 20.75
C SER D 136 -40.09 43.33 20.75
N ILE D 137 -39.07 43.00 21.53
CA ILE D 137 -37.84 43.79 21.46
C ILE D 137 -36.66 43.13 20.71
N SER D 138 -36.79 41.88 20.28
CA SER D 138 -35.59 41.18 19.82
C SER D 138 -35.95 39.92 19.09
N ALA D 139 -35.05 39.51 18.18
CA ALA D 139 -35.17 38.21 17.51
C ALA D 139 -34.50 37.09 18.33
N TRP D 140 -33.92 37.41 19.50
CA TRP D 140 -33.22 36.32 20.24
C TRP D 140 -34.13 35.08 20.23
N PRO D 141 -33.57 33.87 19.99
CA PRO D 141 -34.52 32.72 19.90
C PRO D 141 -35.19 32.31 21.22
N LYS D 142 -34.49 32.38 22.39
CA LYS D 142 -34.98 31.75 23.66
C LYS D 142 -36.00 32.61 24.39
N SER D 143 -37.27 32.41 24.01
CA SER D 143 -38.29 33.34 24.44
C SER D 143 -39.63 32.67 24.62
N SER D 144 -39.72 31.33 24.59
CA SER D 144 -41.03 30.73 24.64
C SER D 144 -41.70 30.93 26.00
N PRO D 145 -43.04 30.94 26.02
CA PRO D 145 -43.71 30.92 27.34
C PRO D 145 -43.24 29.77 28.26
N GLY D 146 -43.09 28.54 27.73
CA GLY D 146 -42.67 27.44 28.57
C GLY D 146 -41.29 27.67 29.15
N TYR D 147 -40.42 28.32 28.41
CA TYR D 147 -39.08 28.71 28.89
C TYR D 147 -39.18 29.74 30.04
N PHE D 148 -40.00 30.78 29.86
CA PHE D 148 -40.20 31.68 30.98
C PHE D 148 -40.89 31.03 32.20
N ALA D 149 -41.89 30.17 31.97
CA ALA D 149 -42.56 29.46 33.07
C ALA D 149 -41.55 28.59 33.85
N ASP D 150 -40.65 27.91 33.14
CA ASP D 150 -39.71 27.01 33.79
C ASP D 150 -38.65 27.80 34.52
N THR D 151 -38.24 28.95 33.97
CA THR D 151 -37.26 29.82 34.61
C THR D 151 -37.92 30.37 35.90
N GLN D 152 -39.16 30.84 35.78
CA GLN D 152 -39.85 31.44 36.92
C GLN D 152 -40.06 30.40 38.07
N LYS D 153 -40.46 29.20 37.72
CA LYS D 153 -40.55 28.10 38.65
C LYS D 153 -39.24 27.74 39.39
N ARG D 154 -38.11 27.80 38.69
CA ARG D 154 -36.81 27.65 39.36
C ARG D 154 -36.59 28.73 40.38
N ILE D 155 -36.92 29.96 40.04
CA ILE D 155 -36.69 31.05 40.99
C ILE D 155 -37.66 30.87 42.17
N LYS D 156 -38.87 30.48 41.84
CA LYS D 156 -39.88 30.30 42.86
C LYS D 156 -39.48 29.22 43.88
N THR D 157 -39.07 28.04 43.40
CA THR D 157 -38.65 26.98 44.27
C THR D 157 -37.49 27.46 45.17
N PHE D 158 -36.54 28.18 44.58
CA PHE D 158 -35.44 28.77 45.34
C PHE D 158 -35.96 29.71 46.47
N VAL D 159 -36.76 30.68 46.08
CA VAL D 159 -37.26 31.70 47.02
C VAL D 159 -38.11 31.08 48.13
N GLU D 160 -38.90 30.09 47.79
CA GLU D 160 -39.70 29.44 48.79
C GLU D 160 -38.94 28.45 49.62
N SER D 161 -37.67 28.21 49.33
CA SER D 161 -36.98 27.16 50.09
C SER D 161 -36.57 27.72 51.47
N GLY D 162 -36.57 29.04 51.63
CA GLY D 162 -36.13 29.61 52.89
C GLY D 162 -34.67 29.98 52.85
N GLN D 163 -33.94 29.48 51.85
CA GLN D 163 -32.53 29.80 51.76
C GLN D 163 -32.29 30.69 50.54
N LEU D 164 -32.31 31.99 50.79
CA LEU D 164 -32.35 33.03 49.75
C LEU D 164 -30.97 33.36 49.19
N GLY D 165 -29.91 32.90 49.86
CA GLY D 165 -28.56 32.97 49.25
C GLY D 165 -28.21 34.42 48.97
N ILE D 166 -27.85 34.72 47.71
CA ILE D 166 -27.37 36.09 47.39
C ILE D 166 -28.53 37.08 47.32
N PHE D 167 -29.78 36.58 47.32
CA PHE D 167 -30.96 37.43 47.37
C PHE D 167 -31.39 37.85 48.80
N ALA D 168 -30.76 37.28 49.83
CA ALA D 168 -31.25 37.43 51.21
C ALA D 168 -31.12 38.89 51.63
N ASN D 169 -32.13 39.39 52.33
CA ASN D 169 -32.15 40.77 52.81
C ASN D 169 -32.10 41.76 51.66
N GLY D 170 -32.55 41.36 50.47
CA GLY D 170 -32.42 42.25 49.31
C GLY D 170 -33.52 43.32 49.42
N TYR D 171 -33.48 44.31 48.52
CA TYR D 171 -34.35 45.48 48.63
C TYR D 171 -35.65 45.34 47.84
N TRP D 172 -36.08 44.10 47.63
CA TRP D 172 -37.26 43.75 46.83
C TRP D 172 -38.48 44.51 47.30
N GLY D 173 -39.30 45.00 46.36
CA GLY D 173 -40.47 45.82 46.73
C GLY D 173 -40.16 47.30 47.02
N HIS D 174 -38.90 47.70 46.98
CA HIS D 174 -38.56 49.10 47.21
C HIS D 174 -39.29 49.94 46.18
N PRO D 175 -39.74 51.16 46.57
CA PRO D 175 -40.52 51.97 45.59
C PRO D 175 -39.70 52.44 44.35
N ALA D 176 -38.38 52.37 44.40
CA ALA D 176 -37.60 52.79 43.23
C ALA D 176 -37.59 51.70 42.10
N TYR D 177 -38.09 50.50 42.41
CA TYR D 177 -38.22 49.44 41.39
C TYR D 177 -39.43 49.74 40.52
N ARG D 178 -39.21 50.01 39.27
CA ARG D 178 -40.28 50.37 38.37
C ARG D 178 -40.70 49.38 37.30
N LEU D 179 -39.95 48.32 37.12
CA LEU D 179 -40.30 47.39 36.04
C LEU D 179 -41.58 46.62 36.37
N PRO D 180 -42.43 46.39 35.35
CA PRO D 180 -43.52 45.37 35.49
C PRO D 180 -43.01 43.91 35.69
N PRO D 181 -43.83 43.08 36.38
CA PRO D 181 -43.38 41.67 36.61
C PRO D 181 -42.72 41.01 35.36
N GLU D 182 -43.35 41.18 34.19
CA GLU D 182 -42.87 40.60 32.92
C GLU D 182 -41.46 41.05 32.56
N ALA D 183 -41.16 42.34 32.73
CA ALA D 183 -39.82 42.81 32.40
C ALA D 183 -38.78 42.28 33.41
N ASN D 184 -39.16 42.13 34.67
CA ASN D 184 -38.27 41.56 35.69
C ASN D 184 -37.96 40.08 35.33
N LEU D 185 -38.99 39.31 34.96
CA LEU D 185 -38.77 37.91 34.65
C LEU D 185 -37.90 37.76 33.41
N MET D 186 -38.13 38.61 32.43
CA MET D 186 -37.28 38.64 31.26
C MET D 186 -35.80 38.89 31.61
N ALA D 187 -35.54 39.86 32.49
CA ALA D 187 -34.17 40.22 32.86
C ALA D 187 -33.50 39.11 33.63
N VAL D 188 -34.24 38.40 34.47
CA VAL D 188 -33.72 37.23 35.18
C VAL D 188 -33.35 36.05 34.27
N ALA D 189 -34.21 35.72 33.31
CA ALA D 189 -33.85 34.75 32.30
C ALA D 189 -32.52 35.13 31.60
N HIS D 190 -32.39 36.38 31.20
CA HIS D 190 -31.25 36.81 30.41
C HIS D 190 -29.99 36.90 31.29
N TYR D 191 -30.17 37.14 32.57
CA TYR D 191 -29.07 37.09 33.55
C TYR D 191 -28.49 35.70 33.49
N LEU D 192 -29.37 34.69 33.46
CA LEU D 192 -28.95 33.30 33.37
C LEU D 192 -28.32 33.04 32.04
N GLU D 193 -28.88 33.60 30.95
CA GLU D 193 -28.35 33.32 29.65
C GLU D 193 -26.95 33.90 29.55
N ALA D 194 -26.75 35.10 30.08
CA ALA D 194 -25.47 35.79 30.11
C ALA D 194 -24.41 34.99 30.86
N LEU D 195 -24.79 34.22 31.88
CA LEU D 195 -23.78 33.34 32.54
C LEU D 195 -23.29 32.27 31.58
N ALA D 196 -24.20 31.66 30.80
CA ALA D 196 -23.78 30.60 29.89
C ALA D 196 -23.00 31.22 28.75
N TRP D 197 -23.48 32.34 28.25
CA TRP D 197 -22.80 32.96 27.13
C TRP D 197 -21.37 33.38 27.51
N GLN D 198 -21.18 34.01 28.66
CA GLN D 198 -19.85 34.56 28.95
C GLN D 198 -18.78 33.50 29.10
N ARG D 199 -19.17 32.31 29.56
CA ARG D 199 -18.19 31.26 29.77
C ARG D 199 -17.78 30.63 28.43
N ASP D 200 -18.68 30.65 27.47
CA ASP D 200 -18.32 30.29 26.10
C ASP D 200 -17.44 31.36 25.49
N THR D 201 -17.75 32.63 25.70
CA THR D 201 -16.89 33.64 25.11
C THR D 201 -15.48 33.78 25.66
N ALA D 202 -15.29 33.34 26.91
CA ALA D 202 -13.94 33.28 27.54
C ALA D 202 -12.99 32.36 26.77
N LYS D 203 -13.52 31.42 26.00
CA LYS D 203 -12.66 30.61 25.15
C LYS D 203 -11.79 31.42 24.17
N PHE D 204 -12.23 32.61 23.84
CA PHE D 204 -11.55 33.41 22.81
C PHE D 204 -10.14 33.75 23.32
N HIS D 205 -10.04 34.24 24.56
CA HIS D 205 -8.76 34.49 25.18
C HIS D 205 -7.96 33.21 25.40
N ALA D 206 -8.62 32.07 25.68
CA ALA D 206 -7.86 30.85 25.88
C ALA D 206 -7.15 30.44 24.59
N ILE D 207 -7.80 30.62 23.45
CA ILE D 207 -7.15 30.27 22.18
C ILE D 207 -5.84 31.06 21.93
N PHE D 208 -5.89 32.38 22.14
CA PHE D 208 -4.73 33.23 21.85
C PHE D 208 -3.78 33.32 23.06
N GLY D 209 -4.32 33.27 24.27
CA GLY D 209 -3.48 33.65 25.47
C GLY D 209 -3.37 32.53 26.47
N GLY D 210 -3.94 31.37 26.11
CA GLY D 210 -3.82 30.14 26.91
C GLY D 210 -4.88 29.88 27.99
N LYS D 211 -5.47 30.94 28.57
CA LYS D 211 -6.40 30.76 29.70
C LYS D 211 -7.19 32.04 29.86
N ASN D 212 -8.36 31.96 30.48
CA ASN D 212 -9.04 33.13 30.94
C ASN D 212 -9.67 32.70 32.24
N PRO D 213 -9.51 33.49 33.31
CA PRO D 213 -8.87 34.80 33.42
C PRO D 213 -7.32 34.72 33.28
N HIS D 214 -6.73 35.87 33.01
CA HIS D 214 -5.31 36.03 33.00
C HIS D 214 -4.57 35.39 31.88
N PRO D 215 -4.92 35.77 30.65
CA PRO D 215 -4.17 35.16 29.52
C PRO D 215 -2.69 35.65 29.53
N ASN D 216 -1.85 35.07 28.70
CA ASN D 216 -0.45 35.44 28.67
C ASN D 216 -0.14 36.45 27.58
N PHE D 217 0.89 37.28 27.83
CA PHE D 217 1.31 38.28 26.85
C PHE D 217 2.81 38.18 26.72
N VAL D 218 3.36 38.95 25.77
CA VAL D 218 4.82 39.01 25.70
C VAL D 218 5.27 40.41 25.21
N VAL D 219 6.38 40.93 25.75
CA VAL D 219 6.93 42.18 25.19
C VAL D 219 7.46 41.96 23.77
N GLY D 220 6.94 42.69 22.78
CA GLY D 220 7.44 42.51 21.42
C GLY D 220 6.53 41.69 20.50
N GLY D 221 5.39 41.23 20.99
CA GLY D 221 4.39 40.54 20.11
C GLY D 221 3.33 39.76 20.84
N VAL D 222 3.03 38.54 20.39
CA VAL D 222 2.07 37.72 21.15
C VAL D 222 2.75 36.37 21.23
N PRO D 223 2.51 35.64 22.33
CA PRO D 223 3.28 34.42 22.49
C PRO D 223 2.81 33.36 21.48
N SER D 224 1.58 33.48 20.95
CA SER D 224 1.03 32.38 20.14
C SER D 224 1.52 32.46 18.66
N PRO D 225 2.31 31.49 18.21
CA PRO D 225 2.76 31.57 16.84
C PRO D 225 1.66 31.23 15.88
N ILE D 226 1.88 31.58 14.61
CA ILE D 226 0.93 31.22 13.55
C ILE D 226 1.65 30.28 12.60
N ASP D 227 1.09 29.11 12.34
CA ASP D 227 1.73 28.22 11.33
C ASP D 227 0.67 27.23 10.84
N LEU D 228 0.27 27.38 9.58
CA LEU D 228 -0.88 26.69 9.04
C LEU D 228 -0.63 25.19 8.97
N ASP D 229 0.64 24.80 8.98
CA ASP D 229 1.00 23.40 8.83
C ASP D 229 1.58 22.80 10.10
N SER D 230 1.13 23.23 11.27
CA SER D 230 1.69 22.69 12.52
C SER D 230 0.58 22.30 13.48
N ASP D 231 0.86 21.30 14.33
CA ASP D 231 -0.06 20.82 15.33
C ASP D 231 0.03 21.62 16.61
N SER D 232 0.82 22.68 16.60
CA SER D 232 1.08 23.34 17.86
C SER D 232 1.11 24.85 17.67
N ALA D 233 0.41 25.30 16.64
CA ALA D 233 0.36 26.74 16.38
C ALA D 233 -1.06 27.13 15.91
N LEU D 234 -1.30 28.42 15.71
CA LEU D 234 -2.60 28.86 15.21
C LEU D 234 -2.65 28.46 13.75
N ASN D 235 -3.66 27.66 13.42
CA ASN D 235 -3.80 27.09 12.09
C ASN D 235 -5.26 27.24 11.64
N ALA D 236 -5.64 26.67 10.51
CA ALA D 236 -7.01 26.97 10.01
C ALA D 236 -8.09 26.47 11.00
N LYS D 237 -7.80 25.37 11.69
CA LYS D 237 -8.70 24.80 12.71
C LYS D 237 -8.93 25.81 13.82
N ARG D 238 -7.85 26.33 14.42
CA ARG D 238 -7.99 27.24 15.55
C ARG D 238 -8.68 28.46 15.01
N LEU D 239 -8.26 28.93 13.85
CA LEU D 239 -8.86 30.20 13.38
C LEU D 239 -10.36 30.04 13.05
N ALA D 240 -10.81 28.84 12.70
CA ALA D 240 -12.28 28.63 12.49
C ALA D 240 -13.03 28.78 13.81
N GLU D 241 -12.39 28.37 14.91
CA GLU D 241 -13.04 28.43 16.19
C GLU D 241 -13.13 29.87 16.60
N VAL D 242 -12.07 30.62 16.36
CA VAL D 242 -12.06 32.09 16.63
C VAL D 242 -13.26 32.78 15.90
N ARG D 243 -13.49 32.38 14.64
CA ARG D 243 -14.53 33.03 13.83
C ARG D 243 -15.88 32.73 14.45
N ASN D 244 -16.15 31.48 14.89
CA ASN D 244 -17.47 31.23 15.51
C ASN D 244 -17.70 32.04 16.79
N LEU D 245 -16.66 32.20 17.60
CA LEU D 245 -16.77 33.00 18.85
C LEU D 245 -17.16 34.46 18.58
N ILE D 246 -16.57 35.06 17.54
CA ILE D 246 -16.93 36.45 17.19
C ILE D 246 -18.42 36.58 16.83
N GLN D 247 -18.93 35.62 16.06
CA GLN D 247 -20.39 35.59 15.74
C GLN D 247 -21.26 35.45 16.99
N SER D 248 -20.89 34.56 17.92
CA SER D 248 -21.74 34.48 19.10
C SER D 248 -21.65 35.71 20.01
N MET D 249 -20.52 36.42 19.99
CA MET D 249 -20.42 37.68 20.73
C MET D 249 -21.38 38.67 20.06
N ARG D 250 -21.34 38.71 18.74
CA ARG D 250 -22.12 39.69 18.07
C ARG D 250 -23.63 39.45 18.25
N THR D 251 -24.08 38.20 18.16
CA THR D 251 -25.50 37.87 18.32
C THR D 251 -26.00 38.26 19.73
N PHE D 252 -25.21 37.97 20.75
CA PHE D 252 -25.61 38.27 22.12
C PHE D 252 -25.72 39.77 22.39
N VAL D 253 -24.74 40.54 21.93
CA VAL D 253 -24.81 42.00 22.09
C VAL D 253 -26.05 42.54 21.34
N ASP D 254 -26.21 42.14 20.08
CA ASP D 254 -27.29 42.69 19.25
C ASP D 254 -28.68 42.29 19.78
N GLN D 255 -28.83 41.04 20.24
CA GLN D 255 -30.17 40.48 20.46
C GLN D 255 -30.54 40.45 21.92
N VAL D 256 -29.54 40.48 22.80
CA VAL D 256 -29.86 40.38 24.22
C VAL D 256 -29.51 41.64 25.02
N TYR D 257 -28.21 41.98 25.06
CA TYR D 257 -27.68 43.07 25.87
C TYR D 257 -28.22 44.42 25.43
N VAL D 258 -27.96 44.81 24.19
CA VAL D 258 -28.39 46.15 23.80
C VAL D 258 -29.94 46.37 23.89
N PRO D 259 -30.75 45.45 23.37
CA PRO D 259 -32.21 45.68 23.45
C PRO D 259 -32.73 45.67 24.91
N ASP D 260 -32.12 44.88 25.79
CA ASP D 260 -32.56 44.88 27.22
C ASP D 260 -32.26 46.23 27.88
N THR D 261 -31.07 46.75 27.59
CA THR D 261 -30.64 48.01 28.13
C THR D 261 -31.59 49.12 27.76
N LEU D 262 -31.92 49.22 26.49
CA LEU D 262 -32.87 50.26 26.05
C LEU D 262 -34.26 50.05 26.57
N ALA D 263 -34.69 48.79 26.70
CA ALA D 263 -36.04 48.53 27.18
C ALA D 263 -36.13 48.93 28.66
N ILE D 264 -35.17 48.48 29.46
CA ILE D 264 -35.16 48.79 30.86
C ILE D 264 -35.02 50.31 31.10
N ALA D 265 -34.18 51.01 30.30
CA ALA D 265 -33.99 52.43 30.44
C ALA D 265 -35.29 53.19 30.27
N GLY D 266 -36.16 52.64 29.41
CA GLY D 266 -37.45 53.23 29.11
C GLY D 266 -38.32 53.35 30.36
N PHE D 267 -38.03 52.60 31.41
CA PHE D 267 -38.83 52.72 32.62
C PHE D 267 -38.16 53.60 33.66
N TYR D 268 -36.97 54.15 33.37
CA TYR D 268 -36.16 54.89 34.37
C TYR D 268 -35.62 56.21 33.82
N LYS D 269 -36.44 56.87 33.04
CA LYS D 269 -36.01 58.03 32.34
C LYS D 269 -35.61 59.20 33.31
N ASP D 270 -36.24 59.27 34.48
CA ASP D 270 -35.77 60.21 35.48
C ASP D 270 -34.37 59.95 36.00
N TRP D 271 -33.78 58.78 35.69
CA TRP D 271 -32.37 58.57 36.01
C TRP D 271 -31.48 59.23 34.98
N GLY D 272 -32.09 59.87 33.98
CA GLY D 272 -31.36 60.70 33.03
C GLY D 272 -31.15 62.12 33.61
N GLU D 273 -31.57 62.34 34.87
CA GLU D 273 -31.53 63.68 35.50
C GLU D 273 -30.64 63.78 36.70
N ARG D 274 -29.90 62.72 37.04
CA ARG D 274 -28.97 62.73 38.18
C ARG D 274 -27.75 61.82 37.91
N GLY D 275 -26.68 62.03 38.65
CA GLY D 275 -25.53 61.10 38.64
C GLY D 275 -24.35 61.50 37.75
N GLU D 276 -24.24 62.75 37.35
CA GLU D 276 -23.03 63.21 36.65
C GLU D 276 -22.70 64.64 37.08
N GLY D 277 -21.73 64.79 38.00
CA GLY D 277 -21.44 66.09 38.59
C GLY D 277 -20.14 66.79 38.21
N LEU D 278 -19.40 66.28 37.22
CA LEU D 278 -18.10 66.84 36.80
C LEU D 278 -18.15 67.64 35.51
N GLY D 279 -18.87 67.12 34.53
CA GLY D 279 -18.89 67.73 33.22
C GLY D 279 -17.60 67.57 32.42
N ASN D 280 -16.58 66.88 32.96
CA ASN D 280 -15.28 66.72 32.28
C ASN D 280 -15.00 65.26 32.00
N PHE D 281 -14.43 64.96 30.85
CA PHE D 281 -14.22 63.58 30.43
C PHE D 281 -12.88 63.37 29.76
N LEU D 282 -12.24 62.24 30.03
CA LEU D 282 -10.87 62.03 29.53
C LEU D 282 -10.74 60.67 28.84
N CYS D 283 -10.11 60.67 27.66
CA CYS D 283 -9.78 59.43 26.93
C CYS D 283 -8.32 59.41 26.47
N TYR D 284 -7.62 58.30 26.64
CA TYR D 284 -6.32 58.15 25.99
C TYR D 284 -6.49 57.61 24.55
N GLY D 285 -7.66 57.04 24.26
CA GLY D 285 -7.86 56.42 22.95
C GLY D 285 -7.20 55.05 22.80
N ASP D 286 -7.62 54.30 21.80
CA ASP D 286 -7.11 52.93 21.62
C ASP D 286 -7.59 52.32 20.30
N LEU D 287 -7.04 51.14 19.99
CA LEU D 287 -7.49 50.27 18.91
C LEU D 287 -7.11 50.83 17.57
N PRO D 288 -5.81 50.79 17.26
CA PRO D 288 -5.34 51.30 15.93
C PRO D 288 -5.67 50.34 14.79
N THR D 289 -5.67 50.84 13.56
CA THR D 289 -6.03 49.97 12.44
C THR D 289 -4.83 49.19 11.89
N GLY D 290 -3.61 49.67 12.14
CA GLY D 290 -2.38 49.11 11.54
C GLY D 290 -1.39 48.67 12.64
N ALA D 291 -0.14 48.41 12.26
CA ALA D 291 0.86 47.89 13.20
C ALA D 291 1.29 48.90 14.29
N SER D 292 1.32 50.17 13.91
CA SER D 292 1.80 51.21 14.82
C SER D 292 0.65 51.65 15.75
N LEU D 293 1.02 51.93 17.01
CA LEU D 293 0.13 52.52 18.00
C LEU D 293 -0.08 54.06 17.80
N ASP D 294 -0.62 54.42 16.64
CA ASP D 294 -0.67 55.81 16.19
C ASP D 294 -2.11 56.35 16.43
N PRO D 295 -2.28 57.46 17.23
CA PRO D 295 -3.63 57.89 17.63
C PRO D 295 -4.51 58.36 16.49
N ALA D 296 -3.92 58.72 15.35
CA ALA D 296 -4.73 59.28 14.26
C ALA D 296 -5.57 58.12 13.71
N THR D 297 -5.17 56.91 14.09
CA THR D 297 -5.58 55.65 13.47
C THR D 297 -6.60 54.92 14.39
N PHE D 298 -6.91 55.53 15.55
CA PHE D 298 -7.60 54.83 16.65
C PHE D 298 -9.10 54.68 16.38
N LEU D 299 -9.70 53.55 16.74
CA LEU D 299 -11.13 53.51 16.89
C LEU D 299 -11.60 54.55 17.92
N PHE D 300 -11.05 54.47 19.14
CA PHE D 300 -11.38 55.44 20.22
C PHE D 300 -10.35 56.57 20.21
N PRO D 301 -10.80 57.79 19.95
CA PRO D 301 -9.91 58.97 19.86
C PRO D 301 -9.35 59.38 21.19
N ARG D 302 -8.14 59.95 21.19
CA ARG D 302 -7.57 60.57 22.36
C ARG D 302 -8.14 61.97 22.56
N GLY D 303 -8.45 62.34 23.79
CA GLY D 303 -8.79 63.73 24.04
C GLY D 303 -9.52 63.97 25.34
N ALA D 304 -9.80 65.23 25.60
CA ALA D 304 -10.58 65.60 26.78
C ALA D 304 -11.69 66.56 26.41
N ILE D 305 -12.83 66.35 27.07
CA ILE D 305 -13.94 67.29 27.04
C ILE D 305 -14.03 67.99 28.41
N LEU D 306 -14.19 69.31 28.40
CA LEU D 306 -14.47 70.08 29.60
C LEU D 306 -15.82 70.74 29.51
N ASP D 307 -16.42 70.94 30.69
CA ASP D 307 -17.73 71.59 30.88
C ASP D 307 -18.83 71.14 29.95
N ARG D 308 -18.89 69.83 29.64
CA ARG D 308 -19.88 69.27 28.71
C ARG D 308 -19.86 69.95 27.37
N ASP D 309 -18.70 70.44 26.93
CA ASP D 309 -18.67 71.24 25.71
C ASP D 309 -18.08 70.39 24.59
N LEU D 310 -18.94 69.96 23.68
CA LEU D 310 -18.59 68.93 22.67
C LEU D 310 -17.93 69.55 21.43
N SER D 311 -17.85 70.87 21.40
CA SER D 311 -17.34 71.58 20.22
C SER D 311 -15.83 71.75 20.26
N THR D 312 -15.20 71.41 21.40
CA THR D 312 -13.72 71.45 21.57
C THR D 312 -13.13 70.21 22.23
N ILE D 313 -12.29 69.48 21.48
CA ILE D 313 -11.59 68.30 22.03
C ILE D 313 -10.21 68.81 22.44
N HIS D 314 -9.90 68.79 23.73
CA HIS D 314 -8.55 69.19 24.15
C HIS D 314 -7.57 68.05 23.95
N GLU D 315 -6.39 68.40 23.43
CA GLU D 315 -5.29 67.49 23.33
C GLU D 315 -4.84 66.95 24.69
N VAL D 316 -4.48 65.67 24.70
CA VAL D 316 -3.79 65.11 25.89
C VAL D 316 -2.36 64.63 25.71
N ASP D 317 -1.50 64.94 26.69
CA ASP D 317 -0.09 64.54 26.63
C ASP D 317 0.19 63.73 27.89
N LEU D 318 0.57 62.47 27.69
CA LEU D 318 0.82 61.55 28.78
C LEU D 318 2.19 61.75 29.46
N GLU D 319 3.07 62.51 28.78
CA GLU D 319 4.40 62.76 29.28
C GLU D 319 4.57 64.15 29.93
N ALA D 320 3.66 65.09 29.66
CA ALA D 320 3.78 66.44 30.27
C ALA D 320 3.62 66.38 31.79
N THR D 321 4.69 66.72 32.45
CA THR D 321 4.73 66.76 33.87
C THR D 321 3.62 67.52 34.61
N GLY D 322 3.16 68.67 34.12
CA GLY D 322 2.08 69.42 34.81
C GLY D 322 0.65 69.02 34.47
N GLU D 323 0.51 67.93 33.69
CA GLU D 323 -0.79 67.49 33.14
C GLU D 323 -1.52 66.41 33.96
N ILE D 324 -1.08 65.15 33.84
CA ILE D 324 -1.68 64.08 34.63
C ILE D 324 -0.94 64.10 35.98
N GLN D 325 -1.62 64.31 37.11
CA GLN D 325 -0.95 64.17 38.39
C GLN D 325 -1.77 63.46 39.41
N GLU D 326 -1.10 62.75 40.30
CA GLU D 326 -1.77 62.14 41.43
C GLU D 326 -1.47 62.87 42.72
N PHE D 327 -2.57 63.16 43.40
CA PHE D 327 -2.60 63.90 44.64
C PHE D 327 -2.93 62.96 45.77
N VAL D 328 -2.50 63.32 46.98
CA VAL D 328 -2.77 62.46 48.13
C VAL D 328 -3.29 63.27 49.31
N ASN D 329 -3.87 64.44 49.05
CA ASN D 329 -4.32 65.29 50.17
C ASN D 329 -5.35 64.58 51.05
N HIS D 330 -6.10 63.64 50.45
CA HIS D 330 -7.08 62.84 51.20
C HIS D 330 -6.90 61.31 51.01
N SER D 331 -5.64 60.88 50.81
CA SER D 331 -5.29 59.48 50.57
C SER D 331 -4.27 58.97 51.58
N TRP D 332 -4.24 57.66 51.80
CA TRP D 332 -3.38 57.20 52.86
C TRP D 332 -1.93 56.96 52.41
N TYR D 333 -1.26 58.01 51.93
CA TYR D 333 0.11 57.92 51.39
C TYR D 333 0.98 59.04 51.93
N GLU D 334 2.29 58.79 51.95
CA GLU D 334 3.30 59.85 52.15
C GLU D 334 4.04 60.16 50.83
N TYR D 335 4.12 61.45 50.49
CA TYR D 335 5.00 61.89 49.39
C TYR D 335 6.24 62.53 50.03
N SER D 336 7.43 62.05 49.70
CA SER D 336 8.67 62.72 50.17
C SER D 336 8.64 64.23 49.86
N VAL D 337 7.95 64.65 48.79
CA VAL D 337 7.98 66.08 48.38
C VAL D 337 6.93 66.99 49.08
N GLY D 338 6.16 66.43 50.03
CA GLY D 338 5.03 67.16 50.62
C GLY D 338 3.71 66.52 50.19
N ASN D 339 2.87 66.27 51.18
CA ASN D 339 1.63 65.58 50.97
C ASN D 339 0.57 66.41 50.25
N ASP D 340 0.92 67.65 49.90
CA ASP D 340 0.02 68.54 49.17
C ASP D 340 0.50 68.67 47.72
N ARG D 341 1.60 68.04 47.40
CA ARG D 341 2.06 68.14 46.03
C ARG D 341 1.42 67.02 45.13
N GLY D 342 1.29 67.28 43.83
CA GLY D 342 0.77 66.26 42.90
C GLY D 342 1.94 65.72 42.09
N LEU D 343 1.96 64.40 41.83
CA LEU D 343 3.10 63.79 41.13
C LEU D 343 2.61 63.19 39.84
N HIS D 344 3.30 63.54 38.77
CA HIS D 344 3.19 62.85 37.53
C HIS D 344 3.76 61.43 37.65
N PRO D 345 3.14 60.43 36.97
CA PRO D 345 3.47 59.03 37.26
C PRO D 345 4.92 58.67 37.06
N TYR D 346 5.60 59.32 36.13
CA TYR D 346 7.04 59.11 36.00
C TYR D 346 7.81 59.40 37.30
N GLU D 347 7.24 60.21 38.19
CA GLU D 347 7.87 60.44 39.49
C GLU D 347 6.99 60.06 40.68
N GLY D 348 6.08 59.12 40.45
CA GLY D 348 5.06 58.77 41.43
C GLY D 348 5.68 58.04 42.62
N GLN D 349 5.01 58.08 43.76
CA GLN D 349 5.56 57.41 44.92
C GLN D 349 4.45 56.67 45.51
N THR D 350 4.77 55.48 45.96
CA THR D 350 3.81 54.74 46.69
C THR D 350 4.31 54.17 48.03
N ASN D 351 4.20 55.05 49.02
CA ASN D 351 4.56 54.81 50.42
C ASN D 351 3.31 54.80 51.25
N LEU D 352 2.95 53.65 51.79
CA LEU D 352 1.68 53.44 52.45
C LEU D 352 1.73 54.09 53.83
N GLU D 353 0.67 54.82 54.23
CA GLU D 353 0.68 55.50 55.53
C GLU D 353 -0.74 55.67 56.02
N TYR D 354 -1.27 54.64 56.65
CA TYR D 354 -2.58 54.70 57.19
C TYR D 354 -2.64 55.61 58.45
N ASP D 355 -1.85 55.25 59.48
CA ASP D 355 -1.90 55.93 60.79
C ASP D 355 -1.67 57.43 60.72
N ARG D 356 -0.58 57.85 60.06
CA ARG D 356 -0.19 59.26 60.09
C ARG D 356 -0.98 60.11 59.13
N ARG D 357 -1.86 59.48 58.37
CA ARG D 357 -2.72 60.21 57.42
C ARG D 357 -4.19 60.12 57.82
N GLY D 358 -4.44 59.71 59.07
CA GLY D 358 -5.78 59.79 59.69
C GLY D 358 -6.67 58.55 59.57
N GLY D 359 -6.13 57.41 59.14
CA GLY D 359 -6.95 56.22 58.98
C GLY D 359 -7.35 55.68 60.37
N VAL D 360 -8.59 55.28 60.50
CA VAL D 360 -9.17 55.08 61.81
C VAL D 360 -8.95 53.61 62.12
N ALA D 361 -8.46 53.31 63.33
CA ALA D 361 -8.20 51.92 63.78
C ALA D 361 -9.51 51.14 63.78
N PRO D 362 -9.53 50.00 63.09
CA PRO D 362 -10.64 49.05 63.21
C PRO D 362 -10.67 48.57 64.64
N PRO D 363 -11.85 48.18 65.16
CA PRO D 363 -13.18 48.34 64.51
C PRO D 363 -13.72 49.81 64.54
N TYR D 364 -14.29 50.28 63.44
CA TYR D 364 -14.76 51.65 63.41
C TYR D 364 -16.12 51.76 62.70
N LYS D 365 -16.88 52.81 63.04
CA LYS D 365 -18.18 53.12 62.42
C LYS D 365 -18.16 54.28 61.40
N GLN D 366 -17.14 55.15 61.46
CA GLN D 366 -17.10 56.33 60.58
C GLN D 366 -15.66 56.55 60.22
N LEU D 367 -15.40 56.88 58.95
CA LEU D 367 -14.11 57.47 58.59
C LEU D 367 -13.91 58.84 59.22
N ASP D 368 -12.65 59.29 59.20
CA ASP D 368 -12.30 60.67 59.45
C ASP D 368 -11.99 61.27 58.07
N VAL D 369 -12.85 62.16 57.57
CA VAL D 369 -12.62 62.70 56.22
C VAL D 369 -11.82 63.99 56.11
N SER D 370 -11.26 64.47 57.20
CA SER D 370 -10.58 65.75 57.12
C SER D 370 -9.15 65.62 56.59
N ASP D 371 -8.57 64.42 56.65
CA ASP D 371 -7.27 64.23 56.04
C ASP D 371 -7.41 63.00 55.16
N GLY D 372 -6.61 61.97 55.37
CA GLY D 372 -6.73 60.83 54.48
C GLY D 372 -7.99 60.00 54.71
N TYR D 373 -8.60 59.54 53.62
CA TYR D 373 -9.79 58.74 53.80
C TYR D 373 -9.99 57.57 52.82
N SER D 374 -8.94 57.24 52.06
CA SER D 374 -9.05 56.25 51.02
C SER D 374 -7.65 55.76 50.66
N TRP D 375 -7.60 54.53 50.16
CA TRP D 375 -6.34 53.97 49.63
C TRP D 375 -6.18 54.31 48.18
N LEU D 376 -7.16 55.02 47.60
CA LEU D 376 -6.98 55.56 46.27
C LEU D 376 -6.26 56.90 46.31
N LYS D 377 -5.31 57.04 45.39
CA LYS D 377 -4.75 58.35 45.04
C LYS D 377 -5.81 59.13 44.23
N ALA D 378 -5.64 60.46 44.12
CA ALA D 378 -6.63 61.32 43.43
C ALA D 378 -6.00 61.85 42.11
N PRO D 379 -6.28 61.18 40.99
CA PRO D 379 -5.68 61.74 39.78
C PRO D 379 -6.41 63.01 39.31
N ARG D 380 -5.65 63.93 38.78
CA ARG D 380 -6.26 65.12 38.19
C ARG D 380 -5.61 65.37 36.86
N TRP D 381 -6.36 66.02 35.96
CA TRP D 381 -5.87 66.33 34.64
C TRP D 381 -5.87 67.84 34.54
N LYS D 382 -4.68 68.43 34.52
CA LYS D 382 -4.47 69.86 34.57
C LYS D 382 -5.31 70.48 35.69
N GLY D 383 -5.29 69.84 36.85
CA GLY D 383 -6.00 70.30 38.04
C GLY D 383 -7.49 69.97 38.08
N ARG D 384 -8.05 69.43 36.99
CA ARG D 384 -9.49 69.02 36.95
C ARG D 384 -9.82 67.63 37.42
N SER D 385 -10.96 67.43 38.10
CA SER D 385 -11.51 66.07 38.22
C SER D 385 -12.17 65.76 36.93
N VAL D 386 -12.00 64.53 36.45
CA VAL D 386 -12.60 64.12 35.19
C VAL D 386 -13.21 62.74 35.36
N GLU D 387 -14.15 62.40 34.49
CA GLU D 387 -14.68 61.05 34.44
C GLU D 387 -14.03 60.30 33.24
N VAL D 388 -13.71 59.02 33.43
CA VAL D 388 -13.21 58.18 32.32
C VAL D 388 -14.20 57.06 32.13
N GLY D 389 -14.09 56.32 31.04
CA GLY D 389 -14.98 55.19 30.89
C GLY D 389 -15.93 55.28 29.71
N PRO D 390 -16.95 54.41 29.64
CA PRO D 390 -17.79 54.37 28.41
C PRO D 390 -18.48 55.69 28.08
N LEU D 391 -18.94 56.43 29.09
CA LEU D 391 -19.53 57.74 28.78
C LEU D 391 -18.52 58.75 28.20
N ALA D 392 -17.27 58.73 28.67
CA ALA D 392 -16.26 59.60 28.10
C ALA D 392 -16.00 59.19 26.64
N ARG D 393 -15.79 57.91 26.37
CA ARG D 393 -15.55 57.49 24.98
C ARG D 393 -16.75 57.77 24.06
N VAL D 394 -17.97 57.54 24.53
CA VAL D 394 -19.13 57.71 23.69
C VAL D 394 -19.30 59.20 23.39
N LEU D 395 -19.12 60.10 24.37
CA LEU D 395 -19.06 61.54 24.07
C LEU D 395 -17.93 61.90 23.10
N MET D 396 -16.78 61.26 23.25
CA MET D 396 -15.63 61.60 22.39
C MET D 396 -15.89 61.15 20.95
N LEU D 397 -16.41 59.93 20.79
CA LEU D 397 -16.85 59.48 19.45
C LEU D 397 -17.90 60.44 18.87
N TYR D 398 -18.93 60.75 19.67
CA TYR D 398 -19.99 61.65 19.22
C TYR D 398 -19.41 63.00 18.72
N ALA D 399 -18.53 63.58 19.51
CA ALA D 399 -18.00 64.90 19.26
C ALA D 399 -17.02 64.89 18.08
N THR D 400 -16.36 63.76 17.83
CA THR D 400 -15.41 63.69 16.71
C THR D 400 -16.02 63.20 15.38
N GLY D 401 -17.34 63.11 15.28
CA GLY D 401 -18.00 62.71 14.02
C GLY D 401 -18.00 61.22 13.64
N HIS D 402 -17.82 60.31 14.60
CA HIS D 402 -17.93 58.88 14.30
C HIS D 402 -19.41 58.58 13.93
N ASP D 403 -19.64 58.14 12.70
CA ASP D 403 -20.99 58.06 12.16
C ASP D 403 -21.83 57.08 12.94
N GLN D 404 -21.30 55.89 13.19
CA GLN D 404 -22.06 54.88 13.88
C GLN D 404 -22.45 55.36 15.26
N ALA D 405 -21.50 55.95 15.99
CA ALA D 405 -21.77 56.43 17.35
C ALA D 405 -22.81 57.55 17.32
N ARG D 406 -22.70 58.43 16.34
CA ARG D 406 -23.77 59.43 16.11
C ARG D 406 -25.16 58.83 15.89
N GLU D 407 -25.31 57.83 14.99
CA GLU D 407 -26.61 57.18 14.79
C GLU D 407 -27.09 56.52 16.09
N LEU D 408 -26.17 55.85 16.78
CA LEU D 408 -26.53 55.01 17.89
C LEU D 408 -27.04 55.90 19.02
N VAL D 409 -26.32 56.99 19.30
CA VAL D 409 -26.72 57.94 20.35
C VAL D 409 -28.02 58.66 19.98
N ASP D 410 -28.12 59.17 18.76
CA ASP D 410 -29.34 59.84 18.32
C ASP D 410 -30.58 58.92 18.38
N SER D 411 -30.47 57.72 17.87
CA SER D 411 -31.63 56.85 17.85
C SER D 411 -31.99 56.41 19.29
N THR D 412 -30.99 56.34 20.17
CA THR D 412 -31.26 56.01 21.55
C THR D 412 -32.02 57.11 22.24
N LEU D 413 -31.50 58.35 22.15
CA LEU D 413 -32.17 59.50 22.77
C LEU D 413 -33.54 59.69 22.13
N SER D 414 -33.66 59.42 20.84
CA SER D 414 -34.92 59.65 20.18
C SER D 414 -35.96 58.60 20.61
N ARG D 415 -35.58 57.33 20.73
CA ARG D 415 -36.51 56.33 21.29
C ARG D 415 -36.89 56.54 22.76
N LEU D 416 -35.96 56.94 23.62
CA LEU D 416 -36.28 57.31 25.03
C LEU D 416 -36.98 58.67 25.17
N ASP D 417 -37.16 59.34 24.04
CA ASP D 417 -37.63 60.69 23.98
C ASP D 417 -36.92 61.60 25.02
N LEU D 418 -35.58 61.61 24.98
CA LEU D 418 -34.75 62.36 25.95
C LEU D 418 -33.83 63.34 25.21
N PRO D 419 -33.47 64.47 25.84
CA PRO D 419 -32.57 65.40 25.15
C PRO D 419 -31.09 64.99 25.40
N VAL D 420 -30.16 65.65 24.69
CA VAL D 420 -28.75 65.30 24.73
C VAL D 420 -28.24 65.37 26.16
N ASP D 421 -28.71 66.39 26.85
CA ASP D 421 -28.51 66.63 28.25
C ASP D 421 -28.60 65.37 29.10
N ALA D 422 -29.51 64.46 28.73
CA ALA D 422 -29.73 63.21 29.48
C ALA D 422 -28.57 62.21 29.40
N LEU D 423 -27.67 62.37 28.43
CA LEU D 423 -26.45 61.55 28.47
C LEU D 423 -25.63 61.74 29.75
N TYR D 424 -25.67 62.93 30.33
CA TYR D 424 -24.82 63.22 31.49
C TYR D 424 -25.55 62.82 32.75
N SER D 425 -25.57 61.51 32.98
CA SER D 425 -26.39 60.94 34.06
C SER D 425 -26.09 59.50 34.31
N THR D 426 -26.52 58.98 35.46
CA THR D 426 -26.46 57.54 35.69
C THR D 426 -27.05 56.68 34.50
N LEU D 427 -28.18 57.12 33.96
CA LEU D 427 -28.82 56.44 32.81
C LEU D 427 -27.99 56.55 31.53
N GLY D 428 -27.42 57.74 31.26
CA GLY D 428 -26.62 57.93 30.06
C GLY D 428 -25.34 57.10 30.13
N ARG D 429 -24.81 56.92 31.33
CA ARG D 429 -23.57 56.17 31.46
C ARG D 429 -23.86 54.68 31.18
N THR D 430 -25.00 54.19 31.69
CA THR D 430 -25.35 52.79 31.52
C THR D 430 -25.63 52.50 30.04
N ALA D 431 -26.33 53.42 29.36
CA ALA D 431 -26.57 53.28 27.94
C ALA D 431 -25.29 53.33 27.14
N ALA D 432 -24.43 54.29 27.46
CA ALA D 432 -23.16 54.39 26.73
C ALA D 432 -22.32 53.07 26.79
N ARG D 433 -22.31 52.37 27.93
CA ARG D 433 -21.59 51.09 28.05
C ARG D 433 -22.15 50.06 27.01
N ALA D 434 -23.49 49.96 26.91
CA ALA D 434 -24.12 49.11 25.90
C ALA D 434 -23.81 49.58 24.47
N LEU D 435 -23.90 50.87 24.23
CA LEU D 435 -23.72 51.36 22.85
C LEU D 435 -22.30 51.17 22.35
N GLU D 436 -21.29 51.34 23.22
CA GLU D 436 -19.94 51.09 22.74
C GLU D 436 -19.69 49.61 22.51
N SER D 437 -20.38 48.73 23.24
CA SER D 437 -20.26 47.30 22.94
C SER D 437 -20.69 46.99 21.54
N LYS D 438 -21.76 47.64 21.09
CA LYS D 438 -22.22 47.39 19.74
C LYS D 438 -21.14 47.86 18.77
N ILE D 439 -20.58 49.04 19.01
CA ILE D 439 -19.51 49.51 18.13
C ILE D 439 -18.34 48.51 18.09
N LEU D 440 -17.92 47.97 19.24
CA LEU D 440 -16.73 47.14 19.25
C LEU D 440 -17.00 45.81 18.57
N VAL D 441 -18.21 45.29 18.79
CA VAL D 441 -18.46 43.96 18.32
C VAL D 441 -18.54 43.98 16.77
N ASP D 442 -19.04 45.06 16.19
CA ASP D 442 -18.95 45.33 14.74
C ASP D 442 -17.50 45.47 14.28
N ALA D 443 -16.65 46.11 15.08
CA ALA D 443 -15.24 46.24 14.67
C ALA D 443 -14.41 44.92 14.70
N MET D 444 -14.85 43.97 15.52
CA MET D 444 -14.17 42.67 15.64
C MET D 444 -13.95 41.96 14.29
N GLN D 445 -14.97 41.93 13.45
CA GLN D 445 -14.87 41.24 12.18
C GLN D 445 -13.76 41.82 11.25
N GLY D 446 -13.62 43.15 11.21
CA GLY D 446 -12.58 43.80 10.41
C GLY D 446 -11.20 43.32 10.87
N TRP D 447 -10.97 43.21 12.19
CA TRP D 447 -9.61 42.87 12.64
C TRP D 447 -9.37 41.43 12.36
N TYR D 448 -10.42 40.60 12.51
CA TYR D 448 -10.33 39.21 12.15
C TYR D 448 -10.00 39.05 10.66
N ASP D 449 -10.79 39.68 9.77
CA ASP D 449 -10.56 39.57 8.33
C ASP D 449 -9.15 40.01 7.98
N GLY D 450 -8.65 41.03 8.67
CA GLY D 450 -7.35 41.57 8.39
C GLY D 450 -6.29 40.56 8.81
N LEU D 451 -6.50 39.86 9.93
CA LEU D 451 -5.50 38.92 10.38
C LEU D 451 -5.42 37.80 9.33
N ILE D 452 -6.58 37.26 8.89
CA ILE D 452 -6.60 36.15 7.96
C ILE D 452 -5.97 36.60 6.62
N ALA D 453 -6.26 37.82 6.18
CA ALA D 453 -5.69 38.25 4.89
C ALA D 453 -4.18 38.44 5.02
N ASN D 454 -3.73 38.94 6.16
CA ASN D 454 -2.31 39.14 6.32
C ASN D 454 -1.56 37.78 6.33
N VAL D 455 -2.08 36.82 7.07
CA VAL D 455 -1.53 35.47 7.10
C VAL D 455 -1.54 34.89 5.68
N LYS D 456 -2.67 35.01 5.00
CA LYS D 456 -2.84 34.43 3.68
C LYS D 456 -1.85 35.06 2.65
N SER D 457 -1.53 36.34 2.78
CA SER D 457 -0.54 36.98 1.95
C SER D 457 0.89 36.52 2.27
N GLY D 458 1.13 35.78 3.35
CA GLY D 458 2.47 35.24 3.59
C GLY D 458 3.18 35.79 4.82
N ASP D 459 2.58 36.75 5.53
CA ASP D 459 3.17 37.25 6.77
C ASP D 459 2.62 36.50 8.00
N THR D 460 3.45 35.63 8.58
CA THR D 460 3.08 34.88 9.74
C THR D 460 3.86 35.28 10.99
N LYS D 461 4.60 36.38 10.94
CA LYS D 461 5.33 36.86 12.09
C LYS D 461 4.42 37.28 13.22
N THR D 462 4.76 36.90 14.45
CA THR D 462 3.97 37.36 15.59
C THR D 462 4.81 37.92 16.72
N PHE D 463 6.13 37.83 16.59
CA PHE D 463 7.03 38.28 17.66
C PHE D 463 8.28 38.98 17.10
N ASN D 464 8.58 40.19 17.57
CA ASN D 464 9.80 40.92 17.23
C ASN D 464 10.88 40.65 18.32
N GLU D 465 11.88 39.80 18.02
CA GLU D 465 12.92 39.40 18.99
C GLU D 465 14.10 40.42 19.13
N THR D 466 14.09 41.49 18.35
CA THR D 466 15.31 42.26 18.22
C THR D 466 15.87 42.85 19.55
N LEU D 467 14.98 43.33 20.43
CA LEU D 467 15.33 43.84 21.73
C LEU D 467 14.85 42.96 22.89
N TRP D 468 14.78 41.66 22.69
CA TRP D 468 14.28 40.74 23.75
C TRP D 468 15.33 40.64 24.91
N GLU D 469 16.61 40.60 24.55
CA GLU D 469 17.70 40.46 25.55
C GLU D 469 17.99 41.79 26.27
N PRO D 470 17.96 41.79 27.61
CA PRO D 470 18.28 43.04 28.35
C PRO D 470 19.63 43.61 27.91
N SER D 471 20.60 42.79 27.51
CA SER D 471 21.89 43.38 27.09
C SER D 471 21.76 44.26 25.85
N SER D 472 20.63 44.21 25.15
CA SER D 472 20.46 45.05 23.97
C SER D 472 19.78 46.36 24.31
N TRP D 473 19.36 46.58 25.55
CA TRP D 473 18.67 47.82 25.90
C TRP D 473 19.62 48.99 26.23
N PRO D 474 19.16 50.24 26.03
CA PRO D 474 19.94 51.34 26.60
C PRO D 474 19.85 51.23 28.13
N SER D 475 20.86 51.71 28.84
CA SER D 475 20.89 51.47 30.27
C SER D 475 19.93 52.42 31.01
N ARG D 476 19.40 53.39 30.28
CA ARG D 476 18.31 54.22 30.81
C ARG D 476 17.19 54.23 29.77
N ALA D 477 15.95 54.00 30.22
CA ALA D 477 14.79 54.13 29.33
C ALA D 477 13.55 54.37 30.17
N GLN D 478 12.54 55.00 29.59
CA GLN D 478 11.26 55.10 30.23
C GLN D 478 10.17 55.22 29.19
N GLY D 479 8.93 54.89 29.55
CA GLY D 479 7.89 54.92 28.52
C GLY D 479 6.57 54.77 29.20
N VAL D 480 5.49 54.90 28.42
CA VAL D 480 4.15 54.85 28.94
C VAL D 480 3.28 53.91 28.08
N GLY D 481 2.67 52.91 28.74
CA GLY D 481 1.68 52.05 28.07
C GLY D 481 0.31 52.65 28.29
N ILE D 482 -0.34 53.07 27.20
CA ILE D 482 -1.68 53.68 27.26
C ILE D 482 -2.72 52.70 26.75
N MET D 483 -3.90 52.77 27.34
CA MET D 483 -4.98 51.86 26.96
C MET D 483 -6.34 52.50 27.30
N GLU D 484 -7.37 52.22 26.51
CA GLU D 484 -8.74 52.36 27.02
C GLU D 484 -9.21 51.01 27.52
N ALA D 485 -9.33 50.88 28.83
CA ALA D 485 -9.82 49.66 29.46
C ALA D 485 -11.34 49.77 29.49
N PRO D 486 -12.06 48.66 29.76
CA PRO D 486 -13.51 48.77 29.79
C PRO D 486 -14.04 49.89 30.71
N ARG D 487 -13.33 50.15 31.79
CA ARG D 487 -13.76 51.17 32.73
C ARG D 487 -13.14 52.53 32.46
N GLY D 488 -12.27 52.60 31.46
CA GLY D 488 -11.75 53.88 30.98
C GLY D 488 -10.25 53.93 30.76
N ALA D 489 -9.76 55.15 30.61
CA ALA D 489 -8.36 55.44 30.36
C ALA D 489 -7.34 54.86 31.38
N LEU D 490 -6.41 54.04 30.87
CA LEU D 490 -5.47 53.30 31.71
C LEU D 490 -4.06 53.59 31.24
N GLY D 491 -3.15 53.85 32.18
CA GLY D 491 -1.77 54.08 31.80
C GLY D 491 -0.83 53.44 32.79
N HIS D 492 0.25 52.90 32.26
CA HIS D 492 1.34 52.44 33.09
C HIS D 492 2.59 53.20 32.69
N TRP D 493 3.29 53.76 33.65
CA TRP D 493 4.49 54.59 33.39
C TRP D 493 5.67 53.84 33.99
N ILE D 494 6.67 53.51 33.15
CA ILE D 494 7.77 52.67 33.62
C ILE D 494 9.10 53.39 33.45
N VAL D 495 9.95 53.35 34.48
CA VAL D 495 11.31 53.86 34.38
C VAL D 495 12.27 52.67 34.57
N ILE D 496 13.10 52.42 33.56
CA ILE D 496 14.02 51.30 33.56
C ILE D 496 15.48 51.78 33.75
N GLU D 497 16.23 51.13 34.64
CA GLU D 497 17.67 51.44 34.88
C GLU D 497 18.44 50.13 34.92
N ASP D 498 19.38 49.94 33.99
CA ASP D 498 20.30 48.81 34.03
C ASP D 498 19.58 47.49 33.97
N GLY D 499 18.55 47.43 33.13
CA GLY D 499 17.81 46.21 32.91
C GLY D 499 16.76 45.89 33.94
N ARG D 500 16.55 46.83 34.87
CA ARG D 500 15.56 46.62 35.96
C ARG D 500 14.55 47.72 36.08
N ILE D 501 13.51 47.43 36.84
CA ILE D 501 12.46 48.39 37.07
C ILE D 501 12.88 49.33 38.18
N ALA D 502 13.01 50.62 37.86
CA ALA D 502 13.32 51.60 38.89
C ALA D 502 12.07 52.33 39.37
N ASN D 503 11.09 52.52 38.50
CA ASN D 503 9.81 52.99 38.95
C ASN D 503 8.76 52.38 38.04
N TYR D 504 7.59 52.11 38.61
CA TYR D 504 6.44 51.67 37.85
C TYR D 504 5.20 52.21 38.58
N GLN D 505 4.43 53.02 37.85
CA GLN D 505 3.24 53.63 38.41
C GLN D 505 2.08 53.44 37.46
N ALA D 506 1.00 52.98 38.02
CA ALA D 506 -0.21 52.75 37.28
C ALA D 506 -1.20 53.80 37.75
N VAL D 507 -1.95 54.35 36.81
CA VAL D 507 -3.08 55.24 37.09
C VAL D 507 -4.19 54.61 36.26
N VAL D 508 -5.20 54.11 36.98
CA VAL D 508 -6.16 53.10 36.47
C VAL D 508 -7.53 53.80 36.44
N PRO D 509 -8.40 53.41 35.48
CA PRO D 509 -9.62 54.25 35.37
C PRO D 509 -10.39 54.48 36.66
N SER D 510 -10.58 53.42 37.47
CA SER D 510 -11.35 53.56 38.67
C SER D 510 -10.58 54.42 39.67
N THR D 511 -9.25 54.58 39.47
CA THR D 511 -8.49 55.55 40.28
C THR D 511 -9.04 56.93 39.99
N TRP D 512 -9.18 57.26 38.71
CA TRP D 512 -9.80 58.52 38.34
C TRP D 512 -11.20 58.70 38.94
N ASN D 513 -12.09 57.75 38.65
CA ASN D 513 -13.50 57.92 38.95
C ASN D 513 -13.76 57.85 40.46
N ALA D 514 -13.08 56.91 41.15
CA ALA D 514 -13.44 56.58 42.52
C ALA D 514 -12.64 57.35 43.54
N GLY D 515 -11.64 58.11 43.11
CA GLY D 515 -10.62 58.54 44.03
C GLY D 515 -11.19 59.69 44.82
N PRO D 516 -10.55 60.04 45.93
CA PRO D 516 -11.11 61.01 46.88
C PRO D 516 -10.89 62.45 46.46
N ARG D 517 -11.25 63.41 47.32
CA ARG D 517 -10.95 64.81 47.13
C ARG D 517 -9.45 65.13 47.04
N ASP D 518 -9.15 66.22 46.31
CA ASP D 518 -7.81 66.83 46.27
C ASP D 518 -7.71 68.03 47.27
N GLY D 519 -6.69 68.88 47.12
CA GLY D 519 -6.35 69.89 48.16
C GLY D 519 -7.30 71.05 48.10
N ARG D 520 -7.96 71.19 46.95
CA ARG D 520 -9.02 72.21 46.79
C ARG D 520 -10.37 71.70 47.26
N GLY D 521 -10.40 70.53 47.91
CA GLY D 521 -11.68 69.89 48.26
C GLY D 521 -12.59 69.64 47.05
N GLN D 522 -11.98 69.59 45.86
CA GLN D 522 -12.66 69.13 44.66
C GLN D 522 -12.89 67.59 44.63
N ALA D 523 -14.16 67.20 44.65
CA ALA D 523 -14.61 65.80 44.69
C ALA D 523 -14.24 65.01 43.44
N GLY D 524 -14.14 63.68 43.55
CA GLY D 524 -13.97 62.86 42.37
C GLY D 524 -15.33 62.57 41.76
N ALA D 525 -15.34 61.77 40.68
CA ALA D 525 -16.58 61.45 39.93
C ALA D 525 -17.65 60.82 40.76
N TYR D 526 -17.33 59.76 41.51
CA TYR D 526 -18.38 59.05 42.26
C TYR D 526 -19.02 60.06 43.20
N GLU D 527 -18.15 60.78 43.92
CA GLU D 527 -18.57 61.79 44.88
C GLU D 527 -19.42 62.88 44.25
N ALA D 528 -18.95 63.49 43.18
CA ALA D 528 -19.76 64.51 42.52
C ALA D 528 -21.10 63.93 42.03
N ALA D 529 -21.06 62.68 41.58
CA ALA D 529 -22.20 62.09 40.89
C ALA D 529 -23.31 61.90 41.90
N LEU D 530 -22.95 61.41 43.08
CA LEU D 530 -23.93 61.23 44.17
C LEU D 530 -24.47 62.55 44.71
N GLN D 531 -23.63 63.58 44.66
CA GLN D 531 -23.99 64.91 45.10
C GLN D 531 -24.86 65.59 44.04
N ASP D 532 -24.98 64.98 42.86
CA ASP D 532 -25.82 65.53 41.79
C ASP D 532 -27.26 64.94 41.88
N ASN D 533 -28.11 65.61 42.66
CA ASN D 533 -29.54 65.38 42.63
C ASN D 533 -29.99 63.96 43.10
N HIS D 534 -29.43 63.48 44.21
CA HIS D 534 -29.82 62.17 44.74
C HIS D 534 -30.66 62.33 45.99
N GLN D 535 -31.77 61.62 46.05
CA GLN D 535 -32.51 61.49 47.29
C GLN D 535 -32.49 60.01 47.67
N LEU D 536 -32.58 59.73 48.97
CA LEU D 536 -32.72 58.34 49.46
C LEU D 536 -34.10 58.19 50.11
N VAL D 537 -34.95 57.28 49.64
CA VAL D 537 -36.19 57.05 50.41
C VAL D 537 -35.96 56.29 51.74
N ASP D 538 -34.92 55.46 51.79
CA ASP D 538 -34.67 54.67 52.98
C ASP D 538 -33.18 54.37 53.08
N VAL D 539 -32.55 54.91 54.14
CA VAL D 539 -31.08 54.82 54.31
C VAL D 539 -30.58 53.41 54.57
N LYS D 540 -31.45 52.53 55.10
CA LYS D 540 -31.14 51.10 55.26
C LYS D 540 -31.21 50.27 53.98
N GLN D 541 -31.71 50.87 52.90
CA GLN D 541 -31.84 50.20 51.58
C GLN D 541 -31.48 51.20 50.50
N PRO D 542 -30.18 51.57 50.43
CA PRO D 542 -29.76 52.77 49.70
C PRO D 542 -29.58 52.48 48.21
N ILE D 543 -30.64 51.92 47.61
CA ILE D 543 -30.66 51.52 46.23
C ILE D 543 -30.29 52.68 45.28
N GLU D 544 -30.54 53.93 45.68
CA GLU D 544 -30.24 55.09 44.81
C GLU D 544 -28.74 55.32 44.69
N ILE D 545 -28.04 55.07 45.79
CA ILE D 545 -26.61 55.11 45.77
C ILE D 545 -26.03 54.00 44.88
N LEU D 546 -26.48 52.75 45.07
CA LEU D 546 -26.00 51.59 44.28
C LEU D 546 -26.16 51.80 42.80
N ARG D 547 -27.34 52.25 42.39
CA ARG D 547 -27.59 52.53 40.96
C ARG D 547 -26.53 53.40 40.35
N THR D 548 -26.28 54.54 40.98
CA THR D 548 -25.31 55.49 40.44
C THR D 548 -23.87 54.99 40.56
N ILE D 549 -23.51 54.39 41.70
CA ILE D 549 -22.13 53.90 41.86
C ILE D 549 -21.87 52.74 40.87
N HIS D 550 -22.83 51.84 40.78
CA HIS D 550 -22.72 50.71 39.85
C HIS D 550 -22.61 51.17 38.43
N SER D 551 -23.21 52.30 38.09
CA SER D 551 -23.17 52.75 36.67
C SER D 551 -21.77 53.07 36.19
N PHE D 552 -20.87 53.34 37.13
CA PHE D 552 -19.44 53.60 36.79
C PHE D 552 -18.64 52.29 36.73
N ASP D 553 -19.25 51.19 37.14
CA ASP D 553 -18.58 49.85 37.05
C ASP D 553 -17.26 49.86 37.87
N PRO D 554 -17.36 50.09 39.19
CA PRO D 554 -16.17 50.28 40.02
C PRO D 554 -15.32 49.03 40.11
N CYS D 555 -14.02 49.26 40.20
CA CYS D 555 -13.08 48.17 40.43
C CYS D 555 -12.00 48.72 41.36
N ILE D 556 -12.07 48.37 42.64
CA ILE D 556 -11.16 48.96 43.60
C ILE D 556 -9.83 48.23 43.60
N ALA D 557 -9.80 46.96 43.19
CA ALA D 557 -8.50 46.28 43.05
C ALA D 557 -7.74 47.08 42.00
N CYS D 558 -8.41 47.40 40.88
CA CYS D 558 -7.82 48.29 39.89
C CYS D 558 -7.42 49.66 40.47
N ALA D 559 -8.36 50.30 41.17
CA ALA D 559 -8.20 51.70 41.58
C ALA D 559 -6.97 51.87 42.52
N VAL D 560 -6.70 50.85 43.32
CA VAL D 560 -5.66 50.93 44.39
C VAL D 560 -4.36 50.16 44.04
N HIS D 561 -4.49 48.99 43.42
CA HIS D 561 -3.37 48.12 43.10
C HIS D 561 -2.41 47.97 44.31
N ALA E 1 30.65 -55.40 -27.21
CA ALA E 1 32.06 -55.13 -26.78
C ALA E 1 32.41 -54.07 -25.59
N ARG E 2 31.45 -53.22 -25.12
CA ARG E 2 31.59 -52.30 -23.88
C ARG E 2 30.63 -51.08 -23.67
N ARG E 3 30.26 -50.31 -24.70
CA ARG E 3 28.98 -49.53 -24.66
C ARG E 3 27.82 -50.46 -25.08
N PRO E 4 26.66 -50.41 -24.39
CA PRO E 4 25.69 -51.45 -24.79
C PRO E 4 25.15 -51.23 -26.19
N SER E 5 24.96 -52.31 -26.93
CA SER E 5 24.54 -52.22 -28.32
C SER E 5 23.07 -51.83 -28.47
N VAL E 6 22.78 -50.98 -29.44
CA VAL E 6 21.41 -50.61 -29.77
C VAL E 6 21.16 -50.81 -31.27
N ILE E 7 20.12 -51.57 -31.58
CA ILE E 7 19.71 -51.71 -32.95
C ILE E 7 18.39 -50.94 -33.20
N TRP E 8 18.41 -50.04 -34.19
CA TRP E 8 17.20 -49.23 -34.45
C TRP E 8 16.52 -49.69 -35.71
N LEU E 9 15.30 -50.25 -35.59
CA LEU E 9 14.61 -50.79 -36.78
C LEU E 9 13.52 -49.80 -37.25
N SER E 10 13.51 -49.47 -38.52
CA SER E 10 12.60 -48.48 -39.08
C SER E 10 11.68 -49.22 -40.02
N PHE E 11 10.39 -49.27 -39.67
CA PHE E 11 9.45 -50.09 -40.44
C PHE E 11 8.47 -49.19 -41.19
N GLN E 12 7.19 -49.19 -40.83
CA GLN E 12 6.27 -48.29 -41.56
C GLN E 12 6.21 -47.00 -40.77
N GLU E 13 7.29 -46.22 -40.84
CA GLU E 13 7.38 -44.97 -40.10
C GLU E 13 7.46 -43.79 -41.03
N CYS E 14 7.37 -42.60 -40.44
CA CYS E 14 7.44 -41.36 -41.19
C CYS E 14 8.79 -40.64 -40.91
N THR E 15 9.53 -41.20 -39.93
CA THR E 15 10.88 -40.79 -39.48
C THR E 15 10.80 -39.59 -38.49
N GLY E 16 9.57 -39.13 -38.20
CA GLY E 16 9.32 -38.18 -37.13
C GLY E 16 9.95 -38.59 -35.82
N CYS E 17 9.92 -39.91 -35.52
CA CYS E 17 10.49 -40.38 -34.24
C CYS E 17 12.01 -40.27 -34.21
N THR E 18 12.69 -40.65 -35.31
CA THR E 18 14.14 -40.42 -35.37
C THR E 18 14.44 -38.91 -35.26
N GLU E 19 13.70 -38.10 -36.02
CA GLU E 19 13.92 -36.64 -35.94
C GLU E 19 13.79 -36.15 -34.50
N SER E 20 12.77 -36.67 -33.80
CA SER E 20 12.54 -36.21 -32.44
C SER E 20 13.77 -36.55 -31.59
N LEU E 21 14.31 -37.75 -31.80
CA LEU E 21 15.47 -38.16 -31.03
C LEU E 21 16.63 -37.15 -31.22
N THR E 22 16.82 -36.63 -32.46
CA THR E 22 17.93 -35.74 -32.73
C THR E 22 17.66 -34.40 -32.03
N ARG E 23 16.41 -34.13 -31.62
CA ARG E 23 16.07 -32.81 -31.03
C ARG E 23 16.50 -32.79 -29.57
N ALA E 24 16.65 -33.96 -28.95
CA ALA E 24 16.77 -33.95 -27.47
C ALA E 24 18.06 -33.19 -27.04
N HIS E 25 17.96 -32.34 -26.02
CA HIS E 25 19.08 -31.48 -25.60
C HIS E 25 19.93 -32.11 -24.50
N ALA E 26 19.40 -33.10 -23.76
CA ALA E 26 20.13 -33.76 -22.68
C ALA E 26 19.45 -35.13 -22.38
N PRO E 27 20.19 -36.27 -22.52
CA PRO E 27 21.49 -36.34 -23.17
C PRO E 27 21.28 -36.17 -24.71
N THR E 28 22.23 -35.57 -25.43
CA THR E 28 22.07 -35.42 -26.88
C THR E 28 22.39 -36.77 -27.55
N LEU E 29 21.92 -36.90 -28.76
CA LEU E 29 22.13 -38.10 -29.57
C LEU E 29 23.64 -38.34 -29.74
N GLU E 30 24.36 -37.29 -30.07
CA GLU E 30 25.81 -37.46 -30.31
C GLU E 30 26.55 -37.91 -29.05
N ASP E 31 26.18 -37.38 -27.88
CA ASP E 31 26.80 -37.88 -26.64
C ASP E 31 26.37 -39.33 -26.33
N LEU E 32 25.12 -39.69 -26.66
CA LEU E 32 24.68 -41.09 -26.52
C LEU E 32 25.57 -42.00 -27.37
N ILE E 33 25.68 -41.68 -28.64
CA ILE E 33 26.36 -42.49 -29.63
C ILE E 33 27.86 -42.65 -29.30
N LEU E 34 28.46 -41.57 -28.78
CA LEU E 34 29.89 -41.58 -28.49
C LEU E 34 30.24 -42.17 -27.14
N ASP E 35 29.41 -41.93 -26.13
CA ASP E 35 29.82 -42.15 -24.78
C ASP E 35 28.93 -43.15 -24.07
N PHE E 36 27.69 -43.35 -24.51
CA PHE E 36 26.75 -44.17 -23.69
C PHE E 36 26.28 -45.46 -24.28
N ILE E 37 26.03 -45.46 -25.58
CA ILE E 37 25.53 -46.64 -26.23
C ILE E 37 26.39 -46.89 -27.46
N SER E 38 26.24 -48.09 -28.03
CA SER E 38 26.78 -48.31 -29.34
C SER E 38 25.62 -48.46 -30.31
N LEU E 39 25.31 -47.40 -31.06
CA LEU E 39 24.18 -47.44 -32.02
C LEU E 39 24.67 -48.16 -33.24
N ASP E 40 24.26 -49.40 -33.42
CA ASP E 40 24.95 -50.29 -34.35
C ASP E 40 24.25 -50.39 -35.67
N TYR E 41 22.99 -49.95 -35.70
CA TYR E 41 22.23 -49.96 -36.94
C TYR E 41 21.15 -48.90 -36.90
N HIS E 42 21.16 -48.02 -37.92
CA HIS E 42 20.11 -47.05 -38.05
C HIS E 42 20.12 -46.55 -39.50
N HIS E 43 19.06 -46.88 -40.23
CA HIS E 43 18.94 -46.50 -41.69
C HIS E 43 19.27 -45.06 -41.98
N THR E 44 18.87 -44.16 -41.10
CA THR E 44 18.93 -42.73 -41.40
C THR E 44 20.37 -42.20 -41.40
N LEU E 45 21.20 -42.79 -40.58
CA LEU E 45 22.53 -42.23 -40.30
C LEU E 45 23.68 -43.11 -40.79
N GLN E 46 23.40 -44.36 -41.18
CA GLN E 46 24.42 -45.39 -41.37
C GLN E 46 25.38 -44.99 -42.51
N ALA E 47 26.68 -45.17 -42.35
CA ALA E 47 27.61 -44.81 -43.46
C ALA E 47 27.44 -45.82 -44.59
N ALA E 48 27.56 -47.10 -44.26
CA ALA E 48 27.45 -48.18 -45.25
C ALA E 48 25.99 -48.28 -45.69
N SER E 49 25.76 -48.76 -46.91
CA SER E 49 24.43 -49.08 -47.41
C SER E 49 24.40 -50.57 -47.74
N GLY E 50 23.24 -51.06 -48.22
CA GLY E 50 23.15 -52.42 -48.79
C GLY E 50 23.62 -53.53 -47.88
N GLU E 51 24.34 -54.52 -48.40
CA GLU E 51 24.76 -55.67 -47.61
C GLU E 51 25.72 -55.31 -46.47
N ALA E 52 26.57 -54.28 -46.69
CA ALA E 52 27.43 -53.79 -45.59
C ALA E 52 26.64 -53.25 -44.39
N ALA E 53 25.50 -52.59 -44.64
CA ALA E 53 24.66 -52.12 -43.54
C ALA E 53 24.00 -53.32 -42.80
N GLU E 54 23.43 -54.25 -43.56
CA GLU E 54 22.77 -55.45 -42.99
C GLU E 54 23.76 -56.27 -42.22
N ALA E 55 24.98 -56.31 -42.71
CA ALA E 55 26.01 -57.12 -42.06
C ALA E 55 26.35 -56.53 -40.72
N ALA E 56 26.31 -55.18 -40.62
CA ALA E 56 26.54 -54.51 -39.35
C ALA E 56 25.47 -54.86 -38.30
N ARG E 57 24.21 -54.94 -38.73
CA ARG E 57 23.14 -55.36 -37.80
C ARG E 57 23.34 -56.82 -37.31
N LEU E 58 23.56 -57.73 -38.27
CA LEU E 58 23.72 -59.13 -37.93
C LEU E 58 24.93 -59.31 -37.03
N GLN E 59 26.02 -58.59 -37.30
CA GLN E 59 27.19 -58.68 -36.46
C GLN E 59 26.89 -58.24 -35.02
N ALA E 60 26.21 -57.10 -34.87
CA ALA E 60 25.83 -56.61 -33.56
C ALA E 60 24.98 -57.64 -32.81
N MET E 61 23.93 -58.19 -33.42
CA MET E 61 23.16 -59.30 -32.79
C MET E 61 24.02 -60.54 -32.39
N ASP E 62 24.93 -60.95 -33.27
CA ASP E 62 25.82 -62.03 -33.00
C ASP E 62 26.72 -61.79 -31.76
N GLU E 63 27.26 -60.58 -31.60
CA GLU E 63 28.30 -60.31 -30.61
C GLU E 63 27.74 -59.90 -29.24
N ASN E 64 26.45 -59.63 -29.18
CA ASN E 64 25.82 -59.05 -28.03
C ASN E 64 24.58 -59.83 -27.67
N ARG E 65 24.53 -61.08 -28.12
CA ARG E 65 23.43 -62.01 -27.86
C ARG E 65 22.87 -61.88 -26.41
N GLY E 66 21.56 -61.64 -26.26
CA GLY E 66 20.99 -61.49 -24.91
C GLY E 66 21.20 -60.10 -24.28
N GLN E 67 22.01 -59.22 -24.90
CA GLN E 67 22.33 -57.90 -24.30
C GLN E 67 21.81 -56.68 -25.02
N TYR E 68 21.61 -56.73 -26.31
CA TYR E 68 21.33 -55.51 -27.06
C TYR E 68 19.89 -55.07 -26.90
N LEU E 69 19.67 -53.78 -27.07
CA LEU E 69 18.37 -53.17 -27.04
C LEU E 69 17.92 -53.05 -28.46
N VAL E 70 16.64 -53.31 -28.69
CA VAL E 70 16.08 -53.01 -29.99
C VAL E 70 15.13 -51.86 -29.82
N ILE E 71 15.27 -50.87 -30.68
CA ILE E 71 14.24 -49.82 -30.71
C ILE E 71 13.55 -49.89 -32.05
N VAL E 72 12.24 -49.77 -32.07
CA VAL E 72 11.50 -49.93 -33.31
C VAL E 72 10.69 -48.67 -33.52
N ASP E 73 10.68 -48.21 -34.75
CA ASP E 73 9.94 -47.04 -35.19
C ASP E 73 9.02 -47.50 -36.32
N GLY E 74 7.73 -47.17 -36.28
CA GLY E 74 6.82 -47.56 -37.35
C GLY E 74 6.05 -48.82 -36.97
N SER E 75 4.89 -49.02 -37.59
CA SER E 75 4.13 -50.27 -37.46
C SER E 75 4.63 -51.36 -38.42
N ILE E 76 4.12 -52.59 -38.27
CA ILE E 76 4.64 -53.75 -39.01
C ILE E 76 3.47 -54.49 -39.66
N PRO E 77 3.44 -54.59 -41.02
CA PRO E 77 2.39 -55.44 -41.59
C PRO E 77 2.48 -56.85 -41.01
N GLY E 78 1.36 -57.38 -40.50
CA GLY E 78 1.40 -58.57 -39.67
C GLY E 78 1.62 -59.84 -40.51
N PRO E 79 1.79 -61.01 -39.83
CA PRO E 79 2.23 -62.21 -40.56
C PRO E 79 1.21 -62.68 -41.61
N ASP E 80 -0.03 -62.19 -41.52
CA ASP E 80 -1.08 -62.57 -42.46
C ASP E 80 -1.30 -61.56 -43.58
N ALA E 81 -0.69 -60.38 -43.45
CA ALA E 81 -0.75 -59.38 -44.52
C ALA E 81 0.29 -59.70 -45.63
N ASN E 82 0.11 -59.10 -46.80
CA ASN E 82 1.07 -59.32 -47.88
C ASN E 82 2.53 -58.95 -47.47
N PRO E 83 3.46 -59.93 -47.47
CA PRO E 83 4.82 -59.61 -47.01
C PRO E 83 5.56 -58.52 -47.86
N GLY E 84 5.09 -58.26 -49.10
CA GLY E 84 5.57 -57.14 -49.98
C GLY E 84 5.18 -55.70 -49.59
N PHE E 85 4.28 -55.53 -48.63
CA PHE E 85 3.89 -54.17 -48.25
C PHE E 85 5.08 -53.39 -47.72
N SER E 86 5.98 -54.10 -47.05
CA SER E 86 7.10 -53.43 -46.41
C SER E 86 8.27 -54.39 -46.18
N THR E 87 9.33 -54.14 -46.95
CA THR E 87 10.49 -55.01 -47.02
C THR E 87 11.76 -54.18 -46.89
N VAL E 88 12.82 -54.82 -46.41
CA VAL E 88 14.16 -54.23 -46.43
C VAL E 88 15.06 -55.36 -46.90
N ALA E 89 15.85 -55.09 -47.96
CA ALA E 89 16.77 -56.12 -48.52
C ALA E 89 16.12 -57.47 -48.88
N GLY E 90 14.89 -57.40 -49.40
CA GLY E 90 14.20 -58.64 -49.83
C GLY E 90 13.48 -59.43 -48.74
N HIS E 91 13.47 -58.92 -47.50
CA HIS E 91 12.75 -59.54 -46.38
C HIS E 91 11.59 -58.65 -45.87
N SER E 92 10.49 -59.27 -45.44
CA SER E 92 9.39 -58.51 -44.82
C SER E 92 9.86 -57.91 -43.50
N ASN E 93 9.29 -56.75 -43.15
CA ASN E 93 9.47 -56.22 -41.80
C ASN E 93 9.17 -57.26 -40.74
N TYR E 94 8.11 -58.04 -40.95
CA TYR E 94 7.75 -59.02 -39.94
C TYR E 94 8.91 -60.00 -39.65
N SER E 95 9.57 -60.55 -40.68
CA SER E 95 10.66 -61.50 -40.40
C SER E 95 11.85 -60.79 -39.79
N ILE E 96 12.16 -59.57 -40.24
CA ILE E 96 13.25 -58.80 -39.63
C ILE E 96 12.93 -58.56 -38.14
N LEU E 97 11.69 -58.21 -37.81
CA LEU E 97 11.34 -57.98 -36.38
C LEU E 97 11.60 -59.22 -35.56
N MET E 98 10.97 -60.33 -35.99
CA MET E 98 11.07 -61.59 -35.24
C MET E 98 12.51 -62.08 -35.13
N GLU E 99 13.28 -62.01 -36.22
CA GLU E 99 14.71 -62.35 -36.20
C GLU E 99 15.48 -61.48 -35.17
N THR E 100 15.24 -60.19 -35.18
CA THR E 100 16.15 -59.30 -34.48
C THR E 100 15.84 -59.28 -33.00
N VAL E 101 14.56 -59.35 -32.70
CA VAL E 101 14.09 -59.28 -31.32
C VAL E 101 14.41 -60.57 -30.54
N GLU E 102 14.59 -61.69 -31.27
CA GLU E 102 14.81 -62.99 -30.67
C GLU E 102 15.87 -63.02 -29.55
N HIS E 103 17.02 -62.43 -29.80
CA HIS E 103 18.10 -62.40 -28.80
C HIS E 103 18.32 -61.08 -28.11
N ALA E 104 17.32 -60.21 -28.19
CA ALA E 104 17.39 -58.92 -27.50
C ALA E 104 17.20 -59.03 -25.99
N ALA E 105 17.78 -58.09 -25.24
CA ALA E 105 17.44 -57.95 -23.82
C ALA E 105 16.06 -57.28 -23.70
N ALA E 106 15.74 -56.31 -24.57
CA ALA E 106 14.51 -55.54 -24.38
C ALA E 106 14.23 -54.81 -25.69
N VAL E 107 12.96 -54.47 -25.87
CA VAL E 107 12.48 -53.77 -27.03
C VAL E 107 11.83 -52.45 -26.56
N ILE E 108 12.19 -51.35 -27.23
CA ILE E 108 11.42 -50.11 -27.04
C ILE E 108 10.66 -49.83 -28.33
N ALA E 109 9.35 -49.67 -28.22
CA ALA E 109 8.50 -49.27 -29.35
C ALA E 109 8.35 -47.75 -29.18
N VAL E 110 9.01 -46.98 -30.07
CA VAL E 110 8.97 -45.52 -29.96
C VAL E 110 7.96 -45.03 -31.01
N GLY E 111 7.07 -44.12 -30.58
CA GLY E 111 6.03 -43.66 -31.47
C GLY E 111 4.73 -44.46 -31.33
N THR E 112 3.63 -43.77 -31.55
CA THR E 112 2.31 -44.38 -31.51
C THR E 112 2.14 -45.47 -32.56
N CYS E 113 2.73 -45.28 -33.76
CA CYS E 113 2.75 -46.41 -34.74
C CYS E 113 3.31 -47.71 -34.19
N ALA E 114 4.56 -47.71 -33.72
CA ALA E 114 5.16 -48.95 -33.24
C ALA E 114 4.49 -49.43 -31.95
N ALA E 115 4.08 -48.48 -31.11
CA ALA E 115 3.45 -48.84 -29.84
C ALA E 115 2.07 -49.47 -29.99
N PHE E 116 1.22 -48.87 -30.83
CA PHE E 116 -0.24 -49.17 -30.84
C PHE E 116 -0.77 -49.41 -32.26
N GLY E 117 0.05 -49.21 -33.29
CA GLY E 117 -0.47 -49.34 -34.67
C GLY E 117 -0.42 -48.00 -35.40
N GLY E 118 -0.77 -46.92 -34.68
CA GLY E 118 -0.74 -45.55 -35.18
C GLY E 118 -1.32 -45.41 -36.59
N LEU E 119 -0.66 -44.60 -37.41
CA LEU E 119 -1.32 -44.14 -38.63
C LEU E 119 -1.62 -45.27 -39.65
N PRO E 120 -0.66 -46.20 -39.89
CA PRO E 120 -0.93 -47.17 -40.98
C PRO E 120 -2.06 -48.06 -40.55
N GLN E 121 -2.28 -48.13 -39.24
CA GLN E 121 -3.38 -48.98 -38.76
C GLN E 121 -4.76 -48.32 -38.78
N ALA E 122 -4.80 -47.02 -39.12
CA ALA E 122 -6.04 -46.22 -38.95
C ALA E 122 -6.98 -46.74 -40.04
N ARG E 123 -8.29 -46.65 -39.79
CA ARG E 123 -9.26 -47.25 -40.72
C ARG E 123 -9.05 -46.73 -42.15
N PRO E 124 -9.09 -47.63 -43.18
CA PRO E 124 -9.44 -49.05 -43.13
C PRO E 124 -8.21 -50.00 -43.04
N ASN E 125 -7.07 -49.45 -42.60
CA ASN E 125 -5.85 -50.26 -42.41
C ASN E 125 -5.40 -51.04 -43.65
N PRO E 126 -5.07 -50.33 -44.75
CA PRO E 126 -4.77 -50.97 -46.06
C PRO E 126 -3.68 -52.06 -46.02
N THR E 127 -2.73 -51.94 -45.11
CA THR E 127 -1.60 -52.88 -45.02
C THR E 127 -1.63 -53.92 -43.88
N GLY E 128 -2.72 -54.02 -43.13
CA GLY E 128 -2.76 -55.01 -42.05
C GLY E 128 -1.67 -54.73 -41.01
N ALA E 129 -1.42 -53.44 -40.73
CA ALA E 129 -0.34 -52.99 -39.85
C ALA E 129 -0.66 -53.40 -38.41
N MET E 130 0.38 -53.82 -37.70
CA MET E 130 0.29 -54.23 -36.30
C MET E 130 1.42 -53.57 -35.47
N SER E 131 1.25 -53.55 -34.16
CA SER E 131 2.20 -52.93 -33.24
C SER E 131 3.25 -53.96 -32.79
N VAL E 132 4.33 -53.48 -32.18
CA VAL E 132 5.36 -54.34 -31.64
C VAL E 132 4.74 -55.30 -30.60
N MET E 133 3.97 -54.79 -29.64
CA MET E 133 3.43 -55.70 -28.62
C MET E 133 2.52 -56.78 -29.20
N ASP E 134 1.76 -56.44 -30.25
CA ASP E 134 0.92 -57.40 -30.96
C ASP E 134 1.78 -58.61 -31.40
N LEU E 135 3.04 -58.33 -31.71
CA LEU E 135 3.83 -59.30 -32.44
C LEU E 135 4.92 -59.89 -31.56
N VAL E 136 5.39 -59.13 -30.57
CA VAL E 136 6.40 -59.71 -29.73
C VAL E 136 5.85 -59.92 -28.32
N ARG E 137 5.88 -61.21 -27.98
CA ARG E 137 5.08 -61.79 -26.94
C ARG E 137 5.96 -62.22 -25.75
N ASP E 138 7.28 -62.19 -25.97
CA ASP E 138 8.40 -63.03 -25.41
C ASP E 138 9.34 -62.19 -24.53
N LYS E 139 9.39 -60.91 -24.85
CA LYS E 139 10.52 -60.05 -24.47
C LYS E 139 9.94 -58.90 -23.72
N PRO E 140 10.73 -58.21 -22.89
CA PRO E 140 10.23 -56.94 -22.31
C PRO E 140 10.08 -55.84 -23.40
N VAL E 141 8.89 -55.23 -23.50
CA VAL E 141 8.61 -54.16 -24.46
C VAL E 141 8.19 -52.91 -23.66
N ILE E 142 8.82 -51.78 -23.93
CA ILE E 142 8.41 -50.50 -23.29
C ILE E 142 7.81 -49.67 -24.42
N ASN E 143 6.61 -49.13 -24.24
CA ASN E 143 5.97 -48.33 -25.26
C ASN E 143 6.26 -46.87 -24.91
N VAL E 144 6.81 -46.11 -25.88
CA VAL E 144 7.07 -44.67 -25.69
C VAL E 144 6.28 -43.93 -26.78
N PRO E 145 4.97 -43.79 -26.60
CA PRO E 145 4.15 -43.27 -27.70
C PRO E 145 4.07 -41.72 -27.81
N GLY E 146 3.27 -41.25 -28.76
CA GLY E 146 3.28 -39.88 -29.16
C GLY E 146 3.70 -39.83 -30.62
N CYS E 147 3.29 -38.81 -31.33
CA CYS E 147 3.45 -38.75 -32.77
C CYS E 147 4.10 -37.41 -33.16
N PRO E 148 5.43 -37.26 -32.92
CA PRO E 148 6.24 -38.24 -32.21
C PRO E 148 6.22 -37.97 -30.73
N PRO E 149 6.85 -38.86 -29.96
CA PRO E 149 7.08 -38.60 -28.58
C PRO E 149 7.99 -37.39 -28.42
N ILE E 150 7.87 -36.73 -27.27
CA ILE E 150 8.71 -35.57 -26.97
C ILE E 150 10.20 -36.02 -26.97
N PRO E 151 11.09 -35.19 -27.57
CA PRO E 151 12.50 -35.60 -27.64
C PRO E 151 13.12 -36.07 -26.33
N MET E 152 12.97 -35.28 -25.25
CA MET E 152 13.62 -35.64 -24.02
C MET E 152 12.89 -36.68 -23.18
N VAL E 153 11.74 -37.13 -23.67
CA VAL E 153 11.13 -38.33 -23.14
C VAL E 153 11.82 -39.58 -23.73
N ILE E 154 12.02 -39.59 -25.05
CA ILE E 154 12.77 -40.63 -25.71
C ILE E 154 14.13 -40.80 -25.03
N THR E 155 14.93 -39.73 -24.98
CA THR E 155 16.26 -39.88 -24.34
C THR E 155 16.16 -40.06 -22.83
N GLY E 156 15.11 -39.56 -22.20
CA GLY E 156 14.99 -39.74 -20.73
C GLY E 156 14.73 -41.21 -20.39
N VAL E 157 13.90 -41.90 -21.19
CA VAL E 157 13.68 -43.38 -21.06
C VAL E 157 14.99 -44.15 -21.24
N ILE E 158 15.74 -43.76 -22.27
CA ILE E 158 17.03 -44.38 -22.55
C ILE E 158 18.03 -44.10 -21.41
N ALA E 159 18.10 -42.85 -20.93
CA ALA E 159 18.98 -42.52 -19.78
C ALA E 159 18.58 -43.31 -18.53
N HIS E 160 17.29 -43.45 -18.30
CA HIS E 160 16.82 -44.13 -17.13
C HIS E 160 17.36 -45.59 -17.11
N TYR E 161 17.19 -46.26 -18.25
CA TYR E 161 17.60 -47.66 -18.51
C TYR E 161 19.11 -47.85 -18.36
N LEU E 162 19.88 -46.95 -18.96
CA LEU E 162 21.32 -46.99 -18.85
C LEU E 162 21.88 -46.63 -17.46
N VAL E 163 21.44 -45.51 -16.88
CA VAL E 163 22.05 -45.00 -15.67
C VAL E 163 21.55 -45.78 -14.42
N PHE E 164 20.31 -46.25 -14.42
CA PHE E 164 19.81 -46.91 -13.20
C PHE E 164 19.73 -48.41 -13.40
N GLY E 165 20.05 -48.89 -14.61
CA GLY E 165 20.13 -50.32 -14.87
C GLY E 165 18.81 -51.04 -14.63
N ARG E 166 17.69 -50.37 -14.93
CA ARG E 166 16.36 -51.01 -14.86
C ARG E 166 15.36 -50.33 -15.77
N LEU E 167 14.32 -51.09 -16.13
CA LEU E 167 13.17 -50.55 -16.84
C LEU E 167 12.44 -49.52 -15.97
N PRO E 168 11.95 -48.43 -16.58
CA PRO E 168 11.07 -47.57 -15.79
C PRO E 168 9.82 -48.35 -15.32
N GLU E 169 9.17 -47.86 -14.31
CA GLU E 169 7.87 -48.41 -13.93
C GLU E 169 6.78 -47.98 -14.97
N LEU E 170 5.81 -48.86 -15.30
CA LEU E 170 5.01 -48.70 -16.52
C LEU E 170 3.54 -48.70 -16.21
N ASP E 171 2.74 -48.02 -17.01
CA ASP E 171 1.29 -48.13 -16.78
C ASP E 171 0.73 -49.35 -17.54
N GLY E 172 -0.61 -49.51 -17.53
CA GLY E 172 -1.32 -50.65 -18.19
C GLY E 172 -1.04 -50.71 -19.69
N TYR E 173 -0.56 -49.62 -20.28
CA TYR E 173 -0.24 -49.62 -21.74
C TYR E 173 1.22 -49.82 -22.05
N GLY E 174 2.03 -50.21 -21.06
CA GLY E 174 3.46 -50.33 -21.28
C GLY E 174 4.22 -48.98 -21.27
N ARG E 175 3.58 -47.88 -20.86
CA ARG E 175 4.26 -46.55 -20.95
C ARG E 175 4.90 -46.15 -19.62
N PRO E 176 6.08 -45.52 -19.66
CA PRO E 176 6.74 -45.15 -18.38
C PRO E 176 6.01 -44.02 -17.65
N LEU E 177 5.79 -44.25 -16.36
CA LEU E 177 4.97 -43.37 -15.53
C LEU E 177 5.55 -41.95 -15.44
N ALA E 178 6.88 -41.84 -15.50
CA ALA E 178 7.55 -40.52 -15.36
C ALA E 178 7.02 -39.55 -16.44
N PHE E 179 6.65 -40.09 -17.60
CA PHE E 179 6.29 -39.26 -18.75
C PHE E 179 4.80 -39.35 -19.12
N TYR E 180 4.19 -40.49 -18.82
CA TYR E 180 2.84 -40.75 -19.26
C TYR E 180 1.91 -41.05 -18.07
N GLY E 181 2.36 -40.78 -16.85
CA GLY E 181 1.55 -41.10 -15.66
C GLY E 181 0.38 -40.16 -15.39
N GLN E 182 0.40 -38.96 -15.97
CA GLN E 182 -0.71 -38.02 -15.72
C GLN E 182 -1.31 -37.58 -17.02
N SER E 183 -2.65 -37.41 -17.05
CA SER E 183 -3.19 -36.86 -18.29
C SER E 183 -2.81 -35.39 -18.54
N ILE E 184 -2.78 -35.02 -19.80
CA ILE E 184 -2.62 -33.63 -20.23
C ILE E 184 -3.62 -32.74 -19.42
N HIS E 185 -4.88 -33.17 -19.39
CA HIS E 185 -5.98 -32.34 -18.81
C HIS E 185 -5.79 -32.14 -17.31
N ASP E 186 -5.14 -33.08 -16.63
CA ASP E 186 -4.87 -32.87 -15.21
C ASP E 186 -3.63 -32.03 -14.90
N ARG E 187 -2.93 -31.56 -15.94
CA ARG E 187 -1.74 -30.72 -15.74
C ARG E 187 -1.85 -29.40 -16.51
N CYS E 188 -2.85 -29.32 -17.41
CA CYS E 188 -2.98 -28.23 -18.36
C CYS E 188 -3.15 -26.83 -17.68
N TYR E 189 -2.38 -25.82 -18.11
CA TYR E 189 -2.55 -24.50 -17.58
C TYR E 189 -3.89 -23.88 -17.96
N ARG E 190 -4.66 -24.48 -18.88
CA ARG E 190 -6.01 -23.98 -19.18
C ARG E 190 -7.12 -24.65 -18.32
N ARG E 191 -6.74 -25.67 -17.52
CA ARG E 191 -7.77 -26.46 -16.80
C ARG E 191 -8.66 -25.63 -15.87
N PRO E 192 -8.11 -24.59 -15.19
CA PRO E 192 -9.03 -23.86 -14.30
C PRO E 192 -10.03 -23.04 -15.12
N PHE E 193 -9.68 -22.67 -16.35
CA PHE E 193 -10.67 -22.03 -17.24
C PHE E 193 -11.73 -23.02 -17.77
N TYR E 194 -11.32 -24.26 -18.09
CA TYR E 194 -12.27 -25.31 -18.37
C TYR E 194 -13.29 -25.50 -17.19
N ASP E 195 -12.78 -25.54 -15.96
CA ASP E 195 -13.63 -25.73 -14.79
C ASP E 195 -14.59 -24.58 -14.55
N LYS E 196 -14.20 -23.35 -14.93
CA LYS E 196 -15.11 -22.17 -14.80
C LYS E 196 -16.02 -22.04 -16.04
N GLY E 197 -15.95 -22.98 -16.97
CA GLY E 197 -16.75 -22.86 -18.19
C GLY E 197 -16.24 -21.81 -19.17
N LEU E 198 -14.94 -21.49 -19.19
CA LEU E 198 -14.41 -20.40 -20.03
C LEU E 198 -13.67 -20.97 -21.23
N PHE E 199 -14.26 -20.86 -22.41
CA PHE E 199 -13.78 -21.56 -23.62
C PHE E 199 -13.49 -20.62 -24.79
N ALA E 200 -12.47 -20.96 -25.58
CA ALA E 200 -12.30 -20.34 -26.88
C ALA E 200 -13.38 -20.85 -27.80
N GLU E 201 -14.01 -19.97 -28.60
CA GLU E 201 -14.91 -20.50 -29.64
C GLU E 201 -14.31 -20.47 -31.03
N SER E 202 -13.17 -19.81 -31.17
CA SER E 202 -12.39 -19.96 -32.39
C SER E 202 -10.88 -19.84 -32.02
N PHE E 203 -10.01 -19.93 -33.04
CA PHE E 203 -8.58 -19.90 -32.78
C PHE E 203 -7.97 -18.54 -32.45
N ASP E 204 -8.74 -17.48 -32.61
CA ASP E 204 -8.25 -16.13 -32.30
C ASP E 204 -9.38 -15.18 -31.74
N ASP E 205 -10.45 -15.74 -31.17
CA ASP E 205 -11.35 -14.88 -30.36
C ASP E 205 -10.73 -14.52 -29.00
N GLU E 206 -11.53 -13.87 -28.17
CA GLU E 206 -11.04 -13.38 -26.90
C GLU E 206 -10.56 -14.54 -26.07
N GLY E 207 -11.38 -15.59 -26.00
CA GLY E 207 -11.04 -16.82 -25.29
C GLY E 207 -9.72 -17.43 -25.72
N ALA E 208 -9.51 -17.45 -27.04
CA ALA E 208 -8.26 -17.99 -27.56
C ALA E 208 -7.09 -17.12 -27.19
N LYS E 209 -7.24 -15.81 -27.34
CA LYS E 209 -6.14 -14.91 -27.02
C LYS E 209 -5.76 -14.95 -25.53
N GLN E 210 -6.75 -15.23 -24.68
CA GLN E 210 -6.57 -15.23 -23.24
C GLN E 210 -6.18 -16.58 -22.66
N GLY E 211 -6.02 -17.61 -23.50
CA GLY E 211 -5.74 -18.96 -22.96
C GLY E 211 -6.89 -19.55 -22.19
N TRP E 212 -8.12 -19.32 -22.69
CA TRP E 212 -9.27 -20.11 -22.16
C TRP E 212 -9.21 -21.50 -22.81
N CYS E 213 -10.01 -22.44 -22.26
CA CYS E 213 -9.83 -23.83 -22.57
C CYS E 213 -10.19 -24.13 -24.03
N LEU E 214 -9.52 -25.12 -24.62
CA LEU E 214 -9.79 -25.47 -26.03
C LEU E 214 -10.76 -26.63 -26.22
N TYR E 215 -11.41 -27.01 -25.13
CA TYR E 215 -12.33 -28.11 -25.16
C TYR E 215 -13.36 -28.03 -26.30
N ARG E 216 -14.00 -26.88 -26.51
CA ARG E 216 -15.06 -26.84 -27.53
C ARG E 216 -14.51 -26.94 -28.95
N LEU E 217 -13.20 -26.84 -29.07
CA LEU E 217 -12.57 -26.96 -30.39
C LEU E 217 -12.03 -28.37 -30.59
N GLY E 218 -12.33 -29.27 -29.65
CA GLY E 218 -12.01 -30.67 -29.88
C GLY E 218 -10.86 -31.21 -29.07
N CYS E 219 -10.28 -30.41 -28.15
CA CYS E 219 -9.15 -30.90 -27.37
C CYS E 219 -9.36 -32.33 -26.78
N LYS E 220 -8.43 -33.22 -27.04
CA LYS E 220 -8.50 -34.60 -26.50
C LYS E 220 -7.66 -34.74 -25.22
N GLY E 221 -7.21 -33.60 -24.66
CA GLY E 221 -6.40 -33.64 -23.43
C GLY E 221 -7.07 -34.40 -22.28
N PRO E 222 -8.42 -34.35 -22.20
CA PRO E 222 -9.02 -35.05 -21.06
C PRO E 222 -8.81 -36.54 -21.07
N THR E 223 -8.45 -37.14 -22.22
CA THR E 223 -8.25 -38.60 -22.27
C THR E 223 -6.83 -38.97 -22.72
N THR E 224 -5.91 -37.99 -22.69
CA THR E 224 -4.57 -38.22 -23.24
C THR E 224 -3.51 -38.19 -22.16
N TYR E 225 -2.61 -39.18 -22.18
CA TYR E 225 -1.53 -39.17 -21.21
C TYR E 225 -0.22 -38.89 -21.93
N ASN E 226 0.52 -37.86 -21.50
CA ASN E 226 1.79 -37.48 -22.10
C ASN E 226 2.33 -36.37 -21.22
N ALA E 227 3.56 -35.90 -21.46
CA ALA E 227 4.21 -34.95 -20.58
C ALA E 227 4.19 -33.54 -21.16
N CYS E 228 3.40 -33.34 -22.20
CA CYS E 228 3.43 -32.08 -22.94
C CYS E 228 3.11 -30.89 -22.04
N ALA E 229 2.18 -31.05 -21.09
CA ALA E 229 1.69 -29.91 -20.32
C ALA E 229 2.69 -29.54 -19.17
N THR E 230 3.62 -30.46 -18.85
CA THR E 230 4.59 -30.25 -17.78
C THR E 230 6.05 -30.04 -18.27
N MET E 231 6.55 -31.01 -19.04
CA MET E 231 7.90 -30.91 -19.67
C MET E 231 7.86 -29.92 -20.84
N LYS E 232 6.78 -29.95 -21.62
CA LYS E 232 6.70 -29.21 -22.89
C LYS E 232 7.69 -29.75 -23.91
N TRP E 233 7.75 -29.10 -25.06
CA TRP E 233 8.47 -29.59 -26.24
C TRP E 233 9.70 -28.70 -26.57
N ASN E 234 10.75 -29.32 -27.14
CA ASN E 234 11.86 -28.57 -27.72
C ASN E 234 12.59 -27.77 -26.67
N ASP E 235 13.02 -28.53 -25.66
CA ASP E 235 13.75 -27.98 -24.54
C ASP E 235 12.87 -26.95 -23.82
N GLY E 236 11.61 -27.33 -23.56
CA GLY E 236 10.73 -26.47 -22.72
C GLY E 236 10.17 -25.26 -23.49
N THR E 237 10.13 -25.29 -24.84
CA THR E 237 9.77 -24.05 -25.57
C THR E 237 8.25 -23.77 -25.56
N SER E 238 7.46 -24.78 -25.87
CA SER E 238 6.02 -24.59 -25.97
C SER E 238 5.41 -26.03 -26.06
N TRP E 239 4.10 -26.10 -26.32
CA TRP E 239 3.46 -27.34 -26.52
C TRP E 239 2.16 -27.08 -27.26
N PRO E 240 1.55 -28.10 -27.87
CA PRO E 240 0.44 -27.76 -28.77
C PRO E 240 -0.63 -26.80 -28.23
N VAL E 241 -1.16 -27.09 -27.03
CA VAL E 241 -2.21 -26.26 -26.48
C VAL E 241 -1.68 -24.85 -26.12
N GLU E 242 -0.46 -24.76 -25.56
CA GLU E 242 0.10 -23.46 -25.31
C GLU E 242 0.18 -22.65 -26.60
N ALA E 243 0.48 -23.29 -27.73
CA ALA E 243 0.54 -22.52 -28.98
C ALA E 243 -0.82 -22.37 -29.69
N GLY E 244 -1.90 -22.82 -29.05
CA GLY E 244 -3.26 -22.48 -29.47
C GLY E 244 -3.98 -23.60 -30.22
N HIS E 245 -3.43 -24.81 -30.25
CA HIS E 245 -4.16 -25.88 -30.98
C HIS E 245 -4.61 -26.97 -30.00
N PRO E 246 -5.86 -27.44 -30.10
CA PRO E 246 -6.32 -28.59 -29.27
C PRO E 246 -5.39 -29.81 -29.38
N CYS E 247 -5.17 -30.49 -28.26
CA CYS E 247 -4.49 -31.81 -28.27
C CYS E 247 -5.26 -32.76 -29.22
N LEU E 248 -4.53 -33.41 -30.12
CA LEU E 248 -5.04 -34.45 -31.02
C LEU E 248 -5.18 -35.80 -30.32
N GLY E 249 -4.61 -35.95 -29.11
CA GLY E 249 -4.60 -37.23 -28.41
C GLY E 249 -3.52 -38.19 -28.93
N CYS E 250 -2.37 -37.64 -29.36
CA CYS E 250 -1.47 -38.38 -30.28
C CYS E 250 -0.69 -39.51 -29.56
N SER E 251 -0.68 -39.51 -28.21
CA SER E 251 -0.02 -40.60 -27.48
C SER E 251 -0.99 -41.78 -27.12
N GLU E 252 -2.22 -41.74 -27.61
CA GLU E 252 -3.19 -42.77 -27.22
C GLU E 252 -3.45 -43.74 -28.39
N PRO E 253 -3.68 -45.02 -28.06
CA PRO E 253 -3.98 -46.05 -29.07
C PRO E 253 -5.19 -45.60 -29.85
N GLN E 254 -5.09 -45.68 -31.17
CA GLN E 254 -6.29 -45.51 -32.02
C GLN E 254 -6.76 -44.05 -32.07
N PHE E 255 -5.85 -43.11 -31.78
CA PHE E 255 -6.30 -41.72 -31.70
C PHE E 255 -6.78 -41.16 -33.04
N TRP E 256 -6.29 -41.72 -34.14
CA TRP E 256 -6.70 -41.24 -35.47
C TRP E 256 -8.20 -41.47 -35.72
N ASP E 257 -8.71 -42.49 -35.05
CA ASP E 257 -10.09 -42.96 -35.32
C ASP E 257 -10.99 -42.60 -34.18
N ALA E 258 -10.62 -41.60 -33.41
CA ALA E 258 -11.38 -41.22 -32.23
C ALA E 258 -12.55 -40.31 -32.59
N GLY E 259 -12.78 -39.98 -33.85
CA GLY E 259 -14.07 -39.42 -34.25
C GLY E 259 -13.97 -38.00 -34.82
N GLY E 260 -12.80 -37.40 -34.87
CA GLY E 260 -12.78 -36.05 -35.40
C GLY E 260 -11.99 -35.12 -34.50
N PHE E 261 -10.94 -34.51 -35.02
CA PHE E 261 -10.07 -33.71 -34.14
C PHE E 261 -10.74 -32.48 -33.59
N TYR E 262 -11.70 -31.93 -34.34
CA TYR E 262 -12.38 -30.73 -33.91
C TYR E 262 -13.77 -30.99 -33.26
N GLU E 263 -14.05 -32.25 -32.92
CA GLU E 263 -15.33 -32.63 -32.30
C GLU E 263 -15.07 -32.83 -30.82
N PRO E 264 -15.80 -32.12 -29.94
CA PRO E 264 -15.58 -32.31 -28.49
C PRO E 264 -15.63 -33.77 -27.97
N VAL E 265 -14.71 -34.07 -27.06
CA VAL E 265 -14.57 -35.35 -26.36
C VAL E 265 -15.75 -35.38 -25.31
N SER E 266 -16.18 -36.54 -24.83
CA SER E 266 -16.90 -36.49 -23.54
C SER E 266 -15.89 -36.43 -22.36
N VAL E 267 -16.23 -35.64 -21.35
CA VAL E 267 -15.30 -35.45 -20.19
C VAL E 267 -15.82 -36.16 -18.94
N PRO E 268 -14.92 -36.88 -18.22
CA PRO E 268 -15.18 -37.71 -16.98
C PRO E 268 -15.71 -37.09 -15.61
N MET F 1 13.94 -60.39 -61.42
CA MET F 1 14.71 -60.51 -62.68
C MET F 1 16.11 -61.24 -62.52
N SER F 2 17.23 -60.66 -63.02
CA SER F 2 18.51 -61.45 -63.24
C SER F 2 19.90 -60.72 -63.24
N GLU F 3 20.67 -60.97 -62.17
CA GLU F 3 22.07 -60.47 -62.00
C GLU F 3 22.34 -58.97 -62.17
N ARG F 4 21.39 -58.11 -61.77
CA ARG F 4 21.69 -56.70 -61.52
C ARG F 4 22.40 -56.60 -60.18
N ILE F 5 23.20 -55.57 -60.05
CA ILE F 5 23.74 -55.12 -58.78
C ILE F 5 22.54 -54.55 -57.98
N VAL F 6 22.51 -54.84 -56.69
CA VAL F 6 21.41 -54.43 -55.83
C VAL F 6 22.03 -53.58 -54.72
N VAL F 7 21.49 -52.38 -54.48
CA VAL F 7 21.82 -51.65 -53.22
C VAL F 7 20.55 -51.50 -52.41
N ASP F 8 20.41 -52.32 -51.36
CA ASP F 8 19.16 -52.36 -50.57
C ASP F 8 19.46 -52.83 -49.15
N PRO F 9 19.33 -51.94 -48.15
CA PRO F 9 18.78 -50.58 -48.21
C PRO F 9 19.75 -49.49 -48.69
N ILE F 10 19.24 -48.50 -49.41
CA ILE F 10 19.93 -47.20 -49.44
C ILE F 10 19.74 -46.55 -48.06
N THR F 11 20.84 -46.25 -47.36
CA THR F 11 20.78 -45.61 -46.06
C THR F 11 21.09 -44.10 -46.26
N ARG F 12 20.94 -43.32 -45.20
CA ARG F 12 21.14 -41.87 -45.25
C ARG F 12 20.19 -41.21 -46.22
N ILE F 13 18.95 -41.69 -46.20
CA ILE F 13 17.82 -41.03 -46.84
C ILE F 13 16.69 -41.16 -45.83
N GLU F 14 15.52 -40.58 -46.10
CA GLU F 14 14.32 -41.02 -45.38
C GLU F 14 13.70 -42.25 -46.12
N GLY F 15 13.33 -43.29 -45.37
CA GLY F 15 12.44 -44.32 -45.92
C GLY F 15 13.18 -45.43 -46.64
N HIS F 16 12.45 -46.19 -47.47
CA HIS F 16 12.86 -47.50 -47.87
C HIS F 16 13.05 -47.59 -49.39
N LEU F 17 14.28 -47.42 -49.81
CA LEU F 17 14.64 -47.37 -51.23
C LEU F 17 15.62 -48.49 -51.58
N ARG F 18 15.34 -49.10 -52.73
CA ARG F 18 16.16 -50.14 -53.32
C ARG F 18 16.58 -49.66 -54.72
N ILE F 19 17.88 -49.73 -55.01
CA ILE F 19 18.34 -49.44 -56.36
C ILE F 19 18.85 -50.78 -56.98
N GLU F 20 18.46 -51.05 -58.21
CA GLU F 20 19.12 -52.11 -59.00
C GLU F 20 19.78 -51.51 -60.26
N ALA F 21 20.98 -52.00 -60.56
CA ALA F 21 21.72 -51.50 -61.72
C ALA F 21 22.19 -52.69 -62.58
N GLN F 22 21.87 -52.57 -63.87
CA GLN F 22 22.38 -53.45 -64.91
C GLN F 22 23.73 -52.84 -65.36
N MET F 23 24.84 -53.53 -65.07
CA MET F 23 26.20 -53.04 -65.30
C MET F 23 26.63 -53.47 -66.68
N ASP F 24 27.43 -52.65 -67.32
CA ASP F 24 28.09 -53.05 -68.58
C ASP F 24 29.57 -52.71 -68.35
N GLY F 25 30.36 -53.74 -68.02
CA GLY F 25 31.65 -53.57 -67.36
C GLY F 25 31.53 -52.79 -66.03
N ALA F 26 32.18 -51.63 -65.96
CA ALA F 26 32.08 -50.80 -64.77
C ALA F 26 30.98 -49.72 -64.94
N THR F 27 30.39 -49.62 -66.12
CA THR F 27 29.34 -48.64 -66.41
C THR F 27 27.92 -49.08 -66.03
N ILE F 28 27.19 -48.15 -65.43
CA ILE F 28 25.76 -48.32 -65.18
C ILE F 28 24.97 -48.15 -66.49
N ALA F 29 24.44 -49.27 -67.01
CA ALA F 29 23.73 -49.25 -68.30
C ALA F 29 22.24 -48.90 -68.12
N GLN F 30 21.58 -49.53 -67.15
CA GLN F 30 20.18 -49.29 -66.84
C GLN F 30 20.08 -49.24 -65.32
N ALA F 31 19.23 -48.37 -64.77
CA ALA F 31 19.09 -48.31 -63.34
C ALA F 31 17.62 -48.35 -63.04
N TYR F 32 17.26 -48.95 -61.90
CA TYR F 32 15.85 -49.10 -61.50
C TYR F 32 15.69 -48.64 -60.06
N SER F 33 14.70 -47.79 -59.84
CA SER F 33 14.46 -47.18 -58.53
C SER F 33 13.17 -47.77 -57.92
N SER F 34 13.29 -48.29 -56.69
CA SER F 34 12.17 -49.04 -56.12
C SER F 34 11.88 -48.64 -54.67
N GLY F 35 10.67 -48.14 -54.35
CA GLY F 35 10.34 -47.91 -52.93
C GLY F 35 9.60 -49.14 -52.38
N THR F 36 10.05 -49.66 -51.22
CA THR F 36 9.68 -50.94 -50.80
C THR F 36 8.89 -50.91 -49.48
N MET F 37 8.17 -49.82 -49.25
CA MET F 37 7.23 -49.70 -48.10
C MET F 37 6.05 -48.85 -48.58
N VAL F 38 4.83 -49.27 -48.25
CA VAL F 38 3.66 -48.44 -48.50
C VAL F 38 2.78 -48.37 -47.22
N ARG F 39 1.97 -47.31 -47.09
CA ARG F 39 1.03 -47.21 -45.97
C ARG F 39 -0.40 -47.00 -46.45
N GLY F 40 -0.57 -46.29 -47.57
CA GLY F 40 -1.90 -46.07 -48.10
C GLY F 40 -2.67 -44.97 -47.38
N ILE F 41 -1.98 -43.88 -47.05
CA ILE F 41 -2.58 -42.75 -46.34
C ILE F 41 -3.71 -42.12 -47.15
N GLU F 42 -3.61 -42.07 -48.47
CA GLU F 42 -4.74 -41.60 -49.30
C GLU F 42 -6.03 -42.41 -49.06
N THR F 43 -5.91 -43.72 -48.92
CA THR F 43 -7.05 -44.59 -48.68
C THR F 43 -7.63 -44.30 -47.29
N ILE F 44 -6.74 -44.13 -46.30
CA ILE F 44 -7.11 -43.80 -44.91
C ILE F 44 -7.94 -42.50 -44.78
N LEU F 45 -7.67 -41.51 -45.62
CA LEU F 45 -8.37 -40.22 -45.52
C LEU F 45 -9.84 -40.27 -45.91
N LYS F 46 -10.21 -41.29 -46.69
CA LYS F 46 -11.56 -41.33 -47.32
C LYS F 46 -12.65 -41.26 -46.26
N GLY F 47 -13.63 -40.35 -46.44
CA GLY F 47 -14.79 -40.28 -45.55
C GLY F 47 -14.53 -39.37 -44.32
N ARG F 48 -13.33 -38.84 -44.15
CA ARG F 48 -13.02 -38.06 -42.97
C ARG F 48 -13.31 -36.56 -43.18
N ASP F 49 -13.18 -35.76 -42.11
CA ASP F 49 -13.42 -34.31 -42.19
C ASP F 49 -12.23 -33.64 -42.91
N PRO F 50 -12.49 -32.84 -43.94
CA PRO F 50 -11.37 -32.15 -44.59
C PRO F 50 -10.50 -31.28 -43.65
N ARG F 51 -11.10 -30.67 -42.61
CA ARG F 51 -10.32 -29.88 -41.65
C ARG F 51 -9.30 -30.73 -40.89
N ASP F 52 -9.52 -32.05 -40.83
CA ASP F 52 -8.64 -32.95 -40.09
C ASP F 52 -7.51 -33.37 -40.99
N ALA F 53 -7.66 -33.23 -42.29
CA ALA F 53 -6.73 -33.89 -43.23
C ALA F 53 -5.27 -33.58 -42.91
N TRP F 54 -4.98 -32.31 -42.61
CA TRP F 54 -3.56 -31.84 -42.47
C TRP F 54 -2.83 -32.71 -41.39
N ALA F 55 -3.56 -33.09 -40.33
CA ALA F 55 -2.95 -33.83 -39.24
C ALA F 55 -2.50 -35.25 -39.66
N PHE F 56 -3.32 -35.85 -40.56
CA PHE F 56 -3.01 -37.18 -41.11
C PHE F 56 -1.86 -37.10 -42.10
N VAL F 57 -2.00 -36.23 -43.11
CA VAL F 57 -0.99 -36.16 -44.14
C VAL F 57 0.29 -35.54 -43.68
N GLN F 58 0.25 -34.72 -42.61
CA GLN F 58 1.56 -34.29 -42.05
C GLN F 58 2.43 -35.53 -41.70
N ARG F 59 1.78 -36.64 -41.30
CA ARG F 59 2.48 -37.90 -40.91
C ARG F 59 2.84 -38.75 -42.12
N ILE F 60 2.60 -38.25 -43.32
CA ILE F 60 3.32 -38.80 -44.47
C ILE F 60 4.83 -38.84 -44.22
N CYS F 61 5.36 -37.83 -43.54
CA CYS F 61 6.80 -37.73 -43.37
C CYS F 61 7.23 -36.74 -42.28
N GLY F 62 8.13 -37.13 -41.38
CA GLY F 62 8.60 -36.23 -40.31
C GLY F 62 9.95 -35.55 -40.57
N VAL F 63 10.59 -35.86 -41.71
CA VAL F 63 11.82 -35.17 -42.15
C VAL F 63 11.38 -33.88 -42.73
N CYS F 64 10.66 -33.92 -43.86
CA CYS F 64 9.92 -32.72 -44.29
C CYS F 64 8.62 -32.57 -43.48
N THR F 65 8.68 -32.61 -42.15
CA THR F 65 7.50 -32.28 -41.35
C THR F 65 7.04 -30.88 -41.84
N LEU F 66 5.86 -30.44 -41.42
CA LEU F 66 5.27 -29.15 -41.83
C LEU F 66 4.73 -29.17 -43.29
N VAL F 67 5.49 -29.67 -44.25
CA VAL F 67 5.10 -29.33 -45.63
C VAL F 67 3.73 -29.88 -46.08
N HIS F 68 3.42 -31.08 -45.62
CA HIS F 68 2.14 -31.71 -46.00
C HIS F 68 0.98 -31.08 -45.22
N GLY F 69 1.32 -30.57 -44.03
CA GLY F 69 0.39 -29.77 -43.21
C GLY F 69 -0.01 -28.56 -44.02
N ILE F 70 0.98 -27.80 -44.49
CA ILE F 70 0.73 -26.61 -45.31
C ILE F 70 0.00 -26.97 -46.62
N ALA F 71 0.45 -28.01 -47.32
CA ALA F 71 -0.22 -28.36 -48.57
C ALA F 71 -1.69 -28.73 -48.35
N SER F 72 -1.96 -29.37 -47.22
CA SER F 72 -3.31 -29.82 -46.90
C SER F 72 -4.27 -28.66 -46.58
N VAL F 73 -3.91 -27.79 -45.64
CA VAL F 73 -4.78 -26.64 -45.37
C VAL F 73 -4.95 -25.71 -46.61
N ARG F 74 -3.89 -25.55 -47.41
CA ARG F 74 -4.01 -24.87 -48.72
C ARG F 74 -4.99 -25.54 -49.68
N ALA F 75 -5.05 -26.87 -49.67
CA ALA F 75 -5.92 -27.57 -50.61
C ALA F 75 -7.36 -27.33 -50.19
N VAL F 76 -7.63 -27.43 -48.87
CA VAL F 76 -8.99 -27.20 -48.35
C VAL F 76 -9.32 -25.71 -48.55
N GLU F 77 -8.36 -24.80 -48.29
CA GLU F 77 -8.63 -23.39 -48.54
C GLU F 77 -8.93 -23.09 -50.01
N ASP F 78 -8.25 -23.82 -50.90
CA ASP F 78 -8.47 -23.70 -52.32
C ASP F 78 -9.88 -24.20 -52.70
N ALA F 79 -10.24 -25.39 -52.20
CA ALA F 79 -11.56 -25.96 -52.49
C ALA F 79 -12.67 -25.00 -52.08
N LEU F 80 -12.47 -24.34 -50.93
CA LEU F 80 -13.54 -23.57 -50.30
C LEU F 80 -13.44 -22.06 -50.52
N ARG F 81 -12.37 -21.61 -51.18
CA ARG F 81 -12.07 -20.18 -51.40
C ARG F 81 -11.98 -19.38 -50.09
N ILE F 82 -11.16 -19.87 -49.14
CA ILE F 82 -10.95 -19.23 -47.85
C ILE F 82 -9.73 -18.29 -47.99
N GLU F 83 -9.92 -16.99 -47.84
CA GLU F 83 -8.77 -16.07 -47.86
C GLU F 83 -8.05 -15.98 -46.46
N LEU F 84 -6.73 -16.11 -46.46
CA LEU F 84 -5.96 -16.05 -45.23
C LEU F 84 -5.76 -14.61 -44.73
N PRO F 85 -5.86 -14.37 -43.42
CA PRO F 85 -5.32 -13.11 -42.86
C PRO F 85 -3.81 -12.95 -43.14
N LEU F 86 -3.35 -11.73 -43.38
CA LEU F 86 -1.94 -11.48 -43.60
C LEU F 86 -1.04 -12.13 -42.53
N ASN F 87 -1.40 -12.02 -41.25
CA ASN F 87 -0.46 -12.49 -40.22
C ASN F 87 -0.24 -14.00 -40.38
N ALA F 88 -1.30 -14.70 -40.80
CA ALA F 88 -1.26 -16.14 -40.94
C ALA F 88 -0.35 -16.53 -42.10
N GLN F 89 -0.42 -15.75 -43.19
CA GLN F 89 0.40 -16.01 -44.35
C GLN F 89 1.87 -15.76 -44.06
N LEU F 90 2.13 -14.68 -43.34
CA LEU F 90 3.52 -14.35 -43.01
C LEU F 90 4.13 -15.41 -42.05
N ILE F 91 3.35 -15.84 -41.04
CA ILE F 91 3.81 -16.89 -40.12
C ILE F 91 4.03 -18.22 -40.88
N ARG F 92 3.15 -18.55 -41.83
CA ARG F 92 3.38 -19.78 -42.61
C ARG F 92 4.67 -19.68 -43.43
N ASN F 93 4.90 -18.52 -44.08
CA ASN F 93 6.15 -18.31 -44.88
C ASN F 93 7.35 -18.51 -43.93
N LEU F 94 7.26 -17.90 -42.74
CA LEU F 94 8.36 -18.02 -41.74
C LEU F 94 8.65 -19.52 -41.39
N MET F 95 7.58 -20.29 -41.12
CA MET F 95 7.71 -21.68 -40.71
C MET F 95 8.25 -22.49 -41.90
N ILE F 96 7.80 -22.17 -43.10
CA ILE F 96 8.30 -22.85 -44.29
C ILE F 96 9.79 -22.55 -44.47
N GLY F 97 10.19 -21.29 -44.36
CA GLY F 97 11.62 -20.93 -44.47
C GLY F 97 12.43 -21.68 -43.40
N ALA F 98 11.96 -21.63 -42.16
CA ALA F 98 12.63 -22.36 -41.07
C ALA F 98 12.82 -23.85 -41.42
N GLN F 99 11.77 -24.42 -42.01
CA GLN F 99 11.82 -25.83 -42.39
C GLN F 99 12.89 -26.11 -43.47
N TYR F 100 12.91 -25.29 -44.52
CA TYR F 100 13.96 -25.42 -45.57
C TYR F 100 15.35 -25.40 -45.00
N ILE F 101 15.61 -24.41 -44.14
CA ILE F 101 16.92 -24.22 -43.59
C ILE F 101 17.39 -25.40 -42.72
N HIS F 102 16.53 -25.78 -41.76
CA HIS F 102 16.73 -26.96 -40.93
C HIS F 102 16.99 -28.24 -41.80
N ASP F 103 16.14 -28.44 -42.78
CA ASP F 103 16.13 -29.62 -43.62
C ASP F 103 17.39 -29.73 -44.50
N HIS F 104 17.69 -28.65 -45.24
CA HIS F 104 18.86 -28.62 -46.10
C HIS F 104 20.19 -28.77 -45.32
N VAL F 105 20.31 -28.14 -44.16
CA VAL F 105 21.56 -28.19 -43.42
C VAL F 105 21.77 -29.60 -42.94
N MET F 106 20.71 -30.21 -42.39
CA MET F 106 20.84 -31.60 -41.94
C MET F 106 21.04 -32.60 -43.12
N HIS F 107 20.36 -32.36 -44.25
CA HIS F 107 20.62 -33.22 -45.35
C HIS F 107 22.13 -33.19 -45.71
N PHE F 108 22.66 -32.00 -45.92
CA PHE F 108 24.05 -31.90 -46.32
C PHE F 108 24.99 -32.59 -45.33
N TYR F 109 24.90 -32.27 -44.04
CA TYR F 109 25.84 -32.88 -43.10
C TYR F 109 25.52 -34.33 -42.73
N HIS F 110 24.27 -34.59 -42.31
CA HIS F 110 23.95 -35.89 -41.70
C HIS F 110 23.64 -37.02 -42.68
N LEU F 111 23.13 -36.64 -43.86
CA LEU F 111 22.79 -37.62 -44.87
C LEU F 111 23.84 -37.65 -46.03
N HIS F 112 24.28 -36.50 -46.53
CA HIS F 112 25.01 -36.46 -47.79
C HIS F 112 26.51 -36.55 -47.54
N ALA F 113 27.00 -35.81 -46.55
CA ALA F 113 28.47 -35.51 -46.47
C ALA F 113 29.39 -36.75 -46.34
N LEU F 114 28.87 -37.84 -45.77
CA LEU F 114 29.70 -39.03 -45.61
C LEU F 114 29.96 -39.71 -46.95
N ASP F 115 29.31 -39.29 -48.04
CA ASP F 115 29.70 -39.75 -49.37
C ASP F 115 30.95 -39.04 -49.88
N TRP F 116 31.31 -37.91 -49.29
CA TRP F 116 32.42 -37.08 -49.80
C TRP F 116 33.51 -36.95 -48.76
N VAL F 117 33.15 -37.20 -47.50
CA VAL F 117 34.04 -37.04 -46.33
C VAL F 117 34.44 -38.39 -45.72
N ASP F 118 35.73 -38.57 -45.47
CA ASP F 118 36.25 -39.85 -45.02
C ASP F 118 36.65 -39.62 -43.56
N VAL F 119 35.85 -40.17 -42.65
CA VAL F 119 36.04 -39.99 -41.24
C VAL F 119 37.33 -40.62 -40.73
N VAL F 120 37.76 -41.75 -41.29
CA VAL F 120 39.04 -42.33 -40.87
C VAL F 120 40.22 -41.44 -41.25
N SER F 121 40.16 -40.84 -42.43
CA SER F 121 41.19 -39.89 -42.89
C SER F 121 41.24 -38.69 -41.93
N ALA F 122 40.11 -38.26 -41.33
CA ALA F 122 40.09 -37.16 -40.35
C ALA F 122 41.03 -37.44 -39.16
N LEU F 123 41.22 -38.70 -38.83
CA LEU F 123 42.13 -39.03 -37.73
C LEU F 123 43.58 -38.73 -37.99
N SER F 124 43.97 -38.50 -39.25
CA SER F 124 45.32 -38.22 -39.63
C SER F 124 45.61 -36.71 -39.67
N ALA F 125 44.56 -35.91 -39.63
CA ALA F 125 44.70 -34.47 -39.70
C ALA F 125 45.61 -33.93 -38.63
N ASP F 126 46.37 -32.93 -39.03
CA ASP F 126 46.98 -32.01 -38.07
C ASP F 126 45.96 -30.96 -37.56
N PRO F 127 45.79 -30.87 -36.23
CA PRO F 127 44.73 -29.95 -35.76
C PRO F 127 45.00 -28.47 -36.17
N ARG F 128 46.24 -28.05 -36.08
CA ARG F 128 46.57 -26.65 -36.45
C ARG F 128 46.34 -26.34 -37.93
N ALA F 129 46.71 -27.29 -38.81
CA ALA F 129 46.45 -27.13 -40.25
C ALA F 129 44.94 -27.16 -40.52
N THR F 130 44.19 -27.83 -39.65
CA THR F 130 42.72 -27.88 -39.81
C THR F 130 42.13 -26.52 -39.44
N SER F 131 42.65 -25.97 -38.36
CA SER F 131 42.32 -24.59 -37.99
C SER F 131 42.67 -23.58 -39.11
N GLU F 132 43.91 -23.62 -39.66
CA GLU F 132 44.25 -22.67 -40.78
C GLU F 132 43.26 -22.76 -41.96
N LEU F 133 42.93 -23.98 -42.35
CA LEU F 133 42.02 -24.25 -43.45
C LEU F 133 40.60 -23.70 -43.18
N ALA F 134 40.02 -24.14 -42.06
CA ALA F 134 38.71 -23.61 -41.61
C ALA F 134 38.73 -22.06 -41.58
N GLN F 135 39.80 -21.43 -41.05
CA GLN F 135 39.83 -19.98 -40.97
C GLN F 135 40.06 -19.37 -42.35
N SER F 136 40.62 -20.13 -43.32
CA SER F 136 40.88 -19.55 -44.61
C SER F 136 39.56 -19.50 -45.35
N ILE F 137 38.57 -20.26 -44.90
CA ILE F 137 37.29 -20.16 -45.64
C ILE F 137 36.09 -19.48 -44.94
N SER F 138 36.14 -19.22 -43.63
CA SER F 138 34.95 -18.74 -42.96
C SER F 138 35.34 -17.87 -41.76
N ALA F 139 34.44 -16.98 -41.38
CA ALA F 139 34.53 -16.23 -40.15
C ALA F 139 33.92 -17.03 -38.94
N TRP F 140 33.36 -18.22 -39.19
CA TRP F 140 32.75 -19.02 -38.14
C TRP F 140 33.67 -19.08 -36.89
N PRO F 141 33.12 -18.85 -35.67
CA PRO F 141 34.04 -18.65 -34.55
C PRO F 141 34.82 -19.90 -34.19
N LYS F 142 34.24 -21.10 -34.41
CA LYS F 142 34.73 -22.36 -33.73
C LYS F 142 35.75 -23.09 -34.59
N SER F 143 37.02 -22.68 -34.44
CA SER F 143 38.05 -23.05 -35.40
C SER F 143 39.39 -23.23 -34.68
N SER F 144 39.45 -23.32 -33.32
CA SER F 144 40.76 -23.28 -32.65
C SER F 144 41.45 -24.61 -32.89
N PRO F 145 42.78 -24.60 -32.92
CA PRO F 145 43.44 -25.91 -33.05
C PRO F 145 43.04 -26.85 -31.89
N GLY F 146 42.96 -26.36 -30.64
CA GLY F 146 42.59 -27.24 -29.52
C GLY F 146 41.20 -27.82 -29.69
N TYR F 147 40.27 -27.04 -30.21
CA TYR F 147 38.96 -27.57 -30.53
C TYR F 147 39.02 -28.65 -31.58
N PHE F 148 39.82 -28.45 -32.64
CA PHE F 148 39.96 -29.54 -33.59
C PHE F 148 40.66 -30.74 -32.95
N ALA F 149 41.69 -30.48 -32.15
CA ALA F 149 42.39 -31.60 -31.48
C ALA F 149 41.40 -32.38 -30.58
N ASP F 150 40.51 -31.68 -29.89
CA ASP F 150 39.58 -32.32 -28.94
C ASP F 150 38.58 -33.14 -29.73
N THR F 151 38.12 -32.61 -30.87
CA THR F 151 37.10 -33.32 -31.65
C THR F 151 37.76 -34.58 -32.25
N GLN F 152 38.97 -34.39 -32.75
CA GLN F 152 39.66 -35.52 -33.36
C GLN F 152 39.84 -36.63 -32.32
N LYS F 153 40.26 -36.23 -31.14
CA LYS F 153 40.50 -37.21 -30.07
C LYS F 153 39.24 -38.04 -29.67
N ARG F 154 38.04 -37.44 -29.78
CA ARG F 154 36.79 -38.14 -29.46
C ARG F 154 36.50 -39.20 -30.52
N ILE F 155 36.70 -38.82 -31.78
CA ILE F 155 36.50 -39.73 -32.87
C ILE F 155 37.56 -40.85 -32.84
N LYS F 156 38.80 -40.48 -32.49
CA LYS F 156 39.86 -41.48 -32.33
C LYS F 156 39.54 -42.52 -31.27
N THR F 157 39.07 -42.07 -30.11
CA THR F 157 38.70 -42.96 -28.98
C THR F 157 37.54 -43.84 -29.41
N PHE F 158 36.58 -43.26 -30.13
CA PHE F 158 35.46 -44.01 -30.66
C PHE F 158 35.90 -45.10 -31.63
N VAL F 159 36.71 -44.72 -32.62
CA VAL F 159 37.24 -45.65 -33.61
C VAL F 159 38.13 -46.74 -32.98
N GLU F 160 38.96 -46.36 -32.04
CA GLU F 160 39.81 -47.39 -31.43
C GLU F 160 39.06 -48.33 -30.51
N SER F 161 37.84 -47.96 -30.08
CA SER F 161 37.09 -48.80 -29.11
C SER F 161 36.72 -50.16 -29.76
N GLY F 162 36.83 -50.24 -31.08
CA GLY F 162 36.31 -51.39 -31.84
C GLY F 162 34.77 -51.42 -31.98
N GLN F 163 34.04 -50.49 -31.36
CA GLN F 163 32.58 -50.36 -31.62
C GLN F 163 32.24 -49.20 -32.56
N LEU F 164 32.34 -49.43 -33.87
CA LEU F 164 32.28 -48.34 -34.85
C LEU F 164 30.86 -47.86 -35.14
N GLY F 165 29.85 -48.52 -34.58
CA GLY F 165 28.48 -47.99 -34.68
C GLY F 165 28.09 -47.75 -36.11
N ILE F 166 27.59 -46.54 -36.39
CA ILE F 166 27.11 -46.17 -37.75
C ILE F 166 28.24 -46.01 -38.76
N PHE F 167 29.50 -46.06 -38.28
CA PHE F 167 30.67 -46.06 -39.20
C PHE F 167 31.15 -47.44 -39.60
N ALA F 168 30.60 -48.50 -39.02
CA ALA F 168 31.14 -49.87 -39.21
C ALA F 168 30.91 -50.31 -40.66
N ASN F 169 31.86 -51.09 -41.22
CA ASN F 169 31.80 -51.50 -42.64
C ASN F 169 31.63 -50.33 -43.62
N GLY F 170 32.02 -49.10 -43.24
CA GLY F 170 31.91 -47.95 -44.14
C GLY F 170 32.99 -48.07 -45.21
N TYR F 171 32.89 -47.23 -46.23
CA TYR F 171 33.73 -47.32 -47.40
C TYR F 171 35.00 -46.48 -47.28
N TRP F 172 35.39 -46.15 -46.04
CA TRP F 172 36.62 -45.41 -45.77
C TRP F 172 37.82 -45.91 -46.60
N GLY F 173 38.57 -44.98 -47.15
CA GLY F 173 39.73 -45.34 -47.96
C GLY F 173 39.41 -45.64 -49.41
N HIS F 174 38.12 -45.66 -49.80
CA HIS F 174 37.75 -45.87 -51.21
C HIS F 174 38.43 -44.77 -52.06
N PRO F 175 38.93 -45.11 -53.25
CA PRO F 175 39.62 -44.04 -54.01
C PRO F 175 38.71 -42.87 -54.50
N ALA F 176 37.39 -42.98 -54.34
CA ALA F 176 36.49 -41.87 -54.65
C ALA F 176 36.58 -40.70 -53.64
N TYR F 177 37.08 -40.97 -52.44
CA TYR F 177 37.34 -39.92 -51.45
C TYR F 177 38.63 -39.14 -51.75
N ARG F 178 38.56 -37.82 -51.78
CA ARG F 178 39.69 -37.04 -52.29
C ARG F 178 40.12 -35.93 -51.34
N LEU F 179 39.35 -35.66 -50.28
CA LEU F 179 39.67 -34.48 -49.44
C LEU F 179 40.97 -34.78 -48.66
N PRO F 180 41.81 -33.76 -48.38
CA PRO F 180 42.90 -34.00 -47.44
C PRO F 180 42.32 -34.23 -46.00
N PRO F 181 43.12 -34.84 -45.12
CA PRO F 181 42.74 -35.15 -43.75
C PRO F 181 42.12 -33.94 -43.06
N GLU F 182 42.73 -32.77 -43.25
CA GLU F 182 42.29 -31.54 -42.58
C GLU F 182 40.85 -31.16 -42.99
N ALA F 183 40.51 -31.32 -44.26
CA ALA F 183 39.15 -30.97 -44.70
C ALA F 183 38.19 -32.04 -44.17
N ASN F 184 38.62 -33.30 -44.06
CA ASN F 184 37.73 -34.31 -43.45
C ASN F 184 37.45 -33.98 -41.96
N LEU F 185 38.47 -33.60 -41.19
CA LEU F 185 38.29 -33.23 -39.77
C LEU F 185 37.37 -31.97 -39.60
N MET F 186 37.60 -30.97 -40.44
CA MET F 186 36.73 -29.82 -40.42
C MET F 186 35.27 -30.26 -40.63
N ALA F 187 35.03 -31.11 -41.65
CA ALA F 187 33.68 -31.52 -41.98
C ALA F 187 33.06 -32.32 -40.84
N VAL F 188 33.84 -33.15 -40.18
CA VAL F 188 33.32 -33.89 -39.02
C VAL F 188 32.92 -32.94 -37.86
N ALA F 189 33.76 -31.94 -37.59
CA ALA F 189 33.44 -30.96 -36.56
C ALA F 189 32.12 -30.28 -36.95
N HIS F 190 31.97 -29.91 -38.22
CA HIS F 190 30.76 -29.17 -38.62
C HIS F 190 29.51 -30.06 -38.55
N TYR F 191 29.67 -31.34 -38.81
CA TYR F 191 28.59 -32.29 -38.75
C TYR F 191 28.11 -32.29 -37.27
N LEU F 192 29.05 -32.34 -36.33
CA LEU F 192 28.65 -32.24 -34.90
C LEU F 192 28.04 -30.87 -34.57
N GLU F 193 28.63 -29.76 -35.04
CA GLU F 193 27.99 -28.46 -34.74
C GLU F 193 26.55 -28.35 -35.34
N ALA F 194 26.31 -29.01 -36.49
CA ALA F 194 25.01 -28.91 -37.14
C ALA F 194 23.98 -29.66 -36.31
N LEU F 195 24.37 -30.70 -35.59
CA LEU F 195 23.42 -31.42 -34.71
C LEU F 195 22.97 -30.48 -33.58
N ALA F 196 23.90 -29.73 -32.98
CA ALA F 196 23.59 -28.82 -31.89
C ALA F 196 22.76 -27.65 -32.47
N TRP F 197 23.18 -27.11 -33.62
CA TRP F 197 22.45 -26.05 -34.24
C TRP F 197 20.99 -26.42 -34.65
N GLN F 198 20.80 -27.58 -35.26
CA GLN F 198 19.46 -27.87 -35.76
C GLN F 198 18.47 -28.03 -34.58
N ARG F 199 18.91 -28.52 -33.41
CA ARG F 199 17.93 -28.74 -32.34
C ARG F 199 17.51 -27.41 -31.71
N ASP F 200 18.41 -26.41 -31.70
CA ASP F 200 18.03 -25.02 -31.42
C ASP F 200 17.05 -24.41 -32.42
N THR F 201 17.38 -24.53 -33.69
CA THR F 201 16.49 -24.02 -34.69
C THR F 201 15.07 -24.59 -34.74
N ALA F 202 14.90 -25.83 -34.29
CA ALA F 202 13.57 -26.45 -34.26
C ALA F 202 12.62 -25.73 -33.29
N LYS F 203 13.15 -24.96 -32.35
CA LYS F 203 12.32 -24.20 -31.41
C LYS F 203 11.46 -23.19 -32.13
N PHE F 204 11.89 -22.82 -33.31
CA PHE F 204 11.11 -21.90 -34.14
C PHE F 204 9.69 -22.43 -34.43
N HIS F 205 9.60 -23.67 -34.94
CA HIS F 205 8.31 -24.31 -35.13
C HIS F 205 7.52 -24.50 -33.83
N ALA F 206 8.21 -24.78 -32.73
CA ALA F 206 7.52 -25.02 -31.48
C ALA F 206 6.80 -23.72 -31.05
N ILE F 207 7.45 -22.57 -31.24
CA ILE F 207 6.84 -21.32 -30.75
C ILE F 207 5.50 -21.10 -31.51
N PHE F 208 5.51 -21.22 -32.84
CA PHE F 208 4.27 -20.96 -33.59
C PHE F 208 3.35 -22.17 -33.66
N GLY F 209 3.94 -23.36 -33.70
CA GLY F 209 3.14 -24.55 -34.02
C GLY F 209 3.10 -25.58 -32.87
N GLY F 210 3.70 -25.25 -31.73
CA GLY F 210 3.54 -26.08 -30.55
C GLY F 210 4.61 -27.15 -30.37
N LYS F 211 5.17 -27.68 -31.46
CA LYS F 211 6.15 -28.78 -31.31
C LYS F 211 6.84 -28.98 -32.64
N ASN F 212 8.02 -29.59 -32.60
CA ASN F 212 8.68 -30.05 -33.85
C ASN F 212 9.42 -31.33 -33.45
N PRO F 213 9.25 -32.43 -34.19
CA PRO F 213 8.52 -32.53 -35.49
C PRO F 213 6.99 -32.36 -35.33
N HIS F 214 6.32 -32.11 -36.46
CA HIS F 214 4.87 -32.14 -36.57
C HIS F 214 4.11 -31.04 -35.87
N PRO F 215 4.43 -29.79 -36.23
CA PRO F 215 3.69 -28.72 -35.57
C PRO F 215 2.22 -28.75 -36.02
N ASN F 216 1.38 -27.92 -35.40
CA ASN F 216 -0.06 -27.91 -35.72
C ASN F 216 -0.39 -26.79 -36.71
N PHE F 217 -1.41 -27.03 -37.53
CA PHE F 217 -1.91 -26.06 -38.50
C PHE F 217 -3.42 -25.95 -38.37
N VAL F 218 -4.03 -25.03 -39.11
CA VAL F 218 -5.49 -24.95 -39.10
C VAL F 218 -5.99 -24.47 -40.45
N VAL F 219 -7.10 -25.01 -40.93
CA VAL F 219 -7.68 -24.48 -42.16
C VAL F 219 -8.14 -23.06 -41.94
N GLY F 220 -7.66 -22.11 -42.74
CA GLY F 220 -8.16 -20.73 -42.56
C GLY F 220 -7.23 -19.81 -41.78
N GLY F 221 -6.06 -20.30 -41.36
CA GLY F 221 -5.14 -19.41 -40.64
C GLY F 221 -4.03 -20.12 -39.91
N VAL F 222 -3.68 -19.65 -38.71
CA VAL F 222 -2.72 -20.37 -37.86
C VAL F 222 -3.38 -20.49 -36.49
N PRO F 223 -3.05 -21.56 -35.74
CA PRO F 223 -3.76 -21.74 -34.48
C PRO F 223 -3.27 -20.76 -33.43
N SER F 224 -2.07 -20.19 -33.61
CA SER F 224 -1.42 -19.37 -32.58
C SER F 224 -1.97 -17.95 -32.66
N PRO F 225 -2.74 -17.51 -31.64
CA PRO F 225 -3.22 -16.14 -31.70
C PRO F 225 -2.15 -15.11 -31.33
N ILE F 226 -2.38 -13.87 -31.70
CA ILE F 226 -1.45 -12.81 -31.35
C ILE F 226 -2.16 -11.88 -30.36
N ASP F 227 -1.51 -11.52 -29.25
CA ASP F 227 -2.09 -10.55 -28.29
C ASP F 227 -0.93 -10.15 -27.39
N LEU F 228 -0.56 -8.90 -27.52
CA LEU F 228 0.56 -8.30 -26.85
C LEU F 228 0.38 -8.22 -25.34
N ASP F 229 -0.87 -8.28 -24.87
CA ASP F 229 -1.12 -8.18 -23.45
C ASP F 229 -1.67 -9.47 -22.81
N SER F 230 -1.32 -10.62 -23.37
CA SER F 230 -1.77 -11.90 -22.82
C SER F 230 -0.61 -12.81 -22.40
N ASP F 231 -0.84 -13.61 -21.36
CA ASP F 231 0.09 -14.64 -20.91
C ASP F 231 0.01 -15.91 -21.75
N SER F 232 -0.85 -15.88 -22.77
CA SER F 232 -1.11 -17.11 -23.49
C SER F 232 -1.21 -16.91 -25.03
N ALA F 233 -0.53 -15.92 -25.55
CA ALA F 233 -0.63 -15.64 -27.00
C ALA F 233 0.75 -15.16 -27.41
N LEU F 234 0.96 -14.98 -28.70
CA LEU F 234 2.21 -14.42 -29.15
C LEU F 234 2.27 -12.93 -28.75
N ASN F 235 3.32 -12.56 -28.03
CA ASN F 235 3.43 -11.22 -27.48
C ASN F 235 4.89 -10.77 -27.69
N ALA F 236 5.30 -9.65 -27.10
CA ALA F 236 6.68 -9.14 -27.40
C ALA F 236 7.76 -10.15 -27.02
N LYS F 237 7.52 -10.88 -25.91
CA LYS F 237 8.53 -11.79 -25.39
C LYS F 237 8.69 -13.00 -26.32
N ARG F 238 7.59 -13.61 -26.79
CA ARG F 238 7.72 -14.74 -27.76
C ARG F 238 8.33 -14.22 -29.07
N LEU F 239 7.97 -13.00 -29.46
CA LEU F 239 8.44 -12.52 -30.78
C LEU F 239 9.92 -12.16 -30.67
N ALA F 240 10.38 -11.85 -29.48
CA ALA F 240 11.81 -11.60 -29.27
C ALA F 240 12.58 -12.88 -29.47
N GLU F 241 12.03 -13.99 -28.96
CA GLU F 241 12.66 -15.29 -29.16
C GLU F 241 12.76 -15.68 -30.64
N VAL F 242 11.71 -15.41 -31.40
CA VAL F 242 11.71 -15.71 -32.82
C VAL F 242 12.83 -14.92 -33.51
N ARG F 243 12.98 -13.65 -33.18
CA ARG F 243 14.00 -12.86 -33.87
C ARG F 243 15.42 -13.45 -33.66
N ASN F 244 15.72 -13.92 -32.45
CA ASN F 244 17.04 -14.52 -32.24
C ASN F 244 17.28 -15.80 -33.03
N LEU F 245 16.20 -16.57 -33.22
CA LEU F 245 16.38 -17.83 -33.95
C LEU F 245 16.70 -17.53 -35.39
N ILE F 246 16.05 -16.52 -35.96
CA ILE F 246 16.41 -16.12 -37.34
C ILE F 246 17.89 -15.78 -37.49
N GLN F 247 18.46 -15.01 -36.55
CA GLN F 247 19.86 -14.67 -36.62
C GLN F 247 20.76 -15.91 -36.58
N SER F 248 20.50 -16.85 -35.68
CA SER F 248 21.37 -18.03 -35.70
C SER F 248 21.17 -18.93 -36.93
N MET F 249 19.97 -18.95 -37.50
CA MET F 249 19.86 -19.61 -38.83
C MET F 249 20.75 -18.94 -39.86
N ARG F 250 20.66 -17.61 -39.99
CA ARG F 250 21.45 -16.89 -41.02
C ARG F 250 22.98 -17.16 -40.81
N THR F 251 23.43 -17.14 -39.56
CA THR F 251 24.86 -17.25 -39.29
C THR F 251 25.36 -18.65 -39.72
N PHE F 252 24.59 -19.68 -39.42
CA PHE F 252 25.02 -21.06 -39.72
C PHE F 252 25.08 -21.29 -41.25
N VAL F 253 24.06 -20.85 -41.94
CA VAL F 253 24.04 -21.01 -43.36
C VAL F 253 25.21 -20.25 -43.97
N ASP F 254 25.40 -18.98 -43.58
CA ASP F 254 26.50 -18.18 -44.13
C ASP F 254 27.91 -18.66 -43.81
N GLN F 255 28.11 -19.13 -42.61
CA GLN F 255 29.48 -19.29 -42.15
C GLN F 255 29.95 -20.73 -42.17
N VAL F 256 28.98 -21.66 -42.13
CA VAL F 256 29.31 -23.08 -42.00
C VAL F 256 28.90 -23.84 -43.26
N TYR F 257 27.58 -23.84 -43.56
CA TYR F 257 27.04 -24.63 -44.64
C TYR F 257 27.53 -24.23 -46.07
N VAL F 258 27.22 -23.02 -46.49
CA VAL F 258 27.60 -22.58 -47.82
C VAL F 258 29.14 -22.63 -48.04
N PRO F 259 29.96 -22.04 -47.14
CA PRO F 259 31.43 -22.21 -47.37
C PRO F 259 31.91 -23.64 -47.47
N ASP F 260 31.39 -24.55 -46.62
CA ASP F 260 31.84 -25.96 -46.66
C ASP F 260 31.45 -26.61 -47.99
N THR F 261 30.23 -26.37 -48.43
CA THR F 261 29.77 -26.80 -49.74
C THR F 261 30.73 -26.43 -50.86
N LEU F 262 31.10 -25.16 -50.95
CA LEU F 262 31.96 -24.72 -52.02
C LEU F 262 33.38 -25.25 -51.90
N ALA F 263 33.90 -25.35 -50.67
CA ALA F 263 35.26 -25.81 -50.46
C ALA F 263 35.32 -27.30 -50.88
N ILE F 264 34.33 -28.08 -50.48
CA ILE F 264 34.36 -29.51 -50.79
C ILE F 264 34.12 -29.74 -52.30
N ALA F 265 33.22 -28.96 -52.92
CA ALA F 265 32.99 -29.05 -54.37
C ALA F 265 34.28 -28.94 -55.19
N GLY F 266 35.24 -28.12 -54.72
CA GLY F 266 36.51 -27.88 -55.45
C GLY F 266 37.22 -29.20 -55.74
N PHE F 267 37.04 -30.21 -54.87
CA PHE F 267 37.78 -31.45 -55.02
C PHE F 267 37.01 -32.46 -55.86
N TYR F 268 35.79 -32.11 -56.26
CA TYR F 268 34.87 -33.03 -56.91
C TYR F 268 34.24 -32.45 -58.20
N LYS F 269 35.00 -31.65 -58.93
CA LYS F 269 34.48 -30.95 -60.07
C LYS F 269 33.95 -31.86 -61.18
N ASP F 270 34.55 -33.02 -61.36
CA ASP F 270 34.06 -34.01 -62.34
C ASP F 270 32.62 -34.49 -62.00
N TRP F 271 32.18 -34.31 -60.74
CA TRP F 271 30.79 -34.61 -60.36
C TRP F 271 29.82 -33.56 -60.94
N GLY F 272 30.38 -32.57 -61.63
CA GLY F 272 29.60 -31.65 -62.43
C GLY F 272 29.32 -32.16 -63.84
N GLU F 273 29.72 -33.41 -64.15
CA GLU F 273 29.53 -33.98 -65.51
C GLU F 273 28.78 -35.29 -65.51
N ARG F 274 28.04 -35.58 -64.45
CA ARG F 274 27.23 -36.78 -64.39
C ARG F 274 26.03 -36.53 -63.44
N GLY F 275 24.98 -37.33 -63.56
CA GLY F 275 23.93 -37.39 -62.52
C GLY F 275 22.76 -36.47 -62.89
N GLU F 276 22.57 -36.18 -64.19
CA GLU F 276 21.33 -35.46 -64.63
C GLU F 276 20.89 -35.86 -66.05
N GLY F 277 19.87 -36.70 -66.17
CA GLY F 277 19.66 -37.29 -67.47
C GLY F 277 18.29 -36.93 -67.98
N LEU F 278 17.64 -35.91 -67.43
CA LEU F 278 16.33 -35.53 -67.97
C LEU F 278 16.36 -34.23 -68.73
N GLY F 279 16.96 -33.18 -68.17
CA GLY F 279 16.90 -31.89 -68.85
C GLY F 279 15.63 -31.07 -68.61
N ASN F 280 14.66 -31.66 -67.89
CA ASN F 280 13.36 -31.02 -67.70
C ASN F 280 13.10 -30.77 -66.20
N PHE F 281 12.53 -29.63 -65.84
CA PHE F 281 12.45 -29.23 -64.40
C PHE F 281 11.09 -28.60 -64.17
N LEU F 282 10.50 -28.83 -63.01
CA LEU F 282 9.12 -28.35 -62.75
C LEU F 282 9.08 -27.70 -61.39
N CYS F 283 8.45 -26.52 -61.34
CA CYS F 283 8.13 -25.79 -60.10
C CYS F 283 6.68 -25.36 -60.04
N TYR F 284 6.04 -25.61 -58.91
CA TYR F 284 4.74 -25.00 -58.68
C TYR F 284 4.91 -23.58 -58.12
N GLY F 285 6.07 -23.27 -57.55
CA GLY F 285 6.30 -21.94 -56.91
C GLY F 285 5.78 -21.82 -55.47
N ASP F 286 6.25 -20.82 -54.72
CA ASP F 286 5.69 -20.64 -53.41
C ASP F 286 6.15 -19.29 -52.80
N LEU F 287 5.72 -19.02 -51.57
CA LEU F 287 6.21 -17.93 -50.70
C LEU F 287 5.76 -16.57 -51.20
N PRO F 288 4.42 -16.32 -51.12
CA PRO F 288 3.93 -15.04 -51.63
C PRO F 288 4.38 -13.93 -50.68
N THR F 289 4.46 -12.74 -51.22
CA THR F 289 4.71 -11.47 -50.54
C THR F 289 3.57 -10.94 -49.60
N GLY F 290 2.33 -11.26 -49.93
CA GLY F 290 1.17 -10.76 -49.22
C GLY F 290 0.21 -11.89 -48.83
N ALA F 291 -1.03 -11.51 -48.47
CA ALA F 291 -1.99 -12.47 -47.92
C ALA F 291 -2.46 -13.49 -48.97
N SER F 292 -2.61 -13.09 -50.24
CA SER F 292 -3.11 -14.08 -51.20
C SER F 292 -1.98 -14.96 -51.74
N LEU F 293 -2.30 -16.24 -51.94
CA LEU F 293 -1.43 -17.16 -52.66
C LEU F 293 -1.43 -16.84 -54.18
N ASP F 294 -0.90 -15.67 -54.52
CA ASP F 294 -0.84 -15.22 -55.88
C ASP F 294 0.53 -15.50 -56.52
N PRO F 295 0.57 -16.36 -57.57
CA PRO F 295 1.82 -16.79 -58.23
C PRO F 295 2.69 -15.64 -58.71
N ALA F 296 2.09 -14.50 -59.07
CA ALA F 296 2.89 -13.34 -59.56
C ALA F 296 3.71 -12.73 -58.42
N THR F 297 3.37 -13.12 -57.20
CA THR F 297 3.88 -12.47 -56.01
C THR F 297 4.92 -13.41 -55.29
N PHE F 298 5.04 -14.65 -55.79
CA PHE F 298 5.95 -15.67 -55.24
C PHE F 298 7.44 -15.31 -55.27
N LEU F 299 8.17 -15.74 -54.23
CA LEU F 299 9.64 -15.78 -54.25
C LEU F 299 10.08 -16.86 -55.27
N PHE F 300 9.57 -18.08 -55.16
CA PHE F 300 9.91 -19.12 -56.13
C PHE F 300 8.81 -19.12 -57.19
N PRO F 301 9.17 -18.76 -58.44
CA PRO F 301 8.15 -18.75 -59.54
C PRO F 301 7.65 -20.16 -59.97
N ARG F 302 6.43 -20.19 -60.53
CA ARG F 302 5.82 -21.36 -61.06
C ARG F 302 6.27 -21.51 -62.54
N GLY F 303 6.52 -22.73 -62.97
CA GLY F 303 6.91 -22.92 -64.35
C GLY F 303 7.63 -24.22 -64.56
N ALA F 304 7.85 -24.53 -65.82
CA ALA F 304 8.55 -25.71 -66.23
C ALA F 304 9.61 -25.29 -67.26
N ILE F 305 10.77 -25.96 -67.18
CA ILE F 305 11.89 -25.84 -68.12
C ILE F 305 12.07 -27.19 -68.86
N LEU F 306 12.06 -27.12 -70.20
CA LEU F 306 12.30 -28.31 -71.03
C LEU F 306 13.65 -28.29 -71.75
N ASP F 307 14.32 -29.44 -71.84
CA ASP F 307 15.51 -29.62 -72.68
C ASP F 307 16.60 -28.63 -72.27
N ARG F 308 16.66 -28.30 -70.99
CA ARG F 308 17.78 -27.45 -70.50
C ARG F 308 17.76 -26.09 -71.20
N ASP F 309 16.59 -25.69 -71.69
CA ASP F 309 16.41 -24.38 -72.32
C ASP F 309 15.89 -23.29 -71.34
N LEU F 310 16.82 -22.43 -70.93
CA LEU F 310 16.54 -21.39 -69.93
C LEU F 310 15.86 -20.15 -70.51
N SER F 311 15.65 -20.08 -71.83
CA SER F 311 15.08 -18.85 -72.41
C SER F 311 13.54 -18.91 -72.47
N THR F 312 12.95 -20.06 -72.13
CA THR F 312 11.49 -20.24 -72.18
C THR F 312 10.96 -20.91 -70.92
N ILE F 313 10.15 -20.18 -70.13
CA ILE F 313 9.43 -20.76 -69.01
C ILE F 313 8.02 -21.20 -69.44
N HIS F 314 7.79 -22.50 -69.51
CA HIS F 314 6.47 -23.06 -69.85
C HIS F 314 5.54 -22.93 -68.65
N GLU F 315 4.29 -22.65 -68.98
CA GLU F 315 3.26 -22.45 -67.99
C GLU F 315 2.77 -23.79 -67.44
N VAL F 316 2.41 -23.79 -66.16
CA VAL F 316 1.88 -24.98 -65.58
C VAL F 316 0.49 -24.79 -65.01
N ASP F 317 -0.38 -25.72 -65.37
CA ASP F 317 -1.79 -25.74 -64.93
C ASP F 317 -1.98 -26.97 -64.04
N LEU F 318 -2.25 -26.73 -62.77
CA LEU F 318 -2.45 -27.82 -61.80
C LEU F 318 -3.77 -28.55 -61.98
N GLU F 319 -4.66 -28.01 -62.79
CA GLU F 319 -5.99 -28.59 -62.91
C GLU F 319 -6.27 -29.15 -64.30
N ALA F 320 -5.41 -28.86 -65.29
CA ALA F 320 -5.62 -29.36 -66.65
C ALA F 320 -5.37 -30.86 -66.57
N THR F 321 -6.39 -31.61 -66.94
CA THR F 321 -6.49 -33.01 -66.68
C THR F 321 -5.48 -33.85 -67.51
N GLY F 322 -4.97 -33.26 -68.59
CA GLY F 322 -3.89 -33.89 -69.35
C GLY F 322 -2.47 -33.35 -69.11
N GLU F 323 -2.20 -32.53 -68.05
CA GLU F 323 -0.81 -32.08 -67.78
C GLU F 323 -0.20 -33.02 -66.76
N ILE F 324 -0.57 -32.85 -65.48
CA ILE F 324 -0.06 -33.74 -64.41
C ILE F 324 -0.83 -35.04 -64.33
N GLN F 325 -0.14 -36.14 -64.61
CA GLN F 325 -0.77 -37.45 -64.57
C GLN F 325 0.15 -38.44 -63.90
N GLU F 326 -0.44 -39.34 -63.13
CA GLU F 326 0.35 -40.44 -62.56
C GLU F 326 0.03 -41.76 -63.27
N PHE F 327 1.11 -42.47 -63.63
CA PHE F 327 1.03 -43.78 -64.29
C PHE F 327 1.47 -44.87 -63.33
N VAL F 328 1.05 -46.10 -63.64
CA VAL F 328 1.39 -47.27 -62.82
C VAL F 328 1.85 -48.46 -63.71
N ASN F 329 2.37 -48.14 -64.91
CA ASN F 329 2.87 -49.21 -65.80
C ASN F 329 3.92 -50.04 -65.10
N HIS F 330 4.71 -49.42 -64.20
CA HIS F 330 5.73 -50.17 -63.49
C HIS F 330 5.58 -50.03 -61.96
N SER F 331 4.33 -49.92 -61.50
CA SER F 331 4.09 -49.74 -60.07
C SER F 331 3.03 -50.72 -59.59
N TRP F 332 3.11 -51.06 -58.30
CA TRP F 332 2.26 -52.06 -57.65
C TRP F 332 0.88 -51.55 -57.30
N TYR F 333 0.15 -51.06 -58.31
CA TYR F 333 -1.18 -50.53 -58.13
C TYR F 333 -2.08 -51.11 -59.18
N GLU F 334 -3.37 -50.96 -58.97
CA GLU F 334 -4.37 -51.23 -60.00
C GLU F 334 -5.24 -49.98 -60.29
N TYR F 335 -5.34 -49.59 -61.55
CA TYR F 335 -6.32 -48.59 -62.03
C TYR F 335 -7.53 -49.29 -62.71
N SER F 336 -8.75 -48.91 -62.32
CA SER F 336 -9.96 -49.49 -62.91
C SER F 336 -10.12 -49.05 -64.38
N VAL F 337 -9.50 -47.95 -64.79
CA VAL F 337 -9.55 -47.54 -66.20
C VAL F 337 -8.51 -48.20 -67.15
N GLY F 338 -7.73 -49.14 -66.58
CA GLY F 338 -6.61 -49.81 -67.27
C GLY F 338 -5.29 -49.38 -66.65
N ASN F 339 -4.43 -50.37 -66.38
CA ASN F 339 -3.09 -50.11 -65.88
C ASN F 339 -2.15 -49.37 -66.84
N ASP F 340 -2.63 -49.03 -68.04
CA ASP F 340 -1.78 -48.33 -69.00
C ASP F 340 -2.09 -46.83 -69.08
N ARG F 341 -3.10 -46.37 -68.36
CA ARG F 341 -3.57 -44.97 -68.42
C ARG F 341 -2.94 -44.15 -67.29
N GLY F 342 -2.88 -42.86 -67.51
CA GLY F 342 -2.38 -41.93 -66.52
C GLY F 342 -3.56 -41.22 -65.95
N LEU F 343 -3.51 -40.91 -64.65
CA LEU F 343 -4.65 -40.29 -64.01
C LEU F 343 -4.24 -38.98 -63.38
N HIS F 344 -4.98 -37.92 -63.73
CA HIS F 344 -4.81 -36.67 -63.05
C HIS F 344 -5.25 -36.87 -61.56
N PRO F 345 -4.58 -36.20 -60.60
CA PRO F 345 -4.89 -36.46 -59.16
C PRO F 345 -6.31 -36.21 -58.68
N TYR F 346 -7.07 -35.30 -59.30
CA TYR F 346 -8.52 -35.22 -59.03
C TYR F 346 -9.22 -36.57 -59.27
N GLU F 347 -8.67 -37.42 -60.14
CA GLU F 347 -9.30 -38.73 -60.40
C GLU F 347 -8.40 -39.88 -60.01
N GLY F 348 -7.41 -39.59 -59.19
CA GLY F 348 -6.41 -40.59 -58.85
C GLY F 348 -7.03 -41.74 -58.08
N GLN F 349 -6.32 -42.85 -58.05
CA GLN F 349 -6.84 -44.07 -57.51
C GLN F 349 -5.70 -44.67 -56.73
N THR F 350 -5.97 -45.26 -55.57
CA THR F 350 -4.87 -45.87 -54.85
C THR F 350 -5.28 -47.24 -54.35
N ASN F 351 -5.19 -48.24 -55.25
CA ASN F 351 -5.53 -49.63 -54.98
C ASN F 351 -4.28 -50.43 -54.98
N LEU F 352 -3.88 -50.91 -53.81
CA LEU F 352 -2.58 -51.56 -53.64
C LEU F 352 -2.64 -52.90 -54.36
N GLU F 353 -1.67 -53.20 -55.22
CA GLU F 353 -1.68 -54.50 -55.91
C GLU F 353 -0.28 -55.07 -56.14
N TYR F 354 0.28 -55.72 -55.12
CA TYR F 354 1.65 -56.24 -55.22
C TYR F 354 1.70 -57.50 -56.13
N ASP F 355 0.87 -58.51 -55.81
CA ASP F 355 1.01 -59.86 -56.45
C ASP F 355 0.71 -59.84 -57.92
N ARG F 356 -0.41 -59.22 -58.28
CA ARG F 356 -0.87 -59.29 -59.66
C ARG F 356 -0.09 -58.37 -60.54
N ARG F 357 0.60 -57.40 -59.91
CA ARG F 357 1.46 -56.49 -60.67
C ARG F 357 2.91 -56.95 -60.60
N GLY F 358 3.18 -58.20 -60.26
CA GLY F 358 4.55 -58.73 -60.37
C GLY F 358 5.48 -58.60 -59.15
N GLY F 359 4.97 -58.16 -58.01
CA GLY F 359 5.80 -58.05 -56.81
C GLY F 359 6.35 -59.40 -56.42
N VAL F 360 7.62 -59.44 -56.04
CA VAL F 360 8.29 -60.73 -55.83
C VAL F 360 8.11 -61.10 -54.37
N ALA F 361 7.73 -62.34 -54.11
CA ALA F 361 7.47 -62.73 -52.72
C ALA F 361 8.79 -62.81 -51.94
N PRO F 362 8.86 -62.13 -50.79
CA PRO F 362 10.05 -62.22 -49.93
C PRO F 362 10.17 -63.67 -49.41
N PRO F 363 11.42 -64.13 -49.09
CA PRO F 363 12.69 -63.38 -49.31
C PRO F 363 13.09 -63.44 -50.79
N TYR F 364 13.61 -62.36 -51.35
CA TYR F 364 13.95 -62.31 -52.77
C TYR F 364 15.30 -61.61 -52.95
N LYS F 365 15.91 -61.76 -54.13
CA LYS F 365 17.25 -61.25 -54.41
C LYS F 365 17.19 -60.23 -55.54
N GLN F 366 16.18 -60.33 -56.41
CA GLN F 366 16.05 -59.47 -57.59
C GLN F 366 14.58 -59.12 -57.74
N LEU F 367 14.30 -57.84 -58.02
CA LEU F 367 12.93 -57.44 -58.47
C LEU F 367 12.70 -57.98 -59.88
N ASP F 368 11.44 -58.01 -60.30
CA ASP F 368 11.06 -58.35 -61.65
C ASP F 368 10.61 -57.03 -62.20
N VAL F 369 11.38 -56.56 -63.15
CA VAL F 369 11.30 -55.20 -63.54
C VAL F 369 10.44 -55.10 -64.83
N SER F 370 9.93 -56.23 -65.28
CA SER F 370 9.09 -56.18 -66.48
C SER F 370 7.72 -55.55 -66.24
N ASP F 371 7.20 -55.60 -65.02
CA ASP F 371 5.89 -54.99 -64.72
C ASP F 371 6.04 -54.03 -63.51
N GLY F 372 5.21 -54.17 -62.47
CA GLY F 372 5.36 -53.35 -61.26
C GLY F 372 6.70 -53.65 -60.62
N TYR F 373 7.49 -52.62 -60.32
CA TYR F 373 8.69 -52.84 -59.49
C TYR F 373 8.90 -51.82 -58.35
N SER F 374 7.84 -51.08 -57.99
CA SER F 374 7.94 -50.00 -56.95
C SER F 374 6.57 -49.68 -56.37
N TRP F 375 6.55 -49.20 -55.14
CA TRP F 375 5.32 -48.67 -54.54
C TRP F 375 5.12 -47.21 -54.91
N LEU F 376 6.06 -46.59 -55.67
CA LEU F 376 5.81 -45.25 -56.18
C LEU F 376 5.05 -45.26 -57.48
N LYS F 377 4.10 -44.34 -57.63
CA LYS F 377 3.50 -44.10 -58.92
C LYS F 377 4.52 -43.28 -59.74
N ALA F 378 4.28 -43.19 -61.06
CA ALA F 378 5.20 -42.49 -61.95
C ALA F 378 4.48 -41.24 -62.46
N PRO F 379 4.76 -40.08 -61.84
CA PRO F 379 4.09 -38.84 -62.26
C PRO F 379 4.82 -38.30 -63.50
N ARG F 380 4.05 -37.75 -64.46
CA ARG F 380 4.61 -37.19 -65.70
C ARG F 380 3.94 -35.86 -65.95
N TRP F 381 4.66 -34.92 -66.53
CA TRP F 381 4.12 -33.61 -66.90
C TRP F 381 4.02 -33.49 -68.43
N LYS F 382 2.81 -33.42 -68.94
CA LYS F 382 2.57 -33.57 -70.37
C LYS F 382 3.35 -34.76 -71.01
N GLY F 383 3.38 -35.89 -70.31
CA GLY F 383 4.05 -37.07 -70.80
C GLY F 383 5.55 -37.05 -70.51
N ARG F 384 6.08 -35.95 -69.99
CA ARG F 384 7.54 -35.85 -69.79
C ARG F 384 7.97 -36.22 -68.36
N SER F 385 9.05 -36.98 -68.24
CA SER F 385 9.74 -37.10 -66.93
C SER F 385 10.38 -35.75 -66.60
N VAL F 386 10.24 -35.29 -65.35
CA VAL F 386 10.87 -34.07 -64.92
C VAL F 386 11.53 -34.29 -63.56
N GLU F 387 12.44 -33.38 -63.23
CA GLU F 387 13.10 -33.36 -61.95
C GLU F 387 12.47 -32.19 -61.20
N VAL F 388 12.25 -32.35 -59.88
CA VAL F 388 11.75 -31.23 -59.10
C VAL F 388 12.76 -30.98 -57.95
N GLY F 389 12.68 -29.86 -57.23
CA GLY F 389 13.59 -29.68 -56.05
C GLY F 389 14.54 -28.49 -56.20
N PRO F 390 15.62 -28.44 -55.40
CA PRO F 390 16.48 -27.24 -55.40
C PRO F 390 17.05 -26.92 -56.81
N LEU F 391 17.38 -27.93 -57.60
CA LEU F 391 17.99 -27.62 -58.89
C LEU F 391 16.94 -26.96 -59.82
N ALA F 392 15.72 -27.46 -59.77
CA ALA F 392 14.61 -26.83 -60.53
C ALA F 392 14.38 -25.35 -60.13
N ARG F 393 14.34 -25.08 -58.84
CA ARG F 393 14.03 -23.75 -58.38
C ARG F 393 15.16 -22.79 -58.72
N VAL F 394 16.39 -23.21 -58.46
CA VAL F 394 17.53 -22.36 -58.78
C VAL F 394 17.59 -22.11 -60.32
N LEU F 395 17.28 -23.11 -61.15
CA LEU F 395 17.27 -22.86 -62.58
C LEU F 395 16.14 -21.86 -62.93
N MET F 396 15.00 -22.00 -62.23
CA MET F 396 13.84 -21.16 -62.53
C MET F 396 14.12 -19.73 -62.08
N LEU F 397 14.73 -19.57 -60.90
CA LEU F 397 15.17 -18.21 -60.46
C LEU F 397 16.14 -17.60 -61.45
N TYR F 398 17.07 -18.43 -61.91
CA TYR F 398 18.13 -17.90 -62.76
C TYR F 398 17.51 -17.46 -64.08
N ALA F 399 16.63 -18.29 -64.65
CA ALA F 399 15.94 -17.95 -65.88
C ALA F 399 14.96 -16.79 -65.79
N THR F 400 14.40 -16.50 -64.61
CA THR F 400 13.43 -15.41 -64.53
C THR F 400 14.08 -14.13 -64.06
N GLY F 401 15.41 -14.15 -63.91
CA GLY F 401 16.19 -12.94 -63.63
C GLY F 401 16.22 -12.40 -62.19
N HIS F 402 16.02 -13.29 -61.22
CA HIS F 402 16.19 -12.98 -59.81
C HIS F 402 17.65 -12.59 -59.54
N ASP F 403 17.91 -11.35 -59.11
CA ASP F 403 19.30 -10.83 -59.07
C ASP F 403 20.22 -11.62 -58.18
N GLN F 404 19.75 -11.92 -56.98
CA GLN F 404 20.55 -12.66 -56.02
C GLN F 404 20.84 -14.09 -56.51
N ALA F 405 19.85 -14.79 -57.07
CA ALA F 405 20.13 -16.15 -57.55
C ALA F 405 21.20 -16.15 -58.63
N ARG F 406 21.09 -15.20 -59.56
CA ARG F 406 22.10 -15.04 -60.60
C ARG F 406 23.49 -14.68 -60.06
N GLU F 407 23.61 -13.71 -59.14
CA GLU F 407 24.93 -13.49 -58.48
C GLU F 407 25.53 -14.78 -57.86
N LEU F 408 24.69 -15.54 -57.14
CA LEU F 408 25.10 -16.73 -56.40
C LEU F 408 25.58 -17.83 -57.37
N VAL F 409 24.76 -18.06 -58.39
CA VAL F 409 25.08 -19.08 -59.33
C VAL F 409 26.34 -18.64 -60.09
N ASP F 410 26.36 -17.43 -60.65
CA ASP F 410 27.56 -17.02 -61.40
C ASP F 410 28.85 -17.01 -60.55
N SER F 411 28.78 -16.53 -59.30
CA SER F 411 29.86 -16.61 -58.32
C SER F 411 30.39 -18.00 -58.17
N THR F 412 29.46 -18.94 -57.95
CA THR F 412 29.80 -20.31 -57.64
C THR F 412 30.50 -20.97 -58.83
N LEU F 413 29.95 -20.75 -60.02
CA LEU F 413 30.52 -21.38 -61.20
C LEU F 413 31.87 -20.75 -61.51
N SER F 414 32.04 -19.46 -61.28
CA SER F 414 33.35 -18.95 -61.61
C SER F 414 34.38 -19.31 -60.52
N ARG F 415 33.96 -19.39 -59.27
CA ARG F 415 34.86 -19.80 -58.23
C ARG F 415 35.34 -21.24 -58.50
N LEU F 416 34.47 -22.12 -59.03
CA LEU F 416 34.85 -23.49 -59.34
C LEU F 416 35.41 -23.62 -60.74
N ASP F 417 35.42 -22.50 -61.46
CA ASP F 417 35.81 -22.49 -62.88
C ASP F 417 35.04 -23.53 -63.70
N LEU F 418 33.71 -23.50 -63.57
CA LEU F 418 32.88 -24.48 -64.30
C LEU F 418 31.90 -23.75 -65.20
N PRO F 419 31.46 -24.40 -66.28
CA PRO F 419 30.52 -23.72 -67.19
C PRO F 419 29.07 -23.91 -66.69
N VAL F 420 28.11 -23.28 -67.36
CA VAL F 420 26.70 -23.27 -66.96
C VAL F 420 26.18 -24.68 -66.99
N ASP F 421 26.63 -25.46 -67.95
CA ASP F 421 26.07 -26.75 -68.07
C ASP F 421 26.52 -27.71 -66.95
N ALA F 422 27.49 -27.31 -66.12
CA ALA F 422 27.78 -28.11 -64.93
C ALA F 422 26.67 -27.97 -63.85
N LEU F 423 25.73 -27.04 -64.00
CA LEU F 423 24.58 -27.03 -63.06
C LEU F 423 23.79 -28.34 -63.15
N TYR F 424 23.74 -28.89 -64.34
CA TYR F 424 22.93 -30.07 -64.60
C TYR F 424 23.70 -31.32 -64.21
N SER F 425 23.76 -31.64 -62.93
CA SER F 425 24.63 -32.71 -62.44
C SER F 425 24.39 -32.89 -60.97
N THR F 426 24.92 -33.99 -60.45
CA THR F 426 24.96 -34.24 -59.02
C THR F 426 25.60 -33.08 -58.26
N LEU F 427 26.71 -32.54 -58.77
CA LEU F 427 27.39 -31.40 -58.10
C LEU F 427 26.50 -30.18 -58.10
N GLY F 428 25.92 -29.85 -59.24
CA GLY F 428 25.11 -28.66 -59.35
C GLY F 428 23.85 -28.76 -58.48
N ARG F 429 23.24 -29.93 -58.45
CA ARG F 429 22.04 -30.16 -57.59
C ARG F 429 22.37 -29.95 -56.09
N THR F 430 23.53 -30.43 -55.67
CA THR F 430 24.01 -30.28 -54.29
C THR F 430 24.33 -28.80 -54.00
N ALA F 431 24.89 -28.11 -54.99
CA ALA F 431 25.22 -26.68 -54.84
C ALA F 431 23.89 -25.87 -54.78
N ALA F 432 22.94 -26.19 -55.68
CA ALA F 432 21.65 -25.49 -55.73
C ALA F 432 20.98 -25.49 -54.32
N ARG F 433 21.02 -26.65 -53.65
CA ARG F 433 20.42 -26.80 -52.33
C ARG F 433 21.06 -25.78 -51.33
N ALA F 434 22.38 -25.63 -51.37
CA ALA F 434 23.04 -24.69 -50.48
C ALA F 434 22.69 -23.23 -50.87
N LEU F 435 22.71 -22.90 -52.18
CA LEU F 435 22.44 -21.56 -52.64
C LEU F 435 21.03 -21.12 -52.33
N GLU F 436 20.08 -21.99 -52.54
CA GLU F 436 18.74 -21.56 -52.19
C GLU F 436 18.57 -21.39 -50.65
N SER F 437 19.35 -22.10 -49.83
CA SER F 437 19.26 -21.85 -48.39
C SER F 437 19.71 -20.46 -48.07
N LYS F 438 20.73 -19.98 -48.79
CA LYS F 438 21.14 -18.60 -48.65
C LYS F 438 19.97 -17.63 -49.01
N ILE F 439 19.33 -17.86 -50.14
CA ILE F 439 18.26 -16.97 -50.58
C ILE F 439 17.14 -16.95 -49.50
N LEU F 440 16.78 -18.12 -48.96
CA LEU F 440 15.69 -18.19 -48.00
C LEU F 440 16.03 -17.52 -46.69
N VAL F 441 17.23 -17.77 -46.20
CA VAL F 441 17.61 -17.23 -44.91
C VAL F 441 17.66 -15.68 -44.98
N ASP F 442 18.01 -15.12 -46.13
CA ASP F 442 17.93 -13.65 -46.28
C ASP F 442 16.49 -13.13 -46.34
N ALA F 443 15.55 -13.95 -46.83
CA ALA F 443 14.15 -13.53 -46.99
C ALA F 443 13.45 -13.57 -45.63
N MET F 444 14.01 -14.32 -44.68
CA MET F 444 13.30 -14.61 -43.45
C MET F 444 13.06 -13.28 -42.74
N GLN F 445 14.06 -12.40 -42.73
CA GLN F 445 13.96 -11.12 -41.99
C GLN F 445 12.86 -10.22 -42.52
N GLY F 446 12.60 -10.29 -43.83
CA GLY F 446 11.57 -9.46 -44.45
C GLY F 446 10.18 -9.88 -43.99
N TRP F 447 9.93 -11.19 -43.91
CA TRP F 447 8.65 -11.69 -43.40
C TRP F 447 8.50 -11.34 -41.93
N TYR F 448 9.57 -11.44 -41.14
CA TYR F 448 9.46 -11.21 -39.74
C TYR F 448 9.14 -9.69 -39.52
N ASP F 449 9.85 -8.81 -40.22
CA ASP F 449 9.57 -7.38 -40.09
C ASP F 449 8.17 -7.03 -40.57
N GLY F 450 7.70 -7.68 -41.63
CA GLY F 450 6.32 -7.40 -42.12
C GLY F 450 5.31 -7.83 -41.03
N LEU F 451 5.58 -8.93 -40.31
CA LEU F 451 4.64 -9.45 -39.28
C LEU F 451 4.62 -8.43 -38.14
N ILE F 452 5.80 -8.04 -37.64
CA ILE F 452 5.85 -7.07 -36.58
C ILE F 452 5.14 -5.74 -36.99
N ALA F 453 5.45 -5.21 -38.18
CA ALA F 453 4.82 -3.96 -38.65
C ALA F 453 3.30 -4.11 -38.72
N ASN F 454 2.81 -5.25 -39.20
CA ASN F 454 1.40 -5.41 -39.30
C ASN F 454 0.74 -5.51 -37.91
N VAL F 455 1.34 -6.26 -36.99
CA VAL F 455 0.81 -6.30 -35.63
C VAL F 455 0.78 -4.93 -35.01
N LYS F 456 1.86 -4.17 -35.22
CA LYS F 456 2.02 -2.88 -34.60
C LYS F 456 1.00 -1.87 -35.12
N SER F 457 0.58 -2.00 -36.39
CA SER F 457 -0.40 -1.06 -36.94
C SER F 457 -1.79 -1.45 -36.45
N GLY F 458 -1.91 -2.53 -35.68
CA GLY F 458 -3.20 -2.87 -35.06
C GLY F 458 -3.93 -4.05 -35.69
N ASP F 459 -3.34 -4.72 -36.67
CA ASP F 459 -3.96 -5.96 -37.20
C ASP F 459 -3.40 -7.21 -36.47
N THR F 460 -4.23 -7.85 -35.62
CA THR F 460 -3.78 -9.00 -34.88
C THR F 460 -4.55 -10.27 -35.28
N LYS F 461 -5.34 -10.18 -36.34
CA LYS F 461 -6.10 -11.32 -36.80
C LYS F 461 -5.21 -12.49 -37.30
N THR F 462 -5.50 -13.72 -36.88
CA THR F 462 -4.74 -14.85 -37.36
C THR F 462 -5.57 -15.99 -37.89
N PHE F 463 -6.90 -15.85 -37.82
CA PHE F 463 -7.78 -16.97 -38.22
C PHE F 463 -9.03 -16.43 -38.94
N ASN F 464 -9.29 -16.92 -40.14
CA ASN F 464 -10.53 -16.53 -40.81
C ASN F 464 -11.57 -17.64 -40.53
N GLU F 465 -12.54 -17.33 -39.67
CA GLU F 465 -13.54 -18.30 -39.19
C GLU F 465 -14.81 -18.40 -40.07
N THR F 466 -14.88 -17.58 -41.09
CA THR F 466 -16.09 -17.48 -41.94
C THR F 466 -16.61 -18.85 -42.35
N LEU F 467 -15.75 -19.71 -42.89
CA LEU F 467 -16.18 -21.00 -43.45
C LEU F 467 -15.69 -22.19 -42.62
N TRP F 468 -15.41 -21.96 -41.35
CA TRP F 468 -15.00 -23.04 -40.45
C TRP F 468 -16.01 -24.17 -40.32
N GLU F 469 -17.29 -23.84 -40.14
CA GLU F 469 -18.32 -24.89 -39.97
C GLU F 469 -18.65 -25.58 -41.32
N PRO F 470 -18.67 -26.94 -41.36
CA PRO F 470 -19.07 -27.65 -42.62
C PRO F 470 -20.46 -27.27 -43.20
N SER F 471 -21.42 -26.99 -42.32
CA SER F 471 -22.74 -26.49 -42.70
C SER F 471 -22.63 -25.28 -43.62
N SER F 472 -21.51 -24.58 -43.58
CA SER F 472 -21.35 -23.40 -44.44
C SER F 472 -20.75 -23.65 -45.84
N TRP F 473 -20.29 -24.88 -46.10
CA TRP F 473 -19.63 -25.24 -47.34
C TRP F 473 -20.66 -25.56 -48.45
N PRO F 474 -20.27 -25.39 -49.73
CA PRO F 474 -21.05 -26.03 -50.79
C PRO F 474 -21.01 -27.57 -50.68
N SER F 475 -22.07 -28.25 -51.12
CA SER F 475 -22.13 -29.68 -50.90
C SER F 475 -21.11 -30.43 -51.82
N ARG F 476 -20.55 -29.73 -52.82
CA ARG F 476 -19.49 -30.24 -53.73
C ARG F 476 -18.40 -29.15 -53.89
N ALA F 477 -17.15 -29.53 -53.65
CA ALA F 477 -16.03 -28.62 -53.79
C ALA F 477 -14.79 -29.47 -54.09
N GLN F 478 -13.83 -28.86 -54.77
CA GLN F 478 -12.57 -29.53 -54.97
C GLN F 478 -11.46 -28.47 -55.12
N GLY F 479 -10.26 -28.85 -54.74
CA GLY F 479 -9.16 -27.86 -54.67
C GLY F 479 -7.79 -28.49 -54.74
N VAL F 480 -6.78 -27.67 -55.01
CA VAL F 480 -5.39 -28.20 -54.97
C VAL F 480 -4.57 -27.33 -54.05
N GLY F 481 -3.84 -27.91 -53.09
CA GLY F 481 -2.89 -27.14 -52.26
C GLY F 481 -1.52 -27.37 -52.86
N ILE F 482 -0.80 -26.30 -53.20
CA ILE F 482 0.51 -26.41 -53.86
C ILE F 482 1.56 -25.84 -52.92
N MET F 483 2.76 -26.41 -52.95
CA MET F 483 3.85 -25.91 -52.15
C MET F 483 5.16 -26.31 -52.81
N GLU F 484 6.22 -25.52 -52.61
CA GLU F 484 7.52 -26.01 -52.96
C GLU F 484 8.09 -26.47 -51.67
N ALA F 485 8.18 -27.78 -51.48
CA ALA F 485 8.74 -28.35 -50.27
C ALA F 485 10.27 -28.36 -50.50
N PRO F 486 11.04 -28.68 -49.47
CA PRO F 486 12.50 -28.71 -49.63
C PRO F 486 12.93 -29.63 -50.78
N ARG F 487 12.17 -30.67 -51.06
CA ARG F 487 12.60 -31.60 -52.08
C ARG F 487 11.89 -31.34 -53.39
N GLY F 488 10.97 -30.39 -53.44
CA GLY F 488 10.47 -29.94 -54.70
C GLY F 488 8.97 -29.72 -54.68
N ALA F 489 8.39 -29.73 -55.88
CA ALA F 489 6.99 -29.40 -56.05
C ALA F 489 6.02 -30.39 -55.45
N LEU F 490 5.15 -29.90 -54.59
CA LEU F 490 4.25 -30.76 -53.80
C LEU F 490 2.81 -30.31 -54.06
N GLY F 491 1.92 -31.26 -54.35
CA GLY F 491 0.50 -30.95 -54.55
C GLY F 491 -0.39 -31.91 -53.79
N HIS F 492 -1.47 -31.38 -53.21
CA HIS F 492 -2.54 -32.23 -52.63
C HIS F 492 -3.81 -31.83 -53.33
N TRP F 493 -4.46 -32.79 -54.00
CA TRP F 493 -5.74 -32.51 -54.68
C TRP F 493 -6.84 -33.17 -53.85
N ILE F 494 -7.84 -32.38 -53.47
CA ILE F 494 -8.91 -32.90 -52.64
C ILE F 494 -10.28 -32.71 -53.34
N VAL F 495 -11.13 -33.76 -53.27
CA VAL F 495 -12.54 -33.67 -53.66
C VAL F 495 -13.40 -33.84 -52.41
N ILE F 496 -14.21 -32.83 -52.14
CA ILE F 496 -15.11 -32.85 -51.00
C ILE F 496 -16.58 -33.13 -51.42
N GLU F 497 -17.27 -34.04 -50.72
CA GLU F 497 -18.71 -34.28 -50.92
C GLU F 497 -19.42 -34.33 -49.59
N ASP F 498 -20.36 -33.39 -49.40
CA ASP F 498 -21.23 -33.31 -48.23
C ASP F 498 -20.41 -33.28 -46.93
N GLY F 499 -19.35 -32.48 -46.95
CA GLY F 499 -18.53 -32.31 -45.76
C GLY F 499 -17.46 -33.36 -45.49
N ARG F 500 -17.34 -34.36 -46.36
CA ARG F 500 -16.37 -35.44 -46.16
C ARG F 500 -15.42 -35.47 -47.36
N ILE F 501 -14.27 -36.10 -47.14
CA ILE F 501 -13.28 -36.31 -48.19
C ILE F 501 -13.76 -37.42 -49.13
N ALA F 502 -14.02 -37.07 -50.39
CA ALA F 502 -14.40 -38.08 -51.39
C ALA F 502 -13.14 -38.66 -52.06
N ASN F 503 -12.17 -37.78 -52.37
CA ASN F 503 -10.87 -38.20 -52.89
C ASN F 503 -9.81 -37.26 -52.35
N TYR F 504 -8.64 -37.84 -52.10
CA TYR F 504 -7.48 -37.11 -51.63
C TYR F 504 -6.28 -37.82 -52.23
N GLN F 505 -5.60 -37.06 -53.09
CA GLN F 505 -4.41 -37.56 -53.77
C GLN F 505 -3.21 -36.62 -53.55
N ALA F 506 -2.12 -37.13 -52.97
CA ALA F 506 -0.86 -36.40 -52.91
C ALA F 506 0.07 -36.88 -54.07
N VAL F 507 0.68 -35.93 -54.79
CA VAL F 507 1.82 -36.23 -55.67
C VAL F 507 3.02 -35.43 -55.04
N VAL F 508 4.01 -36.17 -54.59
CA VAL F 508 5.02 -35.63 -53.68
C VAL F 508 6.34 -35.48 -54.47
N PRO F 509 7.18 -34.50 -54.09
CA PRO F 509 8.39 -34.31 -54.94
C PRO F 509 9.20 -35.55 -55.15
N SER F 510 9.44 -36.36 -54.12
CA SER F 510 10.22 -37.60 -54.35
C SER F 510 9.42 -38.62 -55.16
N THR F 511 8.07 -38.47 -55.27
CA THR F 511 7.30 -39.31 -56.23
C THR F 511 7.75 -38.95 -57.66
N TRP F 512 7.88 -37.67 -58.00
CA TRP F 512 8.40 -37.33 -59.33
C TRP F 512 9.83 -37.87 -59.50
N ASN F 513 10.74 -37.57 -58.57
CA ASN F 513 12.15 -37.87 -58.80
C ASN F 513 12.47 -39.38 -58.78
N ALA F 514 11.89 -40.09 -57.81
CA ALA F 514 12.23 -41.50 -57.52
C ALA F 514 11.31 -42.48 -58.24
N GLY F 515 10.25 -41.98 -58.86
CA GLY F 515 9.21 -42.83 -59.39
C GLY F 515 9.75 -43.61 -60.60
N PRO F 516 9.11 -44.75 -60.93
CA PRO F 516 9.75 -45.70 -61.85
C PRO F 516 9.44 -45.37 -63.31
N ARG F 517 9.70 -46.32 -64.22
CA ARG F 517 9.38 -46.15 -65.63
C ARG F 517 7.87 -46.03 -65.90
N ASP F 518 7.53 -45.38 -67.02
CA ASP F 518 6.15 -45.30 -67.52
C ASP F 518 5.98 -46.24 -68.75
N GLY F 519 4.88 -46.06 -69.50
CA GLY F 519 4.48 -47.03 -70.54
C GLY F 519 5.44 -47.04 -71.73
N ARG F 520 6.15 -45.93 -71.93
CA ARG F 520 7.14 -45.80 -73.02
C ARG F 520 8.54 -46.29 -72.57
N GLY F 521 8.64 -46.76 -71.34
CA GLY F 521 9.95 -47.00 -70.78
C GLY F 521 10.83 -45.76 -70.50
N GLN F 522 10.25 -44.54 -70.41
CA GLN F 522 11.10 -43.45 -69.91
C GLN F 522 11.29 -43.54 -68.42
N ALA F 523 12.54 -43.43 -68.03
CA ALA F 523 12.96 -43.53 -66.68
C ALA F 523 12.66 -42.23 -65.92
N GLY F 524 12.51 -42.36 -64.60
CA GLY F 524 12.36 -41.19 -63.73
C GLY F 524 13.72 -40.57 -63.43
N ALA F 525 13.71 -39.44 -62.73
CA ALA F 525 14.93 -38.68 -62.50
C ALA F 525 16.06 -39.52 -61.91
N TYR F 526 15.81 -40.30 -60.86
CA TYR F 526 16.94 -41.03 -60.22
C TYR F 526 17.57 -41.99 -61.24
N GLU F 527 16.71 -42.74 -61.93
CA GLU F 527 17.15 -43.78 -62.85
C GLU F 527 17.96 -43.15 -63.99
N ALA F 528 17.44 -42.05 -64.56
CA ALA F 528 18.13 -41.40 -65.68
C ALA F 528 19.46 -40.77 -65.20
N ALA F 529 19.52 -40.40 -63.94
CA ALA F 529 20.71 -39.71 -63.42
C ALA F 529 21.81 -40.73 -63.29
N LEU F 530 21.45 -41.89 -62.76
CA LEU F 530 22.44 -42.94 -62.62
C LEU F 530 22.87 -43.49 -64.03
N GLN F 531 22.00 -43.31 -65.03
CA GLN F 531 22.30 -43.72 -66.39
C GLN F 531 23.15 -42.68 -67.09
N ASP F 532 23.31 -41.50 -66.47
CA ASP F 532 24.10 -40.41 -67.03
C ASP F 532 25.55 -40.49 -66.53
N ASN F 533 26.41 -41.21 -67.26
CA ASN F 533 27.87 -41.09 -67.08
C ASN F 533 28.31 -41.60 -65.68
N HIS F 534 27.78 -42.74 -65.22
CA HIS F 534 28.32 -43.35 -63.97
C HIS F 534 29.09 -44.61 -64.18
N GLN F 535 30.21 -44.70 -63.45
CA GLN F 535 31.04 -45.89 -63.37
C GLN F 535 31.21 -46.25 -61.90
N LEU F 536 31.14 -47.54 -61.56
CA LEU F 536 31.46 -48.05 -60.23
C LEU F 536 32.86 -48.65 -60.13
N VAL F 537 33.74 -48.13 -59.29
CA VAL F 537 34.95 -48.89 -59.05
C VAL F 537 34.74 -50.20 -58.29
N ASP F 538 33.77 -50.26 -57.38
CA ASP F 538 33.58 -51.52 -56.66
C ASP F 538 32.11 -51.67 -56.29
N VAL F 539 31.44 -52.67 -56.87
CA VAL F 539 30.01 -52.84 -56.64
C VAL F 539 29.66 -53.22 -55.20
N LYS F 540 30.64 -53.69 -54.42
CA LYS F 540 30.40 -53.97 -52.97
C LYS F 540 30.49 -52.71 -52.06
N GLN F 541 30.95 -51.58 -52.65
CA GLN F 541 31.10 -50.27 -51.98
C GLN F 541 30.62 -49.20 -52.98
N PRO F 542 29.30 -49.19 -53.27
CA PRO F 542 28.82 -48.42 -54.45
C PRO F 542 28.64 -46.93 -54.12
N ILE F 543 29.71 -46.28 -53.66
CA ILE F 543 29.64 -44.91 -53.19
C ILE F 543 29.23 -43.95 -54.34
N GLU F 544 29.48 -44.32 -55.60
CA GLU F 544 29.10 -43.44 -56.71
C GLU F 544 27.57 -43.40 -56.87
N ILE F 545 26.90 -44.52 -56.65
CA ILE F 545 25.45 -44.50 -56.66
C ILE F 545 24.95 -43.63 -55.50
N LEU F 546 25.53 -43.84 -54.32
CA LEU F 546 25.10 -43.07 -53.16
C LEU F 546 25.22 -41.58 -53.38
N ARG F 547 26.36 -41.12 -53.92
CA ARG F 547 26.56 -39.66 -54.09
C ARG F 547 25.42 -39.04 -54.93
N THR F 548 25.03 -39.72 -55.99
CA THR F 548 24.04 -39.16 -56.89
C THR F 548 22.60 -39.31 -56.34
N ILE F 549 22.29 -40.46 -55.78
CA ILE F 549 20.97 -40.67 -55.26
C ILE F 549 20.80 -39.68 -54.08
N HIS F 550 21.80 -39.57 -53.19
CA HIS F 550 21.68 -38.67 -52.02
C HIS F 550 21.52 -37.21 -52.47
N SER F 551 22.11 -36.87 -53.64
CA SER F 551 22.03 -35.50 -54.13
C SER F 551 20.62 -35.06 -54.39
N PHE F 552 19.70 -36.02 -54.61
CA PHE F 552 18.26 -35.68 -54.76
C PHE F 552 17.54 -35.60 -53.42
N ASP F 553 18.19 -36.02 -52.35
CA ASP F 553 17.58 -35.95 -51.01
C ASP F 553 16.28 -36.80 -50.98
N PRO F 554 16.38 -38.12 -51.24
CA PRO F 554 15.21 -39.03 -51.39
C PRO F 554 14.42 -39.14 -50.07
N CYS F 555 13.10 -39.12 -50.21
CA CYS F 555 12.27 -39.37 -49.03
C CYS F 555 11.19 -40.34 -49.50
N ILE F 556 11.28 -41.61 -49.12
CA ILE F 556 10.37 -42.61 -49.69
C ILE F 556 9.04 -42.65 -48.94
N ALA F 557 9.06 -42.34 -47.63
CA ALA F 557 7.79 -42.11 -46.92
C ALA F 557 6.93 -41.05 -47.69
N CYS F 558 7.58 -39.96 -48.09
CA CYS F 558 6.91 -38.93 -48.90
C CYS F 558 6.50 -39.47 -50.25
N ALA F 559 7.45 -40.18 -50.91
CA ALA F 559 7.24 -40.58 -52.30
C ALA F 559 6.02 -41.51 -52.41
N VAL F 560 5.86 -42.36 -51.42
CA VAL F 560 4.80 -43.41 -51.48
C VAL F 560 3.53 -43.05 -50.69
N HIS F 561 3.73 -42.50 -49.48
CA HIS F 561 2.61 -42.23 -48.56
C HIS F 561 1.70 -43.47 -48.41
N ALA G 1 22.04 10.90 -28.77
CA ALA G 1 21.76 10.62 -30.25
C ALA G 1 20.51 9.66 -30.62
N ARG G 2 20.69 8.47 -31.26
CA ARG G 2 19.59 7.61 -31.84
C ARG G 2 19.03 6.30 -31.12
N ARG G 3 19.79 5.56 -30.30
CA ARG G 3 19.09 4.57 -29.38
C ARG G 3 18.43 5.27 -28.12
N PRO G 4 17.20 4.90 -27.73
CA PRO G 4 16.53 5.52 -26.59
C PRO G 4 17.33 5.34 -25.26
N SER G 5 17.47 6.42 -24.51
CA SER G 5 18.26 6.51 -23.31
C SER G 5 17.56 5.86 -22.12
N VAL G 6 18.30 5.15 -21.30
CA VAL G 6 17.72 4.46 -20.16
C VAL G 6 18.63 4.73 -19.00
N ILE G 7 18.06 5.22 -17.93
CA ILE G 7 18.81 5.43 -16.73
C ILE G 7 18.32 4.46 -15.67
N TRP G 8 19.26 3.73 -15.08
CA TRP G 8 18.88 2.75 -14.09
C TRP G 8 19.32 3.24 -12.70
N LEU G 9 18.33 3.39 -11.81
CA LEU G 9 18.62 3.85 -10.48
C LEU G 9 18.52 2.66 -9.52
N SER G 10 19.55 2.48 -8.71
CA SER G 10 19.63 1.44 -7.72
C SER G 10 19.55 2.06 -6.29
N PHE G 11 18.53 1.72 -5.53
CA PHE G 11 18.30 2.41 -4.23
C PHE G 11 18.47 1.37 -3.12
N GLN G 12 17.43 1.07 -2.32
CA GLN G 12 17.57 -0.03 -1.33
C GLN G 12 17.27 -1.39 -1.98
N GLU G 13 18.16 -1.85 -2.85
CA GLU G 13 18.00 -3.12 -3.57
C GLU G 13 19.05 -4.15 -3.13
N CYS G 14 18.79 -5.40 -3.50
CA CYS G 14 19.73 -6.47 -3.17
C CYS G 14 20.51 -6.81 -4.43
N THR G 15 20.10 -6.19 -5.54
CA THR G 15 20.75 -6.35 -6.87
C THR G 15 20.26 -7.63 -7.58
N GLY G 16 19.37 -8.42 -6.94
CA GLY G 16 18.69 -9.53 -7.62
C GLY G 16 17.92 -9.11 -8.86
N CYS G 17 17.39 -7.88 -8.90
CA CYS G 17 16.69 -7.48 -10.16
C CYS G 17 17.65 -7.25 -11.36
N THR G 18 18.79 -6.58 -11.15
CA THR G 18 19.79 -6.41 -12.22
C THR G 18 20.30 -7.82 -12.58
N GLU G 19 20.57 -8.69 -11.60
CA GLU G 19 20.98 -10.11 -11.96
C GLU G 19 19.96 -10.77 -12.82
N SER G 20 18.71 -10.65 -12.42
CA SER G 20 17.64 -11.20 -13.23
C SER G 20 17.71 -10.67 -14.69
N LEU G 21 17.89 -9.36 -14.84
CA LEU G 21 17.97 -8.80 -16.19
C LEU G 21 19.08 -9.53 -17.04
N THR G 22 20.23 -9.84 -16.41
CA THR G 22 21.36 -10.40 -17.17
C THR G 22 21.04 -11.89 -17.54
N ARG G 23 20.08 -12.49 -16.85
CA ARG G 23 19.68 -13.86 -17.18
C ARG G 23 18.84 -13.94 -18.43
N ALA G 24 18.26 -12.82 -18.85
CA ALA G 24 17.24 -12.97 -19.91
C ALA G 24 17.87 -13.44 -21.26
N HIS G 25 17.22 -14.41 -21.95
CA HIS G 25 17.76 -15.03 -23.12
C HIS G 25 17.32 -14.29 -24.40
N ALA G 26 16.29 -13.47 -24.34
CA ALA G 26 15.78 -12.82 -25.59
C ALA G 26 14.84 -11.70 -25.17
N PRO G 27 15.12 -10.43 -25.55
CA PRO G 27 16.44 -10.03 -26.07
C PRO G 27 17.46 -10.13 -24.92
N THR G 28 18.71 -10.50 -25.17
CA THR G 28 19.73 -10.45 -24.13
C THR G 28 20.10 -9.00 -23.73
N LEU G 29 20.64 -8.82 -22.52
CA LEU G 29 21.11 -7.52 -22.11
C LEU G 29 22.11 -6.91 -23.11
N GLU G 30 23.08 -7.71 -23.54
CA GLU G 30 24.13 -7.19 -24.42
C GLU G 30 23.55 -6.75 -25.77
N ASP G 31 22.62 -7.51 -26.27
CA ASP G 31 21.96 -7.05 -27.50
C ASP G 31 21.11 -5.78 -27.29
N LEU G 32 20.41 -5.67 -26.15
CA LEU G 32 19.73 -4.39 -25.81
C LEU G 32 20.69 -3.20 -25.80
N ILE G 33 21.82 -3.37 -25.10
CA ILE G 33 22.72 -2.29 -24.79
C ILE G 33 23.47 -1.87 -26.09
N LEU G 34 23.76 -2.82 -26.98
CA LEU G 34 24.49 -2.50 -28.23
C LEU G 34 23.54 -2.03 -29.34
N ASP G 35 22.33 -2.57 -29.41
CA ASP G 35 21.47 -2.35 -30.58
C ASP G 35 20.16 -1.63 -30.31
N PHE G 36 19.61 -1.69 -29.09
CA PHE G 36 18.23 -1.27 -28.87
C PHE G 36 18.07 -0.07 -27.99
N ILE G 37 18.92 0.06 -26.96
CA ILE G 37 18.79 1.19 -26.06
C ILE G 37 20.16 1.73 -25.84
N SER G 38 20.23 2.89 -25.24
CA SER G 38 21.45 3.38 -24.65
C SER G 38 21.33 3.37 -23.11
N LEU G 39 21.97 2.38 -22.48
CA LEU G 39 21.91 2.29 -21.04
C LEU G 39 22.97 3.25 -20.51
N ASP G 40 22.53 4.41 -20.04
CA ASP G 40 23.44 5.52 -19.78
C ASP G 40 23.98 5.56 -18.39
N TYR G 41 23.41 4.77 -17.50
CA TYR G 41 23.83 4.83 -16.13
C TYR G 41 23.35 3.56 -15.46
N HIS G 42 24.29 2.84 -14.88
CA HIS G 42 23.94 1.66 -14.13
C HIS G 42 25.16 1.35 -13.25
N HIS G 43 25.00 1.39 -11.92
CA HIS G 43 26.08 1.16 -10.93
C HIS G 43 26.86 -0.10 -11.09
N THR G 44 26.15 -1.16 -11.42
CA THR G 44 26.77 -2.47 -11.44
C THR G 44 27.70 -2.63 -12.63
N LEU G 45 27.46 -1.91 -13.73
CA LEU G 45 28.24 -2.16 -14.93
C LEU G 45 29.15 -1.05 -15.36
N GLN G 46 28.94 0.13 -14.81
CA GLN G 46 29.55 1.34 -15.36
C GLN G 46 31.10 1.30 -15.31
N ALA G 47 31.76 1.71 -16.39
CA ALA G 47 33.23 1.73 -16.44
C ALA G 47 33.75 2.78 -15.47
N ALA G 48 33.20 3.99 -15.57
CA ALA G 48 33.56 5.10 -14.65
C ALA G 48 32.90 4.99 -13.25
N SER G 49 33.59 5.55 -12.24
CA SER G 49 33.10 5.68 -10.87
C SER G 49 33.00 7.18 -10.50
N GLY G 50 32.48 7.47 -9.32
CA GLY G 50 32.43 8.82 -8.78
C GLY G 50 31.75 9.88 -9.63
N GLU G 51 32.43 10.99 -9.80
CA GLU G 51 31.85 12.15 -10.47
C GLU G 51 31.70 11.87 -11.95
N ALA G 52 32.61 11.08 -12.51
CA ALA G 52 32.53 10.70 -13.92
C ALA G 52 31.27 9.81 -14.15
N ALA G 53 30.95 8.93 -13.22
CA ALA G 53 29.67 8.19 -13.30
C ALA G 53 28.45 9.10 -13.14
N GLU G 54 28.42 9.95 -12.12
CA GLU G 54 27.30 10.94 -11.98
C GLU G 54 27.14 11.91 -13.14
N ALA G 55 28.25 12.43 -13.67
CA ALA G 55 28.17 13.23 -14.89
C ALA G 55 27.43 12.51 -16.04
N ALA G 56 27.62 11.19 -16.16
CA ALA G 56 26.95 10.47 -17.24
C ALA G 56 25.44 10.49 -17.02
N ARG G 57 24.97 10.27 -15.79
CA ARG G 57 23.52 10.32 -15.51
C ARG G 57 22.97 11.76 -15.90
N LEU G 58 23.66 12.82 -15.43
CA LEU G 58 23.14 14.19 -15.65
C LEU G 58 23.20 14.59 -17.11
N GLN G 59 24.22 14.14 -17.82
CA GLN G 59 24.29 14.47 -19.25
C GLN G 59 23.18 13.79 -20.07
N ALA G 60 22.92 12.50 -19.78
CA ALA G 60 21.74 11.78 -20.28
C ALA G 60 20.43 12.51 -19.98
N MET G 61 20.21 12.91 -18.73
CA MET G 61 18.99 13.64 -18.43
C MET G 61 18.89 14.90 -19.28
N ASP G 62 20.02 15.59 -19.44
CA ASP G 62 20.06 16.89 -20.08
C ASP G 62 19.87 16.73 -21.60
N GLU G 63 20.50 15.75 -22.21
CA GLU G 63 20.36 15.59 -23.69
C GLU G 63 19.09 14.87 -24.12
N ASN G 64 18.35 14.27 -23.19
CA ASN G 64 17.21 13.46 -23.59
C ASN G 64 15.94 13.89 -22.90
N ARG G 65 15.91 15.15 -22.43
CA ARG G 65 14.79 15.70 -21.69
C ARG G 65 13.47 15.23 -22.27
N GLY G 66 12.58 14.66 -21.44
CA GLY G 66 11.24 14.27 -21.91
C GLY G 66 11.25 12.89 -22.55
N GLN G 67 12.43 12.33 -22.79
CA GLN G 67 12.46 11.14 -23.66
C GLN G 67 13.01 9.91 -22.98
N TYR G 68 13.79 10.04 -21.91
CA TYR G 68 14.51 8.89 -21.44
C TYR G 68 13.60 8.03 -20.53
N LEU G 69 13.92 6.74 -20.44
CA LEU G 69 13.25 5.87 -19.54
C LEU G 69 14.08 5.71 -18.24
N VAL G 70 13.43 5.76 -17.09
CA VAL G 70 14.11 5.49 -15.83
C VAL G 70 13.64 4.15 -15.33
N ILE G 71 14.59 3.35 -14.88
CA ILE G 71 14.16 2.07 -14.31
C ILE G 71 14.66 2.13 -12.89
N VAL G 72 13.82 1.75 -11.92
CA VAL G 72 14.21 1.89 -10.53
C VAL G 72 14.17 0.54 -9.89
N ASP G 73 15.26 0.22 -9.18
CA ASP G 73 15.41 -1.03 -8.42
C ASP G 73 15.62 -0.66 -6.91
N GLY G 74 14.88 -1.30 -6.00
CA GLY G 74 14.94 -1.02 -4.54
C GLY G 74 13.86 -0.03 -4.06
N SER G 75 13.53 -0.06 -2.76
CA SER G 75 12.65 0.97 -2.21
C SER G 75 13.46 2.23 -1.92
N ILE G 76 12.77 3.31 -1.52
CA ILE G 76 13.37 4.61 -1.28
C ILE G 76 12.93 5.12 0.14
N PRO G 77 13.89 5.39 1.05
CA PRO G 77 13.45 5.98 2.32
C PRO G 77 12.69 7.25 1.96
N GLY G 78 11.48 7.39 2.50
CA GLY G 78 10.57 8.46 2.13
C GLY G 78 11.07 9.81 2.67
N PRO G 79 10.44 10.91 2.27
CA PRO G 79 10.86 12.27 2.71
C PRO G 79 10.76 12.51 4.24
N ASP G 80 9.98 11.75 5.02
CA ASP G 80 9.96 11.95 6.47
C ASP G 80 11.05 11.11 7.20
N ALA G 81 11.80 10.28 6.47
CA ALA G 81 12.77 9.37 7.08
C ALA G 81 14.11 10.04 6.99
N ASN G 82 15.06 9.65 7.85
CA ASN G 82 16.40 10.18 7.77
C ASN G 82 17.00 10.11 6.34
N PRO G 83 17.32 11.27 5.76
CA PRO G 83 17.95 11.27 4.41
C PRO G 83 19.28 10.44 4.38
N GLY G 84 19.94 10.30 5.53
CA GLY G 84 21.16 9.48 5.61
C GLY G 84 21.02 7.95 5.47
N PHE G 85 19.80 7.39 5.51
CA PHE G 85 19.68 5.93 5.43
C PHE G 85 20.18 5.39 4.09
N SER G 86 19.97 6.16 3.02
CA SER G 86 20.49 5.70 1.75
C SER G 86 20.88 6.90 0.90
N THR G 87 22.15 6.99 0.51
CA THR G 87 22.62 8.09 -0.32
C THR G 87 23.58 7.54 -1.39
N VAL G 88 23.83 8.36 -2.41
CA VAL G 88 24.80 8.12 -3.44
C VAL G 88 25.43 9.50 -3.70
N ALA G 89 26.77 9.59 -3.65
CA ALA G 89 27.50 10.82 -3.92
C ALA G 89 27.02 11.95 -2.98
N GLY G 90 26.69 11.59 -1.73
CA GLY G 90 26.26 12.63 -0.79
C GLY G 90 24.81 13.15 -0.93
N HIS G 91 23.98 12.51 -1.78
CA HIS G 91 22.58 12.95 -1.92
C HIS G 91 21.65 11.81 -1.51
N SER G 92 20.52 12.13 -0.87
CA SER G 92 19.56 11.06 -0.51
C SER G 92 18.96 10.40 -1.75
N ASN G 93 18.61 9.12 -1.68
CA ASN G 93 17.89 8.44 -2.74
C ASN G 93 16.61 9.21 -3.13
N TYR G 94 15.88 9.72 -2.13
CA TYR G 94 14.65 10.43 -2.46
C TYR G 94 14.92 11.64 -3.40
N SER G 95 15.97 12.42 -3.14
CA SER G 95 16.19 13.60 -4.02
C SER G 95 16.68 13.18 -5.40
N ILE G 96 17.53 12.16 -5.50
CA ILE G 96 17.93 11.55 -6.80
C ILE G 96 16.73 11.03 -7.58
N LEU G 97 15.86 10.27 -6.92
CA LEU G 97 14.60 9.86 -7.54
C LEU G 97 13.80 11.06 -8.05
N MET G 98 13.48 12.03 -7.18
CA MET G 98 12.54 13.08 -7.62
C MET G 98 13.15 13.89 -8.78
N GLU G 99 14.45 14.16 -8.64
CA GLU G 99 15.16 14.90 -9.66
C GLU G 99 15.31 14.10 -10.97
N THR G 100 15.52 12.79 -10.90
CA THR G 100 15.69 12.01 -12.14
C THR G 100 14.40 11.77 -12.90
N VAL G 101 13.31 11.54 -12.18
CA VAL G 101 12.10 11.21 -12.89
C VAL G 101 11.43 12.45 -13.44
N GLU G 102 11.79 13.62 -12.94
CA GLU G 102 11.09 14.83 -13.30
C GLU G 102 10.90 14.97 -14.85
N HIS G 103 11.94 14.67 -15.63
CA HIS G 103 11.89 14.84 -17.07
C HIS G 103 11.90 13.51 -17.85
N ALA G 104 11.57 12.40 -17.20
CA ALA G 104 11.52 11.09 -17.86
C ALA G 104 10.25 10.98 -18.72
N ALA G 105 10.30 10.18 -19.77
CA ALA G 105 9.11 9.79 -20.48
C ALA G 105 8.35 8.81 -19.61
N ALA G 106 9.02 7.92 -18.86
CA ALA G 106 8.28 6.92 -18.09
C ALA G 106 9.23 6.29 -17.11
N VAL G 107 8.67 5.70 -16.09
CA VAL G 107 9.47 5.10 -15.04
C VAL G 107 8.97 3.64 -14.98
N ILE G 108 9.90 2.69 -14.89
CA ILE G 108 9.54 1.32 -14.63
C ILE G 108 10.10 1.01 -13.22
N ALA G 109 9.23 0.58 -12.31
CA ALA G 109 9.63 0.14 -10.97
C ALA G 109 9.82 -1.39 -11.07
N VAL G 110 11.07 -1.85 -11.07
CA VAL G 110 11.38 -3.27 -11.25
C VAL G 110 11.58 -3.92 -9.89
N GLY G 111 10.95 -5.08 -9.67
CA GLY G 111 11.05 -5.77 -8.33
C GLY G 111 9.90 -5.31 -7.43
N THR G 112 9.53 -6.16 -6.52
CA THR G 112 8.59 -5.80 -5.49
C THR G 112 9.04 -4.64 -4.55
N CYS G 113 10.35 -4.43 -4.29
CA CYS G 113 10.70 -3.35 -3.39
C CYS G 113 10.34 -1.97 -4.01
N ALA G 114 10.82 -1.70 -5.22
CA ALA G 114 10.51 -0.47 -5.95
C ALA G 114 9.00 -0.37 -6.23
N ALA G 115 8.38 -1.49 -6.63
CA ALA G 115 6.95 -1.42 -6.99
C ALA G 115 6.08 -1.14 -5.73
N PHE G 116 6.33 -1.87 -4.64
CA PHE G 116 5.35 -1.87 -3.51
C PHE G 116 6.01 -1.67 -2.17
N GLY G 117 7.34 -1.64 -2.10
CA GLY G 117 8.08 -1.36 -0.85
C GLY G 117 8.90 -2.57 -0.47
N GLY G 118 8.34 -3.78 -0.70
CA GLY G 118 9.20 -4.94 -0.64
C GLY G 118 9.86 -5.11 0.72
N LEU G 119 11.03 -5.68 0.73
CA LEU G 119 11.60 -6.18 1.94
C LEU G 119 11.98 -5.06 2.94
N PRO G 120 12.58 -3.92 2.48
CA PRO G 120 12.90 -2.81 3.44
C PRO G 120 11.68 -2.23 4.11
N GLN G 121 10.52 -2.35 3.44
CA GLN G 121 9.29 -1.87 4.00
C GLN G 121 8.59 -2.87 4.96
N ALA G 122 9.02 -4.14 4.97
CA ALA G 122 8.41 -5.14 5.86
C ALA G 122 8.53 -4.66 7.32
N ARG G 123 7.57 -5.04 8.16
CA ARG G 123 7.58 -4.56 9.56
C ARG G 123 8.88 -4.92 10.27
N PRO G 124 9.41 -3.97 11.09
CA PRO G 124 8.70 -2.74 11.34
C PRO G 124 9.23 -1.58 10.48
N ASN G 125 9.82 -1.86 9.32
CA ASN G 125 10.27 -0.74 8.43
C ASN G 125 11.23 0.25 9.10
N PRO G 126 12.41 -0.23 9.49
CA PRO G 126 13.39 0.60 10.20
C PRO G 126 13.81 1.88 9.46
N THR G 127 13.80 1.87 8.13
CA THR G 127 14.25 3.05 7.36
C THR G 127 13.13 3.93 6.72
N GLY G 128 11.85 3.66 7.01
CA GLY G 128 10.74 4.46 6.42
C GLY G 128 10.75 4.34 4.88
N ALA G 129 11.07 3.12 4.40
CA ALA G 129 11.15 2.77 3.00
C ALA G 129 9.76 2.91 2.34
N MET G 130 9.73 3.41 1.10
CA MET G 130 8.48 3.68 0.35
C MET G 130 8.67 3.24 -1.11
N SER G 131 7.55 3.01 -1.82
CA SER G 131 7.57 2.56 -3.19
C SER G 131 7.63 3.75 -4.16
N VAL G 132 8.03 3.47 -5.39
CA VAL G 132 8.02 4.50 -6.45
C VAL G 132 6.63 5.10 -6.68
N MET G 133 5.61 4.26 -6.87
CA MET G 133 4.25 4.84 -7.14
C MET G 133 3.73 5.72 -5.98
N ASP G 134 4.20 5.48 -4.76
CA ASP G 134 3.71 6.29 -3.63
C ASP G 134 4.42 7.64 -3.65
N LEU G 135 5.64 7.68 -4.19
CA LEU G 135 6.42 8.91 -4.12
C LEU G 135 6.33 9.68 -5.46
N VAL G 136 6.06 8.98 -6.53
CA VAL G 136 5.99 9.64 -7.81
C VAL G 136 4.63 9.46 -8.48
N ARG G 137 3.86 10.54 -8.54
CA ARG G 137 2.46 10.48 -8.90
C ARG G 137 2.22 11.19 -10.23
N ASP G 138 3.19 11.94 -10.75
CA ASP G 138 2.82 12.71 -11.96
C ASP G 138 3.56 12.28 -13.23
N LYS G 139 4.05 11.01 -13.22
CA LYS G 139 4.70 10.31 -14.32
C LYS G 139 4.01 8.96 -14.54
N PRO G 140 4.03 8.42 -15.79
CA PRO G 140 3.64 7.00 -16.02
C PRO G 140 4.65 6.08 -15.31
N VAL G 141 4.11 5.23 -14.43
CA VAL G 141 4.88 4.23 -13.71
C VAL G 141 4.37 2.83 -14.12
N ILE G 142 5.27 1.96 -14.55
CA ILE G 142 4.89 0.59 -14.82
C ILE G 142 5.54 -0.23 -13.69
N ASN G 143 4.74 -1.00 -12.99
CA ASN G 143 5.26 -1.91 -11.97
C ASN G 143 5.54 -3.30 -12.52
N VAL G 144 6.77 -3.80 -12.30
CA VAL G 144 7.18 -5.14 -12.80
C VAL G 144 7.73 -5.86 -11.58
N PRO G 145 6.82 -6.33 -10.71
CA PRO G 145 7.26 -6.85 -9.39
C PRO G 145 7.58 -8.37 -9.43
N GLY G 146 7.90 -8.92 -8.27
CA GLY G 146 8.55 -10.25 -8.20
C GLY G 146 9.90 -9.99 -7.55
N CYS G 147 10.48 -11.01 -6.94
CA CYS G 147 11.61 -10.87 -6.05
C CYS G 147 12.61 -11.96 -6.46
N PRO G 148 13.29 -11.79 -7.59
CA PRO G 148 13.10 -10.72 -8.55
C PRO G 148 12.03 -11.17 -9.52
N PRO G 149 11.61 -10.27 -10.43
CA PRO G 149 10.78 -10.61 -11.54
C PRO G 149 11.51 -11.61 -12.46
N ILE G 150 10.74 -12.39 -13.21
CA ILE G 150 11.27 -13.35 -14.15
C ILE G 150 12.15 -12.57 -15.18
N PRO G 151 13.33 -13.12 -15.55
CA PRO G 151 14.23 -12.41 -16.46
C PRO G 151 13.55 -11.98 -17.72
N MET G 152 12.86 -12.92 -18.38
CA MET G 152 12.23 -12.51 -19.67
C MET G 152 10.90 -11.75 -19.56
N VAL G 153 10.36 -11.65 -18.34
CA VAL G 153 9.39 -10.58 -18.06
C VAL G 153 10.03 -9.19 -18.11
N ILE G 154 11.16 -8.98 -17.46
CA ILE G 154 11.78 -7.67 -17.45
C ILE G 154 12.11 -7.25 -18.86
N THR G 155 12.70 -8.17 -19.66
CA THR G 155 13.08 -7.76 -21.03
C THR G 155 11.88 -7.77 -21.95
N GLY G 156 10.85 -8.54 -21.63
CA GLY G 156 9.59 -8.52 -22.43
C GLY G 156 8.88 -7.18 -22.32
N VAL G 157 8.93 -6.57 -21.12
CA VAL G 157 8.30 -5.27 -20.90
C VAL G 157 9.11 -4.23 -21.67
N ILE G 158 10.44 -4.30 -21.58
CA ILE G 158 11.28 -3.41 -22.31
C ILE G 158 11.07 -3.58 -23.82
N ALA G 159 11.03 -4.82 -24.31
CA ALA G 159 10.86 -5.06 -25.75
C ALA G 159 9.51 -4.53 -26.26
N HIS G 160 8.45 -4.72 -25.47
CA HIS G 160 7.11 -4.23 -25.83
C HIS G 160 7.16 -2.71 -26.05
N TYR G 161 7.70 -2.01 -25.05
CA TYR G 161 7.83 -0.57 -25.07
C TYR G 161 8.60 -0.07 -26.29
N LEU G 162 9.75 -0.68 -26.58
CA LEU G 162 10.56 -0.26 -27.67
C LEU G 162 10.01 -0.69 -29.02
N VAL G 163 9.63 -1.97 -29.19
CA VAL G 163 9.23 -2.44 -30.52
C VAL G 163 7.86 -1.82 -30.88
N PHE G 164 6.95 -1.71 -29.91
CA PHE G 164 5.57 -1.32 -30.28
C PHE G 164 5.28 0.12 -29.92
N GLY G 165 6.27 0.81 -29.36
CA GLY G 165 6.15 2.23 -29.10
C GLY G 165 4.96 2.59 -28.18
N ARG G 166 4.63 1.77 -27.16
CA ARG G 166 3.56 2.06 -26.20
C ARG G 166 3.80 1.33 -24.90
N LEU G 167 3.23 1.85 -23.83
CA LEU G 167 3.28 1.19 -22.56
C LEU G 167 2.41 -0.05 -22.68
N PRO G 168 2.75 -1.12 -22.03
CA PRO G 168 1.79 -2.23 -21.97
C PRO G 168 0.44 -1.87 -21.32
N GLU G 169 -0.61 -2.62 -21.62
CA GLU G 169 -1.85 -2.57 -20.80
C GLU G 169 -1.61 -3.07 -19.32
N LEU G 170 -2.12 -2.33 -18.33
CA LEU G 170 -1.73 -2.56 -16.93
C LEU G 170 -2.92 -3.04 -16.12
N ASP G 171 -2.71 -3.73 -14.99
CA ASP G 171 -3.85 -4.08 -14.14
C ASP G 171 -4.03 -2.97 -13.11
N GLY G 172 -4.84 -3.21 -12.06
CA GLY G 172 -5.13 -2.11 -11.12
C GLY G 172 -3.92 -1.70 -10.33
N TYR G 173 -2.97 -2.62 -10.17
CA TYR G 173 -1.71 -2.28 -9.50
C TYR G 173 -0.58 -1.81 -10.41
N GLY G 174 -0.88 -1.50 -11.69
CA GLY G 174 0.16 -0.99 -12.56
C GLY G 174 1.03 -2.05 -13.19
N ARG G 175 0.61 -3.31 -13.16
CA ARG G 175 1.43 -4.41 -13.68
C ARG G 175 0.95 -4.79 -15.07
N PRO G 176 1.87 -5.04 -16.02
CA PRO G 176 1.55 -5.45 -17.40
C PRO G 176 0.74 -6.73 -17.39
N LEU G 177 -0.39 -6.72 -18.09
CA LEU G 177 -1.31 -7.84 -18.09
C LEU G 177 -0.68 -9.08 -18.72
N ALA G 178 0.21 -8.91 -19.73
CA ALA G 178 0.79 -10.11 -20.37
C ALA G 178 1.48 -11.03 -19.36
N PHE G 179 2.06 -10.46 -18.31
CA PHE G 179 2.84 -11.28 -17.41
C PHE G 179 2.16 -11.42 -16.04
N TYR G 180 1.29 -10.48 -15.68
CA TYR G 180 0.74 -10.50 -14.29
C TYR G 180 -0.77 -10.60 -14.31
N GLY G 181 -1.34 -10.81 -15.50
CA GLY G 181 -2.80 -10.75 -15.63
C GLY G 181 -3.50 -12.01 -15.13
N GLN G 182 -2.78 -13.13 -14.96
CA GLN G 182 -3.44 -14.33 -14.33
C GLN G 182 -2.73 -14.74 -13.01
N SER G 183 -3.45 -15.35 -12.07
CA SER G 183 -2.73 -15.82 -10.87
C SER G 183 -1.99 -17.08 -11.17
N ILE G 184 -0.99 -17.32 -10.37
CA ILE G 184 -0.27 -18.60 -10.39
C ILE G 184 -1.24 -19.80 -10.34
N HIS G 185 -2.16 -19.74 -9.37
CA HIS G 185 -2.98 -20.88 -9.00
C HIS G 185 -4.01 -21.15 -10.12
N ASP G 186 -4.37 -20.13 -10.92
CA ASP G 186 -5.25 -20.41 -12.07
C ASP G 186 -4.49 -20.90 -13.30
N ARG G 187 -3.18 -21.05 -13.19
CA ARG G 187 -2.40 -21.64 -14.28
C ARG G 187 -1.59 -22.88 -13.86
N CYS G 188 -1.62 -23.21 -12.56
CA CYS G 188 -0.64 -24.13 -11.96
C CYS G 188 -0.91 -25.59 -12.37
N TYR G 189 0.14 -26.36 -12.69
CA TYR G 189 -0.08 -27.75 -13.10
C TYR G 189 -0.53 -28.67 -11.91
N ARG G 190 -0.43 -28.16 -10.65
CA ARG G 190 -0.96 -28.90 -9.52
C ARG G 190 -2.39 -28.51 -9.19
N ARG G 191 -2.96 -27.56 -9.94
CA ARG G 191 -4.35 -27.13 -9.62
C ARG G 191 -5.45 -28.22 -9.60
N PRO G 192 -5.42 -29.20 -10.54
CA PRO G 192 -6.46 -30.23 -10.47
C PRO G 192 -6.32 -31.13 -9.24
N PHE G 193 -5.12 -31.17 -8.67
CA PHE G 193 -4.90 -31.91 -7.44
C PHE G 193 -5.41 -31.12 -6.25
N TYR G 194 -5.16 -29.81 -6.25
CA TYR G 194 -5.76 -28.95 -5.26
C TYR G 194 -7.27 -29.19 -5.26
N ASP G 195 -7.90 -29.17 -6.43
CA ASP G 195 -9.37 -29.24 -6.50
C ASP G 195 -9.86 -30.60 -6.06
N LYS G 196 -9.06 -31.65 -6.17
CA LYS G 196 -9.49 -32.93 -5.66
C LYS G 196 -9.13 -33.11 -4.17
N GLY G 197 -8.56 -32.09 -3.53
CA GLY G 197 -8.14 -32.29 -2.15
C GLY G 197 -6.89 -33.13 -2.03
N LEU G 198 -6.03 -33.14 -3.05
CA LEU G 198 -4.83 -34.02 -3.00
C LEU G 198 -3.56 -33.20 -2.69
N PHE G 199 -2.98 -33.36 -1.51
CA PHE G 199 -1.97 -32.41 -1.06
C PHE G 199 -0.71 -33.13 -0.60
N ALA G 200 0.42 -32.44 -0.73
CA ALA G 200 1.68 -32.84 -0.10
C ALA G 200 1.60 -32.52 1.40
N GLU G 201 2.11 -33.42 2.25
CA GLU G 201 2.14 -33.09 3.68
C GLU G 201 3.57 -32.86 4.17
N SER G 202 4.58 -33.12 3.32
CA SER G 202 5.92 -32.67 3.63
C SER G 202 6.57 -32.47 2.25
N PHE G 203 7.87 -32.15 2.22
CA PHE G 203 8.52 -31.86 0.91
C PHE G 203 8.95 -33.08 0.16
N ASP G 204 8.88 -34.27 0.78
CA ASP G 204 9.21 -35.48 0.00
C ASP G 204 8.35 -36.69 0.33
N ASP G 205 7.14 -36.47 0.85
CA ASP G 205 6.16 -37.55 0.96
C ASP G 205 5.60 -37.97 -0.42
N GLU G 206 4.64 -38.88 -0.44
CA GLU G 206 4.07 -39.37 -1.71
C GLU G 206 3.47 -38.25 -2.55
N GLY G 207 2.69 -37.38 -1.91
CA GLY G 207 2.13 -36.22 -2.59
C GLY G 207 3.21 -35.30 -3.19
N ALA G 208 4.27 -35.00 -2.40
CA ALA G 208 5.32 -34.14 -2.89
C ALA G 208 5.93 -34.77 -4.18
N LYS G 209 6.25 -36.05 -4.08
CA LYS G 209 6.86 -36.79 -5.19
C LYS G 209 5.98 -36.83 -6.42
N GLN G 210 4.68 -36.79 -6.24
CA GLN G 210 3.77 -36.97 -7.37
C GLN G 210 3.25 -35.63 -7.91
N GLY G 211 3.71 -34.53 -7.35
CA GLY G 211 3.23 -33.22 -7.76
C GLY G 211 1.81 -32.93 -7.35
N TRP G 212 1.39 -33.37 -6.14
CA TRP G 212 0.12 -32.94 -5.57
C TRP G 212 0.31 -31.53 -4.97
N CYS G 213 -0.82 -30.89 -4.69
CA CYS G 213 -0.80 -29.45 -4.43
C CYS G 213 0.03 -29.12 -3.15
N LEU G 214 0.59 -27.91 -3.09
CA LEU G 214 1.44 -27.52 -1.96
C LEU G 214 0.71 -26.57 -0.99
N TYR G 215 -0.60 -26.44 -1.17
CA TYR G 215 -1.41 -25.50 -0.39
C TYR G 215 -1.23 -25.67 1.14
N ARG G 216 -1.10 -26.90 1.58
CA ARG G 216 -1.08 -27.20 3.01
C ARG G 216 0.31 -26.85 3.61
N LEU G 217 1.30 -26.62 2.74
CA LEU G 217 2.66 -26.30 3.12
C LEU G 217 2.81 -24.79 2.96
N GLY G 218 1.70 -24.10 2.65
CA GLY G 218 1.65 -22.65 2.78
C GLY G 218 1.65 -21.93 1.42
N CYS G 219 1.42 -22.65 0.31
CA CYS G 219 1.50 -21.97 -1.02
C CYS G 219 0.55 -20.78 -1.11
N LYS G 220 1.09 -19.62 -1.57
CA LYS G 220 0.28 -18.41 -1.77
C LYS G 220 -0.14 -18.19 -3.23
N GLY G 221 0.06 -19.20 -4.07
CA GLY G 221 -0.35 -19.09 -5.45
C GLY G 221 -1.78 -18.57 -5.62
N PRO G 222 -2.71 -18.96 -4.72
CA PRO G 222 -4.09 -18.54 -4.99
C PRO G 222 -4.29 -17.06 -5.04
N THR G 223 -3.39 -16.28 -4.43
CA THR G 223 -3.57 -14.81 -4.44
C THR G 223 -2.37 -14.17 -5.10
N THR G 224 -1.60 -14.93 -5.88
CA THR G 224 -0.39 -14.34 -6.41
C THR G 224 -0.44 -14.25 -7.93
N TYR G 225 -0.06 -13.09 -8.45
CA TYR G 225 -0.16 -12.86 -9.90
C TYR G 225 1.26 -12.73 -10.48
N ASN G 226 1.60 -13.63 -11.39
CA ASN G 226 2.93 -13.64 -11.96
C ASN G 226 2.84 -14.66 -13.07
N ALA G 227 3.91 -14.77 -13.87
CA ALA G 227 3.88 -15.68 -15.04
C ALA G 227 4.67 -16.95 -14.76
N CYS G 228 4.98 -17.22 -13.49
CA CYS G 228 5.84 -18.36 -13.21
C CYS G 228 5.24 -19.66 -13.71
N ALA G 229 3.92 -19.82 -13.60
CA ALA G 229 3.37 -21.14 -13.93
C ALA G 229 3.30 -21.36 -15.44
N THR G 230 3.40 -20.29 -16.25
CA THR G 230 3.23 -20.44 -17.71
C THR G 230 4.57 -20.22 -18.46
N MET G 231 5.22 -19.07 -18.30
CA MET G 231 6.53 -18.79 -18.88
C MET G 231 7.64 -19.64 -18.18
N LYS G 232 7.50 -19.84 -16.86
CA LYS G 232 8.55 -20.46 -16.05
C LYS G 232 9.85 -19.61 -16.02
N TRP G 233 10.87 -20.13 -15.37
CA TRP G 233 12.07 -19.35 -15.10
C TRP G 233 13.27 -19.82 -15.87
N ASN G 234 14.17 -18.87 -16.16
CA ASN G 234 15.48 -19.19 -16.70
C ASN G 234 15.37 -19.95 -18.00
N ASP G 235 14.69 -19.34 -18.94
CA ASP G 235 14.46 -19.89 -20.29
C ASP G 235 13.62 -21.15 -20.22
N GLY G 236 12.55 -21.14 -19.43
CA GLY G 236 11.59 -22.22 -19.38
C GLY G 236 12.14 -23.43 -18.64
N THR G 237 13.11 -23.24 -17.77
CA THR G 237 13.67 -24.41 -17.09
C THR G 237 12.78 -25.01 -15.97
N SER G 238 12.31 -24.15 -15.07
CA SER G 238 11.52 -24.66 -13.94
C SER G 238 10.88 -23.46 -13.27
N TRP G 239 10.23 -23.66 -12.11
CA TRP G 239 9.69 -22.52 -11.40
C TRP G 239 9.44 -23.00 -9.97
N PRO G 240 9.20 -22.08 -9.00
CA PRO G 240 9.27 -22.56 -7.60
C PRO G 240 8.42 -23.79 -7.26
N VAL G 241 7.19 -23.80 -7.75
CA VAL G 241 6.28 -24.89 -7.40
C VAL G 241 6.70 -26.17 -8.10
N GLU G 242 7.12 -26.09 -9.34
CA GLU G 242 7.59 -27.26 -10.07
C GLU G 242 8.80 -27.88 -9.35
N ALA G 243 9.67 -27.07 -8.74
CA ALA G 243 10.85 -27.63 -8.02
C ALA G 243 10.51 -28.03 -6.59
N GLY G 244 9.25 -27.88 -6.18
CA GLY G 244 8.80 -28.51 -4.93
C GLY G 244 8.59 -27.54 -3.78
N HIS G 245 8.69 -26.22 -4.00
CA HIS G 245 8.48 -25.22 -2.92
C HIS G 245 7.21 -24.40 -3.12
N PRO G 246 6.43 -24.21 -2.04
CA PRO G 246 5.26 -23.29 -2.17
C PRO G 246 5.63 -21.91 -2.67
N CYS G 247 4.71 -21.29 -3.39
CA CYS G 247 4.88 -19.92 -3.84
C CYS G 247 4.84 -19.04 -2.56
N LEU G 248 5.87 -18.17 -2.44
CA LEU G 248 5.96 -17.25 -1.32
C LEU G 248 5.03 -16.02 -1.50
N GLY G 249 4.47 -15.82 -2.70
CA GLY G 249 3.63 -14.65 -2.97
C GLY G 249 4.46 -13.45 -3.42
N CYS G 250 5.65 -13.68 -4.05
CA CYS G 250 6.70 -12.64 -4.02
C CYS G 250 6.47 -11.47 -4.99
N SER G 251 5.47 -11.55 -5.88
CA SER G 251 5.13 -10.37 -6.74
C SER G 251 3.97 -9.53 -6.14
N GLU G 252 3.54 -9.81 -4.89
CA GLU G 252 2.34 -9.16 -4.32
C GLU G 252 2.79 -8.11 -3.28
N PRO G 253 2.06 -6.99 -3.17
CA PRO G 253 2.38 -5.97 -2.15
C PRO G 253 2.38 -6.61 -0.73
N GLN G 254 3.36 -6.27 0.10
CA GLN G 254 3.43 -6.72 1.50
C GLN G 254 3.43 -8.23 1.65
N PHE G 255 4.01 -8.92 0.69
CA PHE G 255 4.00 -10.37 0.78
C PHE G 255 4.79 -10.90 1.98
N TRP G 256 5.81 -10.14 2.43
CA TRP G 256 6.63 -10.51 3.62
C TRP G 256 5.79 -10.54 4.89
N ASP G 257 4.70 -9.79 4.89
CA ASP G 257 3.89 -9.63 6.07
C ASP G 257 2.58 -10.41 5.95
N ALA G 258 2.51 -11.45 5.14
CA ALA G 258 1.23 -12.13 4.96
C ALA G 258 1.09 -13.32 5.95
N GLY G 259 1.72 -13.32 7.11
CA GLY G 259 1.60 -14.52 7.99
C GLY G 259 2.77 -15.47 7.69
N GLY G 260 2.84 -16.65 8.23
CA GLY G 260 3.99 -17.54 7.87
C GLY G 260 4.01 -18.03 6.41
N PHE G 261 5.20 -18.13 5.81
CA PHE G 261 5.27 -18.71 4.45
C PHE G 261 4.76 -20.14 4.43
N TYR G 262 4.87 -20.81 5.57
CA TYR G 262 4.53 -22.23 5.58
C TYR G 262 3.19 -22.47 6.22
N GLU G 263 2.41 -21.40 6.36
CA GLU G 263 1.10 -21.52 6.97
C GLU G 263 0.06 -21.25 5.88
N PRO G 264 -0.89 -22.16 5.71
CA PRO G 264 -1.95 -21.78 4.77
C PRO G 264 -2.76 -20.63 5.39
N VAL G 265 -3.42 -19.85 4.57
CA VAL G 265 -4.27 -18.77 5.13
C VAL G 265 -5.59 -19.42 5.68
N SER G 266 -6.38 -18.71 6.51
CA SER G 266 -7.62 -19.32 7.12
C SER G 266 -8.75 -19.96 6.21
N VAL G 267 -8.70 -19.67 4.89
CA VAL G 267 -9.15 -20.50 3.69
C VAL G 267 -9.16 -19.60 2.40
N PRO G 268 -9.33 -20.20 1.17
CA PRO G 268 -9.49 -19.30 0.01
C PRO G 268 -10.90 -19.36 -0.62
N GLU H 3 40.59 18.91 1.72
CA GLU H 3 40.23 17.68 2.46
C GLU H 3 40.55 16.43 1.52
N ARG H 4 39.84 15.33 1.73
CA ARG H 4 40.15 14.06 1.09
C ARG H 4 39.57 13.97 -0.32
N ILE H 5 40.22 13.18 -1.13
CA ILE H 5 39.65 12.72 -2.37
C ILE H 5 38.46 11.78 -2.07
N VAL H 6 37.40 11.94 -2.86
CA VAL H 6 36.17 11.15 -2.74
C VAL H 6 35.90 10.36 -4.01
N VAL H 7 35.65 9.07 -3.86
CA VAL H 7 35.08 8.25 -4.97
C VAL H 7 33.75 7.66 -4.53
N ASP H 8 32.68 8.31 -4.98
CA ASP H 8 31.31 7.94 -4.58
C ASP H 8 30.41 8.28 -5.78
N PRO H 9 29.77 7.28 -6.44
CA PRO H 9 29.72 5.84 -6.13
C PRO H 9 30.95 5.12 -6.62
N ILE H 10 31.41 4.13 -5.86
CA ILE H 10 32.23 3.09 -6.46
C ILE H 10 31.26 2.26 -7.34
N THR H 11 31.54 2.12 -8.65
CA THR H 11 30.67 1.32 -9.51
C THR H 11 31.32 -0.06 -9.78
N ARG H 12 30.58 -0.98 -10.41
CA ARG H 12 31.09 -2.32 -10.68
C ARG H 12 31.46 -3.05 -9.38
N ILE H 13 30.57 -2.87 -8.40
CA ILE H 13 30.49 -3.71 -7.20
C ILE H 13 28.98 -3.89 -7.01
N GLU H 14 28.59 -4.64 -5.99
CA GLU H 14 27.21 -4.69 -5.59
C GLU H 14 27.06 -3.64 -4.48
N GLY H 15 26.13 -2.70 -4.65
CA GLY H 15 25.67 -1.84 -3.55
C GLY H 15 26.40 -0.51 -3.51
N HIS H 16 26.28 0.17 -2.37
CA HIS H 16 26.58 1.57 -2.22
C HIS H 16 27.84 1.83 -1.36
N LEU H 17 28.94 2.09 -2.04
CA LEU H 17 30.26 2.21 -1.34
C LEU H 17 30.86 3.57 -1.71
N ARG H 18 31.39 4.26 -0.69
CA ARG H 18 32.09 5.50 -0.88
C ARG H 18 33.50 5.27 -0.31
N ILE H 19 34.52 5.73 -1.02
CA ILE H 19 35.90 5.67 -0.55
C ILE H 19 36.35 7.14 -0.43
N GLU H 20 36.98 7.49 0.69
CA GLU H 20 37.67 8.79 0.87
C GLU H 20 39.13 8.49 1.13
N ALA H 21 40.01 9.26 0.50
CA ALA H 21 41.45 9.05 0.69
C ALA H 21 42.10 10.39 1.02
N GLN H 22 42.83 10.42 2.12
CA GLN H 22 43.74 11.49 2.44
C GLN H 22 45.04 11.26 1.68
N MET H 23 45.35 12.12 0.73
CA MET H 23 46.56 11.99 -0.09
C MET H 23 47.76 12.74 0.51
N ASP H 24 48.94 12.17 0.31
CA ASP H 24 50.21 12.81 0.63
C ASP H 24 50.97 12.90 -0.71
N GLY H 25 50.94 14.07 -1.36
CA GLY H 25 51.27 14.12 -2.82
C GLY H 25 50.36 13.16 -3.62
N ALA H 26 50.97 12.21 -4.36
CA ALA H 26 50.23 11.21 -5.12
C ALA H 26 50.00 9.90 -4.31
N THR H 27 50.54 9.78 -3.11
CA THR H 27 50.42 8.56 -2.34
C THR H 27 49.16 8.64 -1.45
N ILE H 28 48.46 7.51 -1.31
CA ILE H 28 47.32 7.40 -0.39
C ILE H 28 47.87 7.26 1.00
N ALA H 29 47.60 8.24 1.87
CA ALA H 29 48.13 8.19 3.25
C ALA H 29 47.16 7.50 4.21
N GLN H 30 45.88 7.86 4.17
CA GLN H 30 44.83 7.20 4.94
C GLN H 30 43.65 7.00 4.00
N ALA H 31 42.99 5.84 4.13
CA ALA H 31 41.79 5.60 3.27
C ALA H 31 40.65 5.27 4.21
N TYR H 32 39.42 5.62 3.77
CA TYR H 32 38.23 5.37 4.57
C TYR H 32 37.16 4.71 3.71
N SER H 33 36.56 3.65 4.27
CA SER H 33 35.58 2.85 3.52
C SER H 33 34.24 3.13 4.13
N SER H 34 33.27 3.52 3.32
CA SER H 34 31.96 3.86 3.88
C SER H 34 30.82 3.22 3.08
N GLY H 35 29.97 2.43 3.73
CA GLY H 35 28.75 1.88 3.09
C GLY H 35 27.58 2.85 3.32
N THR H 36 26.85 3.26 2.28
CA THR H 36 25.99 4.43 2.41
C THR H 36 24.54 4.07 2.14
N MET H 37 24.21 2.82 2.43
CA MET H 37 22.79 2.40 2.40
C MET H 37 22.54 1.28 3.43
N VAL H 38 21.42 1.36 4.15
CA VAL H 38 21.01 0.38 5.16
C VAL H 38 19.53 0.01 4.92
N ARG H 39 19.16 -1.24 5.24
CA ARG H 39 17.79 -1.74 5.27
C ARG H 39 17.37 -2.28 6.66
N GLY H 40 18.33 -2.78 7.47
CA GLY H 40 17.98 -3.28 8.84
C GLY H 40 17.15 -4.59 8.81
N ILE H 41 17.52 -5.53 7.94
CA ILE H 41 16.84 -6.84 7.83
C ILE H 41 16.90 -7.67 9.14
N GLU H 42 18.00 -7.57 9.88
CA GLU H 42 18.05 -8.17 11.23
C GLU H 42 16.87 -7.74 12.13
N THR H 43 16.57 -6.43 12.15
CA THR H 43 15.44 -5.92 12.91
C THR H 43 14.13 -6.44 12.34
N ILE H 44 14.00 -6.47 11.02
CA ILE H 44 12.76 -7.02 10.36
C ILE H 44 12.43 -8.47 10.77
N LEU H 45 13.48 -9.30 10.92
CA LEU H 45 13.32 -10.70 11.33
C LEU H 45 12.70 -10.94 12.72
N LYS H 46 12.84 -10.01 13.65
CA LYS H 46 12.40 -10.30 15.02
C LYS H 46 10.95 -10.69 15.11
N GLY H 47 10.67 -11.70 15.92
CA GLY H 47 9.29 -12.11 16.13
C GLY H 47 8.82 -13.07 15.05
N ARG H 48 9.60 -13.31 14.01
CA ARG H 48 9.06 -14.15 12.89
C ARG H 48 9.37 -15.64 13.07
N ASP H 49 8.85 -16.49 12.19
CA ASP H 49 9.09 -17.96 12.28
C ASP H 49 10.48 -18.28 11.76
N PRO H 50 11.30 -18.99 12.54
CA PRO H 50 12.67 -19.26 12.07
C PRO H 50 12.71 -20.09 10.74
N ARG H 51 11.65 -20.87 10.45
CA ARG H 51 11.59 -21.62 9.18
C ARG H 51 11.52 -20.68 7.94
N ASP H 52 11.08 -19.42 8.14
CA ASP H 52 10.86 -18.45 7.05
C ASP H 52 12.10 -17.62 6.83
N ALA H 53 13.00 -17.60 7.83
CA ALA H 53 14.06 -16.62 7.89
C ALA H 53 14.86 -16.65 6.59
N TRP H 54 15.10 -17.85 6.05
CA TRP H 54 16.03 -18.03 4.92
C TRP H 54 15.56 -17.15 3.76
N ALA H 55 14.24 -17.06 3.56
CA ALA H 55 13.62 -16.33 2.42
C ALA H 55 13.80 -14.82 2.55
N PHE H 56 13.69 -14.31 3.77
CA PHE H 56 14.08 -12.89 4.13
C PHE H 56 15.57 -12.61 3.92
N VAL H 57 16.43 -13.37 4.60
CA VAL H 57 17.87 -13.05 4.57
C VAL H 57 18.48 -13.41 3.21
N GLN H 58 17.85 -14.30 2.46
CA GLN H 58 18.38 -14.49 1.10
C GLN H 58 18.35 -13.18 0.34
N ARG H 59 17.34 -12.34 0.63
CA ARG H 59 17.24 -11.03 -0.03
C ARG H 59 18.14 -9.94 0.57
N ILE H 60 19.03 -10.33 1.50
CA ILE H 60 20.16 -9.49 1.80
C ILE H 60 20.85 -9.16 0.48
N CYS H 61 20.98 -10.15 -0.40
CA CYS H 61 21.76 -9.91 -1.61
C CYS H 61 21.44 -10.87 -2.75
N GLY H 62 21.27 -10.32 -3.94
CA GLY H 62 20.99 -11.12 -5.14
C GLY H 62 22.23 -11.47 -5.98
N VAL H 63 23.41 -10.94 -5.64
CA VAL H 63 24.60 -11.28 -6.37
C VAL H 63 25.14 -12.59 -5.78
N CYS H 64 25.45 -12.60 -4.50
CA CYS H 64 25.59 -13.88 -3.81
C CYS H 64 24.19 -14.39 -3.41
N THR H 65 23.27 -14.52 -4.36
CA THR H 65 22.04 -15.26 -4.09
C THR H 65 22.42 -16.65 -3.58
N LEU H 66 21.47 -17.36 -2.95
CA LEU H 66 21.67 -18.66 -2.32
C LEU H 66 22.47 -18.60 -1.03
N VAL H 67 23.52 -17.82 -0.94
CA VAL H 67 24.41 -18.06 0.27
C VAL H 67 23.72 -17.78 1.61
N HIS H 68 22.92 -16.70 1.66
CA HIS H 68 22.24 -16.38 2.93
C HIS H 68 21.08 -17.35 3.18
N GLY H 69 20.52 -17.94 2.11
CA GLY H 69 19.55 -19.02 2.29
C GLY H 69 20.17 -20.23 2.95
N ILE H 70 21.31 -20.65 2.42
CA ILE H 70 22.03 -21.75 3.04
C ILE H 70 22.44 -21.44 4.50
N ALA H 71 23.08 -20.28 4.75
CA ALA H 71 23.53 -19.94 6.10
C ALA H 71 22.35 -19.96 7.09
N SER H 72 21.20 -19.45 6.62
CA SER H 72 20.02 -19.35 7.46
C SER H 72 19.50 -20.74 7.80
N VAL H 73 19.26 -21.60 6.79
CA VAL H 73 18.73 -22.95 7.12
C VAL H 73 19.78 -23.71 7.97
N ARG H 74 21.06 -23.48 7.69
CA ARG H 74 22.11 -24.04 8.55
C ARG H 74 22.01 -23.55 10.00
N ALA H 75 21.63 -22.27 10.19
CA ALA H 75 21.62 -21.73 11.53
C ALA H 75 20.49 -22.41 12.33
N VAL H 76 19.34 -22.56 11.69
CA VAL H 76 18.17 -23.15 12.34
C VAL H 76 18.43 -24.63 12.58
N GLU H 77 19.03 -25.31 11.59
CA GLU H 77 19.36 -26.74 11.82
C GLU H 77 20.41 -26.87 12.95
N ASP H 78 21.31 -25.91 13.11
CA ASP H 78 22.29 -25.98 14.17
C ASP H 78 21.58 -25.79 15.52
N ALA H 79 20.66 -24.81 15.60
CA ALA H 79 20.00 -24.45 16.86
C ALA H 79 19.16 -25.62 17.33
N LEU H 80 18.54 -26.32 16.39
CA LEU H 80 17.55 -27.34 16.67
C LEU H 80 18.10 -28.78 16.58
N ARG H 81 19.39 -28.94 16.24
CA ARG H 81 20.06 -30.20 15.89
C ARG H 81 19.30 -31.08 14.87
N ILE H 82 19.06 -30.56 13.68
CA ILE H 82 18.41 -31.34 12.65
C ILE H 82 19.52 -31.87 11.71
N GLU H 83 19.57 -33.19 11.52
CA GLU H 83 20.48 -33.85 10.58
C GLU H 83 19.86 -33.91 9.20
N LEU H 84 20.64 -33.55 8.23
CA LEU H 84 20.16 -33.48 6.87
C LEU H 84 20.30 -34.88 6.28
N PRO H 85 19.33 -35.33 5.48
CA PRO H 85 19.54 -36.50 4.63
C PRO H 85 20.72 -36.29 3.62
N LEU H 86 21.42 -37.37 3.23
CA LEU H 86 22.61 -37.29 2.37
C LEU H 86 22.31 -36.53 1.06
N ASN H 87 21.19 -36.85 0.42
CA ASN H 87 20.86 -36.26 -0.91
C ASN H 87 20.72 -34.75 -0.77
N ALA H 88 20.20 -34.29 0.38
CA ALA H 88 20.01 -32.85 0.60
C ALA H 88 21.37 -32.17 0.77
N GLN H 89 22.27 -32.78 1.54
CA GLN H 89 23.61 -32.25 1.61
C GLN H 89 24.33 -32.19 0.23
N LEU H 90 24.22 -33.23 -0.59
CA LEU H 90 24.91 -33.25 -1.87
C LEU H 90 24.32 -32.19 -2.81
N ILE H 91 23.00 -32.06 -2.81
CA ILE H 91 22.36 -30.99 -3.61
C ILE H 91 22.73 -29.61 -3.14
N ARG H 92 22.79 -29.41 -1.84
CA ARG H 92 23.24 -28.10 -1.41
C ARG H 92 24.69 -27.87 -1.83
N ASN H 93 25.58 -28.87 -1.66
CA ASN H 93 26.98 -28.68 -2.14
C ASN H 93 27.02 -28.29 -3.64
N LEU H 94 26.26 -29.01 -4.43
CA LEU H 94 26.18 -28.77 -5.87
C LEU H 94 25.73 -27.34 -6.12
N MET H 95 24.66 -26.90 -5.43
CA MET H 95 24.17 -25.53 -5.63
C MET H 95 25.19 -24.46 -5.17
N ILE H 96 25.89 -24.77 -4.09
CA ILE H 96 26.92 -23.83 -3.62
C ILE H 96 28.03 -23.71 -4.66
N GLY H 97 28.46 -24.84 -5.23
CA GLY H 97 29.58 -24.84 -6.15
C GLY H 97 29.11 -24.10 -7.40
N ALA H 98 27.85 -24.27 -7.79
CA ALA H 98 27.38 -23.63 -9.03
C ALA H 98 27.36 -22.14 -8.78
N GLN H 99 27.04 -21.74 -7.53
CA GLN H 99 26.99 -20.31 -7.18
C GLN H 99 28.38 -19.64 -7.24
N TYR H 100 29.37 -20.26 -6.59
CA TYR H 100 30.75 -19.77 -6.66
C TYR H 100 31.20 -19.55 -8.12
N ILE H 101 30.89 -20.52 -8.96
CA ILE H 101 31.45 -20.49 -10.34
C ILE H 101 30.80 -19.38 -11.14
N HIS H 102 29.46 -19.29 -11.07
CA HIS H 102 28.67 -18.23 -11.69
C HIS H 102 29.19 -16.86 -11.19
N ASP H 103 29.30 -16.72 -9.88
CA ASP H 103 29.68 -15.46 -9.17
C ASP H 103 31.10 -15.04 -9.51
N HIS H 104 32.07 -15.93 -9.32
CA HIS H 104 33.45 -15.58 -9.67
C HIS H 104 33.63 -15.20 -11.15
N VAL H 105 33.07 -15.99 -12.05
CA VAL H 105 33.25 -15.67 -13.47
C VAL H 105 32.65 -14.30 -13.79
N MET H 106 31.47 -14.00 -13.26
CA MET H 106 30.90 -12.70 -13.57
C MET H 106 31.69 -11.56 -12.87
N HIS H 107 32.17 -11.81 -11.63
CA HIS H 107 33.02 -10.83 -11.00
C HIS H 107 34.18 -10.46 -11.90
N PHE H 108 34.93 -11.46 -12.32
CA PHE H 108 36.14 -11.17 -13.06
C PHE H 108 35.87 -10.41 -14.39
N TYR H 109 34.90 -10.88 -15.18
CA TYR H 109 34.63 -10.25 -16.47
C TYR H 109 33.84 -8.97 -16.32
N HIS H 110 32.73 -9.05 -15.59
CA HIS H 110 31.75 -7.95 -15.65
C HIS H 110 32.00 -6.87 -14.62
N LEU H 111 32.64 -7.22 -13.50
CA LEU H 111 32.95 -6.19 -12.51
C LEU H 111 34.40 -5.73 -12.53
N HIS H 112 35.32 -6.65 -12.54
CA HIS H 112 36.74 -6.34 -12.34
C HIS H 112 37.44 -5.96 -13.67
N ALA H 113 37.11 -6.66 -14.75
CA ALA H 113 37.99 -6.62 -15.94
C ALA H 113 38.22 -5.17 -16.48
N LEU H 114 37.22 -4.29 -16.41
CA LEU H 114 37.38 -2.98 -17.00
C LEU H 114 38.41 -2.10 -16.26
N ASP H 115 38.96 -2.61 -15.16
CA ASP H 115 40.03 -1.93 -14.48
C ASP H 115 41.36 -2.30 -15.14
N TRP H 116 41.39 -3.35 -15.98
CA TRP H 116 42.66 -3.90 -16.45
C TRP H 116 42.64 -3.85 -17.98
N VAL H 117 41.43 -3.76 -18.54
CA VAL H 117 41.15 -3.90 -19.99
C VAL H 117 40.68 -2.57 -20.53
N ASP H 118 41.29 -2.11 -21.63
CA ASP H 118 40.97 -0.80 -22.21
C ASP H 118 40.21 -1.06 -23.48
N VAL H 119 38.90 -0.85 -23.46
CA VAL H 119 38.10 -1.21 -24.61
C VAL H 119 38.43 -0.37 -25.82
N VAL H 120 38.92 0.84 -25.60
CA VAL H 120 39.24 1.68 -26.75
C VAL H 120 40.47 1.14 -27.48
N SER H 121 41.47 0.73 -26.71
CA SER H 121 42.66 0.09 -27.25
C SER H 121 42.32 -1.25 -27.99
N ALA H 122 41.30 -2.00 -27.53
CA ALA H 122 40.78 -3.12 -28.32
C ALA H 122 40.48 -2.79 -29.77
N LEU H 123 40.01 -1.58 -30.07
CA LEU H 123 39.75 -1.14 -31.46
C LEU H 123 41.01 -1.11 -32.40
N SER H 124 42.21 -1.11 -31.80
CA SER H 124 43.45 -1.06 -32.56
C SER H 124 43.94 -2.48 -32.85
N ALA H 125 43.36 -3.48 -32.19
CA ALA H 125 43.87 -4.84 -32.28
C ALA H 125 43.82 -5.36 -33.73
N ASP H 126 44.78 -6.17 -34.12
CA ASP H 126 44.67 -7.00 -35.29
C ASP H 126 43.90 -8.31 -34.99
N PRO H 127 42.79 -8.56 -35.68
CA PRO H 127 41.98 -9.77 -35.36
C PRO H 127 42.74 -11.12 -35.44
N ARG H 128 43.57 -11.31 -36.46
CA ARG H 128 44.36 -12.54 -36.56
C ARG H 128 45.40 -12.68 -35.41
N ALA H 129 46.03 -11.57 -35.05
CA ALA H 129 46.96 -11.62 -33.92
C ALA H 129 46.21 -11.89 -32.59
N THR H 130 44.96 -11.42 -32.51
CA THR H 130 44.17 -11.67 -31.31
C THR H 130 43.82 -13.17 -31.22
N SER H 131 43.42 -13.73 -32.37
CA SER H 131 43.21 -15.16 -32.52
C SER H 131 44.46 -15.98 -32.13
N GLU H 132 45.66 -15.55 -32.55
CA GLU H 132 46.86 -16.33 -32.24
C GLU H 132 47.10 -16.27 -30.72
N LEU H 133 46.88 -15.10 -30.14
CA LEU H 133 47.03 -14.96 -28.71
C LEU H 133 46.07 -15.91 -27.98
N ALA H 134 44.78 -15.77 -28.26
CA ALA H 134 43.75 -16.62 -27.65
C ALA H 134 44.09 -18.08 -27.81
N GLN H 135 44.49 -18.50 -29.01
CA GLN H 135 44.72 -19.92 -29.23
C GLN H 135 46.00 -20.37 -28.52
N SER H 136 46.95 -19.44 -28.28
CA SER H 136 48.19 -19.87 -27.59
C SER H 136 47.89 -20.11 -26.10
N ILE H 137 46.79 -19.62 -25.53
CA ILE H 137 46.57 -19.94 -24.09
C ILE H 137 45.45 -20.92 -23.78
N SER H 138 44.73 -21.39 -24.79
CA SER H 138 43.57 -22.20 -24.50
C SER H 138 43.08 -22.98 -25.68
N ALA H 139 42.37 -24.07 -25.37
CA ALA H 139 41.68 -24.88 -26.39
C ALA H 139 40.23 -24.41 -26.68
N TRP H 140 39.77 -23.35 -26.00
CA TRP H 140 38.39 -22.83 -26.24
C TRP H 140 38.11 -22.70 -27.74
N PRO H 141 36.93 -23.18 -28.19
CA PRO H 141 36.71 -23.25 -29.65
C PRO H 141 36.66 -21.86 -30.29
N LYS H 142 36.01 -20.89 -29.64
CA LYS H 142 35.58 -19.62 -30.29
C LYS H 142 36.69 -18.55 -30.33
N SER H 143 37.52 -18.62 -31.37
CA SER H 143 38.76 -17.85 -31.40
C SER H 143 39.16 -17.47 -32.82
N SER H 144 38.26 -17.63 -33.79
CA SER H 144 38.74 -17.41 -35.19
C SER H 144 39.03 -15.92 -35.38
N PRO H 145 39.93 -15.60 -36.34
CA PRO H 145 40.11 -14.19 -36.69
C PRO H 145 38.76 -13.52 -37.03
N GLY H 146 37.94 -14.15 -37.87
CA GLY H 146 36.66 -13.50 -38.28
C GLY H 146 35.79 -13.27 -37.02
N TYR H 147 35.86 -14.13 -36.03
CA TYR H 147 35.03 -13.89 -34.83
C TYR H 147 35.53 -12.63 -34.05
N PHE H 148 36.85 -12.49 -33.93
CA PHE H 148 37.39 -11.29 -33.28
C PHE H 148 37.14 -10.03 -34.12
N ALA H 149 37.27 -10.13 -35.43
CA ALA H 149 36.99 -9.00 -36.35
C ALA H 149 35.54 -8.54 -36.18
N ASP H 150 34.62 -9.50 -36.16
CA ASP H 150 33.22 -9.12 -35.96
C ASP H 150 32.91 -8.52 -34.54
N THR H 151 33.49 -9.11 -33.49
CA THR H 151 33.37 -8.53 -32.14
C THR H 151 33.93 -7.12 -32.13
N GLN H 152 35.11 -6.95 -32.74
CA GLN H 152 35.74 -5.66 -32.72
C GLN H 152 34.88 -4.65 -33.48
N LYS H 153 34.36 -5.05 -34.63
CA LYS H 153 33.46 -4.22 -35.37
C LYS H 153 32.19 -3.79 -34.62
N ARG H 154 31.59 -4.70 -33.82
CA ARG H 154 30.46 -4.27 -33.02
C ARG H 154 30.83 -3.20 -32.00
N ILE H 155 31.95 -3.36 -31.33
CA ILE H 155 32.41 -2.39 -30.40
C ILE H 155 32.71 -1.06 -31.12
N LYS H 156 33.37 -1.13 -32.28
CA LYS H 156 33.66 0.06 -33.02
C LYS H 156 32.39 0.82 -33.35
N THR H 157 31.40 0.12 -33.87
CA THR H 157 30.17 0.79 -34.29
C THR H 157 29.54 1.45 -33.03
N PHE H 158 29.58 0.75 -31.90
CA PHE H 158 29.10 1.31 -30.66
C PHE H 158 29.85 2.63 -30.25
N VAL H 159 31.19 2.56 -30.15
CA VAL H 159 32.00 3.65 -29.71
C VAL H 159 31.87 4.82 -30.69
N GLU H 160 31.68 4.58 -31.96
CA GLU H 160 31.55 5.71 -32.86
C GLU H 160 30.14 6.31 -32.96
N SER H 161 29.14 5.65 -32.36
CA SER H 161 27.75 6.16 -32.43
C SER H 161 27.63 7.47 -31.62
N GLY H 162 28.64 7.80 -30.82
CA GLY H 162 28.51 8.88 -29.87
C GLY H 162 27.65 8.59 -28.61
N GLN H 163 26.98 7.42 -28.53
CA GLN H 163 26.30 7.04 -27.29
C GLN H 163 27.06 5.92 -26.60
N LEU H 164 28.01 6.32 -25.76
CA LEU H 164 28.92 5.39 -25.16
C LEU H 164 28.35 4.62 -23.97
N GLY H 165 27.17 4.99 -23.47
CA GLY H 165 26.54 4.14 -22.47
C GLY H 165 27.41 3.94 -21.24
N ILE H 166 27.59 2.69 -20.87
CA ILE H 166 28.33 2.39 -19.64
C ILE H 166 29.82 2.62 -19.82
N PHE H 167 30.25 2.86 -21.08
CA PHE H 167 31.65 3.24 -21.32
C PHE H 167 31.88 4.76 -21.24
N ALA H 168 30.82 5.57 -21.12
CA ALA H 168 31.01 7.06 -21.18
C ALA H 168 31.91 7.53 -20.06
N ASN H 169 32.75 8.51 -20.34
CA ASN H 169 33.63 9.10 -19.31
C ASN H 169 34.59 8.08 -18.71
N GLY H 170 34.79 6.96 -19.38
CA GLY H 170 35.74 5.99 -18.90
C GLY H 170 37.17 6.52 -18.86
N TYR H 171 38.04 5.71 -18.23
CA TYR H 171 39.44 6.08 -17.98
C TYR H 171 40.37 5.56 -19.10
N TRP H 172 39.80 5.28 -20.28
CA TRP H 172 40.57 4.73 -21.43
C TRP H 172 41.80 5.57 -21.74
N GLY H 173 42.92 4.91 -22.04
CA GLY H 173 44.17 5.63 -22.35
C GLY H 173 44.96 5.93 -21.09
N HIS H 174 44.38 5.68 -19.91
CA HIS H 174 45.08 5.93 -18.66
C HIS H 174 46.41 5.19 -18.72
N PRO H 175 47.51 5.81 -18.23
CA PRO H 175 48.76 5.06 -18.29
C PRO H 175 48.81 3.76 -17.49
N ALA H 176 47.93 3.55 -16.49
CA ALA H 176 47.95 2.27 -15.76
C ALA H 176 47.49 1.06 -16.63
N TYR H 177 46.76 1.33 -17.72
CA TYR H 177 46.37 0.22 -18.64
C TYR H 177 47.59 -0.33 -19.39
N ARG H 178 47.89 -1.62 -19.22
CA ARG H 178 49.16 -2.14 -19.78
C ARG H 178 48.97 -3.22 -20.88
N LEU H 179 47.74 -3.71 -21.12
CA LEU H 179 47.55 -4.82 -22.09
C LEU H 179 47.84 -4.32 -23.51
N PRO H 180 48.46 -5.18 -24.34
CA PRO H 180 48.47 -4.84 -25.78
C PRO H 180 47.05 -4.89 -26.37
N PRO H 181 46.83 -4.22 -27.51
CA PRO H 181 45.47 -4.18 -28.08
C PRO H 181 44.79 -5.58 -28.24
N GLU H 182 45.55 -6.57 -28.68
CA GLU H 182 45.11 -7.95 -28.85
C GLU H 182 44.57 -8.54 -27.57
N ALA H 183 45.24 -8.30 -26.43
CA ALA H 183 44.73 -8.85 -25.18
C ALA H 183 43.45 -8.13 -24.76
N ASN H 184 43.33 -6.82 -25.04
CA ASN H 184 42.10 -6.15 -24.72
C ASN H 184 40.96 -6.72 -25.54
N LEU H 185 41.21 -6.98 -26.83
CA LEU H 185 40.12 -7.43 -27.70
C LEU H 185 39.67 -8.81 -27.28
N MET H 186 40.63 -9.68 -26.96
CA MET H 186 40.30 -11.00 -26.47
C MET H 186 39.40 -10.97 -25.23
N ALA H 187 39.77 -10.13 -24.25
CA ALA H 187 39.03 -9.99 -22.99
C ALA H 187 37.63 -9.46 -23.26
N VAL H 188 37.49 -8.52 -24.20
CA VAL H 188 36.16 -8.05 -24.54
C VAL H 188 35.29 -9.17 -25.10
N ALA H 189 35.83 -9.95 -26.07
CA ALA H 189 35.12 -11.10 -26.57
C ALA H 189 34.70 -12.05 -25.43
N HIS H 190 35.59 -12.30 -24.47
CA HIS H 190 35.28 -13.22 -23.40
C HIS H 190 34.27 -12.64 -22.40
N TYR H 191 34.26 -11.32 -22.23
CA TYR H 191 33.26 -10.63 -21.39
C TYR H 191 31.89 -10.95 -21.98
N LEU H 192 31.78 -10.86 -23.31
CA LEU H 192 30.48 -11.14 -23.96
C LEU H 192 30.15 -12.66 -23.88
N GLU H 193 31.11 -13.56 -24.11
CA GLU H 193 30.82 -15.01 -23.94
C GLU H 193 30.40 -15.39 -22.53
N ALA H 194 30.96 -14.68 -21.55
CA ALA H 194 30.68 -14.94 -20.13
C ALA H 194 29.26 -14.53 -19.81
N LEU H 195 28.70 -13.57 -20.57
CA LEU H 195 27.30 -13.18 -20.31
C LEU H 195 26.39 -14.33 -20.81
N ALA H 196 26.70 -14.89 -21.99
CA ALA H 196 25.92 -16.00 -22.54
C ALA H 196 26.04 -17.25 -21.67
N TRP H 197 27.27 -17.55 -21.28
CA TRP H 197 27.52 -18.73 -20.48
C TRP H 197 26.82 -18.61 -19.09
N GLN H 198 26.89 -17.44 -18.45
CA GLN H 198 26.39 -17.36 -17.05
C GLN H 198 24.88 -17.55 -17.06
N ARG H 199 24.21 -17.12 -18.14
CA ARG H 199 22.77 -17.27 -18.04
C ARG H 199 22.30 -18.69 -18.33
N ASP H 200 23.07 -19.47 -19.11
CA ASP H 200 22.78 -20.91 -19.15
C ASP H 200 23.08 -21.59 -17.82
N THR H 201 24.18 -21.23 -17.18
CA THR H 201 24.59 -21.83 -15.98
C THR H 201 23.54 -21.56 -14.86
N ALA H 202 22.90 -20.39 -14.88
CA ALA H 202 21.82 -20.14 -13.96
C ALA H 202 20.71 -21.25 -14.00
N LYS H 203 20.64 -22.05 -15.06
CA LYS H 203 19.56 -23.02 -15.10
C LYS H 203 19.75 -24.07 -13.99
N PHE H 204 20.97 -24.24 -13.51
CA PHE H 204 21.30 -25.27 -12.54
C PHE H 204 20.51 -25.05 -11.24
N HIS H 205 20.55 -23.81 -10.75
CA HIS H 205 19.79 -23.44 -9.60
C HIS H 205 18.31 -23.49 -9.91
N ALA H 206 17.89 -23.14 -11.13
CA ALA H 206 16.44 -23.30 -11.41
C ALA H 206 15.97 -24.74 -11.24
N ILE H 207 16.74 -25.70 -11.77
CA ILE H 207 16.31 -27.09 -11.64
C ILE H 207 16.05 -27.56 -10.14
N PHE H 208 17.03 -27.33 -9.26
CA PHE H 208 16.96 -27.74 -7.87
C PHE H 208 16.14 -26.77 -7.01
N GLY H 209 16.19 -25.46 -7.29
CA GLY H 209 15.60 -24.43 -6.39
C GLY H 209 14.52 -23.61 -7.03
N GLY H 210 14.10 -23.98 -8.25
CA GLY H 210 12.96 -23.30 -8.89
C GLY H 210 13.29 -22.05 -9.74
N LYS H 211 14.28 -21.26 -9.33
CA LYS H 211 14.54 -19.97 -10.01
C LYS H 211 15.91 -19.50 -9.61
N ASN H 212 16.50 -18.66 -10.47
CA ASN H 212 17.69 -17.91 -10.15
C ASN H 212 17.54 -16.52 -10.80
N PRO H 213 17.78 -15.44 -10.06
CA PRO H 213 18.19 -15.37 -8.64
C PRO H 213 17.14 -15.88 -7.63
N HIS H 214 17.62 -16.19 -6.43
CA HIS H 214 16.80 -16.46 -5.22
C HIS H 214 16.04 -17.78 -5.28
N PRO H 215 16.76 -18.89 -5.49
CA PRO H 215 16.22 -20.28 -5.41
C PRO H 215 15.68 -20.49 -3.97
N ASN H 216 14.81 -21.50 -3.85
CA ASN H 216 14.15 -21.87 -2.60
C ASN H 216 14.96 -22.89 -1.80
N PHE H 217 14.80 -22.85 -0.47
CA PHE H 217 15.49 -23.75 0.46
C PHE H 217 14.43 -24.20 1.50
N VAL H 218 14.79 -25.12 2.40
CA VAL H 218 13.87 -25.46 3.44
C VAL H 218 14.69 -25.98 4.61
N VAL H 219 14.25 -25.67 5.84
CA VAL H 219 14.99 -26.11 7.02
C VAL H 219 14.85 -27.63 7.07
N GLY H 220 15.98 -28.35 7.15
CA GLY H 220 15.89 -29.84 7.27
C GLY H 220 16.02 -30.63 5.98
N GLY H 221 16.29 -29.99 4.85
CA GLY H 221 16.53 -30.73 3.60
C GLY H 221 16.60 -29.86 2.38
N VAL H 222 15.99 -30.32 1.26
CA VAL H 222 15.83 -29.50 0.03
C VAL H 222 14.40 -29.70 -0.37
N PRO H 223 13.78 -28.69 -0.99
CA PRO H 223 12.34 -28.84 -1.31
C PRO H 223 12.14 -29.79 -2.48
N SER H 224 13.15 -29.98 -3.33
CA SER H 224 12.96 -30.72 -4.57
C SER H 224 12.98 -32.23 -4.30
N PRO H 225 11.83 -32.91 -4.40
CA PRO H 225 11.91 -34.37 -4.21
C PRO H 225 12.54 -35.14 -5.38
N ILE H 226 12.95 -36.38 -5.11
CA ILE H 226 13.55 -37.25 -6.10
C ILE H 226 12.61 -38.42 -6.34
N ASP H 227 12.19 -38.58 -7.60
CA ASP H 227 11.30 -39.74 -7.90
C ASP H 227 11.47 -40.07 -9.38
N LEU H 228 12.17 -41.17 -9.62
CA LEU H 228 12.52 -41.60 -10.94
C LEU H 228 11.25 -41.86 -11.80
N ASP H 229 10.11 -42.08 -11.16
CA ASP H 229 8.92 -42.44 -11.94
C ASP H 229 7.84 -41.38 -11.94
N SER H 230 8.24 -40.13 -11.73
CA SER H 230 7.26 -39.06 -11.61
C SER H 230 7.50 -37.95 -12.65
N ASP H 231 6.38 -37.37 -13.09
CA ASP H 231 6.35 -36.21 -14.02
C ASP H 231 6.62 -34.89 -13.25
N SER H 232 6.84 -34.97 -11.93
CA SER H 232 6.95 -33.78 -11.09
C SER H 232 7.99 -33.93 -9.91
N ALA H 233 9.04 -34.71 -10.16
CA ALA H 233 10.20 -34.77 -9.28
C ALA H 233 11.47 -34.84 -10.10
N LEU H 234 12.62 -34.74 -9.42
CA LEU H 234 13.89 -35.01 -10.06
C LEU H 234 13.90 -36.49 -10.53
N ASN H 235 14.05 -36.71 -11.83
CA ASN H 235 14.10 -38.02 -12.44
C ASN H 235 15.31 -38.05 -13.42
N ALA H 236 15.41 -39.10 -14.24
CA ALA H 236 16.55 -39.26 -15.13
C ALA H 236 16.66 -38.13 -16.15
N LYS H 237 15.53 -37.63 -16.63
CA LYS H 237 15.57 -36.52 -17.54
C LYS H 237 16.17 -35.28 -16.86
N ARG H 238 15.69 -34.94 -15.67
CA ARG H 238 16.19 -33.69 -15.03
C ARG H 238 17.67 -33.84 -14.64
N LEU H 239 18.04 -35.06 -14.27
CA LEU H 239 19.40 -35.32 -13.82
C LEU H 239 20.37 -35.29 -15.03
N ALA H 240 19.85 -35.52 -16.22
CA ALA H 240 20.71 -35.47 -17.43
C ALA H 240 21.02 -34.04 -17.78
N GLU H 241 20.02 -33.18 -17.62
CA GLU H 241 20.21 -31.76 -17.73
C GLU H 241 21.29 -31.25 -16.75
N VAL H 242 21.22 -31.68 -15.51
CA VAL H 242 22.17 -31.26 -14.52
C VAL H 242 23.56 -31.68 -14.92
N ARG H 243 23.71 -32.91 -15.41
CA ARG H 243 25.03 -33.36 -15.83
C ARG H 243 25.65 -32.48 -16.93
N ASN H 244 24.87 -32.12 -17.96
CA ASN H 244 25.42 -31.20 -19.01
C ASN H 244 25.81 -29.83 -18.46
N LEU H 245 25.01 -29.32 -17.51
CA LEU H 245 25.36 -28.00 -16.97
C LEU H 245 26.70 -28.07 -16.26
N ILE H 246 26.96 -29.16 -15.55
CA ILE H 246 28.26 -29.25 -14.85
C ILE H 246 29.40 -29.28 -15.86
N GLN H 247 29.22 -30.02 -16.94
CA GLN H 247 30.25 -30.04 -17.98
C GLN H 247 30.54 -28.63 -18.55
N SER H 248 29.50 -27.84 -18.78
CA SER H 248 29.74 -26.56 -19.36
C SER H 248 30.32 -25.52 -18.40
N MET H 249 30.08 -25.67 -17.10
CA MET H 249 30.81 -24.88 -16.08
C MET H 249 32.27 -25.24 -16.09
N ARG H 250 32.54 -26.54 -16.09
CA ARG H 250 33.91 -27.02 -16.13
C ARG H 250 34.71 -26.49 -17.37
N THR H 251 34.05 -26.48 -18.52
CA THR H 251 34.75 -26.07 -19.74
C THR H 251 35.09 -24.59 -19.69
N PHE H 252 34.13 -23.80 -19.22
CA PHE H 252 34.31 -22.34 -19.21
C PHE H 252 35.40 -21.92 -18.18
N VAL H 253 35.39 -22.55 -17.02
CA VAL H 253 36.46 -22.32 -16.05
C VAL H 253 37.85 -22.67 -16.61
N ASP H 254 38.01 -23.87 -17.19
CA ASP H 254 39.31 -24.37 -17.55
C ASP H 254 39.75 -23.64 -18.84
N GLN H 255 38.83 -23.27 -19.73
CA GLN H 255 39.29 -22.77 -21.09
C GLN H 255 39.22 -21.28 -21.22
N VAL H 256 38.40 -20.60 -20.39
CA VAL H 256 38.23 -19.16 -20.60
C VAL H 256 38.73 -18.37 -19.40
N TYR H 257 38.08 -18.58 -18.24
CA TYR H 257 38.32 -17.79 -17.06
C TYR H 257 39.74 -18.02 -16.49
N VAL H 258 40.10 -19.26 -16.18
CA VAL H 258 41.44 -19.44 -15.62
C VAL H 258 42.56 -18.94 -16.57
N PRO H 259 42.55 -19.40 -17.84
CA PRO H 259 43.64 -18.93 -18.73
C PRO H 259 43.64 -17.42 -18.92
N ASP H 260 42.49 -16.75 -19.03
CA ASP H 260 42.56 -15.27 -19.14
C ASP H 260 43.13 -14.62 -17.87
N THR H 261 42.72 -15.10 -16.69
CA THR H 261 43.21 -14.35 -15.53
C THR H 261 44.75 -14.45 -15.37
N LEU H 262 45.29 -15.62 -15.73
CA LEU H 262 46.73 -15.81 -15.75
C LEU H 262 47.43 -15.01 -16.84
N ALA H 263 46.87 -14.97 -18.04
CA ALA H 263 47.49 -14.22 -19.13
C ALA H 263 47.47 -12.71 -18.77
N ILE H 264 46.34 -12.22 -18.26
CA ILE H 264 46.23 -10.81 -17.95
C ILE H 264 47.18 -10.48 -16.76
N ALA H 265 47.28 -11.41 -15.79
CA ALA H 265 48.16 -11.17 -14.61
C ALA H 265 49.62 -10.91 -15.02
N GLY H 266 50.02 -11.55 -16.12
CA GLY H 266 51.39 -11.49 -16.60
C GLY H 266 51.74 -10.07 -16.97
N PHE H 267 50.73 -9.21 -17.20
CA PHE H 267 51.03 -7.85 -17.68
C PHE H 267 51.05 -6.83 -16.51
N TYR H 268 50.71 -7.29 -15.31
CA TYR H 268 50.42 -6.41 -14.15
C TYR H 268 51.18 -6.89 -12.93
N LYS H 269 52.36 -7.48 -13.15
CA LYS H 269 53.11 -8.09 -12.07
C LYS H 269 53.39 -7.14 -10.88
N ASP H 270 53.55 -5.84 -11.13
CA ASP H 270 53.79 -4.92 -10.02
C ASP H 270 52.52 -4.74 -9.13
N TRP H 271 51.36 -5.23 -9.59
CA TRP H 271 50.16 -5.30 -8.75
C TRP H 271 50.29 -6.44 -7.74
N GLY H 272 51.34 -7.25 -7.88
CA GLY H 272 51.71 -8.23 -6.83
C GLY H 272 52.47 -7.63 -5.62
N GLU H 273 52.65 -6.28 -5.64
CA GLU H 273 53.41 -5.57 -4.60
C GLU H 273 52.60 -4.55 -3.81
N ARG H 274 51.27 -4.61 -3.94
CA ARG H 274 50.44 -3.64 -3.24
C ARG H 274 49.05 -4.26 -2.95
N GLY H 275 48.32 -3.66 -2.01
CA GLY H 275 46.88 -4.03 -1.81
C GLY H 275 46.63 -5.11 -0.79
N GLU H 276 47.50 -5.25 0.21
CA GLU H 276 47.19 -6.17 1.34
C GLU H 276 47.89 -5.62 2.60
N GLY H 277 47.14 -4.95 3.48
CA GLY H 277 47.80 -4.36 4.63
C GLY H 277 47.50 -5.03 5.96
N LEU H 278 46.88 -6.19 5.99
CA LEU H 278 46.59 -6.80 7.31
C LEU H 278 47.49 -8.00 7.62
N GLY H 279 47.63 -8.92 6.66
CA GLY H 279 48.40 -10.15 6.85
C GLY H 279 47.69 -11.21 7.72
N ASN H 280 46.40 -11.00 8.04
CA ASN H 280 45.61 -11.96 8.82
C ASN H 280 44.40 -12.43 8.00
N PHE H 281 44.02 -13.70 8.12
CA PHE H 281 42.97 -14.29 7.24
C PHE H 281 42.11 -15.24 8.01
N LEU H 282 40.81 -15.28 7.69
CA LEU H 282 39.85 -16.05 8.46
C LEU H 282 38.95 -16.89 7.54
N CYS H 283 38.77 -18.16 7.92
CA CYS H 283 37.86 -19.10 7.25
C CYS H 283 37.04 -19.89 8.27
N TYR H 284 35.75 -19.99 8.05
CA TYR H 284 34.88 -20.89 8.79
C TYR H 284 34.95 -22.27 8.16
N GLY H 285 35.31 -22.37 6.90
CA GLY H 285 35.32 -23.68 6.21
C GLY H 285 33.95 -24.09 5.70
N ASP H 286 33.91 -25.06 4.79
CA ASP H 286 32.65 -25.45 4.20
C ASP H 286 32.83 -26.67 3.33
N LEU H 287 31.69 -27.21 2.87
CA LEU H 287 31.53 -28.23 1.80
C LEU H 287 31.97 -29.57 2.32
N PRO H 288 31.13 -30.16 3.17
CA PRO H 288 31.49 -31.41 3.83
C PRO H 288 31.42 -32.57 2.82
N THR H 289 32.20 -33.59 3.07
CA THR H 289 32.13 -34.78 2.25
C THR H 289 30.78 -35.56 2.31
N GLY H 290 30.15 -35.60 3.48
CA GLY H 290 28.98 -36.48 3.75
C GLY H 290 27.78 -35.73 4.29
N ALA H 291 26.85 -36.46 4.95
CA ALA H 291 25.52 -35.87 5.36
C ALA H 291 25.68 -34.80 6.47
N SER H 292 26.60 -35.12 7.39
CA SER H 292 26.91 -34.33 8.53
C SER H 292 27.68 -33.03 8.18
N LEU H 293 27.33 -31.88 8.78
CA LEU H 293 28.15 -30.66 8.56
C LEU H 293 29.41 -30.72 9.46
N ASP H 294 30.29 -31.68 9.19
CA ASP H 294 31.42 -31.94 10.04
C ASP H 294 32.71 -31.27 9.52
N PRO H 295 33.28 -30.31 10.31
CA PRO H 295 34.44 -29.50 9.88
C PRO H 295 35.63 -30.33 9.44
N ALA H 296 35.79 -31.53 9.99
CA ALA H 296 36.92 -32.41 9.64
C ALA H 296 36.88 -32.91 8.19
N THR H 297 35.72 -32.70 7.57
CA THR H 297 35.32 -33.42 6.37
C THR H 297 35.19 -32.39 5.21
N PHE H 298 35.55 -31.12 5.51
CA PHE H 298 35.29 -29.93 4.65
C PHE H 298 36.31 -29.86 3.50
N LEU H 299 35.86 -29.50 2.32
CA LEU H 299 36.81 -29.15 1.27
C LEU H 299 37.58 -27.88 1.73
N PHE H 300 36.89 -26.83 2.20
CA PHE H 300 37.61 -25.64 2.67
C PHE H 300 37.77 -25.74 4.18
N PRO H 301 39.02 -25.68 4.67
CA PRO H 301 39.17 -25.91 6.11
C PRO H 301 38.87 -24.64 6.98
N ARG H 302 38.40 -24.89 8.20
CA ARG H 302 38.23 -23.83 9.21
C ARG H 302 39.57 -23.40 9.80
N GLY H 303 39.77 -22.10 10.02
CA GLY H 303 41.00 -21.66 10.68
C GLY H 303 41.32 -20.21 10.39
N ALA H 304 42.29 -19.71 11.12
CA ALA H 304 42.82 -18.36 10.95
C ALA H 304 44.35 -18.36 10.80
N ILE H 305 44.83 -17.47 9.93
CA ILE H 305 46.22 -17.19 9.74
C ILE H 305 46.54 -15.79 10.26
N LEU H 306 47.63 -15.69 11.02
CA LEU H 306 48.02 -14.41 11.54
C LEU H 306 49.43 -14.04 11.01
N ASP H 307 49.64 -12.75 10.76
CA ASP H 307 50.94 -12.20 10.31
C ASP H 307 51.57 -12.96 9.15
N ARG H 308 50.75 -13.37 8.16
CA ARG H 308 51.23 -14.10 6.98
C ARG H 308 52.03 -15.32 7.37
N ASP H 309 51.68 -15.92 8.52
CA ASP H 309 52.44 -17.06 8.96
C ASP H 309 51.73 -18.37 8.63
N LEU H 310 52.22 -19.05 7.60
CA LEU H 310 51.48 -20.20 7.08
C LEU H 310 51.72 -21.51 7.86
N SER H 311 52.64 -21.48 8.83
CA SER H 311 53.02 -22.70 9.54
C SER H 311 52.12 -22.96 10.77
N THR H 312 51.16 -22.07 11.06
CA THR H 312 50.26 -22.23 12.22
C THR H 312 48.83 -21.87 11.81
N ILE H 313 47.92 -22.83 11.83
CA ILE H 313 46.53 -22.55 11.60
C ILE H 313 45.88 -22.40 12.98
N HIS H 314 45.45 -21.19 13.34
CA HIS H 314 44.75 -20.97 14.61
C HIS H 314 43.32 -21.51 14.54
N GLU H 315 42.88 -22.05 15.67
CA GLU H 315 41.53 -22.59 15.75
C GLU H 315 40.50 -21.47 15.81
N VAL H 316 39.34 -21.67 15.22
CA VAL H 316 38.26 -20.67 15.35
C VAL H 316 37.03 -21.26 16.04
N ASP H 317 36.43 -20.46 16.91
CA ASP H 317 35.29 -20.87 17.70
C ASP H 317 34.22 -19.77 17.48
N LEU H 318 33.13 -20.15 16.86
CA LEU H 318 32.06 -19.25 16.50
C LEU H 318 31.17 -18.84 17.67
N GLU H 319 31.30 -19.56 18.78
CA GLU H 319 30.48 -19.33 19.98
C GLU H 319 31.19 -18.61 21.12
N ALA H 320 32.52 -18.55 21.08
CA ALA H 320 33.30 -17.95 22.16
C ALA H 320 33.06 -16.44 22.14
N THR H 321 32.60 -15.93 23.24
CA THR H 321 32.02 -14.60 23.29
C THR H 321 33.07 -13.49 23.10
N GLY H 322 34.33 -13.78 23.42
CA GLY H 322 35.44 -12.86 23.27
C GLY H 322 36.16 -13.02 21.92
N GLU H 323 35.64 -13.83 21.01
CA GLU H 323 36.44 -14.11 19.82
C GLU H 323 35.94 -13.28 18.63
N ILE H 324 34.81 -13.66 18.04
CA ILE H 324 34.21 -12.81 16.96
C ILE H 324 33.30 -11.77 17.59
N GLN H 325 33.60 -10.48 17.38
CA GLN H 325 32.85 -9.38 17.95
C GLN H 325 32.68 -8.25 16.89
N GLU H 326 31.57 -7.55 16.91
CA GLU H 326 31.38 -6.44 16.04
C GLU H 326 31.43 -5.16 16.82
N PHE H 327 32.21 -4.22 16.33
CA PHE H 327 32.38 -2.91 17.00
C PHE H 327 31.67 -1.83 16.21
N VAL H 328 31.38 -0.71 16.86
CA VAL H 328 30.68 0.38 16.18
C VAL H 328 31.34 1.75 16.53
N ASN H 329 32.62 1.74 16.90
CA ASN H 329 33.28 3.05 17.23
C ASN H 329 33.21 4.07 16.08
N HIS H 330 33.15 3.55 14.84
CA HIS H 330 33.12 4.36 13.60
C HIS H 330 31.97 3.92 12.70
N SER H 331 30.91 3.40 13.34
CA SER H 331 29.70 3.02 12.60
C SER H 331 28.44 3.77 13.13
N TRP H 332 27.42 3.87 12.28
CA TRP H 332 26.23 4.64 12.58
C TRP H 332 25.21 3.80 13.37
N TYR H 333 25.64 3.23 14.48
CA TYR H 333 24.78 2.42 15.37
C TYR H 333 24.90 2.82 16.85
N GLU H 334 23.93 2.38 17.67
CA GLU H 334 24.00 2.54 19.12
C GLU H 334 23.98 1.17 19.78
N TYR H 335 24.93 0.95 20.69
CA TYR H 335 24.92 -0.21 21.61
C TYR H 335 24.47 0.24 22.99
N SER H 336 23.54 -0.49 23.62
CA SER H 336 23.04 -0.13 24.96
C SER H 336 24.20 -0.25 26.00
N VAL H 337 25.22 -1.07 25.71
CA VAL H 337 26.37 -1.26 26.64
C VAL H 337 27.47 -0.20 26.44
N GLY H 338 27.29 0.70 25.47
CA GLY H 338 28.31 1.71 25.16
C GLY H 338 28.95 1.44 23.80
N ASN H 339 29.21 2.53 23.10
CA ASN H 339 29.59 2.44 21.69
C ASN H 339 31.04 2.11 21.49
N ASP H 340 31.78 1.92 22.59
CA ASP H 340 33.15 1.37 22.53
C ASP H 340 33.24 -0.14 22.70
N ARG H 341 32.15 -0.82 23.01
CA ARG H 341 32.16 -2.25 23.33
C ARG H 341 31.99 -3.06 22.06
N GLY H 342 32.67 -4.21 21.98
CA GLY H 342 32.38 -5.17 20.88
C GLY H 342 31.33 -6.20 21.34
N LEU H 343 30.40 -6.56 20.47
CA LEU H 343 29.38 -7.54 20.78
C LEU H 343 29.53 -8.77 19.90
N HIS H 344 29.56 -9.91 20.55
CA HIS H 344 29.44 -11.18 19.87
C HIS H 344 28.04 -11.28 19.26
N PRO H 345 27.88 -11.91 18.08
CA PRO H 345 26.57 -11.83 17.37
C PRO H 345 25.37 -12.46 18.11
N TYR H 346 25.60 -13.37 19.04
CA TYR H 346 24.48 -13.89 19.85
C TYR H 346 23.84 -12.82 20.71
N GLU H 347 24.58 -11.75 21.03
CA GLU H 347 24.00 -10.54 21.68
C GLU H 347 24.16 -9.27 20.84
N GLY H 348 24.29 -9.44 19.53
CA GLY H 348 24.36 -8.29 18.62
C GLY H 348 23.11 -7.42 18.77
N GLN H 349 23.28 -6.15 18.43
CA GLN H 349 22.29 -5.12 18.57
C GLN H 349 22.35 -4.35 17.25
N THR H 350 21.19 -4.06 16.71
CA THR H 350 21.17 -3.29 15.50
C THR H 350 20.23 -2.11 15.60
N ASN H 351 20.72 -1.04 16.24
CA ASN H 351 19.96 0.16 16.51
C ASN H 351 20.56 1.26 15.66
N LEU H 352 19.78 1.68 14.66
CA LEU H 352 20.28 2.59 13.63
C LEU H 352 20.43 3.99 14.23
N GLU H 353 21.58 4.63 14.01
CA GLU H 353 21.77 5.98 14.59
C GLU H 353 22.74 6.80 13.75
N TYR H 354 22.21 7.47 12.75
CA TYR H 354 23.00 8.29 11.84
C TYR H 354 23.40 9.62 12.50
N ASP H 355 22.41 10.36 12.99
CA ASP H 355 22.62 11.75 13.47
C ASP H 355 23.61 11.83 14.65
N ARG H 356 23.35 11.03 15.67
CA ARG H 356 24.09 11.12 16.92
C ARG H 356 25.40 10.43 16.84
N ARG H 357 25.64 9.67 15.76
CA ARG H 357 26.98 9.16 15.49
C ARG H 357 27.72 9.98 14.42
N GLY H 358 27.25 11.18 14.14
CA GLY H 358 28.02 12.11 13.30
C GLY H 358 27.81 11.87 11.81
N GLY H 359 26.78 11.10 11.43
CA GLY H 359 26.34 11.03 10.01
C GLY H 359 26.06 12.44 9.49
N VAL H 360 26.58 12.78 8.31
CA VAL H 360 26.49 14.17 7.83
C VAL H 360 25.20 14.32 7.02
N ALA H 361 24.39 15.32 7.33
CA ALA H 361 23.15 15.57 6.55
C ALA H 361 23.40 15.78 5.05
N PRO H 362 22.81 14.94 4.17
CA PRO H 362 22.80 15.32 2.74
C PRO H 362 22.25 16.75 2.50
N PRO H 363 22.71 17.41 1.43
CA PRO H 363 23.74 16.86 0.50
C PRO H 363 25.13 17.14 1.12
N TYR H 364 26.08 16.23 1.00
CA TYR H 364 27.35 16.59 1.58
C TYR H 364 28.48 16.27 0.63
N LYS H 365 29.67 16.77 0.95
CA LYS H 365 30.85 16.60 0.11
C LYS H 365 31.91 15.77 0.81
N GLN H 366 31.87 15.73 2.14
CA GLN H 366 32.87 15.01 2.92
C GLN H 366 32.18 14.32 4.12
N LEU H 367 32.53 13.08 4.37
CA LEU H 367 32.11 12.41 5.60
C LEU H 367 32.85 13.05 6.79
N ASP H 368 32.31 12.85 7.99
CA ASP H 368 33.03 13.19 9.20
C ASP H 368 33.54 11.87 9.77
N VAL H 369 34.84 11.74 9.84
CA VAL H 369 35.45 10.45 10.01
C VAL H 369 35.87 10.33 11.49
N SER H 370 35.56 11.33 12.29
CA SER H 370 36.02 11.26 13.69
C SER H 370 35.12 10.33 14.51
N ASP H 371 33.87 10.11 14.09
CA ASP H 371 33.02 9.17 14.80
C ASP H 371 32.43 8.17 13.78
N GLY H 372 31.08 8.02 13.70
CA GLY H 372 30.51 7.08 12.75
C GLY H 372 30.80 7.61 11.35
N TYR H 373 31.21 6.73 10.44
CA TYR H 373 31.33 7.09 9.01
C TYR H 373 30.86 6.02 8.03
N SER H 374 30.09 5.03 8.51
CA SER H 374 29.70 3.93 7.64
C SER H 374 28.47 3.22 8.25
N TRP H 375 27.56 2.71 7.42
CA TRP H 375 26.53 1.71 7.84
C TRP H 375 27.07 0.29 8.13
N LEU H 376 28.33 0.01 7.85
CA LEU H 376 28.91 -1.31 8.25
C LEU H 376 29.38 -1.28 9.68
N LYS H 377 29.09 -2.36 10.42
CA LYS H 377 29.80 -2.66 11.67
C LYS H 377 31.26 -3.03 11.34
N ALA H 378 32.14 -2.97 12.35
CA ALA H 378 33.54 -3.38 12.21
C ALA H 378 33.73 -4.69 12.95
N PRO H 379 33.61 -5.84 12.27
CA PRO H 379 33.91 -7.13 12.91
C PRO H 379 35.43 -7.37 13.13
N ARG H 380 35.78 -7.96 14.28
CA ARG H 380 37.19 -8.17 14.64
C ARG H 380 37.26 -9.62 15.17
N TRP H 381 38.41 -10.28 15.01
CA TRP H 381 38.55 -11.64 15.42
C TRP H 381 39.63 -11.58 16.50
N LYS H 382 39.21 -11.74 17.77
CA LYS H 382 40.10 -11.56 18.94
C LYS H 382 40.78 -10.20 18.92
N GLY H 383 40.03 -9.15 18.57
CA GLY H 383 40.57 -7.81 18.41
C GLY H 383 41.37 -7.60 17.10
N ARG H 384 41.50 -8.61 16.23
CA ARG H 384 42.28 -8.36 15.00
C ARG H 384 41.40 -8.07 13.78
N SER H 385 41.81 -7.07 12.97
CA SER H 385 41.31 -6.92 11.58
C SER H 385 41.84 -8.09 10.74
N VAL H 386 40.95 -8.71 9.98
CA VAL H 386 41.27 -9.85 9.17
C VAL H 386 40.67 -9.66 7.76
N GLU H 387 41.20 -10.41 6.81
CA GLU H 387 40.62 -10.51 5.50
C GLU H 387 39.92 -11.89 5.38
N VAL H 388 38.74 -11.94 4.77
CA VAL H 388 38.07 -13.25 4.45
C VAL H 388 37.92 -13.31 2.91
N GLY H 389 37.63 -14.47 2.34
CA GLY H 389 37.40 -14.51 0.89
C GLY H 389 38.37 -15.43 0.17
N PRO H 390 38.46 -15.35 -1.17
CA PRO H 390 39.26 -16.34 -1.93
C PRO H 390 40.73 -16.38 -1.48
N LEU H 391 41.30 -15.24 -1.16
CA LEU H 391 42.72 -15.25 -0.83
C LEU H 391 42.91 -15.95 0.55
N ALA H 392 42.04 -15.65 1.54
CA ALA H 392 41.98 -16.44 2.80
C ALA H 392 41.87 -17.94 2.56
N ARG H 393 40.95 -18.37 1.68
CA ARG H 393 40.74 -19.81 1.52
C ARG H 393 41.96 -20.49 0.81
N VAL H 394 42.48 -19.80 -0.22
CA VAL H 394 43.63 -20.34 -0.93
C VAL H 394 44.87 -20.42 -0.02
N LEU H 395 45.11 -19.41 0.82
CA LEU H 395 46.16 -19.56 1.82
C LEU H 395 45.88 -20.70 2.82
N MET H 396 44.62 -20.92 3.19
CA MET H 396 44.29 -21.99 4.18
C MET H 396 44.52 -23.35 3.54
N LEU H 397 44.13 -23.50 2.27
CA LEU H 397 44.34 -24.74 1.53
C LEU H 397 45.84 -25.05 1.41
N TYR H 398 46.60 -24.01 1.11
CA TYR H 398 48.03 -24.14 0.90
C TYR H 398 48.69 -24.55 2.21
N ALA H 399 48.33 -23.83 3.29
CA ALA H 399 48.83 -24.12 4.65
C ALA H 399 48.48 -25.51 5.11
N THR H 400 47.33 -26.05 4.72
CA THR H 400 46.92 -27.34 5.26
C THR H 400 47.29 -28.51 4.32
N GLY H 401 48.09 -28.21 3.29
CA GLY H 401 48.64 -29.26 2.40
C GLY H 401 47.67 -29.83 1.35
N HIS H 402 46.63 -29.08 0.95
CA HIS H 402 45.74 -29.54 -0.12
C HIS H 402 46.58 -29.63 -1.44
N ASP H 403 46.70 -30.82 -2.00
CA ASP H 403 47.66 -31.02 -3.07
C ASP H 403 47.29 -30.17 -4.29
N GLN H 404 46.02 -30.18 -4.63
CA GLN H 404 45.65 -29.49 -5.84
C GLN H 404 45.89 -27.99 -5.70
N ALA H 405 45.58 -27.41 -4.52
CA ALA H 405 45.81 -26.00 -4.30
C ALA H 405 47.29 -25.66 -4.34
N ARG H 406 48.11 -26.50 -3.71
CA ARG H 406 49.54 -26.35 -3.81
C ARG H 406 50.08 -26.37 -5.24
N GLU H 407 49.66 -27.34 -6.07
CA GLU H 407 50.19 -27.37 -7.46
C GLU H 407 49.76 -26.09 -8.19
N LEU H 408 48.52 -25.68 -7.93
CA LEU H 408 47.92 -24.59 -8.68
C LEU H 408 48.59 -23.28 -8.23
N VAL H 409 48.78 -23.14 -6.93
CA VAL H 409 49.49 -21.94 -6.45
C VAL H 409 50.96 -21.94 -6.94
N ASP H 410 51.67 -23.04 -6.75
CA ASP H 410 53.08 -23.06 -7.19
C ASP H 410 53.25 -22.88 -8.72
N SER H 411 52.38 -23.51 -9.52
CA SER H 411 52.25 -23.31 -10.99
C SER H 411 52.14 -21.86 -11.38
N THR H 412 51.16 -21.22 -10.75
CA THR H 412 50.82 -19.86 -11.06
C THR H 412 51.99 -18.95 -10.77
N LEU H 413 52.58 -19.09 -9.58
CA LEU H 413 53.71 -18.24 -9.17
C LEU H 413 54.90 -18.49 -10.05
N SER H 414 55.05 -19.73 -10.45
CA SER H 414 56.22 -20.12 -11.20
C SER H 414 56.07 -19.56 -12.63
N ARG H 415 54.87 -19.65 -13.17
CA ARG H 415 54.58 -19.06 -14.47
C ARG H 415 54.79 -17.55 -14.48
N LEU H 416 54.32 -16.85 -13.45
CA LEU H 416 54.40 -15.40 -13.39
C LEU H 416 55.81 -14.94 -12.99
N ASP H 417 56.66 -15.91 -12.67
CA ASP H 417 57.95 -15.65 -12.03
C ASP H 417 57.89 -14.75 -10.76
N LEU H 418 57.08 -15.15 -9.75
CA LEU H 418 56.82 -14.29 -8.56
C LEU H 418 57.10 -15.06 -7.26
N PRO H 419 57.50 -14.37 -6.19
CA PRO H 419 57.66 -15.20 -4.95
C PRO H 419 56.32 -15.42 -4.27
N VAL H 420 56.26 -16.36 -3.34
CA VAL H 420 55.14 -16.50 -2.40
C VAL H 420 54.59 -15.17 -1.85
N ASP H 421 55.49 -14.24 -1.53
CA ASP H 421 55.15 -12.92 -1.02
C ASP H 421 54.07 -12.19 -1.86
N ALA H 422 54.07 -12.45 -3.16
CA ALA H 422 53.22 -11.72 -4.09
C ALA H 422 51.75 -12.20 -4.01
N LEU H 423 51.52 -13.27 -3.26
CA LEU H 423 50.16 -13.70 -3.03
C LEU H 423 49.43 -12.63 -2.16
N TYR H 424 50.17 -11.96 -1.27
CA TYR H 424 49.55 -10.97 -0.42
C TYR H 424 49.42 -9.65 -1.14
N SER H 425 48.47 -9.55 -2.09
CA SER H 425 48.43 -8.38 -2.94
C SER H 425 47.11 -8.41 -3.68
N THR H 426 46.79 -7.29 -4.31
CA THR H 426 45.66 -7.19 -5.24
C THR H 426 45.75 -8.25 -6.35
N LEU H 427 46.98 -8.50 -6.83
CA LEU H 427 47.15 -9.49 -7.90
C LEU H 427 46.86 -10.88 -7.34
N GLY H 428 47.49 -11.21 -6.24
CA GLY H 428 47.29 -12.52 -5.61
C GLY H 428 45.84 -12.84 -5.26
N ARG H 429 45.11 -11.87 -4.74
CA ARG H 429 43.67 -12.02 -4.42
C ARG H 429 42.84 -12.34 -5.69
N THR H 430 43.15 -11.64 -6.79
CA THR H 430 42.41 -11.81 -8.06
C THR H 430 42.71 -13.22 -8.61
N ALA H 431 43.98 -13.62 -8.53
CA ALA H 431 44.39 -14.95 -8.94
C ALA H 431 43.78 -15.99 -8.07
N ALA H 432 43.72 -15.74 -6.74
CA ALA H 432 43.18 -16.74 -5.80
C ALA H 432 41.72 -17.07 -6.15
N ARG H 433 40.93 -16.04 -6.51
CA ARG H 433 39.55 -16.26 -6.95
C ARG H 433 39.45 -17.22 -8.17
N ALA H 434 40.31 -17.08 -9.19
CA ALA H 434 40.25 -18.06 -10.29
C ALA H 434 40.70 -19.50 -9.86
N LEU H 435 41.76 -19.59 -9.08
CA LEU H 435 42.28 -20.87 -8.70
C LEU H 435 41.26 -21.66 -7.93
N GLU H 436 40.60 -21.02 -6.97
CA GLU H 436 39.60 -21.75 -6.22
C GLU H 436 38.40 -22.16 -7.08
N SER H 437 38.12 -21.40 -8.15
CA SER H 437 37.01 -21.82 -9.07
C SER H 437 37.35 -23.15 -9.70
N LYS H 438 38.65 -23.33 -9.99
CA LYS H 438 39.11 -24.56 -10.63
C LYS H 438 38.97 -25.71 -9.62
N ILE H 439 39.44 -25.50 -8.40
CA ILE H 439 39.22 -26.51 -7.38
C ILE H 439 37.74 -26.88 -7.22
N LEU H 440 36.86 -25.88 -7.16
CA LEU H 440 35.44 -26.21 -7.03
C LEU H 440 34.83 -26.94 -8.22
N VAL H 441 35.18 -26.49 -9.42
CA VAL H 441 34.47 -27.02 -10.54
C VAL H 441 34.87 -28.53 -10.68
N ASP H 442 36.09 -28.86 -10.26
CA ASP H 442 36.53 -30.24 -10.25
C ASP H 442 35.76 -31.06 -9.21
N ALA H 443 35.46 -30.45 -8.06
CA ALA H 443 34.74 -31.18 -6.98
C ALA H 443 33.27 -31.45 -7.37
N MET H 444 32.73 -30.70 -8.34
CA MET H 444 31.30 -30.79 -8.64
C MET H 444 30.97 -32.20 -9.11
N GLN H 445 31.81 -32.80 -9.96
CA GLN H 445 31.49 -34.10 -10.56
C GLN H 445 31.33 -35.15 -9.46
N GLY H 446 32.11 -35.00 -8.41
CA GLY H 446 32.17 -35.99 -7.30
C GLY H 446 30.86 -35.94 -6.51
N TRP H 447 30.35 -34.71 -6.23
CA TRP H 447 29.07 -34.59 -5.56
C TRP H 447 27.96 -35.15 -6.44
N TYR H 448 28.00 -34.80 -7.73
CA TYR H 448 27.00 -35.31 -8.67
C TYR H 448 26.99 -36.84 -8.72
N ASP H 449 28.18 -37.44 -8.88
CA ASP H 449 28.25 -38.93 -8.98
C ASP H 449 27.75 -39.54 -7.67
N GLY H 450 28.10 -38.91 -6.55
CA GLY H 450 27.63 -39.40 -5.22
C GLY H 450 26.12 -39.34 -5.12
N LEU H 451 25.51 -38.28 -5.69
CA LEU H 451 24.05 -38.15 -5.70
C LEU H 451 23.43 -39.28 -6.49
N ILE H 452 23.89 -39.48 -7.74
CA ILE H 452 23.37 -40.52 -8.60
C ILE H 452 23.56 -41.91 -7.94
N ALA H 453 24.73 -42.17 -7.34
CA ALA H 453 24.98 -43.48 -6.75
C ALA H 453 24.02 -43.73 -5.56
N ASN H 454 23.81 -42.67 -4.75
CA ASN H 454 22.99 -42.79 -3.58
C ASN H 454 21.54 -43.07 -3.95
N VAL H 455 21.03 -42.40 -5.00
CA VAL H 455 19.66 -42.59 -5.50
C VAL H 455 19.52 -44.00 -6.08
N LYS H 456 20.50 -44.39 -6.88
CA LYS H 456 20.47 -45.70 -7.53
C LYS H 456 20.47 -46.84 -6.49
N SER H 457 21.16 -46.67 -5.35
CA SER H 457 21.16 -47.68 -4.28
C SER H 457 19.83 -47.69 -3.49
N GLY H 458 18.94 -46.73 -3.76
CA GLY H 458 17.59 -46.80 -3.26
C GLY H 458 17.25 -45.73 -2.23
N ASP H 459 18.19 -44.83 -1.90
CA ASP H 459 17.87 -43.73 -0.97
C ASP H 459 17.39 -42.43 -1.70
N THR H 460 16.09 -42.17 -1.71
CA THR H 460 15.66 -40.98 -2.41
C THR H 460 15.13 -39.92 -1.46
N LYS H 461 15.57 -39.97 -0.22
CA LYS H 461 15.05 -39.05 0.80
C LYS H 461 15.70 -37.67 0.63
N THR H 462 14.93 -36.59 0.78
CA THR H 462 15.50 -35.24 0.64
C THR H 462 15.10 -34.30 1.76
N PHE H 463 14.30 -34.76 2.72
CA PHE H 463 13.79 -33.85 3.73
C PHE H 463 13.61 -34.56 5.05
N ASN H 464 14.20 -34.03 6.10
CA ASN H 464 13.99 -34.64 7.47
C ASN H 464 12.83 -33.84 8.10
N GLU H 465 11.65 -34.45 8.24
CA GLU H 465 10.48 -33.72 8.72
C GLU H 465 10.32 -33.75 10.26
N THR H 466 11.26 -34.38 10.94
CA THR H 466 10.93 -34.74 12.33
C THR H 466 10.82 -33.54 13.28
N LEU H 467 11.57 -32.47 13.05
CA LEU H 467 11.43 -31.26 13.85
C LEU H 467 10.82 -30.09 13.06
N TRP H 468 9.96 -30.41 12.11
CA TRP H 468 9.39 -29.38 11.25
C TRP H 468 8.40 -28.50 12.06
N GLU H 469 7.58 -29.08 12.94
CA GLU H 469 6.58 -28.33 13.68
C GLU H 469 7.21 -27.58 14.85
N PRO H 470 6.93 -26.27 14.95
CA PRO H 470 7.38 -25.44 16.08
C PRO H 470 7.07 -26.12 17.44
N SER H 471 5.98 -26.88 17.53
CA SER H 471 5.64 -27.51 18.81
C SER H 471 6.67 -28.62 19.15
N SER H 472 7.50 -29.08 18.20
CA SER H 472 8.51 -30.07 18.56
C SER H 472 9.80 -29.45 19.14
N TRP H 473 9.93 -28.13 19.13
CA TRP H 473 11.23 -27.52 19.49
C TRP H 473 11.32 -27.24 20.99
N PRO H 474 12.54 -27.18 21.56
CA PRO H 474 12.65 -26.65 22.91
C PRO H 474 12.20 -25.16 22.93
N SER H 475 11.79 -24.67 24.09
CA SER H 475 11.20 -23.32 24.16
C SER H 475 12.36 -22.32 23.97
N ARG H 476 13.58 -22.74 24.18
CA ARG H 476 14.70 -21.90 23.84
C ARG H 476 15.80 -22.62 23.11
N ALA H 477 16.28 -22.03 22.04
CA ALA H 477 17.45 -22.60 21.35
C ALA H 477 18.31 -21.51 20.69
N GLN H 478 19.59 -21.80 20.48
CA GLN H 478 20.40 -20.92 19.64
C GLN H 478 21.35 -21.74 18.77
N GLY H 479 21.77 -21.17 17.63
CA GLY H 479 22.66 -21.89 16.69
C GLY H 479 23.35 -20.90 15.75
N VAL H 480 24.43 -21.33 15.14
CA VAL H 480 25.06 -20.53 14.13
C VAL H 480 25.14 -21.26 12.81
N GLY H 481 24.68 -20.60 11.74
CA GLY H 481 24.77 -21.16 10.40
C GLY H 481 26.04 -20.60 9.76
N ILE H 482 26.97 -21.49 9.38
CA ILE H 482 28.26 -21.09 8.79
C ILE H 482 28.32 -21.45 7.34
N MET H 483 29.09 -20.66 6.60
CA MET H 483 29.26 -20.91 5.20
C MET H 483 30.48 -20.20 4.70
N GLU H 484 31.14 -20.75 3.66
CA GLU H 484 32.20 -19.97 3.01
C GLU H 484 31.50 -19.45 1.76
N ALA H 485 31.13 -18.18 1.77
CA ALA H 485 30.44 -17.68 0.61
C ALA H 485 31.54 -17.22 -0.38
N PRO H 486 31.16 -16.88 -1.63
CA PRO H 486 32.23 -16.56 -2.61
C PRO H 486 33.08 -15.36 -2.13
N ARG H 487 32.53 -14.48 -1.27
CA ARG H 487 33.34 -13.36 -0.78
C ARG H 487 33.99 -13.64 0.55
N GLY H 488 33.63 -14.77 1.19
CA GLY H 488 34.38 -15.17 2.36
C GLY H 488 33.50 -15.70 3.48
N ALA H 489 34.06 -15.74 4.68
CA ALA H 489 33.40 -16.42 5.79
C ALA H 489 32.10 -15.73 6.22
N LEU H 490 31.00 -16.49 6.17
CA LEU H 490 29.66 -15.97 6.49
C LEU H 490 29.06 -16.72 7.69
N GLY H 491 28.47 -15.99 8.63
CA GLY H 491 27.73 -16.60 9.75
C GLY H 491 26.39 -15.90 10.02
N HIS H 492 25.38 -16.69 10.37
CA HIS H 492 24.15 -16.15 10.85
C HIS H 492 24.01 -16.71 12.28
N TRP H 493 23.78 -15.86 13.26
CA TRP H 493 23.62 -16.37 14.65
C TRP H 493 22.16 -16.13 15.05
N ILE H 494 21.42 -17.18 15.40
CA ILE H 494 20.00 -17.08 15.66
C ILE H 494 19.72 -17.50 17.10
N VAL H 495 18.82 -16.76 17.77
CA VAL H 495 18.28 -17.10 19.12
C VAL H 495 16.75 -17.28 18.96
N ILE H 496 16.26 -18.47 19.29
CA ILE H 496 14.86 -18.78 19.04
C ILE H 496 14.23 -18.85 20.47
N GLU H 497 13.11 -18.14 20.68
CA GLU H 497 12.36 -18.25 21.98
C GLU H 497 10.91 -18.50 21.67
N ASP H 498 10.32 -19.56 22.26
CA ASP H 498 8.90 -19.92 22.02
C ASP H 498 8.51 -19.85 20.54
N GLY H 499 9.25 -20.55 19.67
CA GLY H 499 8.81 -20.64 18.29
C GLY H 499 9.15 -19.45 17.39
N ARG H 500 9.78 -18.40 17.94
CA ARG H 500 9.97 -17.15 17.19
C ARG H 500 11.42 -16.67 17.26
N ILE H 501 11.77 -15.84 16.31
CA ILE H 501 13.11 -15.30 16.29
C ILE H 501 13.25 -14.18 17.38
N ALA H 502 14.12 -14.42 18.36
CA ALA H 502 14.36 -13.45 19.41
C ALA H 502 15.57 -12.54 19.01
N ASN H 503 16.57 -13.12 18.34
CA ASN H 503 17.70 -12.35 17.83
C ASN H 503 18.19 -13.07 16.56
N TYR H 504 18.67 -12.28 15.61
CA TYR H 504 19.23 -12.88 14.39
C TYR H 504 20.28 -11.90 13.97
N GLN H 505 21.55 -12.33 13.90
CA GLN H 505 22.58 -11.42 13.52
C GLN H 505 23.44 -12.02 12.41
N ALA H 506 23.63 -11.29 11.31
CA ALA H 506 24.45 -11.82 10.22
C ALA H 506 25.73 -11.06 10.32
N VAL H 507 26.84 -11.77 10.20
CA VAL H 507 28.14 -11.10 10.10
C VAL H 507 28.66 -11.62 8.75
N VAL H 508 28.83 -10.73 7.78
CA VAL H 508 28.88 -11.18 6.38
C VAL H 508 30.30 -10.90 5.82
N PRO H 509 30.76 -11.68 4.83
CA PRO H 509 32.17 -11.47 4.48
C PRO H 509 32.52 -10.02 4.13
N SER H 510 31.68 -9.26 3.42
CA SER H 510 32.09 -7.91 3.07
C SER H 510 32.02 -6.98 4.29
N THR H 511 31.21 -7.36 5.28
CA THR H 511 31.28 -6.67 6.59
C THR H 511 32.69 -6.68 7.16
N TRP H 512 33.33 -7.86 7.16
CA TRP H 512 34.74 -7.95 7.61
C TRP H 512 35.62 -7.06 6.74
N ASN H 513 35.56 -7.26 5.42
CA ASN H 513 36.61 -6.65 4.58
C ASN H 513 36.43 -5.15 4.44
N ALA H 514 35.16 -4.73 4.31
CA ALA H 514 34.82 -3.32 3.94
C ALA H 514 34.53 -2.49 5.19
N GLY H 515 34.42 -3.17 6.34
CA GLY H 515 34.09 -2.48 7.61
C GLY H 515 35.10 -1.36 8.01
N PRO H 516 34.64 -0.39 8.86
CA PRO H 516 35.52 0.74 9.08
C PRO H 516 36.50 0.50 10.24
N ARG H 517 37.13 1.59 10.72
CA ARG H 517 38.04 1.48 11.91
C ARG H 517 37.33 1.11 13.19
N ASP H 518 38.10 0.63 14.17
CA ASP H 518 37.56 0.32 15.49
C ASP H 518 38.13 1.35 16.50
N GLY H 519 38.00 1.09 17.80
CA GLY H 519 38.34 2.09 18.82
C GLY H 519 39.85 2.24 19.00
N ARG H 520 40.62 1.31 18.43
CA ARG H 520 42.05 1.49 18.33
C ARG H 520 42.51 2.19 17.06
N GLY H 521 41.59 2.70 16.25
CA GLY H 521 42.00 3.23 14.94
C GLY H 521 42.58 2.17 13.97
N GLN H 522 42.38 0.90 14.29
CA GLN H 522 42.79 -0.19 13.41
C GLN H 522 41.82 -0.27 12.19
N ALA H 523 42.40 -0.04 11.01
CA ALA H 523 41.66 -0.02 9.73
C ALA H 523 41.12 -1.41 9.33
N GLY H 524 40.02 -1.45 8.57
CA GLY H 524 39.57 -2.71 7.92
C GLY H 524 40.43 -3.06 6.73
N ALA H 525 40.19 -4.24 6.13
CA ALA H 525 40.97 -4.71 4.99
C ALA H 525 41.02 -3.77 3.78
N TYR H 526 39.86 -3.26 3.33
CA TYR H 526 39.91 -2.31 2.23
C TYR H 526 40.81 -1.13 2.57
N GLU H 527 40.66 -0.56 3.77
CA GLU H 527 41.40 0.66 4.09
C GLU H 527 42.89 0.36 4.15
N ALA H 528 43.24 -0.77 4.78
CA ALA H 528 44.64 -1.14 4.94
C ALA H 528 45.25 -1.49 3.55
N ALA H 529 44.42 -2.02 2.64
CA ALA H 529 44.90 -2.41 1.33
C ALA H 529 45.29 -1.15 0.54
N LEU H 530 44.40 -0.17 0.53
CA LEU H 530 44.67 1.10 -0.12
C LEU H 530 45.83 1.85 0.53
N GLN H 531 46.03 1.68 1.83
CA GLN H 531 47.15 2.37 2.51
C GLN H 531 48.45 1.62 2.25
N ASP H 532 48.36 0.44 1.65
CA ASP H 532 49.54 -0.37 1.37
C ASP H 532 50.10 -0.15 -0.10
N ASN H 533 51.03 0.78 -0.23
CA ASN H 533 51.77 1.06 -1.47
C ASN H 533 50.92 1.48 -2.71
N HIS H 534 49.97 2.41 -2.51
CA HIS H 534 49.18 2.97 -3.60
C HIS H 534 49.54 4.42 -3.93
N GLN H 535 49.78 4.64 -5.22
CA GLN H 535 49.87 5.98 -5.79
C GLN H 535 48.72 6.23 -6.78
N LEU H 536 48.26 7.47 -6.86
CA LEU H 536 47.32 7.85 -7.92
C LEU H 536 48.00 8.73 -8.96
N VAL H 537 47.84 8.41 -10.24
CA VAL H 537 48.38 9.28 -11.32
C VAL H 537 47.47 10.51 -11.44
N ASP H 538 46.17 10.30 -11.21
CA ASP H 538 45.15 11.28 -11.49
C ASP H 538 43.92 10.98 -10.61
N VAL H 539 43.60 11.90 -9.71
CA VAL H 539 42.57 11.63 -8.71
C VAL H 539 41.20 11.74 -9.37
N LYS H 540 41.12 12.26 -10.58
CA LYS H 540 39.78 12.30 -11.24
C LYS H 540 39.52 11.09 -12.10
N GLN H 541 40.53 10.19 -12.17
CA GLN H 541 40.45 8.85 -12.83
C GLN H 541 41.13 7.82 -11.94
N PRO H 542 40.50 7.51 -10.78
CA PRO H 542 41.23 6.81 -9.73
C PRO H 542 41.19 5.27 -9.94
N ILE H 543 41.67 4.86 -11.10
CA ILE H 543 41.68 3.46 -11.48
C ILE H 543 42.50 2.59 -10.50
N GLU H 544 43.54 3.16 -9.88
CA GLU H 544 44.35 2.36 -8.95
C GLU H 544 43.54 1.95 -7.67
N ILE H 545 42.67 2.82 -7.19
CA ILE H 545 41.75 2.49 -6.12
C ILE H 545 40.81 1.38 -6.56
N LEU H 546 40.21 1.57 -7.74
CA LEU H 546 39.20 0.64 -8.16
C LEU H 546 39.82 -0.76 -8.28
N ARG H 547 41.01 -0.84 -8.89
CA ARG H 547 41.65 -2.14 -9.05
C ARG H 547 41.70 -2.94 -7.74
N THR H 548 42.18 -2.29 -6.71
CA THR H 548 42.35 -2.94 -5.44
C THR H 548 41.00 -3.21 -4.71
N ILE H 549 40.12 -2.23 -4.75
CA ILE H 549 38.85 -2.35 -4.08
C ILE H 549 38.03 -3.43 -4.78
N HIS H 550 37.96 -3.40 -6.11
CA HIS H 550 37.28 -4.47 -6.86
C HIS H 550 37.89 -5.86 -6.61
N SER H 551 39.21 -5.97 -6.38
CA SER H 551 39.81 -7.28 -6.13
C SER H 551 39.20 -7.98 -4.88
N PHE H 552 38.57 -7.22 -3.95
CA PHE H 552 37.89 -7.83 -2.82
C PHE H 552 36.44 -8.23 -3.15
N ASP H 553 35.96 -7.83 -4.34
CA ASP H 553 34.61 -8.23 -4.77
C ASP H 553 33.58 -7.70 -3.72
N PRO H 554 33.54 -6.37 -3.52
CA PRO H 554 32.72 -5.84 -2.47
C PRO H 554 31.25 -6.02 -2.76
N CYS H 555 30.51 -6.26 -1.68
CA CYS H 555 29.07 -6.35 -1.77
C CYS H 555 28.49 -5.62 -0.55
N ILE H 556 27.94 -4.42 -0.76
CA ILE H 556 27.52 -3.57 0.37
C ILE H 556 26.15 -3.93 0.90
N ALA H 557 25.32 -4.53 0.03
CA ALA H 557 24.03 -5.07 0.44
C ALA H 557 24.32 -6.17 1.41
N CYS H 558 25.26 -7.04 1.07
CA CYS H 558 25.69 -8.07 2.07
C CYS H 558 26.30 -7.44 3.34
N ALA H 559 27.25 -6.52 3.17
CA ALA H 559 28.05 -5.98 4.31
C ALA H 559 27.17 -5.29 5.38
N VAL H 560 26.08 -4.63 4.95
CA VAL H 560 25.20 -3.82 5.84
C VAL H 560 23.91 -4.50 6.22
N HIS H 561 23.28 -5.11 5.20
CA HIS H 561 22.01 -5.84 5.36
C HIS H 561 20.98 -4.95 6.11
#